data_7OLG
#
_entry.id   7OLG
#
loop_
_entity.id
_entity.type
_entity.pdbx_description
1 polymer 'Microtubule-associated protein RP/EB family member 1'
2 polymer 11MACF
#
loop_
_entity_poly.entity_id
_entity_poly.type
_entity_poly.pdbx_seq_one_letter_code
_entity_poly.pdbx_strand_id
1 'polypeptide(L)' DEAAELMQQVKVLKLTVEDLEKERDFYFGKLRNIELICQENEGENDPVLQRIVDILYATDEGFVIPDEGG A,B
2 'polypeptide(L)' KPSKIPTPQRK C,D
#
# COMPACT_ATOMS: atom_id res chain seq x y z
N ASP A 1 20.63 -23.81 18.06
CA ASP A 1 20.01 -23.68 19.40
C ASP A 1 18.58 -23.20 19.25
N GLU A 2 17.73 -23.59 20.18
CA GLU A 2 16.31 -23.27 20.09
C GLU A 2 16.05 -21.77 19.99
N ALA A 3 16.60 -21.02 20.93
CA ALA A 3 16.37 -19.60 20.96
C ALA A 3 17.16 -18.89 19.89
N ALA A 4 18.17 -19.55 19.36
CA ALA A 4 19.01 -18.96 18.34
C ALA A 4 18.21 -18.82 17.05
N GLU A 5 17.39 -19.82 16.78
CA GLU A 5 16.49 -19.75 15.65
C GLU A 5 15.41 -18.73 15.94
N LEU A 6 14.86 -18.78 17.15
CA LEU A 6 13.79 -17.86 17.53
C LEU A 6 14.22 -16.40 17.45
N MET A 7 15.43 -16.11 17.88
CA MET A 7 15.89 -14.73 17.88
C MET A 7 16.30 -14.32 16.48
N GLN A 8 16.68 -15.30 15.69
CA GLN A 8 16.99 -15.04 14.30
C GLN A 8 15.68 -14.82 13.56
N GLN A 9 14.64 -15.49 14.02
CA GLN A 9 13.32 -15.30 13.45
C GLN A 9 12.90 -13.87 13.61
N VAL A 10 13.01 -13.34 14.82
CA VAL A 10 12.62 -11.97 15.07
C VAL A 10 13.48 -11.04 14.22
N LYS A 11 14.68 -11.48 13.90
CA LYS A 11 15.55 -10.75 12.98
C LYS A 11 14.89 -10.67 11.61
N VAL A 12 14.51 -11.83 11.09
CA VAL A 12 13.91 -11.93 9.78
C VAL A 12 12.56 -11.27 9.77
N LEU A 13 11.84 -11.39 10.87
CA LEU A 13 10.55 -10.77 10.98
C LEU A 13 10.69 -9.29 11.19
N LYS A 14 11.71 -8.87 11.90
CA LYS A 14 11.98 -7.45 12.08
C LYS A 14 12.22 -6.84 10.70
N LEU A 15 13.05 -7.55 9.96
CA LEU A 15 13.39 -7.18 8.60
C LEU A 15 12.15 -7.20 7.71
N THR A 16 11.33 -8.23 7.85
CA THR A 16 10.14 -8.30 7.04
C THR A 16 9.14 -7.24 7.48
N VAL A 17 9.08 -7.00 8.78
CA VAL A 17 8.22 -5.99 9.34
C VAL A 17 8.66 -4.61 8.85
N GLU A 18 9.95 -4.38 8.84
CA GLU A 18 10.47 -3.06 8.47
C GLU A 18 10.32 -2.84 6.98
N ASP A 19 10.40 -3.92 6.23
CA ASP A 19 10.21 -3.87 4.81
C ASP A 19 8.74 -3.68 4.49
N LEU A 20 7.94 -4.42 5.24
CA LEU A 20 6.49 -4.42 5.09
C LEU A 20 5.86 -3.09 5.48
N GLU A 21 6.03 -2.69 6.74
CA GLU A 21 5.27 -1.56 7.26
C GLU A 21 5.79 -0.24 6.71
N LYS A 22 7.01 -0.25 6.19
CA LYS A 22 7.57 0.93 5.56
C LYS A 22 6.83 1.20 4.26
N GLU A 23 6.48 0.12 3.57
CA GLU A 23 5.72 0.23 2.33
C GLU A 23 4.24 0.34 2.64
N ARG A 24 3.77 -0.42 3.62
CA ARG A 24 2.37 -0.37 4.03
C ARG A 24 1.99 1.06 4.40
N ASP A 25 2.84 1.70 5.20
CA ASP A 25 2.59 3.08 5.62
C ASP A 25 2.69 4.05 4.46
N PHE A 26 3.78 3.95 3.69
CA PHE A 26 4.01 4.85 2.57
C PHE A 26 2.90 4.71 1.52
N TYR A 27 2.60 3.47 1.15
CA TYR A 27 1.59 3.20 0.14
C TYR A 27 0.21 3.66 0.60
N PHE A 28 -0.07 3.48 1.89
CA PHE A 28 -1.39 3.81 2.43
C PHE A 28 -1.58 5.32 2.54
N GLY A 29 -0.51 6.03 2.90
CA GLY A 29 -0.58 7.49 2.92
C GLY A 29 -0.89 8.03 1.55
N LYS A 30 -0.39 7.36 0.53
CA LYS A 30 -0.66 7.72 -0.84
C LYS A 30 -2.13 7.48 -1.16
N LEU A 31 -2.66 6.39 -0.64
CA LEU A 31 -4.05 6.00 -0.88
C LEU A 31 -5.03 7.00 -0.26
N ARG A 32 -4.62 7.62 0.84
CA ARG A 32 -5.48 8.58 1.51
C ARG A 32 -5.71 9.80 0.62
N ASN A 33 -4.70 10.14 -0.19
CA ASN A 33 -4.78 11.32 -1.02
C ASN A 33 -5.55 11.04 -2.32
N ILE A 34 -5.71 9.79 -2.69
CA ILE A 34 -6.45 9.47 -3.91
C ILE A 34 -7.95 9.48 -3.66
N GLU A 35 -8.36 8.99 -2.49
CA GLU A 35 -9.78 8.89 -2.17
C GLU A 35 -10.45 10.27 -2.18
N LEU A 36 -9.85 11.25 -1.52
CA LEU A 36 -10.45 12.58 -1.46
C LEU A 36 -10.27 13.31 -2.78
N ILE A 37 -9.32 12.87 -3.59
CA ILE A 37 -9.11 13.45 -4.92
C ILE A 37 -10.24 13.05 -5.87
N CYS A 38 -10.84 11.90 -5.59
CA CYS A 38 -11.97 11.44 -6.37
C CYS A 38 -13.17 12.33 -6.10
N GLN A 39 -13.32 12.74 -4.85
CA GLN A 39 -14.42 13.63 -4.48
C GLN A 39 -14.07 15.08 -4.82
N GLU A 40 -12.79 15.33 -5.12
CA GLU A 40 -12.35 16.64 -5.56
C GLU A 40 -12.71 16.86 -7.01
N ASN A 41 -12.80 15.76 -7.74
CA ASN A 41 -13.03 15.81 -9.17
C ASN A 41 -14.13 14.86 -9.61
N GLU A 42 -15.12 14.61 -8.75
CA GLU A 42 -16.16 13.68 -9.13
C GLU A 42 -16.99 14.28 -10.27
N GLY A 43 -17.70 15.38 -10.04
CA GLY A 43 -17.96 16.42 -11.06
C GLY A 43 -17.64 16.10 -12.53
N GLU A 44 -16.43 15.58 -12.74
CA GLU A 44 -15.86 15.37 -14.07
C GLU A 44 -15.44 13.93 -14.28
N ASN A 45 -16.08 13.06 -13.49
CA ASN A 45 -15.85 11.61 -13.35
C ASN A 45 -15.38 10.81 -14.58
N ASP A 46 -14.29 11.26 -15.18
CA ASP A 46 -13.65 10.59 -16.32
C ASP A 46 -13.34 9.12 -16.05
N PRO A 47 -13.17 8.31 -17.12
CA PRO A 47 -12.93 6.86 -17.02
C PRO A 47 -11.90 6.47 -15.96
N VAL A 48 -10.73 7.13 -15.98
CA VAL A 48 -9.69 6.88 -14.97
C VAL A 48 -10.28 6.88 -13.58
N LEU A 49 -11.13 7.83 -13.32
CA LEU A 49 -11.68 8.03 -12.00
C LEU A 49 -12.75 7.01 -11.72
N GLN A 50 -13.21 6.34 -12.77
CA GLN A 50 -14.17 5.24 -12.62
C GLN A 50 -13.45 3.93 -12.38
N ARG A 51 -12.26 3.81 -12.95
CA ARG A 51 -11.47 2.60 -12.82
C ARG A 51 -10.53 2.64 -11.62
N ILE A 52 -10.15 3.84 -11.16
CA ILE A 52 -9.31 3.93 -9.96
C ILE A 52 -10.17 3.93 -8.70
N VAL A 53 -11.42 4.34 -8.78
CA VAL A 53 -12.31 4.16 -7.65
C VAL A 53 -12.62 2.70 -7.48
N ASP A 54 -12.65 2.00 -8.61
CA ASP A 54 -12.73 0.54 -8.61
C ASP A 54 -11.50 -0.02 -7.92
N ILE A 55 -10.38 0.60 -8.23
CA ILE A 55 -9.12 0.34 -7.56
C ILE A 55 -9.25 0.54 -6.05
N LEU A 56 -9.57 1.76 -5.64
CA LEU A 56 -9.68 2.10 -4.22
C LEU A 56 -10.68 1.17 -3.52
N TYR A 57 -11.75 0.81 -4.24
CA TYR A 57 -12.85 -0.01 -3.69
C TYR A 57 -12.73 -1.49 -4.07
N ALA A 58 -11.52 -1.90 -4.44
CA ALA A 58 -11.23 -3.29 -4.86
C ALA A 58 -11.55 -4.36 -3.80
N THR A 59 -12.36 -4.03 -2.81
CA THR A 59 -12.75 -4.96 -1.75
C THR A 59 -13.36 -6.26 -2.30
N ASP A 60 -13.29 -7.28 -1.47
CA ASP A 60 -13.90 -8.57 -1.75
C ASP A 60 -14.34 -9.22 -0.45
N GLU A 61 -14.87 -10.43 -0.52
CA GLU A 61 -15.26 -11.14 0.68
C GLU A 61 -14.03 -11.52 1.49
N GLY A 62 -14.14 -11.46 2.81
CA GLY A 62 -13.01 -11.72 3.67
C GLY A 62 -12.26 -10.45 4.01
N PHE A 63 -12.54 -9.40 3.25
CA PHE A 63 -11.88 -8.11 3.45
C PHE A 63 -12.84 -7.16 4.13
N VAL A 64 -12.34 -6.36 5.07
CA VAL A 64 -13.20 -5.49 5.86
C VAL A 64 -13.33 -4.12 5.25
N ILE A 65 -14.57 -3.65 5.15
CA ILE A 65 -14.80 -2.26 4.82
C ILE A 65 -15.38 -1.52 6.02
N PRO A 66 -14.72 -0.43 6.41
CA PRO A 66 -15.20 0.44 7.47
C PRO A 66 -16.45 1.20 7.05
N ASP A 67 -17.21 1.61 8.04
CA ASP A 67 -18.45 2.34 7.81
C ASP A 67 -19.37 1.57 6.90
N GLU A 68 -19.52 0.29 7.19
CA GLU A 68 -20.34 -0.58 6.40
C GLU A 68 -21.80 -0.44 6.79
N GLY A 69 -22.60 0.04 5.86
CA GLY A 69 -24.01 0.24 6.11
C GLY A 69 -24.54 1.42 5.31
N GLY A 70 -24.18 1.46 4.05
CA GLY A 70 -24.57 2.56 3.19
C GLY A 70 -23.40 3.08 2.39
N ASP B 1 10.77 -16.82 30.34
CA ASP B 1 11.90 -17.59 29.78
C ASP B 1 12.42 -16.91 28.54
N GLU B 2 13.71 -17.07 28.27
CA GLU B 2 14.35 -16.38 27.15
C GLU B 2 13.68 -16.68 25.83
N ALA B 3 13.54 -17.96 25.51
CA ALA B 3 12.97 -18.34 24.24
C ALA B 3 11.47 -18.13 24.23
N ALA B 4 10.87 -18.02 25.40
CA ALA B 4 9.44 -17.84 25.51
C ALA B 4 9.07 -16.47 24.98
N GLU B 5 9.90 -15.48 25.30
CA GLU B 5 9.72 -14.16 24.74
C GLU B 5 10.03 -14.18 23.26
N LEU B 6 11.13 -14.83 22.90
CA LEU B 6 11.54 -14.89 21.50
C LEU B 6 10.49 -15.54 20.61
N MET B 7 9.87 -16.61 21.08
CA MET B 7 8.87 -17.31 20.29
C MET B 7 7.57 -16.55 20.29
N GLN B 8 7.36 -15.78 21.35
CA GLN B 8 6.20 -14.94 21.41
C GLN B 8 6.42 -13.75 20.49
N GLN B 9 7.67 -13.35 20.35
CA GLN B 9 8.03 -12.29 19.43
C GLN B 9 7.64 -12.69 18.03
N VAL B 10 8.04 -13.89 17.62
CA VAL B 10 7.73 -14.34 16.27
C VAL B 10 6.22 -14.43 16.11
N LYS B 11 5.51 -14.65 17.21
CA LYS B 11 4.06 -14.60 17.21
C LYS B 11 3.57 -13.20 16.83
N VAL B 12 4.08 -12.22 17.56
CA VAL B 12 3.70 -10.83 17.35
C VAL B 12 4.16 -10.35 15.98
N LEU B 13 5.33 -10.81 15.59
CA LEU B 13 5.86 -10.46 14.30
C LEU B 13 5.15 -11.19 13.20
N LYS B 14 4.77 -12.42 13.44
CA LYS B 14 3.97 -13.17 12.48
C LYS B 14 2.67 -12.41 12.24
N LEU B 15 2.08 -12.01 13.35
CA LEU B 15 0.85 -11.24 13.34
C LEU B 15 1.07 -9.89 12.66
N THR B 16 2.17 -9.23 12.96
CA THR B 16 2.45 -7.96 12.33
C THR B 16 2.77 -8.15 10.86
N VAL B 17 3.48 -9.23 10.56
CA VAL B 17 3.81 -9.58 9.19
C VAL B 17 2.55 -9.87 8.41
N GLU B 18 1.64 -10.62 9.01
CA GLU B 18 0.43 -11.03 8.31
C GLU B 18 -0.50 -9.84 8.13
N ASP B 19 -0.45 -8.94 9.08
CA ASP B 19 -1.25 -7.72 9.00
C ASP B 19 -0.63 -6.79 7.97
N LEU B 20 0.68 -6.71 8.03
CA LEU B 20 1.46 -5.85 7.15
C LEU B 20 1.40 -6.29 5.70
N GLU B 21 1.87 -7.50 5.40
CA GLU B 21 2.06 -7.90 4.01
C GLU B 21 0.74 -8.19 3.33
N LYS B 22 -0.31 -8.40 4.12
CA LYS B 22 -1.63 -8.59 3.57
C LYS B 22 -2.12 -7.27 2.97
N GLU B 23 -1.79 -6.17 3.65
CA GLU B 23 -2.13 -4.85 3.17
C GLU B 23 -1.10 -4.38 2.16
N ARG B 24 0.17 -4.65 2.41
CA ARG B 24 1.24 -4.27 1.50
C ARG B 24 0.95 -4.85 0.12
N ASP B 25 0.60 -6.13 0.08
CA ASP B 25 0.30 -6.82 -1.17
C ASP B 25 -0.97 -6.26 -1.82
N PHE B 26 -2.03 -6.18 -1.03
CA PHE B 26 -3.32 -5.71 -1.53
C PHE B 26 -3.23 -4.27 -2.04
N TYR B 27 -2.63 -3.41 -1.23
CA TYR B 27 -2.49 -2.00 -1.56
C TYR B 27 -1.62 -1.82 -2.79
N PHE B 28 -0.57 -2.63 -2.91
CA PHE B 28 0.39 -2.50 -4.00
C PHE B 28 -0.20 -2.98 -5.31
N GLY B 29 -0.99 -4.06 -5.25
CA GLY B 29 -1.68 -4.53 -6.43
C GLY B 29 -2.61 -3.48 -6.98
N LYS B 30 -3.19 -2.70 -6.07
CA LYS B 30 -4.06 -1.61 -6.44
C LYS B 30 -3.24 -0.51 -7.14
N LEU B 31 -2.04 -0.29 -6.63
CA LEU B 31 -1.15 0.74 -7.16
C LEU B 31 -0.68 0.42 -8.58
N ARG B 32 -0.57 -0.86 -8.88
CA ARG B 32 -0.15 -1.27 -10.21
C ARG B 32 -1.18 -0.88 -11.26
N ASN B 33 -2.44 -0.85 -10.86
CA ASN B 33 -3.51 -0.56 -11.80
C ASN B 33 -3.70 0.95 -11.97
N ILE B 34 -3.19 1.75 -11.05
CA ILE B 34 -3.33 3.20 -11.19
C ILE B 34 -2.28 3.76 -12.12
N GLU B 35 -1.07 3.21 -12.06
CA GLU B 35 0.05 3.72 -12.86
C GLU B 35 -0.25 3.62 -14.36
N LEU B 36 -0.73 2.45 -14.81
CA LEU B 36 -0.99 2.28 -16.22
C LEU B 36 -2.29 2.97 -16.62
N ILE B 37 -3.13 3.28 -15.63
CA ILE B 37 -4.36 4.01 -15.89
C ILE B 37 -4.06 5.47 -16.20
N CYS B 38 -2.94 5.96 -15.68
CA CYS B 38 -2.49 7.30 -15.96
C CYS B 38 -2.06 7.41 -17.42
N GLN B 39 -1.43 6.36 -17.92
CA GLN B 39 -0.99 6.33 -19.31
C GLN B 39 -2.15 5.92 -20.22
N GLU B 40 -3.22 5.43 -19.62
CA GLU B 40 -4.44 5.10 -20.35
C GLU B 40 -5.22 6.37 -20.66
N ASN B 41 -5.04 7.37 -19.80
CA ASN B 41 -5.80 8.60 -19.91
C ASN B 41 -4.92 9.83 -19.79
N GLU B 42 -3.67 9.75 -20.25
CA GLU B 42 -2.79 10.90 -20.14
C GLU B 42 -3.26 12.03 -21.06
N GLY B 43 -3.36 11.74 -22.36
CA GLY B 43 -4.28 12.42 -23.29
C GLY B 43 -5.21 13.49 -22.73
N GLU B 44 -5.83 13.21 -21.59
CA GLU B 44 -6.86 14.06 -21.00
C GLU B 44 -6.49 14.47 -19.58
N ASN B 45 -5.18 14.50 -19.34
CA ASN B 45 -4.49 14.75 -18.05
C ASN B 45 -5.14 15.77 -17.10
N ASP B 46 -6.38 15.51 -16.70
CA ASP B 46 -7.13 16.31 -15.73
C ASP B 46 -6.39 16.44 -14.40
N PRO B 47 -6.73 17.47 -13.58
CA PRO B 47 -6.08 17.76 -12.30
C PRO B 47 -5.86 16.52 -11.43
N VAL B 48 -6.91 15.72 -11.23
CA VAL B 48 -6.81 14.47 -10.47
C VAL B 48 -5.58 13.67 -10.90
N LEU B 49 -5.41 13.58 -12.20
CA LEU B 49 -4.36 12.75 -12.76
C LEU B 49 -3.02 13.43 -12.64
N GLN B 50 -3.04 14.72 -12.30
CA GLN B 50 -1.81 15.46 -12.04
C GLN B 50 -1.42 15.35 -10.58
N ARG B 51 -2.43 15.21 -9.74
CA ARG B 51 -2.20 15.13 -8.30
C ARG B 51 -2.06 13.68 -7.83
N ILE B 52 -2.62 12.72 -8.57
CA ILE B 52 -2.45 11.31 -8.20
C ILE B 52 -1.17 10.75 -8.78
N VAL B 53 -0.67 11.32 -9.88
CA VAL B 53 0.66 10.95 -10.35
C VAL B 53 1.69 11.47 -9.38
N ASP B 54 1.39 12.61 -8.79
CA ASP B 54 2.19 13.15 -7.70
C ASP B 54 2.14 12.16 -6.53
N ILE B 55 0.95 11.62 -6.32
CA ILE B 55 0.73 10.53 -5.39
C ILE B 55 1.64 9.33 -5.71
N LEU B 56 1.46 8.76 -6.90
CA LEU B 56 2.21 7.59 -7.32
C LEU B 56 3.73 7.86 -7.24
N TYR B 57 4.12 9.10 -7.56
CA TYR B 57 5.53 9.50 -7.62
C TYR B 57 5.96 10.26 -6.36
N ALA B 58 5.26 10.03 -5.26
CA ALA B 58 5.52 10.70 -3.97
C ALA B 58 6.90 10.37 -3.37
N THR B 59 7.84 9.93 -4.20
CA THR B 59 9.18 9.58 -3.76
C THR B 59 9.89 10.76 -3.07
N ASP B 60 10.89 10.42 -2.26
CA ASP B 60 11.73 11.40 -1.60
C ASP B 60 13.13 10.82 -1.44
N GLU B 61 14.03 11.55 -0.79
CA GLU B 61 15.36 11.03 -0.55
C GLU B 61 15.30 9.89 0.46
N GLY B 62 16.15 8.89 0.26
CA GLY B 62 16.13 7.71 1.11
C GLY B 62 15.22 6.63 0.54
N PHE B 63 14.39 7.02 -0.41
CA PHE B 63 13.45 6.10 -1.04
C PHE B 63 13.97 5.73 -2.43
N VAL B 64 13.83 4.47 -2.80
CA VAL B 64 14.38 3.97 -4.06
C VAL B 64 13.38 4.07 -5.19
N ILE B 65 13.83 4.62 -6.30
CA ILE B 65 13.06 4.54 -7.53
C ILE B 65 13.76 3.64 -8.54
N PRO B 66 13.04 2.62 -9.02
CA PRO B 66 13.52 1.73 -10.06
C PRO B 66 13.64 2.44 -11.40
N ASP B 67 14.51 1.91 -12.26
CA ASP B 67 14.74 2.49 -13.57
C ASP B 67 15.13 3.95 -13.47
N GLU B 68 16.05 4.21 -12.56
CA GLU B 68 16.51 5.57 -12.32
C GLU B 68 17.56 5.96 -13.35
N GLY B 69 17.23 6.94 -14.16
CA GLY B 69 18.13 7.39 -15.21
C GLY B 69 17.36 7.90 -16.41
N GLY B 70 16.35 8.71 -16.14
CA GLY B 70 15.50 9.21 -17.20
C GLY B 70 14.03 9.06 -16.85
N LYS C 1 -11.21 12.31 6.55
CA LYS C 1 -11.52 11.62 5.26
C LYS C 1 -12.29 10.36 5.52
N PRO C 2 -13.16 10.07 4.57
CA PRO C 2 -14.25 9.16 4.74
C PRO C 2 -13.81 7.70 4.77
N SER C 3 -13.81 7.14 5.98
CA SER C 3 -13.34 5.78 6.19
C SER C 3 -14.30 4.75 5.60
N LYS C 4 -14.29 4.63 4.29
CA LYS C 4 -15.04 3.59 3.61
C LYS C 4 -14.11 2.66 2.87
N ILE C 5 -12.84 3.04 2.72
CA ILE C 5 -11.93 2.21 1.96
C ILE C 5 -11.63 0.97 2.75
N PRO C 6 -11.57 -0.18 2.08
CA PRO C 6 -11.30 -1.45 2.71
C PRO C 6 -10.05 -1.46 3.59
N THR C 7 -10.22 -2.16 4.68
CA THR C 7 -9.29 -2.26 5.77
C THR C 7 -9.20 -3.67 6.21
N PRO C 8 -8.36 -3.97 7.18
CA PRO C 8 -8.76 -4.98 8.10
C PRO C 8 -9.39 -4.36 9.32
N GLN C 9 -9.66 -5.17 10.32
CA GLN C 9 -10.15 -4.62 11.56
C GLN C 9 -8.98 -4.38 12.50
N ARG C 10 -8.28 -5.46 12.82
CA ARG C 10 -7.03 -5.39 13.57
C ARG C 10 -7.23 -4.72 14.94
N LYS C 11 -6.99 -3.42 15.00
CA LYS C 11 -7.11 -2.66 16.24
C LYS C 11 -7.64 -1.27 15.92
N LYS D 1 4.48 -3.57 -16.95
CA LYS D 1 4.24 -2.18 -16.51
C LYS D 1 5.51 -1.55 -16.01
N PRO D 2 5.60 -0.26 -16.26
CA PRO D 2 6.82 0.48 -16.21
C PRO D 2 7.33 0.71 -14.79
N SER D 3 8.35 -0.05 -14.42
CA SER D 3 8.90 0.00 -13.07
C SER D 3 9.64 1.29 -12.80
N LYS D 4 8.90 2.38 -12.63
CA LYS D 4 9.48 3.64 -12.22
C LYS D 4 8.93 4.06 -10.86
N ILE D 5 7.88 3.41 -10.39
CA ILE D 5 7.29 3.82 -9.15
C ILE D 5 8.23 3.45 -8.02
N PRO D 6 8.36 4.34 -7.05
CA PRO D 6 9.24 4.13 -5.91
C PRO D 6 9.03 2.81 -5.19
N THR D 7 10.15 2.27 -4.81
CA THR D 7 10.32 0.96 -4.23
C THR D 7 11.25 1.05 -3.09
N PRO D 8 11.48 -0.05 -2.39
CA PRO D 8 12.80 -0.24 -1.89
C PRO D 8 13.62 -1.09 -2.83
N GLN D 9 14.80 -1.46 -2.42
CA GLN D 9 15.57 -2.38 -3.23
C GLN D 9 15.32 -3.79 -2.76
N ARG D 10 15.63 -4.05 -1.50
CA ARG D 10 15.31 -5.30 -0.84
C ARG D 10 15.93 -6.50 -1.56
N LYS D 11 15.15 -7.12 -2.44
CA LYS D 11 15.59 -8.29 -3.19
C LYS D 11 15.00 -8.24 -4.60
N ASP A 1 21.22 -23.04 18.22
CA ASP A 1 20.44 -23.28 19.47
C ASP A 1 19.02 -22.75 19.32
N GLU A 2 18.10 -23.33 20.06
CA GLU A 2 16.67 -23.04 19.92
C GLU A 2 16.37 -21.54 19.93
N ALA A 3 16.84 -20.84 20.95
CA ALA A 3 16.53 -19.43 21.06
C ALA A 3 17.30 -18.61 20.06
N ALA A 4 18.39 -19.16 19.56
CA ALA A 4 19.22 -18.46 18.61
C ALA A 4 18.48 -18.34 17.29
N GLU A 5 17.78 -19.41 16.95
CA GLU A 5 16.94 -19.39 15.76
C GLU A 5 15.75 -18.47 16.00
N LEU A 6 15.16 -18.56 17.18
CA LEU A 6 14.00 -17.75 17.53
C LEU A 6 14.31 -16.25 17.50
N MET A 7 15.48 -15.87 17.99
CA MET A 7 15.82 -14.47 18.06
C MET A 7 16.27 -13.99 16.70
N GLN A 8 16.78 -14.91 15.91
CA GLN A 8 17.14 -14.58 14.56
C GLN A 8 15.89 -14.46 13.74
N GLN A 9 14.85 -15.19 14.14
CA GLN A 9 13.55 -15.07 13.52
C GLN A 9 13.02 -13.68 13.69
N VAL A 10 13.04 -13.19 14.92
CA VAL A 10 12.54 -11.85 15.19
C VAL A 10 13.37 -10.85 14.41
N LYS A 11 14.61 -11.21 14.11
CA LYS A 11 15.47 -10.41 13.25
C LYS A 11 14.90 -10.33 11.84
N VAL A 12 14.57 -11.51 11.30
CA VAL A 12 14.04 -11.60 9.96
C VAL A 12 12.66 -10.98 9.90
N LEU A 13 11.89 -11.18 10.96
CA LEU A 13 10.57 -10.59 11.04
C LEU A 13 10.65 -9.11 11.29
N LYS A 14 11.64 -8.69 12.06
CA LYS A 14 11.87 -7.27 12.28
C LYS A 14 12.13 -6.63 10.94
N LEU A 15 12.99 -7.29 10.20
CA LEU A 15 13.35 -6.89 8.85
C LEU A 15 12.13 -6.91 7.95
N THR A 16 11.32 -7.96 8.05
CA THR A 16 10.15 -8.04 7.19
C THR A 16 9.11 -7.04 7.65
N VAL A 17 9.01 -6.86 8.96
CA VAL A 17 8.08 -5.91 9.53
C VAL A 17 8.47 -4.50 9.15
N GLU A 18 9.76 -4.22 9.13
CA GLU A 18 10.22 -2.87 8.81
C GLU A 18 10.09 -2.65 7.32
N ASP A 19 10.41 -3.68 6.54
CA ASP A 19 10.31 -3.60 5.09
C ASP A 19 8.84 -3.44 4.71
N LEU A 20 8.00 -4.19 5.41
CA LEU A 20 6.57 -4.12 5.20
C LEU A 20 5.97 -2.83 5.75
N GLU A 21 6.47 -2.35 6.89
CA GLU A 21 6.00 -1.09 7.45
C GLU A 21 6.27 0.05 6.48
N LYS A 22 7.46 0.05 5.90
CA LYS A 22 7.85 1.09 4.94
C LYS A 22 6.85 1.14 3.79
N GLU A 23 6.47 -0.03 3.30
CA GLU A 23 5.49 -0.12 2.23
C GLU A 23 4.09 0.18 2.73
N ARG A 24 3.69 -0.48 3.83
CA ARG A 24 2.34 -0.33 4.38
C ARG A 24 2.05 1.14 4.64
N ASP A 25 2.97 1.82 5.31
CA ASP A 25 2.77 3.21 5.69
C ASP A 25 2.76 4.13 4.48
N PHE A 26 3.76 4.01 3.61
CA PHE A 26 3.91 4.91 2.49
C PHE A 26 2.86 4.64 1.42
N TYR A 27 2.63 3.37 1.11
CA TYR A 27 1.66 3.00 0.07
C TYR A 27 0.25 3.40 0.49
N PHE A 28 -0.02 3.34 1.79
CA PHE A 28 -1.31 3.75 2.32
C PHE A 28 -1.42 5.27 2.35
N GLY A 29 -0.31 5.93 2.64
CA GLY A 29 -0.27 7.38 2.59
C GLY A 29 -0.57 7.90 1.19
N LYS A 30 -0.16 7.12 0.20
CA LYS A 30 -0.44 7.45 -1.19
C LYS A 30 -1.92 7.20 -1.48
N LEU A 31 -2.40 6.06 -1.01
CA LEU A 31 -3.79 5.65 -1.17
C LEU A 31 -4.74 6.65 -0.51
N ARG A 32 -4.24 7.36 0.49
CA ARG A 32 -5.00 8.38 1.20
C ARG A 32 -5.38 9.52 0.26
N ASN A 33 -4.38 10.09 -0.40
CA ASN A 33 -4.55 11.31 -1.16
C ASN A 33 -5.38 11.10 -2.42
N ILE A 34 -5.51 9.86 -2.86
CA ILE A 34 -6.31 9.58 -4.04
C ILE A 34 -7.79 9.63 -3.74
N GLU A 35 -8.16 9.10 -2.57
CA GLU A 35 -9.56 9.03 -2.17
C GLU A 35 -10.21 10.40 -2.19
N LEU A 36 -9.64 11.35 -1.47
CA LEU A 36 -10.24 12.68 -1.39
C LEU A 36 -10.07 13.42 -2.71
N ILE A 37 -9.15 12.97 -3.56
CA ILE A 37 -8.98 13.57 -4.88
C ILE A 37 -10.09 13.13 -5.82
N CYS A 38 -10.56 11.91 -5.61
CA CYS A 38 -11.66 11.40 -6.41
C CYS A 38 -12.93 12.15 -6.10
N GLN A 39 -13.08 12.57 -4.84
CA GLN A 39 -14.22 13.37 -4.46
C GLN A 39 -13.99 14.85 -4.80
N GLU A 40 -12.72 15.20 -5.04
CA GLU A 40 -12.35 16.55 -5.46
C GLU A 40 -12.83 16.76 -6.89
N ASN A 41 -12.85 15.68 -7.65
CA ASN A 41 -13.17 15.75 -9.05
C ASN A 41 -14.19 14.69 -9.44
N GLU A 42 -15.10 14.31 -8.54
CA GLU A 42 -16.02 13.24 -8.87
C GLU A 42 -16.98 13.68 -9.98
N GLY A 43 -17.92 14.58 -9.68
CA GLY A 43 -18.49 15.58 -10.59
C GLY A 43 -18.40 15.34 -12.10
N GLU A 44 -17.22 14.95 -12.55
CA GLU A 44 -16.89 14.86 -13.96
C GLU A 44 -16.59 13.44 -14.35
N ASN A 45 -17.14 12.54 -13.55
CA ASN A 45 -16.83 11.10 -13.46
C ASN A 45 -16.11 10.46 -14.65
N ASP A 46 -14.97 11.05 -15.02
CA ASP A 46 -14.13 10.58 -16.11
C ASP A 46 -13.67 9.13 -15.90
N PRO A 47 -13.47 8.39 -17.01
CA PRO A 47 -13.18 6.95 -16.99
C PRO A 47 -12.10 6.54 -16.00
N VAL A 48 -10.92 7.16 -16.09
CA VAL A 48 -9.82 6.86 -15.17
C VAL A 48 -10.30 6.84 -13.74
N LEU A 49 -11.08 7.84 -13.39
CA LEU A 49 -11.51 7.99 -12.02
C LEU A 49 -12.50 6.91 -11.68
N GLN A 50 -13.29 6.51 -12.67
CA GLN A 50 -14.28 5.44 -12.49
C GLN A 50 -13.59 4.11 -12.24
N ARG A 51 -12.44 3.93 -12.86
CA ARG A 51 -11.69 2.69 -12.72
C ARG A 51 -10.71 2.75 -11.55
N ILE A 52 -10.34 3.95 -11.09
CA ILE A 52 -9.48 4.05 -9.91
C ILE A 52 -10.30 4.13 -8.63
N VAL A 53 -11.52 4.66 -8.71
CA VAL A 53 -12.43 4.57 -7.56
C VAL A 53 -12.80 3.12 -7.35
N ASP A 54 -12.80 2.38 -8.45
CA ASP A 54 -12.98 0.94 -8.41
C ASP A 54 -11.76 0.31 -7.75
N ILE A 55 -10.61 0.86 -8.09
CA ILE A 55 -9.35 0.53 -7.44
C ILE A 55 -9.44 0.75 -5.93
N LEU A 56 -9.74 1.99 -5.53
CA LEU A 56 -9.81 2.35 -4.12
C LEU A 56 -10.81 1.45 -3.37
N TYR A 57 -11.91 1.11 -4.03
CA TYR A 57 -12.99 0.33 -3.43
C TYR A 57 -12.95 -1.15 -3.84
N ALA A 58 -11.81 -1.60 -4.33
CA ALA A 58 -11.59 -2.97 -4.82
C ALA A 58 -11.81 -4.08 -3.78
N THR A 59 -12.53 -3.78 -2.71
CA THR A 59 -12.77 -4.74 -1.65
C THR A 59 -13.52 -5.98 -2.14
N ASP A 60 -13.38 -7.06 -1.38
CA ASP A 60 -14.06 -8.32 -1.64
C ASP A 60 -14.14 -9.11 -0.35
N GLU A 61 -14.64 -10.34 -0.41
CA GLU A 61 -14.72 -11.17 0.77
C GLU A 61 -13.33 -11.46 1.33
N GLY A 62 -13.22 -11.46 2.66
CA GLY A 62 -11.94 -11.69 3.29
C GLY A 62 -11.21 -10.40 3.59
N PHE A 63 -11.73 -9.30 3.07
CA PHE A 63 -11.13 -7.99 3.25
C PHE A 63 -12.15 -7.08 3.92
N VAL A 64 -11.70 -6.31 4.90
CA VAL A 64 -12.62 -5.54 5.73
C VAL A 64 -12.83 -4.14 5.19
N ILE A 65 -14.08 -3.73 5.14
CA ILE A 65 -14.39 -2.34 4.94
C ILE A 65 -14.86 -1.73 6.26
N PRO A 66 -14.17 -0.69 6.71
CA PRO A 66 -14.56 0.05 7.91
C PRO A 66 -15.84 0.83 7.66
N ASP A 67 -16.62 0.96 8.71
CA ASP A 67 -17.88 1.69 8.64
C ASP A 67 -18.80 1.08 7.59
N GLU A 68 -19.02 -0.22 7.72
CA GLU A 68 -19.81 -0.96 6.78
C GLU A 68 -21.30 -0.84 7.14
N GLY A 69 -21.99 0.05 6.44
CA GLY A 69 -23.40 0.22 6.66
C GLY A 69 -24.21 -0.33 5.50
N GLY A 70 -24.68 0.55 4.64
CA GLY A 70 -25.47 0.13 3.51
C GLY A 70 -26.95 0.36 3.74
N ASP B 1 10.09 -17.53 30.08
CA ASP B 1 11.44 -18.03 29.72
C ASP B 1 11.94 -17.36 28.46
N GLU B 2 13.25 -17.27 28.31
CA GLU B 2 13.87 -16.53 27.21
C GLU B 2 13.30 -16.89 25.85
N ALA B 3 13.28 -18.17 25.53
CA ALA B 3 12.83 -18.58 24.21
C ALA B 3 11.32 -18.46 24.09
N ALA B 4 10.64 -18.45 25.22
CA ALA B 4 9.19 -18.35 25.23
C ALA B 4 8.78 -16.97 24.75
N GLU B 5 9.52 -15.97 25.19
CA GLU B 5 9.30 -14.62 24.73
C GLU B 5 9.70 -14.51 23.27
N LEU B 6 10.83 -15.11 22.92
CA LEU B 6 11.32 -15.05 21.55
C LEU B 6 10.37 -15.70 20.56
N MET B 7 9.77 -16.82 20.93
CA MET B 7 8.88 -17.53 20.02
C MET B 7 7.54 -16.84 20.00
N GLN B 8 7.20 -16.17 21.09
CA GLN B 8 5.99 -15.40 21.14
C GLN B 8 6.19 -14.14 20.33
N GLN B 9 7.44 -13.68 20.24
CA GLN B 9 7.78 -12.56 19.39
C GLN B 9 7.49 -12.90 17.95
N VAL B 10 7.99 -14.05 17.50
CA VAL B 10 7.77 -14.45 16.12
C VAL B 10 6.28 -14.59 15.88
N LYS B 11 5.53 -14.88 16.94
CA LYS B 11 4.08 -14.92 16.87
C LYS B 11 3.52 -13.53 16.56
N VAL B 12 3.97 -12.55 17.32
CA VAL B 12 3.52 -11.18 17.15
C VAL B 12 4.01 -10.62 15.83
N LEU B 13 5.22 -11.01 15.45
CA LEU B 13 5.77 -10.58 14.18
C LEU B 13 5.12 -11.33 13.04
N LYS B 14 4.79 -12.59 13.26
CA LYS B 14 4.05 -13.36 12.26
C LYS B 14 2.74 -12.65 12.00
N LEU B 15 2.11 -12.28 13.10
CA LEU B 15 0.86 -11.55 13.06
C LEU B 15 1.06 -10.19 12.39
N THR B 16 2.13 -9.50 12.72
CA THR B 16 2.36 -8.20 12.13
C THR B 16 2.77 -8.36 10.67
N VAL B 17 3.54 -9.40 10.40
CA VAL B 17 3.96 -9.70 9.05
C VAL B 17 2.78 -10.08 8.19
N GLU B 18 1.84 -10.83 8.75
CA GLU B 18 0.69 -11.26 7.99
C GLU B 18 -0.27 -10.09 7.81
N ASP B 19 -0.42 -9.30 8.86
CA ASP B 19 -1.28 -8.12 8.83
C ASP B 19 -0.71 -7.12 7.84
N LEU B 20 0.60 -6.99 7.86
CA LEU B 20 1.30 -6.10 6.96
C LEU B 20 1.35 -6.66 5.55
N GLU B 21 1.51 -7.98 5.41
CA GLU B 21 1.48 -8.61 4.08
C GLU B 21 0.15 -8.37 3.39
N LYS B 22 -0.93 -8.53 4.15
CA LYS B 22 -2.27 -8.31 3.63
C LYS B 22 -2.40 -6.91 3.05
N GLU B 23 -1.87 -5.93 3.78
CA GLU B 23 -1.89 -4.56 3.32
C GLU B 23 -0.89 -4.34 2.20
N ARG B 24 0.35 -4.77 2.41
CA ARG B 24 1.43 -4.57 1.44
C ARG B 24 1.02 -5.11 0.08
N ASP B 25 0.52 -6.34 0.07
CA ASP B 25 0.16 -7.01 -1.18
C ASP B 25 -1.03 -6.36 -1.85
N PHE B 26 -2.10 -6.15 -1.08
CA PHE B 26 -3.35 -5.65 -1.64
C PHE B 26 -3.23 -4.17 -2.01
N TYR B 27 -2.64 -3.38 -1.12
CA TYR B 27 -2.49 -1.94 -1.36
C TYR B 27 -1.60 -1.68 -2.56
N PHE B 28 -0.60 -2.55 -2.75
CA PHE B 28 0.30 -2.44 -3.89
C PHE B 28 -0.40 -2.91 -5.16
N GLY B 29 -1.23 -3.95 -5.02
CA GLY B 29 -2.02 -4.41 -6.15
C GLY B 29 -2.95 -3.34 -6.64
N LYS B 30 -3.41 -2.49 -5.73
CA LYS B 30 -4.26 -1.37 -6.09
C LYS B 30 -3.42 -0.30 -6.77
N LEU B 31 -2.26 -0.03 -6.18
CA LEU B 31 -1.32 0.95 -6.70
C LEU B 31 -0.84 0.58 -8.11
N ARG B 32 -0.91 -0.71 -8.42
CA ARG B 32 -0.53 -1.21 -9.73
C ARG B 32 -1.45 -0.66 -10.81
N ASN B 33 -2.74 -0.85 -10.61
CA ASN B 33 -3.74 -0.58 -11.64
C ASN B 33 -3.90 0.91 -11.90
N ILE B 34 -3.45 1.75 -10.98
CA ILE B 34 -3.56 3.18 -11.17
C ILE B 34 -2.49 3.70 -12.13
N GLU B 35 -1.29 3.14 -12.01
CA GLU B 35 -0.17 3.55 -12.82
C GLU B 35 -0.49 3.46 -14.30
N LEU B 36 -0.87 2.27 -14.76
CA LEU B 36 -1.12 2.08 -16.17
C LEU B 36 -2.42 2.78 -16.60
N ILE B 37 -3.27 3.12 -15.62
CA ILE B 37 -4.49 3.86 -15.91
C ILE B 37 -4.17 5.33 -16.17
N CYS B 38 -3.14 5.82 -15.52
CA CYS B 38 -2.70 7.19 -15.72
C CYS B 38 -2.13 7.34 -17.12
N GLN B 39 -1.48 6.28 -17.61
CA GLN B 39 -0.97 6.31 -18.97
C GLN B 39 -2.07 5.95 -19.97
N GLU B 40 -3.15 5.37 -19.46
CA GLU B 40 -4.32 5.06 -20.29
C GLU B 40 -5.02 6.35 -20.65
N ASN B 41 -4.91 7.33 -19.77
CA ASN B 41 -5.62 8.59 -19.95
C ASN B 41 -4.71 9.79 -19.68
N GLU B 42 -3.42 9.66 -19.99
CA GLU B 42 -2.50 10.76 -19.70
C GLU B 42 -2.82 11.98 -20.56
N GLY B 43 -2.57 11.86 -21.88
CA GLY B 43 -3.26 12.61 -22.95
C GLY B 43 -4.12 13.82 -22.58
N GLU B 44 -4.95 13.68 -21.57
CA GLU B 44 -5.94 14.68 -21.23
C GLU B 44 -5.63 15.32 -19.89
N ASN B 45 -4.33 15.24 -19.55
CA ASN B 45 -3.74 15.51 -18.23
C ASN B 45 -4.61 16.30 -17.23
N ASP B 46 -5.79 15.78 -16.94
CA ASP B 46 -6.72 16.38 -16.01
C ASP B 46 -6.14 16.47 -14.60
N PRO B 47 -6.57 17.49 -13.83
CA PRO B 47 -6.00 17.82 -12.51
C PRO B 47 -5.83 16.62 -11.59
N VAL B 48 -6.92 15.87 -11.36
CA VAL B 48 -6.88 14.68 -10.50
C VAL B 48 -5.68 13.81 -10.87
N LEU B 49 -5.51 13.59 -12.15
CA LEU B 49 -4.49 12.68 -12.61
C LEU B 49 -3.13 13.30 -12.38
N GLN B 50 -3.05 14.61 -12.48
CA GLN B 50 -1.80 15.33 -12.25
C GLN B 50 -1.39 15.24 -10.79
N ARG B 51 -2.37 15.19 -9.91
CA ARG B 51 -2.10 15.12 -8.49
C ARG B 51 -2.01 13.67 -8.01
N ILE B 52 -2.57 12.71 -8.76
CA ILE B 52 -2.41 11.30 -8.38
C ILE B 52 -1.17 10.70 -9.02
N VAL B 53 -0.75 11.20 -10.17
CA VAL B 53 0.55 10.80 -10.72
C VAL B 53 1.64 11.31 -9.82
N ASP B 54 1.34 12.43 -9.17
CA ASP B 54 2.21 12.98 -8.15
C ASP B 54 2.20 12.05 -6.94
N ILE B 55 1.00 11.52 -6.66
CA ILE B 55 0.81 10.47 -5.67
C ILE B 55 1.68 9.26 -5.97
N LEU B 56 1.48 8.69 -7.16
CA LEU B 56 2.20 7.49 -7.57
C LEU B 56 3.72 7.71 -7.52
N TYR B 57 4.15 8.92 -7.87
CA TYR B 57 5.58 9.25 -7.94
C TYR B 57 6.03 10.09 -6.75
N ALA B 58 5.29 9.98 -5.64
CA ALA B 58 5.56 10.75 -4.41
C ALA B 58 6.89 10.40 -3.73
N THR B 59 7.83 9.85 -4.46
CA THR B 59 9.12 9.46 -3.90
C THR B 59 9.91 10.65 -3.36
N ASP B 60 10.83 10.35 -2.46
CA ASP B 60 11.72 11.33 -1.86
C ASP B 60 12.96 10.61 -1.35
N GLU B 61 13.85 11.33 -0.69
CA GLU B 61 15.06 10.72 -0.15
C GLU B 61 14.70 9.65 0.88
N GLY B 62 15.44 8.56 0.88
CA GLY B 62 15.18 7.47 1.81
C GLY B 62 14.27 6.42 1.21
N PHE B 63 13.70 6.75 0.05
CA PHE B 63 12.79 5.84 -0.63
C PHE B 63 13.35 5.53 -2.01
N VAL B 64 13.29 4.27 -2.40
CA VAL B 64 13.95 3.82 -3.62
C VAL B 64 13.03 3.88 -4.82
N ILE B 65 13.54 4.43 -5.90
CA ILE B 65 12.90 4.29 -7.19
C ILE B 65 13.69 3.28 -8.03
N PRO B 66 13.01 2.21 -8.46
CA PRO B 66 13.61 1.23 -9.35
C PRO B 66 13.83 1.80 -10.73
N ASP B 67 14.88 1.34 -11.39
CA ASP B 67 15.23 1.80 -12.72
C ASP B 67 15.45 3.30 -12.73
N GLU B 68 16.32 3.75 -11.85
CA GLU B 68 16.61 5.16 -11.69
C GLU B 68 17.65 5.61 -12.70
N GLY B 69 17.20 6.19 -13.79
CA GLY B 69 18.10 6.70 -14.79
C GLY B 69 18.15 8.21 -14.78
N GLY B 70 17.46 8.84 -15.72
CA GLY B 70 17.47 10.28 -15.79
C GLY B 70 18.38 10.77 -16.89
N LYS C 1 -13.06 11.21 1.13
CA LYS C 1 -12.20 11.19 2.33
C LYS C 1 -12.27 9.86 3.00
N PRO C 2 -11.09 9.34 3.32
CA PRO C 2 -10.88 7.93 3.43
C PRO C 2 -11.03 7.36 4.84
N SER C 3 -12.25 6.96 5.15
CA SER C 3 -12.53 6.24 6.38
C SER C 3 -13.47 5.06 6.11
N LYS C 4 -13.81 4.90 4.83
CA LYS C 4 -14.60 3.76 4.37
C LYS C 4 -13.73 2.83 3.54
N ILE C 5 -12.48 3.22 3.31
CA ILE C 5 -11.64 2.44 2.43
C ILE C 5 -11.25 1.15 3.11
N PRO C 6 -11.32 0.05 2.37
CA PRO C 6 -11.01 -1.27 2.87
C PRO C 6 -9.66 -1.36 3.57
N THR C 7 -9.75 -1.88 4.77
CA THR C 7 -8.68 -1.97 5.73
C THR C 7 -8.40 -3.38 6.05
N PRO C 8 -7.38 -3.64 6.86
CA PRO C 8 -7.49 -4.77 7.72
C PRO C 8 -8.69 -4.62 8.69
N GLN C 9 -8.62 -5.25 9.84
CA GLN C 9 -9.68 -5.09 10.81
C GLN C 9 -9.32 -4.03 11.84
N ARG C 10 -8.05 -3.96 12.19
CA ARG C 10 -7.60 -3.03 13.21
C ARG C 10 -7.81 -1.59 12.76
N LYS C 11 -8.26 -0.75 13.68
CA LYS C 11 -8.57 0.62 13.37
C LYS C 11 -7.40 1.54 13.69
N LYS D 1 2.86 2.03 -16.88
CA LYS D 1 3.09 0.64 -16.40
C LYS D 1 4.22 0.61 -15.43
N PRO D 2 3.98 -0.07 -14.33
CA PRO D 2 4.62 0.20 -13.08
C PRO D 2 5.87 -0.64 -12.82
N SER D 3 7.00 -0.11 -13.26
CA SER D 3 8.29 -0.70 -12.92
C SER D 3 9.28 0.39 -12.54
N LYS D 4 8.80 1.63 -12.56
CA LYS D 4 9.57 2.79 -12.10
C LYS D 4 9.02 3.29 -10.79
N ILE D 5 7.92 2.71 -10.32
CA ILE D 5 7.27 3.24 -9.14
C ILE D 5 8.11 2.93 -7.92
N PRO D 6 8.25 3.92 -7.06
CA PRO D 6 9.05 3.81 -5.85
C PRO D 6 8.71 2.59 -5.00
N THR D 7 9.77 1.88 -4.71
CA THR D 7 9.76 0.60 -4.05
C THR D 7 10.50 0.68 -2.78
N PRO D 8 10.50 -0.39 -2.00
CA PRO D 8 11.68 -0.64 -1.22
C PRO D 8 12.92 -0.83 -2.12
N GLN D 9 13.90 -1.57 -1.65
CA GLN D 9 15.06 -1.84 -2.49
C GLN D 9 14.94 -3.19 -3.16
N ARG D 10 14.34 -4.14 -2.47
CA ARG D 10 14.22 -5.50 -2.99
C ARG D 10 13.34 -5.52 -4.23
N LYS D 11 13.74 -6.30 -5.22
CA LYS D 11 13.04 -6.36 -6.48
C LYS D 11 12.07 -7.53 -6.51
N ASP A 1 21.95 -21.97 19.75
CA ASP A 1 20.94 -22.70 20.55
C ASP A 1 19.54 -22.39 20.05
N GLU A 2 18.56 -22.99 20.68
CA GLU A 2 17.15 -22.81 20.34
C GLU A 2 16.76 -21.34 20.30
N ALA A 3 17.13 -20.60 21.31
CA ALA A 3 16.70 -19.21 21.41
C ALA A 3 17.49 -18.35 20.44
N ALA A 4 18.63 -18.85 20.01
CA ALA A 4 19.46 -18.11 19.09
C ALA A 4 18.78 -18.03 17.73
N GLU A 5 18.16 -19.14 17.36
CA GLU A 5 17.39 -19.18 16.13
C GLU A 5 16.14 -18.34 16.29
N LEU A 6 15.51 -18.44 17.45
CA LEU A 6 14.28 -17.72 17.71
C LEU A 6 14.49 -16.21 17.75
N MET A 7 15.60 -15.79 18.32
CA MET A 7 15.88 -14.36 18.43
C MET A 7 16.36 -13.83 17.10
N GLN A 8 16.91 -14.73 16.28
CA GLN A 8 17.29 -14.35 14.93
C GLN A 8 16.04 -14.27 14.09
N GLN A 9 15.05 -15.07 14.43
CA GLN A 9 13.77 -15.01 13.76
C GLN A 9 13.17 -13.65 13.95
N VAL A 10 13.14 -13.19 15.19
CA VAL A 10 12.58 -11.88 15.46
C VAL A 10 13.37 -10.82 14.72
N LYS A 11 14.65 -11.10 14.47
CA LYS A 11 15.47 -10.23 13.66
C LYS A 11 14.96 -10.20 12.23
N VAL A 12 14.78 -11.38 11.65
CA VAL A 12 14.28 -11.50 10.29
C VAL A 12 12.88 -10.92 10.18
N LEU A 13 12.08 -11.14 11.20
CA LEU A 13 10.73 -10.60 11.22
C LEU A 13 10.77 -9.11 11.49
N LYS A 14 11.69 -8.68 12.32
CA LYS A 14 11.86 -7.26 12.57
C LYS A 14 12.16 -6.57 11.26
N LEU A 15 13.07 -7.20 10.53
CA LEU A 15 13.46 -6.76 9.21
C LEU A 15 12.27 -6.81 8.26
N THR A 16 11.50 -7.88 8.31
CA THR A 16 10.37 -7.99 7.42
C THR A 16 9.29 -7.01 7.84
N VAL A 17 9.13 -6.84 9.14
CA VAL A 17 8.16 -5.92 9.70
C VAL A 17 8.52 -4.50 9.34
N GLU A 18 9.80 -4.18 9.34
CA GLU A 18 10.23 -2.82 9.04
C GLU A 18 10.16 -2.57 7.55
N ASP A 19 10.48 -3.60 6.78
CA ASP A 19 10.36 -3.51 5.33
C ASP A 19 8.90 -3.38 4.96
N LEU A 20 8.10 -4.23 5.57
CA LEU A 20 6.66 -4.25 5.33
C LEU A 20 5.99 -2.96 5.80
N GLU A 21 6.42 -2.44 6.96
CA GLU A 21 5.87 -1.20 7.48
C GLU A 21 6.15 -0.03 6.54
N LYS A 22 7.31 -0.05 5.91
CA LYS A 22 7.65 0.94 4.90
C LYS A 22 6.60 0.92 3.79
N GLU A 23 6.28 -0.28 3.34
CA GLU A 23 5.28 -0.50 2.30
C GLU A 23 3.89 -0.13 2.82
N ARG A 24 3.58 -0.66 3.99
CA ARG A 24 2.27 -0.48 4.63
C ARG A 24 1.92 0.99 4.74
N ASP A 25 2.90 1.79 5.15
CA ASP A 25 2.66 3.22 5.35
C ASP A 25 2.68 3.99 4.02
N PHE A 26 3.71 3.76 3.21
CA PHE A 26 3.92 4.55 2.00
C PHE A 26 2.74 4.43 1.04
N TYR A 27 2.37 3.20 0.70
CA TYR A 27 1.30 2.99 -0.27
C TYR A 27 -0.03 3.45 0.29
N PHE A 28 -0.30 3.10 1.54
CA PHE A 28 -1.58 3.43 2.18
C PHE A 28 -1.74 4.94 2.33
N GLY A 29 -0.66 5.62 2.70
CA GLY A 29 -0.70 7.07 2.78
C GLY A 29 -1.04 7.69 1.45
N LYS A 30 -0.66 7.01 0.38
CA LYS A 30 -0.98 7.46 -0.96
C LYS A 30 -2.46 7.24 -1.26
N LEU A 31 -2.99 6.06 -0.91
CA LEU A 31 -4.42 5.76 -1.09
C LEU A 31 -5.28 6.84 -0.44
N ARG A 32 -4.77 7.41 0.64
CA ARG A 32 -5.44 8.49 1.36
C ARG A 32 -5.67 9.69 0.45
N ASN A 33 -4.64 10.06 -0.28
CA ASN A 33 -4.65 11.28 -1.08
C ASN A 33 -5.45 11.09 -2.37
N ILE A 34 -5.68 9.85 -2.77
CA ILE A 34 -6.42 9.60 -4.01
C ILE A 34 -7.93 9.66 -3.77
N GLU A 35 -8.35 9.27 -2.57
CA GLU A 35 -9.77 9.20 -2.25
C GLU A 35 -10.36 10.59 -2.24
N LEU A 36 -9.74 11.48 -1.46
CA LEU A 36 -10.24 12.83 -1.35
C LEU A 36 -10.05 13.59 -2.66
N ILE A 37 -9.16 13.10 -3.53
CA ILE A 37 -8.98 13.71 -4.83
C ILE A 37 -10.08 13.30 -5.78
N CYS A 38 -10.50 12.05 -5.69
CA CYS A 38 -11.66 11.58 -6.43
C CYS A 38 -12.89 12.31 -5.93
N GLN A 39 -12.89 12.53 -4.63
CA GLN A 39 -13.93 13.27 -3.95
C GLN A 39 -13.87 14.76 -4.30
N GLU A 40 -12.67 15.24 -4.61
CA GLU A 40 -12.46 16.64 -4.99
C GLU A 40 -12.96 16.89 -6.39
N ASN A 41 -13.00 15.84 -7.18
CA ASN A 41 -13.30 15.97 -8.58
C ASN A 41 -14.38 15.00 -9.05
N GLU A 42 -15.35 14.67 -8.19
CA GLU A 42 -16.38 13.75 -8.62
C GLU A 42 -17.10 14.34 -9.82
N GLY A 43 -17.84 15.42 -9.61
CA GLY A 43 -18.05 16.48 -10.60
C GLY A 43 -17.67 16.19 -12.06
N GLU A 44 -16.46 15.67 -12.23
CA GLU A 44 -15.81 15.50 -13.52
C GLU A 44 -15.41 14.05 -13.75
N ASN A 45 -16.16 13.17 -13.09
CA ASN A 45 -16.03 11.70 -13.07
C ASN A 45 -15.58 11.00 -14.37
N ASP A 46 -14.51 11.48 -14.97
CA ASP A 46 -13.91 10.88 -16.17
C ASP A 46 -13.58 9.40 -16.00
N PRO A 47 -13.45 8.67 -17.12
CA PRO A 47 -13.28 7.21 -17.13
C PRO A 47 -12.21 6.69 -16.18
N VAL A 48 -11.01 7.26 -16.24
CA VAL A 48 -9.92 6.83 -15.36
C VAL A 48 -10.36 6.89 -13.91
N LEU A 49 -11.07 7.94 -13.57
CA LEU A 49 -11.50 8.15 -12.20
C LEU A 49 -12.49 7.08 -11.82
N GLN A 50 -13.25 6.61 -12.81
CA GLN A 50 -14.26 5.59 -12.59
C GLN A 50 -13.60 4.25 -12.31
N ARG A 51 -12.46 4.01 -12.93
CA ARG A 51 -11.76 2.76 -12.75
C ARG A 51 -10.72 2.82 -11.64
N ILE A 52 -10.35 4.02 -11.20
CA ILE A 52 -9.47 4.14 -10.04
C ILE A 52 -10.27 4.24 -8.75
N VAL A 53 -11.48 4.79 -8.80
CA VAL A 53 -12.38 4.69 -7.66
C VAL A 53 -12.79 3.25 -7.50
N ASP A 54 -12.81 2.55 -8.63
CA ASP A 54 -12.97 1.10 -8.63
C ASP A 54 -11.81 0.46 -7.89
N ILE A 55 -10.62 0.96 -8.19
CA ILE A 55 -9.40 0.58 -7.50
C ILE A 55 -9.52 0.80 -5.99
N LEU A 56 -9.74 2.05 -5.61
CA LEU A 56 -9.82 2.43 -4.20
C LEU A 56 -10.92 1.64 -3.47
N TYR A 57 -12.04 1.40 -4.17
CA TYR A 57 -13.23 0.76 -3.59
C TYR A 57 -13.36 -0.71 -3.98
N ALA A 58 -12.27 -1.30 -4.44
CA ALA A 58 -12.26 -2.68 -4.99
C ALA A 58 -12.57 -3.78 -3.96
N THR A 59 -13.23 -3.41 -2.87
CA THR A 59 -13.56 -4.37 -1.83
C THR A 59 -14.41 -5.53 -2.34
N ASP A 60 -14.40 -6.63 -1.58
CA ASP A 60 -15.16 -7.83 -1.90
C ASP A 60 -15.60 -8.48 -0.60
N GLU A 61 -16.23 -9.64 -0.70
CA GLU A 61 -16.66 -10.36 0.49
C GLU A 61 -15.45 -10.85 1.29
N GLY A 62 -15.53 -10.76 2.61
CA GLY A 62 -14.45 -11.21 3.46
C GLY A 62 -13.45 -10.11 3.74
N PHE A 63 -13.67 -8.95 3.15
CA PHE A 63 -12.80 -7.81 3.34
C PHE A 63 -13.56 -6.72 4.10
N VAL A 64 -12.85 -5.97 4.92
CA VAL A 64 -13.48 -5.02 5.83
C VAL A 64 -13.61 -3.63 5.22
N ILE A 65 -14.83 -3.15 5.14
CA ILE A 65 -15.06 -1.74 4.84
C ILE A 65 -15.53 -1.02 6.10
N PRO A 66 -14.83 0.04 6.48
CA PRO A 66 -15.25 0.91 7.58
C PRO A 66 -16.47 1.72 7.22
N ASP A 67 -17.25 2.07 8.23
CA ASP A 67 -18.47 2.81 8.03
C ASP A 67 -19.41 2.06 7.11
N GLU A 68 -19.56 0.77 7.39
CA GLU A 68 -20.34 -0.11 6.56
C GLU A 68 -21.79 -0.13 7.04
N GLY A 69 -22.66 0.52 6.28
CA GLY A 69 -24.06 0.55 6.61
C GLY A 69 -24.94 0.19 5.44
N GLY A 70 -24.36 -0.53 4.48
CA GLY A 70 -25.11 -0.91 3.30
C GLY A 70 -24.60 -0.21 2.06
N ASP B 1 10.10 -19.49 29.57
CA ASP B 1 11.56 -19.34 29.49
C ASP B 1 11.95 -18.32 28.43
N GLU B 2 13.24 -18.12 28.27
CA GLU B 2 13.78 -17.18 27.29
C GLU B 2 13.24 -17.44 25.89
N ALA B 3 13.26 -18.69 25.47
CA ALA B 3 12.88 -19.00 24.12
C ALA B 3 11.37 -18.93 23.96
N ALA B 4 10.67 -19.03 25.07
CA ALA B 4 9.21 -18.98 25.05
C ALA B 4 8.76 -17.59 24.66
N GLU B 5 9.47 -16.60 25.17
CA GLU B 5 9.19 -15.22 24.81
C GLU B 5 9.63 -14.98 23.37
N LEU B 6 10.77 -15.53 23.01
CA LEU B 6 11.30 -15.35 21.67
C LEU B 6 10.43 -16.00 20.61
N MET B 7 9.90 -17.18 20.90
CA MET B 7 9.07 -17.88 19.94
C MET B 7 7.69 -17.25 19.90
N GLN B 8 7.32 -16.59 20.98
CA GLN B 8 6.07 -15.86 21.01
C GLN B 8 6.26 -14.58 20.23
N GLN B 9 7.47 -14.05 20.24
CA GLN B 9 7.80 -12.89 19.45
C GLN B 9 7.59 -13.19 17.99
N VAL B 10 8.14 -14.31 17.53
CA VAL B 10 7.98 -14.67 16.13
C VAL B 10 6.51 -14.86 15.83
N LYS B 11 5.73 -15.23 16.83
CA LYS B 11 4.29 -15.31 16.69
C LYS B 11 3.69 -13.93 16.46
N VAL B 12 4.05 -12.98 17.32
CA VAL B 12 3.58 -11.61 17.19
C VAL B 12 4.06 -11.00 15.89
N LEU B 13 5.29 -11.31 15.50
CA LEU B 13 5.83 -10.82 14.25
C LEU B 13 5.23 -11.55 13.08
N LYS B 14 4.96 -12.83 13.25
CA LYS B 14 4.27 -13.60 12.22
C LYS B 14 2.94 -12.94 11.94
N LEU B 15 2.26 -12.63 13.02
CA LEU B 15 0.99 -11.94 13.00
C LEU B 15 1.15 -10.56 12.38
N THR B 16 2.19 -9.85 12.75
CA THR B 16 2.39 -8.51 12.20
C THR B 16 2.80 -8.62 10.74
N VAL B 17 3.61 -9.62 10.43
CA VAL B 17 4.07 -9.87 9.07
C VAL B 17 2.90 -10.26 8.18
N GLU B 18 1.97 -11.03 8.72
CA GLU B 18 0.84 -11.49 7.92
C GLU B 18 -0.16 -10.34 7.76
N ASP B 19 -0.33 -9.55 8.82
CA ASP B 19 -1.17 -8.39 8.76
C ASP B 19 -0.59 -7.38 7.79
N LEU B 20 0.71 -7.16 7.94
CA LEU B 20 1.44 -6.22 7.09
C LEU B 20 1.47 -6.69 5.64
N GLU B 21 1.66 -7.99 5.42
CA GLU B 21 1.68 -8.54 4.07
C GLU B 21 0.35 -8.34 3.38
N LYS B 22 -0.74 -8.43 4.14
CA LYS B 22 -2.07 -8.14 3.62
C LYS B 22 -2.10 -6.72 3.06
N GLU B 23 -1.57 -5.81 3.85
CA GLU B 23 -1.51 -4.40 3.48
C GLU B 23 -0.53 -4.21 2.31
N ARG B 24 0.65 -4.80 2.46
CA ARG B 24 1.74 -4.69 1.50
C ARG B 24 1.26 -5.10 0.11
N ASP B 25 0.52 -6.18 0.04
CA ASP B 25 0.05 -6.69 -1.25
C ASP B 25 -1.16 -5.93 -1.76
N PHE B 26 -2.17 -5.75 -0.91
CA PHE B 26 -3.44 -5.17 -1.34
C PHE B 26 -3.26 -3.76 -1.90
N TYR B 27 -2.61 -2.88 -1.13
CA TYR B 27 -2.45 -1.50 -1.55
C TYR B 27 -1.54 -1.41 -2.77
N PHE B 28 -0.43 -2.15 -2.73
CA PHE B 28 0.56 -2.10 -3.81
C PHE B 28 -0.02 -2.63 -5.11
N GLY B 29 -0.79 -3.71 -5.01
CA GLY B 29 -1.46 -4.25 -6.18
C GLY B 29 -2.38 -3.23 -6.81
N LYS B 30 -2.92 -2.37 -5.97
CA LYS B 30 -3.77 -1.30 -6.43
C LYS B 30 -2.96 -0.22 -7.16
N LEU B 31 -1.82 0.18 -6.56
CA LEU B 31 -0.93 1.17 -7.18
C LEU B 31 -0.56 0.73 -8.60
N ARG B 32 -0.48 -0.58 -8.80
CA ARG B 32 -0.18 -1.16 -10.11
C ARG B 32 -1.21 -0.73 -11.13
N ASN B 33 -2.48 -0.82 -10.76
CA ASN B 33 -3.58 -0.59 -11.69
C ASN B 33 -3.81 0.89 -11.95
N ILE B 34 -3.28 1.75 -11.09
CA ILE B 34 -3.47 3.18 -11.27
C ILE B 34 -2.43 3.76 -12.24
N GLU B 35 -1.25 3.17 -12.26
CA GLU B 35 -0.15 3.67 -13.08
C GLU B 35 -0.51 3.49 -14.55
N LEU B 36 -0.85 2.26 -14.93
CA LEU B 36 -1.16 1.98 -16.32
C LEU B 36 -2.47 2.65 -16.72
N ILE B 37 -3.29 3.04 -15.74
CA ILE B 37 -4.52 3.77 -16.02
C ILE B 37 -4.22 5.23 -16.32
N CYS B 38 -3.27 5.79 -15.59
CA CYS B 38 -2.80 7.13 -15.88
C CYS B 38 -2.11 7.12 -17.23
N GLN B 39 -1.44 6.02 -17.49
CA GLN B 39 -0.76 5.78 -18.75
C GLN B 39 -1.78 5.52 -19.87
N GLU B 40 -2.93 4.98 -19.50
CA GLU B 40 -4.00 4.71 -20.45
C GLU B 40 -4.69 5.98 -20.87
N ASN B 41 -4.61 6.98 -20.02
CA ASN B 41 -5.37 8.20 -20.23
C ASN B 41 -4.50 9.44 -20.07
N GLU B 42 -3.23 9.39 -20.47
CA GLU B 42 -2.39 10.58 -20.34
C GLU B 42 -2.97 11.70 -21.18
N GLY B 43 -3.01 11.46 -22.49
CA GLY B 43 -3.98 12.07 -23.42
C GLY B 43 -4.97 13.09 -22.83
N GLU B 44 -5.57 12.76 -21.70
CA GLU B 44 -6.64 13.54 -21.10
C GLU B 44 -6.28 13.95 -19.68
N ASN B 45 -4.98 14.18 -19.49
CA ASN B 45 -4.31 14.56 -18.24
C ASN B 45 -5.02 15.62 -17.37
N ASP B 46 -6.26 15.34 -17.00
CA ASP B 46 -7.06 16.19 -16.12
C ASP B 46 -6.40 16.39 -14.75
N PRO B 47 -6.80 17.45 -14.03
CA PRO B 47 -6.16 17.88 -12.77
C PRO B 47 -5.95 16.74 -11.76
N VAL B 48 -7.01 15.98 -11.48
CA VAL B 48 -6.91 14.86 -10.53
C VAL B 48 -5.78 13.93 -10.93
N LEU B 49 -5.67 13.67 -12.23
CA LEU B 49 -4.69 12.76 -12.73
C LEU B 49 -3.31 13.33 -12.51
N GLN B 50 -3.21 14.66 -12.54
CA GLN B 50 -1.95 15.34 -12.35
C GLN B 50 -1.49 15.24 -10.90
N ARG B 51 -2.45 15.21 -9.99
CA ARG B 51 -2.11 15.14 -8.58
C ARG B 51 -2.10 13.70 -8.07
N ILE B 52 -2.66 12.76 -8.83
CA ILE B 52 -2.54 11.36 -8.45
C ILE B 52 -1.32 10.73 -9.08
N VAL B 53 -0.90 11.21 -10.26
CA VAL B 53 0.40 10.81 -10.79
C VAL B 53 1.48 11.38 -9.91
N ASP B 54 1.15 12.51 -9.29
CA ASP B 54 1.99 13.08 -8.25
C ASP B 54 2.06 12.13 -7.08
N ILE B 55 0.91 11.57 -6.74
CA ILE B 55 0.79 10.53 -5.73
C ILE B 55 1.68 9.33 -6.07
N LEU B 56 1.41 8.72 -7.22
CA LEU B 56 2.12 7.52 -7.65
C LEU B 56 3.64 7.79 -7.74
N TYR B 57 4.00 9.00 -8.19
CA TYR B 57 5.40 9.35 -8.44
C TYR B 57 5.98 10.24 -7.33
N ALA B 58 5.36 10.22 -6.17
CA ALA B 58 5.72 11.12 -5.05
C ALA B 58 7.09 10.84 -4.43
N THR B 59 7.98 10.22 -5.19
CA THR B 59 9.30 9.88 -4.69
C THR B 59 10.10 11.11 -4.26
N ASP B 60 11.09 10.89 -3.41
CA ASP B 60 11.98 11.93 -2.92
C ASP B 60 13.37 11.36 -2.75
N GLU B 61 14.29 12.15 -2.20
CA GLU B 61 15.65 11.67 -1.98
C GLU B 61 15.65 10.59 -0.89
N GLY B 62 16.47 9.56 -1.09
CA GLY B 62 16.56 8.50 -0.12
C GLY B 62 15.58 7.37 -0.40
N PHE B 63 14.76 7.57 -1.42
CA PHE B 63 13.77 6.58 -1.80
C PHE B 63 14.14 6.01 -3.17
N VAL B 64 13.83 4.74 -3.38
CA VAL B 64 14.29 4.04 -4.57
C VAL B 64 13.27 4.11 -5.71
N ILE B 65 13.71 4.64 -6.84
CA ILE B 65 12.96 4.51 -8.07
C ILE B 65 13.64 3.53 -9.01
N PRO B 66 12.92 2.50 -9.44
CA PRO B 66 13.40 1.57 -10.44
C PRO B 66 13.51 2.20 -11.80
N ASP B 67 14.42 1.69 -12.61
CA ASP B 67 14.66 2.22 -13.94
C ASP B 67 15.04 3.69 -13.86
N GLU B 68 15.95 3.98 -12.95
CA GLU B 68 16.36 5.34 -12.68
C GLU B 68 17.54 5.71 -13.57
N GLY B 69 17.27 6.54 -14.56
CA GLY B 69 18.31 6.98 -15.46
C GLY B 69 18.30 8.49 -15.64
N GLY B 70 17.73 9.19 -14.67
CA GLY B 70 17.66 10.63 -14.75
C GLY B 70 16.23 11.10 -14.93
N LYS C 1 -12.27 13.79 3.90
CA LYS C 1 -12.01 12.40 3.47
C LYS C 1 -12.67 11.45 4.39
N PRO C 2 -13.59 10.70 3.81
CA PRO C 2 -14.44 9.79 4.52
C PRO C 2 -13.78 8.44 4.81
N SER C 3 -14.07 7.88 5.97
CA SER C 3 -13.49 6.60 6.36
C SER C 3 -14.33 5.45 5.83
N LYS C 4 -14.42 5.35 4.51
CA LYS C 4 -15.17 4.27 3.88
C LYS C 4 -14.26 3.36 3.06
N ILE C 5 -12.97 3.66 3.01
CA ILE C 5 -12.09 2.85 2.19
C ILE C 5 -11.81 1.54 2.89
N PRO C 6 -11.85 0.45 2.12
CA PRO C 6 -11.56 -0.88 2.62
C PRO C 6 -10.31 -0.98 3.46
N THR C 7 -10.47 -1.74 4.52
CA THR C 7 -9.51 -1.88 5.58
C THR C 7 -9.43 -3.29 6.01
N PRO C 8 -8.50 -3.58 6.88
CA PRO C 8 -8.70 -4.65 7.79
C PRO C 8 -9.27 -4.14 9.11
N GLN C 9 -9.46 -5.04 10.05
CA GLN C 9 -9.85 -4.66 11.39
C GLN C 9 -8.66 -4.78 12.30
N ARG C 10 -8.89 -4.95 13.58
CA ARG C 10 -7.79 -5.25 14.47
C ARG C 10 -8.23 -6.26 15.53
N LYS C 11 -7.54 -7.39 15.57
CA LYS C 11 -7.83 -8.44 16.54
C LYS C 11 -6.85 -8.38 17.70
N LYS D 1 2.79 -1.43 -18.61
CA LYS D 1 3.07 -0.76 -17.33
C LYS D 1 4.53 -0.82 -17.02
N PRO D 2 5.11 0.36 -16.96
CA PRO D 2 6.51 0.54 -16.80
C PRO D 2 6.98 0.43 -15.35
N SER D 3 8.16 -0.13 -15.15
CA SER D 3 8.69 -0.31 -13.81
C SER D 3 9.47 0.93 -13.37
N LYS D 4 8.76 2.06 -13.27
CA LYS D 4 9.37 3.30 -12.83
C LYS D 4 8.78 3.77 -11.53
N ILE D 5 7.82 3.05 -10.97
CA ILE D 5 7.21 3.52 -9.74
C ILE D 5 8.13 3.28 -8.58
N PRO D 6 8.23 4.26 -7.69
CA PRO D 6 9.05 4.17 -6.50
C PRO D 6 8.86 2.89 -5.70
N THR D 7 9.99 2.40 -5.26
CA THR D 7 10.14 1.11 -4.63
C THR D 7 11.07 1.22 -3.48
N PRO D 8 11.19 0.15 -2.74
CA PRO D 8 12.42 -0.10 -2.07
C PRO D 8 13.31 -1.02 -2.89
N GLN D 9 14.46 -1.35 -2.35
CA GLN D 9 15.32 -2.34 -2.98
C GLN D 9 15.22 -3.63 -2.21
N ARG D 10 16.23 -4.47 -2.30
CA ARG D 10 16.28 -5.64 -1.44
C ARG D 10 17.70 -5.89 -0.97
N LYS D 11 17.89 -5.90 0.35
CA LYS D 11 19.20 -6.16 0.94
C LYS D 11 19.28 -7.60 1.43
N ASP A 1 21.88 -22.32 18.51
CA ASP A 1 21.09 -22.54 19.74
C ASP A 1 19.62 -22.20 19.49
N GLU A 2 18.72 -22.85 20.21
CA GLU A 2 17.28 -22.68 19.97
C GLU A 2 16.86 -21.22 19.96
N ALA A 3 17.21 -20.50 20.99
CA ALA A 3 16.77 -19.12 21.08
C ALA A 3 17.57 -18.22 20.16
N ALA A 4 18.71 -18.70 19.71
CA ALA A 4 19.56 -17.91 18.84
C ALA A 4 18.92 -17.81 17.47
N GLU A 5 18.29 -18.90 17.06
CA GLU A 5 17.52 -18.89 15.84
C GLU A 5 16.25 -18.08 16.06
N LEU A 6 15.61 -18.30 17.20
CA LEU A 6 14.40 -17.59 17.57
C LEU A 6 14.59 -16.07 17.60
N MET A 7 15.73 -15.63 18.10
CA MET A 7 15.96 -14.19 18.23
C MET A 7 16.37 -13.64 16.89
N GLN A 8 16.98 -14.49 16.07
CA GLN A 8 17.26 -14.08 14.73
C GLN A 8 15.96 -13.99 13.98
N GLN A 9 15.01 -14.86 14.33
CA GLN A 9 13.71 -14.83 13.71
C GLN A 9 13.06 -13.48 13.93
N VAL A 10 13.02 -13.05 15.17
CA VAL A 10 12.39 -11.77 15.48
C VAL A 10 13.14 -10.67 14.76
N LYS A 11 14.41 -10.95 14.52
CA LYS A 11 15.30 -10.05 13.84
C LYS A 11 14.97 -9.99 12.35
N VAL A 12 14.67 -11.16 11.77
CA VAL A 12 14.29 -11.23 10.37
C VAL A 12 12.87 -10.73 10.20
N LEU A 13 12.05 -10.97 11.20
CA LEU A 13 10.69 -10.48 11.18
C LEU A 13 10.67 -9.01 11.48
N LYS A 14 11.58 -8.56 12.33
CA LYS A 14 11.71 -7.14 12.60
C LYS A 14 12.01 -6.44 11.30
N LEU A 15 12.96 -7.04 10.59
CA LEU A 15 13.36 -6.59 9.28
C LEU A 15 12.18 -6.65 8.32
N THR A 16 11.43 -7.73 8.34
CA THR A 16 10.32 -7.83 7.43
C THR A 16 9.19 -6.91 7.85
N VAL A 17 9.02 -6.77 9.14
CA VAL A 17 8.01 -5.89 9.71
C VAL A 17 8.33 -4.44 9.37
N GLU A 18 9.60 -4.09 9.41
CA GLU A 18 9.99 -2.72 9.13
C GLU A 18 9.93 -2.48 7.63
N ASP A 19 10.37 -3.47 6.87
CA ASP A 19 10.35 -3.38 5.41
C ASP A 19 8.91 -3.30 4.93
N LEU A 20 8.06 -4.05 5.62
CA LEU A 20 6.63 -4.04 5.33
C LEU A 20 5.98 -2.74 5.79
N GLU A 21 6.24 -2.33 7.03
CA GLU A 21 5.64 -1.12 7.59
C GLU A 21 5.97 0.10 6.75
N LYS A 22 7.21 0.17 6.28
CA LYS A 22 7.65 1.27 5.42
C LYS A 22 6.71 1.40 4.22
N GLU A 23 6.42 0.28 3.57
CA GLU A 23 5.56 0.28 2.40
C GLU A 23 4.09 0.36 2.79
N ARG A 24 3.74 -0.29 3.90
CA ARG A 24 2.37 -0.30 4.40
C ARG A 24 1.89 1.12 4.66
N ASP A 25 2.76 1.92 5.29
CA ASP A 25 2.44 3.31 5.56
C ASP A 25 2.55 4.16 4.30
N PHE A 26 3.64 3.97 3.55
CA PHE A 26 3.92 4.80 2.39
C PHE A 26 2.84 4.64 1.32
N TYR A 27 2.51 3.40 0.98
CA TYR A 27 1.50 3.13 -0.03
C TYR A 27 0.14 3.68 0.39
N PHE A 28 -0.12 3.62 1.70
CA PHE A 28 -1.41 4.04 2.21
C PHE A 28 -1.50 5.55 2.30
N GLY A 29 -0.39 6.19 2.61
CA GLY A 29 -0.33 7.63 2.58
C GLY A 29 -0.63 8.14 1.19
N LYS A 30 -0.24 7.35 0.20
CA LYS A 30 -0.54 7.66 -1.18
C LYS A 30 -2.01 7.41 -1.45
N LEU A 31 -2.50 6.27 -0.97
CA LEU A 31 -3.89 5.86 -1.17
C LEU A 31 -4.87 6.86 -0.53
N ARG A 32 -4.46 7.48 0.56
CA ARG A 32 -5.26 8.51 1.21
C ARG A 32 -5.41 9.75 0.33
N ASN A 33 -4.36 10.09 -0.39
CA ASN A 33 -4.34 11.31 -1.18
C ASN A 33 -5.18 11.13 -2.45
N ILE A 34 -5.42 9.90 -2.86
CA ILE A 34 -6.28 9.66 -4.02
C ILE A 34 -7.74 9.72 -3.60
N GLU A 35 -7.99 9.40 -2.34
CA GLU A 35 -9.34 9.36 -1.81
C GLU A 35 -9.99 10.72 -1.90
N LEU A 36 -9.33 11.71 -1.31
CA LEU A 36 -9.87 13.05 -1.27
C LEU A 36 -9.77 13.72 -2.65
N ILE A 37 -8.92 13.20 -3.54
CA ILE A 37 -8.84 13.74 -4.89
C ILE A 37 -10.02 13.27 -5.73
N CYS A 38 -10.42 12.02 -5.55
CA CYS A 38 -11.64 11.52 -6.15
C CYS A 38 -12.83 12.22 -5.50
N GLN A 39 -12.59 12.65 -4.27
CA GLN A 39 -13.56 13.38 -3.49
C GLN A 39 -13.56 14.85 -3.92
N GLU A 40 -12.52 15.23 -4.65
CA GLU A 40 -12.35 16.59 -5.12
C GLU A 40 -12.87 16.75 -6.54
N ASN A 41 -12.68 15.72 -7.35
CA ASN A 41 -12.97 15.81 -8.76
C ASN A 41 -13.87 14.69 -9.23
N GLU A 42 -14.75 14.19 -8.37
CA GLU A 42 -15.66 13.17 -8.83
C GLU A 42 -16.58 13.76 -9.87
N GLY A 43 -17.48 14.68 -9.49
CA GLY A 43 -17.99 15.81 -10.31
C GLY A 43 -18.01 15.67 -11.84
N GLU A 44 -16.91 15.20 -12.39
CA GLU A 44 -16.68 15.12 -13.81
C GLU A 44 -16.59 13.67 -14.24
N ASN A 45 -17.18 12.82 -13.41
CA ASN A 45 -16.97 11.37 -13.27
C ASN A 45 -16.37 10.64 -14.50
N ASP A 46 -15.23 11.13 -14.95
CA ASP A 46 -14.50 10.60 -16.10
C ASP A 46 -14.03 9.16 -15.89
N PRO A 47 -13.88 8.41 -17.00
CA PRO A 47 -13.58 6.98 -16.99
C PRO A 47 -12.46 6.56 -16.05
N VAL A 48 -11.28 7.18 -16.17
CA VAL A 48 -10.14 6.82 -15.31
C VAL A 48 -10.55 6.90 -13.85
N LEU A 49 -11.31 7.93 -13.51
CA LEU A 49 -11.68 8.15 -12.14
C LEU A 49 -12.67 7.10 -11.72
N GLN A 50 -13.44 6.59 -12.69
CA GLN A 50 -14.40 5.53 -12.43
C GLN A 50 -13.69 4.22 -12.14
N ARG A 51 -12.58 3.99 -12.83
CA ARG A 51 -11.83 2.75 -12.68
C ARG A 51 -10.82 2.84 -11.55
N ILE A 52 -10.45 4.06 -11.12
CA ILE A 52 -9.56 4.19 -9.99
C ILE A 52 -10.34 4.29 -8.68
N VAL A 53 -11.58 4.81 -8.73
CA VAL A 53 -12.45 4.70 -7.57
C VAL A 53 -12.83 3.26 -7.37
N ASP A 54 -12.87 2.53 -8.48
CA ASP A 54 -13.02 1.08 -8.44
C ASP A 54 -11.82 0.47 -7.75
N ILE A 55 -10.65 1.00 -8.09
CA ILE A 55 -9.41 0.67 -7.44
C ILE A 55 -9.50 0.89 -5.93
N LEU A 56 -9.80 2.12 -5.54
CA LEU A 56 -9.89 2.49 -4.14
C LEU A 56 -10.92 1.59 -3.42
N TYR A 57 -11.94 1.17 -4.15
CA TYR A 57 -13.04 0.36 -3.61
C TYR A 57 -12.88 -1.14 -3.93
N ALA A 58 -11.65 -1.54 -4.29
CA ALA A 58 -11.33 -2.93 -4.66
C ALA A 58 -11.61 -3.98 -3.57
N THR A 59 -12.44 -3.64 -2.60
CA THR A 59 -12.80 -4.53 -1.51
C THR A 59 -13.37 -5.86 -1.99
N ASP A 60 -13.21 -6.88 -1.16
CA ASP A 60 -13.77 -8.19 -1.42
C ASP A 60 -14.06 -8.88 -0.09
N GLU A 61 -14.59 -10.08 -0.13
CA GLU A 61 -14.96 -10.79 1.10
C GLU A 61 -13.73 -11.10 1.93
N GLY A 62 -13.84 -10.90 3.24
CA GLY A 62 -12.71 -11.12 4.12
C GLY A 62 -11.94 -9.83 4.37
N PHE A 63 -12.15 -8.85 3.51
CA PHE A 63 -11.52 -7.56 3.65
C PHE A 63 -12.49 -6.61 4.33
N VAL A 64 -12.01 -5.79 5.24
CA VAL A 64 -12.88 -4.93 6.03
C VAL A 64 -13.08 -3.58 5.37
N ILE A 65 -14.32 -3.16 5.28
CA ILE A 65 -14.61 -1.79 4.95
C ILE A 65 -15.14 -1.07 6.17
N PRO A 66 -14.51 0.05 6.51
CA PRO A 66 -14.97 0.92 7.57
C PRO A 66 -16.25 1.62 7.19
N ASP A 67 -17.13 1.75 8.15
CA ASP A 67 -18.42 2.38 7.93
C ASP A 67 -19.19 1.66 6.84
N GLU A 68 -19.20 0.34 6.96
CA GLU A 68 -19.87 -0.51 6.00
C GLU A 68 -21.34 -0.65 6.38
N GLY A 69 -22.19 0.12 5.73
CA GLY A 69 -23.60 0.07 6.03
C GLY A 69 -24.46 0.29 4.81
N GLY A 70 -24.50 1.52 4.32
CA GLY A 70 -25.32 1.84 3.19
C GLY A 70 -25.88 3.24 3.26
N ASP B 1 9.51 -18.38 29.90
CA ASP B 1 10.85 -18.86 29.51
C ASP B 1 11.40 -18.01 28.38
N GLU B 2 12.72 -17.88 28.30
CA GLU B 2 13.36 -17.01 27.31
C GLU B 2 12.88 -17.27 25.90
N ALA B 3 12.94 -18.52 25.48
CA ALA B 3 12.57 -18.82 24.11
C ALA B 3 11.07 -18.83 23.94
N ALA B 4 10.33 -18.90 25.04
CA ALA B 4 8.88 -18.92 24.97
C ALA B 4 8.38 -17.55 24.58
N GLU B 5 9.04 -16.53 25.10
CA GLU B 5 8.75 -15.17 24.67
C GLU B 5 9.25 -14.96 23.26
N LEU B 6 10.44 -15.46 22.99
CA LEU B 6 11.05 -15.35 21.67
C LEU B 6 10.19 -15.99 20.58
N MET B 7 9.60 -17.13 20.88
CA MET B 7 8.81 -17.83 19.87
C MET B 7 7.46 -17.19 19.76
N GLN B 8 7.01 -16.58 20.84
CA GLN B 8 5.80 -15.81 20.77
C GLN B 8 6.08 -14.57 19.96
N GLN B 9 7.30 -14.05 20.05
CA GLN B 9 7.68 -12.90 19.27
C GLN B 9 7.53 -13.20 17.80
N VAL B 10 8.13 -14.30 17.36
CA VAL B 10 8.05 -14.65 15.95
C VAL B 10 6.60 -14.85 15.57
N LYS B 11 5.82 -15.22 16.56
CA LYS B 11 4.40 -15.46 16.44
C LYS B 11 3.65 -14.14 16.28
N VAL B 12 4.05 -13.14 17.05
CA VAL B 12 3.46 -11.81 16.97
C VAL B 12 3.95 -11.10 15.71
N LEU B 13 5.19 -11.38 15.35
CA LEU B 13 5.75 -10.84 14.14
C LEU B 13 5.21 -11.56 12.94
N LYS B 14 4.97 -12.85 13.07
CA LYS B 14 4.33 -13.61 12.02
C LYS B 14 2.99 -12.98 11.73
N LEU B 15 2.28 -12.72 12.81
CA LEU B 15 0.99 -12.05 12.78
C LEU B 15 1.14 -10.66 12.16
N THR B 16 2.15 -9.92 12.56
CA THR B 16 2.33 -8.59 12.04
C THR B 16 2.80 -8.66 10.59
N VAL B 17 3.64 -9.62 10.29
CA VAL B 17 4.14 -9.84 8.96
C VAL B 17 3.01 -10.23 8.02
N GLU B 18 2.10 -11.05 8.50
CA GLU B 18 0.99 -11.49 7.67
C GLU B 18 -0.02 -10.37 7.52
N ASP B 19 -0.26 -9.66 8.62
CA ASP B 19 -1.19 -8.55 8.63
C ASP B 19 -0.66 -7.44 7.73
N LEU B 20 0.66 -7.28 7.75
CA LEU B 20 1.33 -6.32 6.90
C LEU B 20 1.36 -6.77 5.45
N GLU B 21 1.76 -8.02 5.21
CA GLU B 21 1.86 -8.56 3.86
C GLU B 21 0.52 -8.49 3.14
N LYS B 22 -0.55 -8.79 3.85
CA LYS B 22 -1.89 -8.71 3.29
C LYS B 22 -2.14 -7.34 2.69
N GLU B 23 -1.81 -6.30 3.44
CA GLU B 23 -2.00 -4.93 2.99
C GLU B 23 -0.92 -4.50 2.02
N ARG B 24 0.32 -4.97 2.27
CA ARG B 24 1.46 -4.63 1.42
C ARG B 24 1.18 -5.09 -0.01
N ASP B 25 0.65 -6.29 -0.17
CA ASP B 25 0.30 -6.81 -1.49
C ASP B 25 -0.97 -6.17 -2.01
N PHE B 26 -1.99 -6.08 -1.17
CA PHE B 26 -3.30 -5.60 -1.58
C PHE B 26 -3.22 -4.15 -2.05
N TYR B 27 -2.61 -3.28 -1.25
CA TYR B 27 -2.51 -1.88 -1.59
C TYR B 27 -1.69 -1.69 -2.85
N PHE B 28 -0.70 -2.55 -3.05
CA PHE B 28 0.18 -2.43 -4.19
C PHE B 28 -0.46 -2.97 -5.46
N GLY B 29 -1.26 -4.01 -5.30
CA GLY B 29 -2.05 -4.51 -6.42
C GLY B 29 -2.98 -3.44 -6.93
N LYS B 30 -3.42 -2.59 -6.00
CA LYS B 30 -4.27 -1.45 -6.34
C LYS B 30 -3.42 -0.40 -7.03
N LEU B 31 -2.26 -0.13 -6.44
CA LEU B 31 -1.32 0.89 -6.94
C LEU B 31 -0.85 0.56 -8.37
N ARG B 32 -0.74 -0.73 -8.68
CA ARG B 32 -0.36 -1.15 -10.02
C ARG B 32 -1.43 -0.81 -11.04
N ASN B 33 -2.69 -0.91 -10.62
CA ASN B 33 -3.80 -0.71 -11.54
C ASN B 33 -4.01 0.77 -11.84
N ILE B 34 -3.48 1.64 -10.98
CA ILE B 34 -3.56 3.07 -11.24
C ILE B 34 -2.45 3.49 -12.19
N GLU B 35 -1.36 2.74 -12.17
CA GLU B 35 -0.20 3.05 -12.98
C GLU B 35 -0.55 2.98 -14.45
N LEU B 36 -1.08 1.84 -14.87
CA LEU B 36 -1.39 1.65 -16.27
C LEU B 36 -2.65 2.43 -16.67
N ILE B 37 -3.45 2.87 -15.69
CA ILE B 37 -4.61 3.71 -15.98
C ILE B 37 -4.19 5.14 -16.27
N CYS B 38 -3.20 5.63 -15.53
CA CYS B 38 -2.59 6.91 -15.84
C CYS B 38 -1.82 6.77 -17.15
N GLN B 39 -1.41 5.55 -17.41
CA GLN B 39 -0.72 5.19 -18.64
C GLN B 39 -1.72 5.03 -19.78
N GLU B 40 -3.00 4.93 -19.41
CA GLU B 40 -4.07 4.75 -20.37
C GLU B 40 -4.71 6.08 -20.71
N ASN B 41 -4.82 6.96 -19.73
CA ASN B 41 -5.57 8.19 -19.90
C ASN B 41 -4.75 9.41 -19.52
N GLU B 42 -3.44 9.36 -19.70
CA GLU B 42 -2.64 10.54 -19.43
C GLU B 42 -3.04 11.65 -20.40
N GLY B 43 -2.74 11.45 -21.69
CA GLY B 43 -3.48 12.03 -22.85
C GLY B 43 -4.34 13.28 -22.63
N GLU B 44 -5.15 13.26 -21.60
CA GLU B 44 -6.11 14.31 -21.32
C GLU B 44 -5.70 15.10 -20.08
N ASN B 45 -4.39 15.02 -19.81
CA ASN B 45 -3.72 15.32 -18.53
C ASN B 45 -4.48 16.23 -17.55
N ASP B 46 -5.67 15.77 -17.18
CA ASP B 46 -6.56 16.50 -16.26
C ASP B 46 -5.99 16.59 -14.85
N PRO B 47 -6.40 17.62 -14.10
CA PRO B 47 -5.85 17.96 -12.77
C PRO B 47 -5.73 16.77 -11.82
N VAL B 48 -6.83 16.04 -11.60
CA VAL B 48 -6.80 14.89 -10.68
C VAL B 48 -5.69 13.94 -11.07
N LEU B 49 -5.55 13.72 -12.36
CA LEU B 49 -4.58 12.76 -12.85
C LEU B 49 -3.19 13.31 -12.63
N GLN B 50 -3.07 14.63 -12.64
CA GLN B 50 -1.79 15.29 -12.39
C GLN B 50 -1.38 15.15 -10.93
N ARG B 51 -2.36 15.17 -10.05
CA ARG B 51 -2.10 15.09 -8.62
C ARG B 51 -2.06 13.65 -8.13
N ILE B 52 -2.63 12.72 -8.90
CA ILE B 52 -2.53 11.31 -8.54
C ILE B 52 -1.30 10.67 -9.16
N VAL B 53 -0.85 11.17 -10.32
CA VAL B 53 0.45 10.75 -10.83
C VAL B 53 1.53 11.29 -9.93
N ASP B 54 1.24 12.43 -9.30
CA ASP B 54 2.07 12.97 -8.25
C ASP B 54 2.09 12.01 -7.08
N ILE B 55 0.90 11.48 -6.78
CA ILE B 55 0.73 10.44 -5.79
C ILE B 55 1.60 9.23 -6.10
N LEU B 56 1.41 8.67 -7.30
CA LEU B 56 2.15 7.50 -7.72
C LEU B 56 3.67 7.76 -7.67
N TYR B 57 4.05 9.02 -7.91
CA TYR B 57 5.45 9.43 -7.96
C TYR B 57 5.87 10.13 -6.66
N ALA B 58 5.15 9.87 -5.57
CA ALA B 58 5.41 10.49 -4.25
C ALA B 58 6.79 10.13 -3.65
N THR B 59 7.72 9.71 -4.49
CA THR B 59 9.05 9.32 -4.05
C THR B 59 9.77 10.45 -3.31
N ASP B 60 10.69 10.06 -2.44
CA ASP B 60 11.54 11.01 -1.74
C ASP B 60 12.88 10.34 -1.44
N GLU B 61 13.79 11.07 -0.80
CA GLU B 61 15.13 10.54 -0.53
C GLU B 61 15.05 9.34 0.42
N GLY B 62 15.83 8.31 0.12
CA GLY B 62 15.80 7.11 0.91
C GLY B 62 14.85 6.07 0.34
N PHE B 63 13.95 6.53 -0.51
CA PHE B 63 13.00 5.66 -1.17
C PHE B 63 13.52 5.31 -2.56
N VAL B 64 13.40 4.05 -2.95
CA VAL B 64 13.97 3.60 -4.21
C VAL B 64 13.01 3.75 -5.36
N ILE B 65 13.49 4.35 -6.45
CA ILE B 65 12.77 4.29 -7.70
C ILE B 65 13.48 3.35 -8.66
N PRO B 66 12.74 2.38 -9.18
CA PRO B 66 13.24 1.49 -10.22
C PRO B 66 13.43 2.22 -11.53
N ASP B 67 14.50 1.88 -12.22
CA ASP B 67 14.83 2.51 -13.49
C ASP B 67 14.98 4.02 -13.31
N GLU B 68 15.71 4.38 -12.28
CA GLU B 68 15.95 5.77 -11.96
C GLU B 68 17.15 6.29 -12.74
N GLY B 69 16.86 6.98 -13.83
CA GLY B 69 17.92 7.50 -14.67
C GLY B 69 17.57 8.83 -15.29
N GLY B 70 16.68 8.81 -16.27
CA GLY B 70 16.30 10.02 -16.95
C GLY B 70 15.98 9.76 -18.40
N LYS C 1 -12.95 14.97 4.58
CA LYS C 1 -12.34 13.72 4.07
C LYS C 1 -12.82 12.54 4.83
N PRO C 2 -13.29 11.54 4.08
CA PRO C 2 -14.00 10.43 4.62
C PRO C 2 -13.11 9.22 4.98
N SER C 3 -13.75 8.10 5.27
CA SER C 3 -13.04 6.84 5.54
C SER C 3 -13.96 5.65 5.29
N LYS C 4 -14.21 5.36 4.02
CA LYS C 4 -14.97 4.17 3.63
C LYS C 4 -14.06 3.17 2.95
N ILE C 5 -12.85 3.59 2.59
CA ILE C 5 -11.96 2.69 1.86
C ILE C 5 -11.57 1.55 2.77
N PRO C 6 -11.52 0.35 2.22
CA PRO C 6 -11.26 -0.87 2.98
C PRO C 6 -9.96 -0.83 3.79
N THR C 7 -10.02 -1.57 4.89
CA THR C 7 -9.06 -1.51 5.98
C THR C 7 -8.79 -2.85 6.56
N PRO C 8 -7.74 -2.97 7.38
CA PRO C 8 -7.49 -4.18 8.06
C PRO C 8 -7.89 -4.10 9.51
N GLN C 9 -8.86 -3.24 9.77
CA GLN C 9 -9.45 -3.06 11.08
C GLN C 9 -8.49 -2.33 12.02
N ARG C 10 -8.98 -2.09 13.23
CA ARG C 10 -8.21 -1.45 14.29
C ARG C 10 -8.10 0.05 14.07
N LYS C 11 -7.75 0.76 15.14
CA LYS C 11 -7.60 2.20 15.08
C LYS C 11 -6.17 2.58 15.41
N LYS D 1 3.12 -1.98 -19.99
CA LYS D 1 3.06 -1.47 -18.60
C LYS D 1 4.41 -1.42 -17.99
N PRO D 2 4.73 -0.25 -17.44
CA PRO D 2 6.06 0.07 -17.01
C PRO D 2 6.35 -0.26 -15.54
N SER D 3 7.48 0.23 -15.05
CA SER D 3 7.85 0.07 -13.65
C SER D 3 8.85 1.15 -13.23
N LYS D 4 8.36 2.37 -13.09
CA LYS D 4 9.17 3.48 -12.58
C LYS D 4 8.71 3.88 -11.19
N ILE D 5 7.55 3.39 -10.77
CA ILE D 5 7.00 3.80 -9.48
C ILE D 5 7.90 3.27 -8.39
N PRO D 6 8.15 4.09 -7.38
CA PRO D 6 9.07 3.76 -6.29
C PRO D 6 8.78 2.44 -5.58
N THR D 7 9.86 1.86 -5.09
CA THR D 7 9.93 0.48 -4.62
C THR D 7 10.80 0.35 -3.43
N PRO D 8 10.73 -0.80 -2.75
CA PRO D 8 11.61 -1.05 -1.67
C PRO D 8 12.71 -2.00 -2.06
N GLN D 9 13.02 -1.99 -3.35
CA GLN D 9 14.09 -2.78 -3.92
C GLN D 9 13.74 -4.25 -3.98
N ARG D 10 14.66 -5.03 -4.53
CA ARG D 10 14.53 -6.49 -4.63
C ARG D 10 13.57 -6.89 -5.75
N LYS D 11 13.67 -8.13 -6.16
CA LYS D 11 12.81 -8.65 -7.21
C LYS D 11 11.96 -9.80 -6.67
N ASP A 1 21.37 -23.04 18.66
CA ASP A 1 20.56 -23.08 19.90
C ASP A 1 19.12 -22.67 19.62
N GLU A 2 18.19 -23.19 20.40
CA GLU A 2 16.77 -22.95 20.17
C GLU A 2 16.44 -21.47 20.07
N ALA A 3 16.85 -20.70 21.06
CA ALA A 3 16.50 -19.29 21.08
C ALA A 3 17.30 -18.51 20.05
N ALA A 4 18.38 -19.09 19.58
CA ALA A 4 19.23 -18.43 18.60
C ALA A 4 18.49 -18.33 17.28
N GLU A 5 17.77 -19.40 16.97
CA GLU A 5 16.94 -19.41 15.79
C GLU A 5 15.74 -18.50 16.00
N LEU A 6 15.15 -18.59 17.18
CA LEU A 6 13.98 -17.78 17.52
C LEU A 6 14.28 -16.28 17.48
N MET A 7 15.47 -15.90 17.93
CA MET A 7 15.82 -14.49 17.94
C MET A 7 16.24 -14.06 16.56
N GLN A 8 16.76 -15.00 15.79
CA GLN A 8 17.09 -14.72 14.41
C GLN A 8 15.80 -14.57 13.64
N GLN A 9 14.79 -15.30 14.07
CA GLN A 9 13.46 -15.15 13.49
C GLN A 9 12.99 -13.73 13.67
N VAL A 10 13.05 -13.23 14.89
CA VAL A 10 12.59 -11.88 15.14
C VAL A 10 13.44 -10.90 14.36
N LYS A 11 14.68 -11.29 14.07
CA LYS A 11 15.53 -10.51 13.18
C LYS A 11 14.92 -10.41 11.79
N VAL A 12 14.64 -11.58 11.21
CA VAL A 12 14.06 -11.66 9.89
C VAL A 12 12.70 -11.01 9.85
N LEU A 13 11.94 -11.18 10.93
CA LEU A 13 10.65 -10.54 11.03
C LEU A 13 10.79 -9.09 11.29
N LYS A 14 11.83 -8.71 12.00
CA LYS A 14 12.05 -7.30 12.27
C LYS A 14 12.32 -6.60 10.96
N LEU A 15 13.16 -7.25 10.18
CA LEU A 15 13.48 -6.81 8.83
C LEU A 15 12.23 -6.83 7.96
N THR A 16 11.43 -7.88 8.07
CA THR A 16 10.25 -7.96 7.24
C THR A 16 9.21 -6.96 7.71
N VAL A 17 9.11 -6.80 9.02
CA VAL A 17 8.19 -5.85 9.61
C VAL A 17 8.59 -4.43 9.25
N GLU A 18 9.88 -4.15 9.24
CA GLU A 18 10.34 -2.80 8.95
C GLU A 18 10.20 -2.53 7.46
N ASP A 19 10.46 -3.55 6.66
CA ASP A 19 10.31 -3.45 5.22
C ASP A 19 8.84 -3.29 4.89
N LEU A 20 8.02 -4.07 5.56
CA LEU A 20 6.58 -4.06 5.35
C LEU A 20 5.93 -2.81 5.92
N GLU A 21 6.43 -2.32 7.06
CA GLU A 21 5.91 -1.09 7.65
C GLU A 21 6.08 0.08 6.68
N LYS A 22 7.21 0.09 5.99
CA LYS A 22 7.47 1.10 4.97
C LYS A 22 6.39 1.02 3.88
N GLU A 23 6.18 -0.19 3.38
CA GLU A 23 5.15 -0.45 2.39
C GLU A 23 3.78 -0.03 2.90
N ARG A 24 3.45 -0.51 4.10
CA ARG A 24 2.16 -0.24 4.72
C ARG A 24 1.92 1.27 4.81
N ASP A 25 2.87 1.98 5.41
CA ASP A 25 2.71 3.41 5.65
C ASP A 25 2.76 4.21 4.35
N PHE A 26 3.78 3.97 3.53
CA PHE A 26 3.99 4.75 2.32
C PHE A 26 2.88 4.53 1.30
N TYR A 27 2.52 3.27 1.05
CA TYR A 27 1.51 2.96 0.06
C TYR A 27 0.15 3.47 0.50
N PHE A 28 -0.11 3.42 1.80
CA PHE A 28 -1.38 3.86 2.34
C PHE A 28 -1.44 5.39 2.39
N GLY A 29 -0.30 6.01 2.62
CA GLY A 29 -0.22 7.45 2.58
C GLY A 29 -0.54 7.98 1.20
N LYS A 30 -0.14 7.21 0.20
CA LYS A 30 -0.44 7.54 -1.18
C LYS A 30 -1.92 7.28 -1.46
N LEU A 31 -2.39 6.14 -0.97
CA LEU A 31 -3.78 5.72 -1.13
C LEU A 31 -4.74 6.72 -0.48
N ARG A 32 -4.27 7.40 0.56
CA ARG A 32 -5.06 8.41 1.26
C ARG A 32 -5.37 9.59 0.34
N ASN A 33 -4.35 10.05 -0.37
CA ASN A 33 -4.45 11.27 -1.15
C ASN A 33 -5.29 11.07 -2.42
N ILE A 34 -5.50 9.83 -2.82
CA ILE A 34 -6.30 9.57 -4.01
C ILE A 34 -7.79 9.69 -3.71
N GLU A 35 -8.20 9.20 -2.55
CA GLU A 35 -9.62 9.20 -2.17
C GLU A 35 -10.18 10.62 -2.21
N LEU A 36 -9.56 11.53 -1.47
CA LEU A 36 -10.09 12.88 -1.41
C LEU A 36 -9.93 13.60 -2.75
N ILE A 37 -9.03 13.09 -3.61
CA ILE A 37 -8.86 13.65 -4.94
C ILE A 37 -9.96 13.18 -5.89
N CYS A 38 -10.39 11.94 -5.72
CA CYS A 38 -11.47 11.41 -6.52
C CYS A 38 -12.76 12.14 -6.17
N GLN A 39 -12.91 12.49 -4.91
CA GLN A 39 -14.07 13.25 -4.47
C GLN A 39 -13.87 14.74 -4.74
N GLU A 40 -12.62 15.14 -5.00
CA GLU A 40 -12.29 16.51 -5.37
C GLU A 40 -12.82 16.78 -6.76
N ASN A 41 -12.80 15.75 -7.58
CA ASN A 41 -13.13 15.90 -8.98
C ASN A 41 -14.13 14.84 -9.43
N GLU A 42 -14.98 14.36 -8.53
CA GLU A 42 -15.90 13.31 -8.91
C GLU A 42 -16.90 13.85 -9.91
N GLY A 43 -17.73 14.82 -9.55
CA GLY A 43 -18.29 15.85 -10.46
C GLY A 43 -18.26 15.58 -11.97
N GLU A 44 -17.11 15.13 -12.46
CA GLU A 44 -16.83 14.99 -13.88
C GLU A 44 -16.47 13.55 -14.21
N ASN A 45 -17.01 12.66 -13.37
CA ASN A 45 -16.68 11.23 -13.20
C ASN A 45 -16.05 10.50 -14.40
N ASP A 46 -14.93 11.04 -14.88
CA ASP A 46 -14.16 10.50 -16.00
C ASP A 46 -13.84 9.01 -15.83
N PRO A 47 -13.74 8.25 -16.93
CA PRO A 47 -13.46 6.81 -16.92
C PRO A 47 -12.34 6.41 -15.97
N VAL A 48 -11.18 7.08 -16.09
CA VAL A 48 -10.03 6.77 -15.23
C VAL A 48 -10.44 6.79 -13.77
N LEU A 49 -11.21 7.78 -13.40
CA LEU A 49 -11.59 7.95 -12.01
C LEU A 49 -12.59 6.89 -11.63
N GLN A 50 -13.32 6.41 -12.62
CA GLN A 50 -14.31 5.34 -12.40
C GLN A 50 -13.60 4.03 -12.10
N ARG A 51 -12.47 3.83 -12.75
CA ARG A 51 -11.71 2.61 -12.60
C ARG A 51 -10.68 2.72 -11.47
N ILE A 52 -10.36 3.94 -11.03
CA ILE A 52 -9.49 4.06 -9.87
C ILE A 52 -10.30 4.14 -8.58
N VAL A 53 -11.56 4.60 -8.66
CA VAL A 53 -12.45 4.46 -7.51
C VAL A 53 -12.79 3.00 -7.34
N ASP A 54 -12.80 2.29 -8.45
CA ASP A 54 -12.90 0.84 -8.44
C ASP A 54 -11.67 0.26 -7.77
N ILE A 55 -10.53 0.89 -8.05
CA ILE A 55 -9.27 0.60 -7.41
C ILE A 55 -9.37 0.82 -5.89
N LEU A 56 -9.73 2.04 -5.49
CA LEU A 56 -9.81 2.37 -4.08
C LEU A 56 -10.81 1.46 -3.37
N TYR A 57 -11.88 1.10 -4.08
CA TYR A 57 -12.97 0.28 -3.55
C TYR A 57 -12.84 -1.19 -3.98
N ALA A 58 -11.64 -1.58 -4.40
CA ALA A 58 -11.36 -2.91 -4.97
C ALA A 58 -11.66 -4.10 -4.03
N THR A 59 -12.41 -3.87 -2.98
CA THR A 59 -12.79 -4.94 -2.08
C THR A 59 -14.14 -5.54 -2.46
N ASP A 60 -14.33 -6.80 -2.11
CA ASP A 60 -15.54 -7.54 -2.42
C ASP A 60 -15.77 -8.57 -1.30
N GLU A 61 -16.75 -9.45 -1.47
CA GLU A 61 -17.06 -10.45 -0.45
C GLU A 61 -15.82 -11.24 -0.06
N GLY A 62 -15.64 -11.45 1.24
CA GLY A 62 -14.48 -12.16 1.73
C GLY A 62 -13.34 -11.23 2.11
N PHE A 63 -13.63 -9.93 2.11
CA PHE A 63 -12.65 -8.93 2.49
C PHE A 63 -13.28 -7.95 3.48
N VAL A 64 -12.59 -6.85 3.76
CA VAL A 64 -13.05 -5.94 4.80
C VAL A 64 -13.11 -4.48 4.32
N ILE A 65 -14.30 -3.92 4.34
CA ILE A 65 -14.50 -2.49 4.16
C ILE A 65 -14.96 -1.85 5.46
N PRO A 66 -14.26 -0.80 5.90
CA PRO A 66 -14.64 -0.02 7.07
C PRO A 66 -15.86 0.84 6.81
N ASP A 67 -16.57 1.14 7.89
CA ASP A 67 -17.80 1.91 7.81
C ASP A 67 -18.80 1.24 6.89
N GLU A 68 -19.00 -0.04 7.15
CA GLU A 68 -19.88 -0.85 6.33
C GLU A 68 -21.34 -0.50 6.60
N GLY A 69 -21.91 0.29 5.72
CA GLY A 69 -23.29 0.71 5.87
C GLY A 69 -23.51 2.08 5.30
N GLY A 70 -22.48 2.91 5.32
CA GLY A 70 -22.57 4.24 4.76
C GLY A 70 -22.10 5.30 5.74
N ASP B 1 10.28 -17.92 30.16
CA ASP B 1 11.56 -18.46 29.64
C ASP B 1 12.04 -17.63 28.46
N GLU B 2 13.35 -17.60 28.25
CA GLU B 2 13.95 -16.76 27.21
C GLU B 2 13.32 -17.02 25.84
N ALA B 3 13.28 -18.27 25.42
CA ALA B 3 12.79 -18.58 24.10
C ALA B 3 11.28 -18.43 24.03
N ALA B 4 10.63 -18.44 25.18
CA ALA B 4 9.18 -18.32 25.21
C ALA B 4 8.78 -16.94 24.77
N GLU B 5 9.56 -15.95 25.20
CA GLU B 5 9.34 -14.59 24.76
C GLU B 5 9.73 -14.46 23.31
N LEU B 6 10.86 -15.05 22.94
CA LEU B 6 11.35 -14.99 21.57
C LEU B 6 10.39 -15.62 20.58
N MET B 7 9.76 -16.71 20.96
CA MET B 7 8.83 -17.39 20.06
C MET B 7 7.51 -16.66 20.06
N GLN B 8 7.21 -16.00 21.17
CA GLN B 8 6.02 -15.18 21.23
C GLN B 8 6.24 -13.96 20.37
N GLN B 9 7.50 -13.52 20.29
CA GLN B 9 7.86 -12.43 19.41
C GLN B 9 7.53 -12.81 17.99
N VAL B 10 7.99 -13.98 17.56
CA VAL B 10 7.74 -14.40 16.20
C VAL B 10 6.24 -14.55 15.99
N LYS B 11 5.51 -14.82 17.06
CA LYS B 11 4.05 -14.84 17.01
C LYS B 11 3.52 -13.45 16.65
N VAL B 12 3.94 -12.46 17.43
CA VAL B 12 3.51 -11.09 17.23
C VAL B 12 3.98 -10.58 15.88
N LEU B 13 5.18 -10.97 15.49
CA LEU B 13 5.71 -10.60 14.19
C LEU B 13 5.02 -11.37 13.11
N LYS B 14 4.65 -12.60 13.40
CA LYS B 14 3.96 -13.41 12.41
C LYS B 14 2.64 -12.73 12.10
N LEU B 15 1.98 -12.34 13.17
CA LEU B 15 0.75 -11.60 13.11
C LEU B 15 0.97 -10.26 12.41
N THR B 16 2.05 -9.57 12.74
CA THR B 16 2.30 -8.28 12.13
C THR B 16 2.71 -8.47 10.68
N VAL B 17 3.48 -9.50 10.42
CA VAL B 17 3.92 -9.81 9.07
C VAL B 17 2.74 -10.20 8.21
N GLU B 18 1.81 -10.97 8.77
CA GLU B 18 0.66 -11.42 8.00
C GLU B 18 -0.30 -10.27 7.78
N ASP B 19 -0.44 -9.44 8.80
CA ASP B 19 -1.28 -8.26 8.71
C ASP B 19 -0.67 -7.29 7.71
N LEU B 20 0.63 -7.12 7.80
CA LEU B 20 1.36 -6.22 6.92
C LEU B 20 1.48 -6.77 5.50
N GLU B 21 1.63 -8.08 5.35
CA GLU B 21 1.67 -8.70 4.02
C GLU B 21 0.38 -8.43 3.26
N LYS B 22 -0.73 -8.46 3.98
CA LYS B 22 -2.03 -8.12 3.39
C LYS B 22 -2.00 -6.70 2.88
N GLU B 23 -1.56 -5.78 3.73
CA GLU B 23 -1.43 -4.38 3.37
C GLU B 23 -0.50 -4.22 2.18
N ARG B 24 0.68 -4.83 2.28
CA ARG B 24 1.70 -4.75 1.24
C ARG B 24 1.13 -5.20 -0.10
N ASP B 25 0.57 -6.40 -0.12
CA ASP B 25 0.08 -6.99 -1.35
C ASP B 25 -1.16 -6.26 -1.89
N PHE B 26 -2.14 -6.06 -1.02
CA PHE B 26 -3.42 -5.49 -1.45
C PHE B 26 -3.25 -4.04 -1.90
N TYR B 27 -2.57 -3.24 -1.10
CA TYR B 27 -2.39 -1.82 -1.41
C TYR B 27 -1.56 -1.64 -2.66
N PHE B 28 -0.59 -2.52 -2.85
CA PHE B 28 0.28 -2.43 -4.02
C PHE B 28 -0.43 -2.96 -5.26
N GLY B 29 -1.29 -3.94 -5.07
CA GLY B 29 -2.09 -4.44 -6.17
C GLY B 29 -3.02 -3.37 -6.69
N LYS B 30 -3.48 -2.52 -5.78
CA LYS B 30 -4.31 -1.39 -6.14
C LYS B 30 -3.46 -0.33 -6.83
N LEU B 31 -2.30 -0.08 -6.23
CA LEU B 31 -1.34 0.91 -6.75
C LEU B 31 -0.87 0.55 -8.16
N ARG B 32 -0.87 -0.74 -8.47
CA ARG B 32 -0.47 -1.22 -9.79
C ARG B 32 -1.45 -0.74 -10.85
N ASN B 33 -2.73 -0.86 -10.55
CA ASN B 33 -3.78 -0.61 -11.53
C ASN B 33 -3.95 0.88 -11.81
N ILE B 34 -3.42 1.73 -10.94
CA ILE B 34 -3.55 3.17 -11.16
C ILE B 34 -2.53 3.67 -12.17
N GLU B 35 -1.31 3.13 -12.10
CA GLU B 35 -0.23 3.56 -12.98
C GLU B 35 -0.63 3.39 -14.45
N LEU B 36 -1.02 2.19 -14.84
CA LEU B 36 -1.35 1.96 -16.23
C LEU B 36 -2.64 2.68 -16.62
N ILE B 37 -3.44 3.07 -15.62
CA ILE B 37 -4.65 3.84 -15.88
C ILE B 37 -4.33 5.31 -16.12
N CYS B 38 -3.34 5.83 -15.42
CA CYS B 38 -2.91 7.19 -15.61
C CYS B 38 -2.28 7.34 -16.98
N GLN B 39 -1.61 6.30 -17.43
CA GLN B 39 -1.02 6.30 -18.76
C GLN B 39 -2.06 5.89 -19.80
N GLU B 40 -3.17 5.33 -19.34
CA GLU B 40 -4.31 4.99 -20.21
C GLU B 40 -4.98 6.26 -20.67
N ASN B 41 -4.98 7.24 -19.79
CA ASN B 41 -5.71 8.48 -20.03
C ASN B 41 -4.84 9.70 -19.76
N GLU B 42 -3.52 9.59 -19.96
CA GLU B 42 -2.66 10.72 -19.67
C GLU B 42 -2.91 11.86 -20.65
N GLY B 43 -2.78 11.59 -21.94
CA GLY B 43 -3.46 12.32 -23.04
C GLY B 43 -4.27 13.57 -22.70
N GLU B 44 -5.07 13.50 -21.64
CA GLU B 44 -6.01 14.55 -21.29
C GLU B 44 -5.69 15.10 -19.90
N ASN B 45 -4.40 15.02 -19.57
CA ASN B 45 -3.78 15.19 -18.25
C ASN B 45 -4.54 16.09 -17.26
N ASP B 46 -5.75 15.66 -16.91
CA ASP B 46 -6.63 16.35 -15.97
C ASP B 46 -5.97 16.54 -14.60
N PRO B 47 -6.32 17.63 -13.88
CA PRO B 47 -5.75 17.96 -12.57
C PRO B 47 -5.64 16.77 -11.63
N VAL B 48 -6.75 16.04 -11.44
CA VAL B 48 -6.76 14.88 -10.55
C VAL B 48 -5.62 13.94 -10.89
N LEU B 49 -5.43 13.69 -12.18
CA LEU B 49 -4.44 12.74 -12.62
C LEU B 49 -3.06 13.32 -12.42
N GLN B 50 -2.98 14.64 -12.42
CA GLN B 50 -1.71 15.33 -12.19
C GLN B 50 -1.29 15.18 -10.73
N ARG B 51 -2.28 15.17 -9.86
CA ARG B 51 -2.01 15.08 -8.43
C ARG B 51 -1.99 13.63 -7.97
N ILE B 52 -2.54 12.70 -8.76
CA ILE B 52 -2.42 11.29 -8.40
C ILE B 52 -1.17 10.68 -9.02
N VAL B 53 -0.69 11.22 -10.15
CA VAL B 53 0.62 10.82 -10.65
C VAL B 53 1.68 11.35 -9.71
N ASP B 54 1.36 12.49 -9.09
CA ASP B 54 2.16 13.02 -8.01
C ASP B 54 2.12 12.05 -6.83
N ILE B 55 0.95 11.48 -6.63
CA ILE B 55 0.73 10.41 -5.67
C ILE B 55 1.61 9.20 -5.98
N LEU B 56 1.46 8.65 -7.18
CA LEU B 56 2.20 7.47 -7.59
C LEU B 56 3.70 7.74 -7.52
N TYR B 57 4.09 8.97 -7.85
CA TYR B 57 5.50 9.38 -7.88
C TYR B 57 5.88 10.18 -6.63
N ALA B 58 5.12 9.99 -5.55
CA ALA B 58 5.27 10.75 -4.30
C ALA B 58 6.63 10.57 -3.59
N THR B 59 7.62 10.06 -4.30
CA THR B 59 8.95 9.91 -3.73
C THR B 59 9.83 11.10 -4.06
N ASP B 60 10.80 11.35 -3.20
CA ASP B 60 11.72 12.46 -3.33
C ASP B 60 13.07 12.05 -2.73
N GLU B 61 14.00 12.99 -2.60
CA GLU B 61 15.33 12.69 -2.07
C GLU B 61 15.22 12.00 -0.71
N GLY B 62 16.02 10.95 -0.52
CA GLY B 62 15.97 10.22 0.73
C GLY B 62 15.05 9.01 0.65
N PHE B 63 14.57 8.72 -0.54
CA PHE B 63 13.69 7.58 -0.76
C PHE B 63 14.18 6.79 -1.97
N VAL B 64 13.38 5.85 -2.44
CA VAL B 64 13.83 4.96 -3.50
C VAL B 64 12.82 4.88 -4.66
N ILE B 65 13.28 5.29 -5.84
CA ILE B 65 12.55 5.05 -7.08
C ILE B 65 13.31 4.04 -7.94
N PRO B 66 12.61 2.98 -8.36
CA PRO B 66 13.16 1.99 -9.28
C PRO B 66 13.31 2.52 -10.70
N ASP B 67 14.24 1.94 -11.43
CA ASP B 67 14.55 2.37 -12.80
C ASP B 67 14.93 3.84 -12.81
N GLU B 68 15.85 4.18 -11.93
CA GLU B 68 16.29 5.55 -11.77
C GLU B 68 17.17 5.98 -12.95
N GLY B 69 16.56 6.70 -13.88
CA GLY B 69 17.27 7.14 -15.06
C GLY B 69 16.36 7.25 -16.26
N GLY B 70 15.33 6.42 -16.28
CA GLY B 70 14.37 6.45 -17.35
C GLY B 70 14.15 5.09 -17.96
N LYS C 1 -11.14 12.26 6.75
CA LYS C 1 -11.17 11.74 5.37
C LYS C 1 -11.75 10.36 5.35
N PRO C 2 -12.85 10.28 4.60
CA PRO C 2 -13.71 9.13 4.47
C PRO C 2 -13.04 7.77 4.71
N SER C 3 -13.39 7.14 5.82
CA SER C 3 -12.80 5.87 6.21
C SER C 3 -13.62 4.70 5.68
N LYS C 4 -13.94 4.74 4.40
CA LYS C 4 -14.68 3.66 3.76
C LYS C 4 -13.78 2.83 2.88
N ILE C 5 -12.55 3.24 2.68
CA ILE C 5 -11.69 2.51 1.77
C ILE C 5 -11.32 1.18 2.38
N PRO C 6 -11.56 0.13 1.62
CA PRO C 6 -11.31 -1.23 2.04
C PRO C 6 -9.98 -1.42 2.72
N THR C 7 -10.02 -2.30 3.70
CA THR C 7 -8.95 -2.46 4.66
C THR C 7 -8.69 -3.91 4.94
N PRO C 8 -7.83 -4.28 5.90
CA PRO C 8 -7.97 -5.57 6.49
C PRO C 8 -8.45 -5.51 7.94
N GLN C 9 -9.04 -6.61 8.35
CA GLN C 9 -9.48 -6.84 9.73
C GLN C 9 -10.33 -8.10 9.79
N ARG C 10 -10.42 -8.72 10.95
CA ARG C 10 -11.13 -9.98 11.06
C ARG C 10 -12.12 -9.95 12.22
N LYS C 11 -13.33 -9.50 11.91
CA LYS C 11 -14.42 -9.56 12.86
C LYS C 11 -15.28 -10.77 12.56
N LYS D 1 4.61 -3.72 -16.85
CA LYS D 1 4.05 -2.44 -16.38
C LYS D 1 5.08 -1.67 -15.64
N PRO D 2 5.32 -0.47 -16.21
CA PRO D 2 6.34 0.46 -15.80
C PRO D 2 6.78 0.38 -14.34
N SER D 3 8.00 -0.09 -14.13
CA SER D 3 8.52 -0.28 -12.79
C SER D 3 9.29 0.96 -12.33
N LYS D 4 8.68 2.12 -12.47
CA LYS D 4 9.28 3.37 -12.03
C LYS D 4 8.63 3.88 -10.77
N ILE D 5 7.55 3.26 -10.34
CA ILE D 5 6.84 3.79 -9.19
C ILE D 5 7.67 3.57 -7.95
N PRO D 6 7.89 4.65 -7.21
CA PRO D 6 8.68 4.65 -6.01
C PRO D 6 8.40 3.48 -5.09
N THR D 7 9.47 3.02 -4.48
CA THR D 7 9.50 1.78 -3.75
C THR D 7 10.25 1.92 -2.47
N PRO D 8 10.51 0.83 -1.71
CA PRO D 8 11.60 0.89 -0.81
C PRO D 8 12.76 -0.03 -1.23
N GLN D 9 13.94 0.32 -0.75
CA GLN D 9 15.16 -0.46 -0.91
C GLN D 9 16.34 0.36 -0.43
N ARG D 10 17.43 -0.30 -0.06
CA ARG D 10 18.57 0.40 0.50
C ARG D 10 19.87 -0.01 -0.20
N LYS D 11 20.18 0.71 -1.26
CA LYS D 11 21.45 0.54 -1.95
C LYS D 11 22.40 1.62 -1.49
N ASP A 1 21.82 -21.78 19.17
CA ASP A 1 20.83 -22.63 19.88
C ASP A 1 19.42 -22.31 19.43
N GLU A 2 18.45 -22.91 20.09
CA GLU A 2 17.04 -22.72 19.78
C GLU A 2 16.64 -21.24 19.83
N ALA A 3 17.02 -20.56 20.89
CA ALA A 3 16.61 -19.18 21.06
C ALA A 3 17.37 -18.27 20.13
N ALA A 4 18.52 -18.75 19.66
CA ALA A 4 19.34 -17.96 18.78
C ALA A 4 18.66 -17.82 17.44
N GLU A 5 18.02 -18.89 17.02
CA GLU A 5 17.23 -18.86 15.80
C GLU A 5 15.98 -18.05 16.03
N LEU A 6 15.35 -18.26 17.18
CA LEU A 6 14.13 -17.54 17.52
C LEU A 6 14.35 -16.04 17.58
N MET A 7 15.46 -15.62 18.14
CA MET A 7 15.73 -14.20 18.28
C MET A 7 16.19 -13.64 16.95
N GLN A 8 16.77 -14.48 16.12
CA GLN A 8 17.12 -14.06 14.79
C GLN A 8 15.85 -13.93 13.99
N GLN A 9 14.86 -14.78 14.28
CA GLN A 9 13.59 -14.70 13.62
C GLN A 9 12.99 -13.34 13.85
N VAL A 10 12.99 -12.90 15.09
CA VAL A 10 12.45 -11.59 15.38
C VAL A 10 13.27 -10.53 14.70
N LYS A 11 14.55 -10.82 14.46
CA LYS A 11 15.40 -9.95 13.66
C LYS A 11 14.86 -9.88 12.23
N VAL A 12 14.67 -11.04 11.63
CA VAL A 12 14.22 -11.16 10.26
C VAL A 12 12.81 -10.64 10.12
N LEU A 13 12.00 -10.86 11.14
CA LEU A 13 10.65 -10.35 11.14
C LEU A 13 10.64 -8.89 11.46
N LYS A 14 11.55 -8.44 12.31
CA LYS A 14 11.66 -7.01 12.59
C LYS A 14 11.97 -6.30 11.30
N LEU A 15 12.91 -6.89 10.58
CA LEU A 15 13.33 -6.42 9.29
C LEU A 15 12.17 -6.47 8.30
N THR A 16 11.41 -7.56 8.32
CA THR A 16 10.30 -7.66 7.40
C THR A 16 9.18 -6.73 7.83
N VAL A 17 9.01 -6.60 9.13
CA VAL A 17 8.00 -5.72 9.70
C VAL A 17 8.33 -4.27 9.40
N GLU A 18 9.61 -3.93 9.42
CA GLU A 18 10.02 -2.55 9.16
C GLU A 18 9.95 -2.27 7.69
N ASP A 19 10.29 -3.28 6.90
CA ASP A 19 10.24 -3.15 5.47
C ASP A 19 8.79 -3.06 5.04
N LEU A 20 7.96 -3.85 5.72
CA LEU A 20 6.53 -3.87 5.43
C LEU A 20 5.79 -2.66 5.99
N GLU A 21 6.16 -2.22 7.20
CA GLU A 21 5.54 -1.03 7.78
C GLU A 21 5.82 0.18 6.90
N LYS A 22 7.08 0.30 6.49
CA LYS A 22 7.50 1.43 5.67
C LYS A 22 6.79 1.37 4.31
N GLU A 23 6.55 0.16 3.81
CA GLU A 23 5.77 -0.01 2.59
C GLU A 23 4.30 0.33 2.85
N ARG A 24 3.73 -0.25 3.90
CA ARG A 24 2.32 -0.04 4.21
C ARG A 24 2.04 1.44 4.43
N ASP A 25 2.90 2.09 5.20
CA ASP A 25 2.77 3.52 5.47
C ASP A 25 2.81 4.35 4.19
N PHE A 26 3.84 4.12 3.38
CA PHE A 26 4.02 4.89 2.17
C PHE A 26 2.92 4.61 1.17
N TYR A 27 2.60 3.34 0.98
CA TYR A 27 1.58 2.94 0.01
C TYR A 27 0.20 3.42 0.45
N PHE A 28 -0.04 3.41 1.75
CA PHE A 28 -1.32 3.83 2.28
C PHE A 28 -1.42 5.35 2.30
N GLY A 29 -0.30 6.01 2.61
CA GLY A 29 -0.25 7.45 2.56
C GLY A 29 -0.57 7.97 1.18
N LYS A 30 -0.14 7.22 0.18
CA LYS A 30 -0.43 7.54 -1.20
C LYS A 30 -1.90 7.23 -1.49
N LEU A 31 -2.35 6.12 -0.95
CA LEU A 31 -3.71 5.62 -1.18
C LEU A 31 -4.77 6.56 -0.59
N ARG A 32 -4.46 7.21 0.52
CA ARG A 32 -5.41 8.13 1.13
C ARG A 32 -5.45 9.47 0.40
N ASN A 33 -4.38 9.77 -0.30
CA ASN A 33 -4.29 11.03 -1.02
C ASN A 33 -5.09 10.95 -2.33
N ILE A 34 -5.42 9.75 -2.76
CA ILE A 34 -6.24 9.59 -3.96
C ILE A 34 -7.71 9.73 -3.64
N GLU A 35 -8.10 9.24 -2.45
CA GLU A 35 -9.49 9.28 -2.01
C GLU A 35 -10.03 10.71 -2.05
N LEU A 36 -9.37 11.63 -1.37
CA LEU A 36 -9.85 13.00 -1.32
C LEU A 36 -9.74 13.65 -2.70
N ILE A 37 -8.84 13.13 -3.54
CA ILE A 37 -8.69 13.64 -4.88
C ILE A 37 -9.85 13.20 -5.78
N CYS A 38 -10.39 12.02 -5.50
CA CYS A 38 -11.53 11.52 -6.24
C CYS A 38 -12.76 12.36 -5.92
N GLN A 39 -12.86 12.79 -4.66
CA GLN A 39 -13.96 13.64 -4.25
C GLN A 39 -13.69 15.09 -4.64
N GLU A 40 -12.44 15.38 -5.02
CA GLU A 40 -12.07 16.69 -5.51
C GLU A 40 -12.60 16.87 -6.92
N ASN A 41 -12.66 15.77 -7.65
CA ASN A 41 -13.02 15.82 -9.05
C ASN A 41 -14.13 14.82 -9.39
N GLU A 42 -15.00 14.53 -8.42
CA GLU A 42 -16.04 13.56 -8.70
C GLU A 42 -17.05 14.15 -9.69
N GLY A 43 -17.78 15.20 -9.33
CA GLY A 43 -18.22 16.26 -10.27
C GLY A 43 -18.08 15.99 -11.77
N GLU A 44 -16.89 15.54 -12.16
CA GLU A 44 -16.48 15.40 -13.54
C GLU A 44 -16.07 13.98 -13.85
N ASN A 45 -16.62 13.08 -13.06
CA ASN A 45 -16.30 11.64 -12.94
C ASN A 45 -15.78 10.91 -14.19
N ASP A 46 -14.71 11.43 -14.78
CA ASP A 46 -14.05 10.84 -15.93
C ASP A 46 -13.71 9.36 -15.73
N PRO A 47 -13.63 8.59 -16.83
CA PRO A 47 -13.44 7.14 -16.81
C PRO A 47 -12.34 6.67 -15.86
N VAL A 48 -11.15 7.25 -15.97
CA VAL A 48 -10.03 6.89 -15.09
C VAL A 48 -10.47 6.90 -13.64
N LEU A 49 -11.20 7.93 -13.27
CA LEU A 49 -11.58 8.11 -11.90
C LEU A 49 -12.60 7.07 -11.51
N GLN A 50 -13.38 6.63 -12.48
CA GLN A 50 -14.38 5.59 -12.25
C GLN A 50 -13.72 4.23 -12.07
N ARG A 51 -12.58 4.06 -12.72
CA ARG A 51 -11.84 2.81 -12.61
C ARG A 51 -10.80 2.84 -11.48
N ILE A 52 -10.45 4.02 -10.99
CA ILE A 52 -9.57 4.10 -9.83
C ILE A 52 -10.37 4.14 -8.54
N VAL A 53 -11.62 4.62 -8.58
CA VAL A 53 -12.49 4.46 -7.43
C VAL A 53 -12.85 3.00 -7.29
N ASP A 54 -12.84 2.31 -8.42
CA ASP A 54 -12.92 0.85 -8.42
C ASP A 54 -11.71 0.28 -7.71
N ILE A 55 -10.57 0.85 -8.05
CA ILE A 55 -9.30 0.57 -7.40
C ILE A 55 -9.41 0.76 -5.88
N LEU A 56 -9.74 1.98 -5.46
CA LEU A 56 -9.83 2.31 -4.06
C LEU A 56 -10.83 1.39 -3.33
N TYR A 57 -11.89 1.02 -4.03
CA TYR A 57 -12.99 0.20 -3.48
C TYR A 57 -12.88 -1.27 -3.87
N ALA A 58 -11.68 -1.68 -4.30
CA ALA A 58 -11.42 -3.04 -4.81
C ALA A 58 -11.67 -4.18 -3.80
N THR A 59 -12.41 -3.89 -2.73
CA THR A 59 -12.70 -4.89 -1.72
C THR A 59 -13.60 -6.01 -2.25
N ASP A 60 -13.63 -7.12 -1.52
CA ASP A 60 -14.48 -8.25 -1.86
C ASP A 60 -15.08 -8.84 -0.59
N GLU A 61 -15.84 -9.91 -0.72
CA GLU A 61 -16.45 -10.55 0.43
C GLU A 61 -15.39 -11.21 1.29
N GLY A 62 -15.50 -11.07 2.60
CA GLY A 62 -14.55 -11.66 3.51
C GLY A 62 -13.44 -10.71 3.88
N PHE A 63 -13.37 -9.58 3.20
CA PHE A 63 -12.36 -8.57 3.46
C PHE A 63 -12.96 -7.47 4.33
N VAL A 64 -12.10 -6.69 4.96
CA VAL A 64 -12.55 -5.69 5.94
C VAL A 64 -12.69 -4.31 5.32
N ILE A 65 -13.91 -3.81 5.33
CA ILE A 65 -14.16 -2.42 5.01
C ILE A 65 -14.58 -1.68 6.28
N PRO A 66 -13.89 -0.59 6.59
CA PRO A 66 -14.26 0.28 7.69
C PRO A 66 -15.52 1.07 7.37
N ASP A 67 -16.29 1.33 8.40
CA ASP A 67 -17.55 2.05 8.26
C ASP A 67 -18.47 1.34 7.29
N GLU A 68 -18.59 0.05 7.48
CA GLU A 68 -19.36 -0.79 6.59
C GLU A 68 -20.85 -0.73 6.94
N GLY A 69 -21.62 -0.05 6.12
CA GLY A 69 -23.05 0.06 6.33
C GLY A 69 -23.79 0.20 5.03
N GLY A 70 -23.59 1.32 4.35
CA GLY A 70 -24.22 1.54 3.07
C GLY A 70 -25.46 2.40 3.20
N ASP B 1 9.67 -19.02 29.40
CA ASP B 1 11.13 -18.78 29.45
C ASP B 1 11.54 -17.81 28.35
N GLU B 2 12.85 -17.63 28.20
CA GLU B 2 13.40 -16.72 27.21
C GLU B 2 12.93 -17.05 25.80
N ALA B 3 13.00 -18.32 25.43
CA ALA B 3 12.65 -18.70 24.08
C ALA B 3 11.15 -18.66 23.87
N ALA B 4 10.41 -18.74 24.97
CA ALA B 4 8.97 -18.72 24.91
C ALA B 4 8.49 -17.36 24.46
N GLU B 5 9.16 -16.33 24.95
CA GLU B 5 8.88 -14.98 24.51
C GLU B 5 9.37 -14.79 23.09
N LEU B 6 10.56 -15.30 22.81
CA LEU B 6 11.14 -15.18 21.48
C LEU B 6 10.28 -15.85 20.41
N MET B 7 9.74 -17.02 20.73
CA MET B 7 8.93 -17.74 19.76
C MET B 7 7.56 -17.12 19.67
N GLN B 8 7.13 -16.48 20.75
CA GLN B 8 5.89 -15.75 20.71
C GLN B 8 6.09 -14.51 19.87
N GLN B 9 7.30 -13.95 19.93
CA GLN B 9 7.62 -12.79 19.13
C GLN B 9 7.44 -13.13 17.68
N VAL B 10 7.98 -14.26 17.25
CA VAL B 10 7.82 -14.65 15.86
C VAL B 10 6.35 -14.89 15.57
N LYS B 11 5.58 -15.27 16.58
CA LYS B 11 4.13 -15.36 16.46
C LYS B 11 3.55 -13.99 16.16
N VAL B 12 3.89 -13.03 17.02
CA VAL B 12 3.37 -11.67 16.91
C VAL B 12 3.87 -11.00 15.64
N LEU B 13 5.11 -11.32 15.26
CA LEU B 13 5.67 -10.80 14.04
C LEU B 13 5.12 -11.54 12.85
N LYS B 14 4.87 -12.83 13.00
CA LYS B 14 4.24 -13.59 11.92
C LYS B 14 2.89 -12.97 11.63
N LEU B 15 2.18 -12.70 12.72
CA LEU B 15 0.90 -12.05 12.67
C LEU B 15 1.03 -10.65 12.06
N THR B 16 2.04 -9.91 12.47
CA THR B 16 2.21 -8.58 11.93
C THR B 16 2.68 -8.65 10.48
N VAL B 17 3.51 -9.63 10.19
CA VAL B 17 4.01 -9.85 8.85
C VAL B 17 2.90 -10.29 7.92
N GLU B 18 1.97 -11.08 8.42
CA GLU B 18 0.87 -11.55 7.58
C GLU B 18 -0.14 -10.44 7.41
N ASP B 19 -0.33 -9.67 8.47
CA ASP B 19 -1.24 -8.55 8.42
C ASP B 19 -0.67 -7.49 7.49
N LEU B 20 0.64 -7.33 7.57
CA LEU B 20 1.34 -6.36 6.74
C LEU B 20 1.51 -6.84 5.30
N GLU B 21 1.82 -8.12 5.10
CA GLU B 21 1.93 -8.67 3.75
C GLU B 21 0.61 -8.52 3.02
N LYS B 22 -0.46 -8.89 3.70
CA LYS B 22 -1.78 -8.84 3.12
C LYS B 22 -2.17 -7.39 2.81
N GLU B 23 -1.70 -6.46 3.65
CA GLU B 23 -1.89 -5.03 3.39
C GLU B 23 -1.03 -4.60 2.22
N ARG B 24 0.26 -4.93 2.26
CA ARG B 24 1.19 -4.53 1.23
C ARG B 24 0.74 -5.06 -0.13
N ASP B 25 0.35 -6.32 -0.17
CA ASP B 25 -0.12 -6.96 -1.40
C ASP B 25 -1.35 -6.24 -1.95
N PHE B 26 -2.34 -6.06 -1.10
CA PHE B 26 -3.61 -5.47 -1.53
C PHE B 26 -3.41 -4.01 -1.92
N TYR B 27 -2.68 -3.27 -1.09
CA TYR B 27 -2.46 -1.84 -1.34
C TYR B 27 -1.60 -1.64 -2.58
N PHE B 28 -0.65 -2.53 -2.80
CA PHE B 28 0.24 -2.43 -3.95
C PHE B 28 -0.47 -2.92 -5.20
N GLY B 29 -1.29 -3.96 -5.06
CA GLY B 29 -2.08 -4.44 -6.19
C GLY B 29 -3.01 -3.35 -6.70
N LYS B 30 -3.50 -2.54 -5.79
CA LYS B 30 -4.33 -1.41 -6.14
C LYS B 30 -3.46 -0.32 -6.77
N LEU B 31 -2.28 -0.14 -6.19
CA LEU B 31 -1.36 0.91 -6.60
C LEU B 31 -0.84 0.68 -8.03
N ARG B 32 -0.67 -0.58 -8.43
CA ARG B 32 -0.18 -0.87 -9.77
C ARG B 32 -1.29 -0.73 -10.81
N ASN B 33 -2.53 -0.83 -10.36
CA ASN B 33 -3.67 -0.73 -11.25
C ASN B 33 -3.95 0.72 -11.59
N ILE B 34 -3.38 1.65 -10.83
CA ILE B 34 -3.56 3.07 -11.14
C ILE B 34 -2.53 3.53 -12.15
N GLU B 35 -1.34 2.95 -12.07
CA GLU B 35 -0.25 3.31 -12.97
C GLU B 35 -0.67 3.15 -14.43
N LEU B 36 -1.12 1.95 -14.80
CA LEU B 36 -1.49 1.71 -16.18
C LEU B 36 -2.73 2.51 -16.54
N ILE B 37 -3.52 2.88 -15.55
CA ILE B 37 -4.71 3.70 -15.77
C ILE B 37 -4.34 5.14 -16.07
N CYS B 38 -3.24 5.60 -15.49
CA CYS B 38 -2.75 6.93 -15.74
C CYS B 38 -2.23 7.04 -17.17
N GLN B 39 -1.63 5.95 -17.64
CA GLN B 39 -1.13 5.91 -19.01
C GLN B 39 -2.27 5.58 -19.97
N GLU B 40 -3.40 5.14 -19.42
CA GLU B 40 -4.60 4.90 -20.21
C GLU B 40 -5.24 6.21 -20.58
N ASN B 41 -5.09 7.20 -19.71
CA ASN B 41 -5.76 8.48 -19.89
C ASN B 41 -4.80 9.64 -19.74
N GLU B 42 -3.52 9.44 -20.09
CA GLU B 42 -2.56 10.53 -19.96
C GLU B 42 -2.84 11.63 -20.98
N GLY B 43 -2.81 11.29 -22.27
CA GLY B 43 -3.56 11.98 -23.33
C GLY B 43 -4.46 13.15 -22.92
N GLU B 44 -5.21 12.97 -21.84
CA GLU B 44 -6.22 13.94 -21.42
C GLU B 44 -5.92 14.43 -20.00
N ASN B 45 -4.64 14.41 -19.68
CA ASN B 45 -4.04 14.64 -18.34
C ASN B 45 -4.77 15.62 -17.41
N ASP B 46 -6.01 15.32 -17.08
CA ASP B 46 -6.82 16.10 -16.16
C ASP B 46 -6.16 16.27 -14.80
N PRO B 47 -6.50 17.36 -14.08
CA PRO B 47 -5.85 17.73 -12.81
C PRO B 47 -5.69 16.57 -11.84
N VAL B 48 -6.78 15.86 -11.56
CA VAL B 48 -6.74 14.70 -10.65
C VAL B 48 -5.59 13.79 -11.01
N LEU B 49 -5.43 13.52 -12.28
CA LEU B 49 -4.45 12.57 -12.74
C LEU B 49 -3.07 13.14 -12.56
N GLN B 50 -2.97 14.46 -12.63
CA GLN B 50 -1.70 15.14 -12.43
C GLN B 50 -1.29 15.12 -10.95
N ARG B 51 -2.29 15.09 -10.09
CA ARG B 51 -2.03 15.06 -8.66
C ARG B 51 -1.99 13.64 -8.11
N ILE B 52 -2.50 12.66 -8.87
CA ILE B 52 -2.36 11.26 -8.46
C ILE B 52 -1.10 10.64 -9.06
N VAL B 53 -0.62 11.16 -10.19
CA VAL B 53 0.70 10.76 -10.66
C VAL B 53 1.75 11.32 -9.73
N ASP B 54 1.40 12.45 -9.11
CA ASP B 54 2.19 12.99 -8.02
C ASP B 54 2.18 11.99 -6.88
N ILE B 55 0.99 11.47 -6.61
CA ILE B 55 0.77 10.40 -5.65
C ILE B 55 1.67 9.20 -5.95
N LEU B 56 1.51 8.64 -7.15
CA LEU B 56 2.26 7.45 -7.54
C LEU B 56 3.77 7.71 -7.47
N TYR B 57 4.17 8.95 -7.78
CA TYR B 57 5.59 9.33 -7.82
C TYR B 57 6.01 10.12 -6.58
N ALA B 58 5.26 9.94 -5.49
CA ALA B 58 5.48 10.68 -4.24
C ALA B 58 6.83 10.38 -3.54
N THR B 59 7.78 9.84 -4.28
CA THR B 59 9.09 9.53 -3.72
C THR B 59 9.88 10.78 -3.35
N ASP B 60 10.90 10.61 -2.53
CA ASP B 60 11.78 11.70 -2.13
C ASP B 60 13.22 11.20 -2.11
N GLU B 61 14.15 12.06 -1.72
CA GLU B 61 15.55 11.68 -1.65
C GLU B 61 15.77 10.67 -0.52
N GLY B 62 16.57 9.66 -0.79
CA GLY B 62 16.86 8.65 0.21
C GLY B 62 15.93 7.46 0.10
N PHE B 63 14.90 7.59 -0.71
CA PHE B 63 13.93 6.52 -0.91
C PHE B 63 14.27 5.77 -2.19
N VAL B 64 13.74 4.55 -2.33
CA VAL B 64 14.09 3.68 -3.44
C VAL B 64 13.10 3.77 -4.58
N ILE B 65 13.59 4.23 -5.73
CA ILE B 65 12.84 4.14 -6.97
C ILE B 65 13.49 3.12 -7.88
N PRO B 66 12.71 2.14 -8.34
CA PRO B 66 13.16 1.17 -9.32
C PRO B 66 13.34 1.80 -10.69
N ASP B 67 14.31 1.30 -11.44
CA ASP B 67 14.60 1.81 -12.76
C ASP B 67 14.93 3.30 -12.70
N GLU B 68 15.78 3.66 -11.75
CA GLU B 68 16.12 5.04 -11.52
C GLU B 68 17.20 5.50 -12.48
N GLY B 69 16.81 6.32 -13.44
CA GLY B 69 17.75 6.85 -14.41
C GLY B 69 17.34 8.21 -14.89
N GLY B 70 16.22 8.27 -15.62
CA GLY B 70 15.71 9.52 -16.10
C GLY B 70 16.09 9.77 -17.55
N LYS C 1 -12.23 13.80 3.90
CA LYS C 1 -11.70 12.49 3.41
C LYS C 1 -12.13 11.40 4.32
N PRO C 2 -12.92 10.50 3.74
CA PRO C 2 -13.59 9.46 4.47
C PRO C 2 -12.70 8.26 4.79
N SER C 3 -13.20 7.35 5.59
CA SER C 3 -12.46 6.16 5.96
C SER C 3 -13.28 4.92 5.66
N LYS C 4 -13.75 4.81 4.42
CA LYS C 4 -14.48 3.65 3.97
C LYS C 4 -13.59 2.72 3.16
N ILE C 5 -12.39 3.20 2.84
CA ILE C 5 -11.49 2.43 1.98
C ILE C 5 -11.05 1.20 2.73
N PRO C 6 -11.01 0.06 2.05
CA PRO C 6 -10.75 -1.24 2.64
C PRO C 6 -9.47 -1.33 3.43
N THR C 7 -9.57 -2.18 4.42
CA THR C 7 -8.57 -2.35 5.45
C THR C 7 -8.49 -3.78 5.80
N PRO C 8 -7.71 -4.19 6.78
CA PRO C 8 -7.96 -5.47 7.26
C PRO C 8 -8.46 -5.43 8.71
N GLN C 9 -8.79 -6.60 9.26
CA GLN C 9 -9.40 -6.69 10.59
C GLN C 9 -10.79 -6.08 10.75
N ARG C 10 -11.74 -6.89 11.24
CA ARG C 10 -13.06 -6.40 11.65
C ARG C 10 -13.70 -7.40 12.58
N LYS C 11 -13.52 -8.69 12.28
CA LYS C 11 -14.10 -9.79 13.05
C LYS C 11 -15.61 -9.82 12.85
N LYS D 1 2.74 -1.45 -18.56
CA LYS D 1 2.79 -0.89 -17.19
C LYS D 1 4.15 -1.02 -16.63
N PRO D 2 4.73 0.15 -16.37
CA PRO D 2 6.11 0.27 -15.99
C PRO D 2 6.39 -0.03 -14.52
N SER D 3 7.65 -0.10 -14.15
CA SER D 3 8.03 -0.37 -12.77
C SER D 3 8.97 0.71 -12.27
N LYS D 4 8.54 1.96 -12.40
CA LYS D 4 9.31 3.09 -11.89
C LYS D 4 8.74 3.58 -10.58
N ILE D 5 7.58 3.05 -10.20
CA ILE D 5 6.91 3.52 -9.00
C ILE D 5 7.72 3.11 -7.80
N PRO D 6 7.85 4.02 -6.84
CA PRO D 6 8.73 3.86 -5.69
C PRO D 6 8.49 2.60 -4.88
N THR D 7 9.58 2.16 -4.32
CA THR D 7 9.69 0.89 -3.65
C THR D 7 10.59 1.06 -2.49
N PRO D 8 10.94 0.01 -1.74
CA PRO D 8 12.03 0.20 -0.90
C PRO D 8 13.19 -0.69 -1.33
N GLN D 9 14.33 -0.56 -0.64
CA GLN D 9 15.57 -1.26 -1.00
C GLN D 9 16.19 -0.87 -2.35
N ARG D 10 17.48 -0.50 -2.31
CA ARG D 10 18.27 -0.30 -3.52
C ARG D 10 19.75 -0.38 -3.18
N LYS D 11 20.10 0.21 -2.04
CA LYS D 11 21.48 0.27 -1.56
C LYS D 11 22.29 1.22 -2.45
N ASP A 1 21.70 -22.42 18.24
CA ASP A 1 20.94 -22.74 19.47
C ASP A 1 19.49 -22.31 19.32
N GLU A 2 18.59 -22.99 20.01
CA GLU A 2 17.15 -22.81 19.85
C GLU A 2 16.72 -21.34 19.89
N ALA A 3 17.08 -20.64 20.94
CA ALA A 3 16.64 -19.27 21.10
C ALA A 3 17.41 -18.34 20.17
N ALA A 4 18.55 -18.80 19.70
CA ALA A 4 19.38 -18.00 18.83
C ALA A 4 18.70 -17.88 17.48
N GLU A 5 18.04 -18.96 17.08
CA GLU A 5 17.25 -18.93 15.87
C GLU A 5 15.97 -18.16 16.10
N LEU A 6 15.34 -18.38 17.25
CA LEU A 6 14.11 -17.68 17.58
C LEU A 6 14.31 -16.16 17.62
N MET A 7 15.45 -15.73 18.14
CA MET A 7 15.73 -14.30 18.23
C MET A 7 16.15 -13.79 16.87
N GLN A 8 16.73 -14.66 16.07
CA GLN A 8 17.10 -14.29 14.72
C GLN A 8 15.84 -14.17 13.89
N GLN A 9 14.85 -14.98 14.23
CA GLN A 9 13.56 -14.91 13.57
C GLN A 9 12.98 -13.53 13.75
N VAL A 10 12.96 -13.05 14.98
CA VAL A 10 12.41 -11.74 15.24
C VAL A 10 13.25 -10.70 14.52
N LYS A 11 14.52 -11.01 14.28
CA LYS A 11 15.38 -10.15 13.49
C LYS A 11 14.89 -10.09 12.05
N VAL A 12 14.61 -11.26 11.48
CA VAL A 12 14.14 -11.34 10.11
C VAL A 12 12.75 -10.77 10.00
N LEU A 13 11.94 -11.00 11.02
CA LEU A 13 10.61 -10.44 11.03
C LEU A 13 10.65 -8.97 11.32
N LYS A 14 11.60 -8.55 12.13
CA LYS A 14 11.81 -7.12 12.36
C LYS A 14 12.15 -6.47 11.05
N LEU A 15 13.12 -7.09 10.39
CA LEU A 15 13.56 -6.67 9.08
C LEU A 15 12.40 -6.67 8.11
N THR A 16 11.60 -7.70 8.12
CA THR A 16 10.48 -7.76 7.23
C THR A 16 9.45 -6.69 7.62
N VAL A 17 9.13 -6.65 8.90
CA VAL A 17 8.16 -5.71 9.43
C VAL A 17 8.58 -4.27 9.17
N GLU A 18 9.87 -4.04 9.06
CA GLU A 18 10.35 -2.71 8.76
C GLU A 18 10.36 -2.51 7.26
N ASP A 19 10.94 -3.47 6.56
CA ASP A 19 11.13 -3.38 5.12
C ASP A 19 9.81 -3.22 4.41
N LEU A 20 8.88 -4.08 4.74
CA LEU A 20 7.61 -4.05 4.05
C LEU A 20 6.68 -2.97 4.61
N GLU A 21 6.96 -2.49 5.83
CA GLU A 21 6.21 -1.35 6.35
C GLU A 21 6.59 -0.07 5.63
N LYS A 22 7.84 0.01 5.19
CA LYS A 22 8.29 1.11 4.34
C LYS A 22 7.34 1.26 3.17
N GLU A 23 6.95 0.13 2.62
CA GLU A 23 5.97 0.08 1.55
C GLU A 23 4.57 0.31 2.10
N ARG A 24 4.19 -0.52 3.07
CA ARG A 24 2.84 -0.54 3.65
C ARG A 24 2.39 0.85 4.09
N ASP A 25 3.24 1.52 4.86
CA ASP A 25 2.90 2.82 5.43
C ASP A 25 2.83 3.89 4.35
N PHE A 26 3.81 3.89 3.46
CA PHE A 26 3.88 4.87 2.38
C PHE A 26 2.70 4.71 1.43
N TYR A 27 2.50 3.48 0.96
CA TYR A 27 1.43 3.19 0.00
C TYR A 27 0.07 3.56 0.60
N PHE A 28 -0.10 3.26 1.89
CA PHE A 28 -1.35 3.53 2.59
C PHE A 28 -1.60 5.04 2.68
N GLY A 29 -0.55 5.78 3.02
CA GLY A 29 -0.68 7.23 3.12
C GLY A 29 -1.06 7.86 1.79
N LYS A 30 -0.55 7.31 0.71
CA LYS A 30 -0.85 7.84 -0.60
C LYS A 30 -2.32 7.57 -0.94
N LEU A 31 -2.83 6.45 -0.44
CA LEU A 31 -4.20 6.04 -0.75
C LEU A 31 -5.24 6.97 -0.16
N ARG A 32 -4.93 7.64 0.95
CA ARG A 32 -5.88 8.58 1.53
C ARG A 32 -5.95 9.86 0.70
N ASN A 33 -4.89 10.12 -0.05
CA ASN A 33 -4.86 11.31 -0.89
C ASN A 33 -5.56 11.07 -2.24
N ILE A 34 -5.69 9.81 -2.63
CA ILE A 34 -6.42 9.50 -3.86
C ILE A 34 -7.92 9.55 -3.60
N GLU A 35 -8.31 9.10 -2.41
CA GLU A 35 -9.71 9.08 -2.00
C GLU A 35 -10.35 10.46 -2.15
N LEU A 36 -9.80 11.44 -1.45
CA LEU A 36 -10.40 12.77 -1.45
C LEU A 36 -10.18 13.47 -2.80
N ILE A 37 -9.23 12.99 -3.59
CA ILE A 37 -9.00 13.55 -4.92
C ILE A 37 -10.12 13.15 -5.87
N CYS A 38 -10.71 12.00 -5.59
CA CYS A 38 -11.92 11.58 -6.29
C CYS A 38 -13.03 12.55 -5.96
N GLN A 39 -13.00 13.02 -4.72
CA GLN A 39 -13.95 13.99 -4.22
C GLN A 39 -13.69 15.37 -4.82
N GLU A 40 -12.43 15.63 -5.16
CA GLU A 40 -12.02 16.91 -5.71
C GLU A 40 -12.45 17.03 -7.15
N ASN A 41 -12.61 15.89 -7.80
CA ASN A 41 -12.91 15.86 -9.23
C ASN A 41 -14.06 14.92 -9.53
N GLU A 42 -14.99 14.78 -8.61
CA GLU A 42 -16.10 13.87 -8.85
C GLU A 42 -16.97 14.39 -9.98
N GLY A 43 -17.69 15.50 -9.78
CA GLY A 43 -18.01 16.48 -10.84
C GLY A 43 -17.78 16.07 -12.30
N GLU A 44 -16.57 15.56 -12.56
CA GLU A 44 -16.10 15.31 -13.92
C GLU A 44 -15.69 13.86 -14.09
N ASN A 45 -16.19 13.03 -13.19
CA ASN A 45 -15.85 11.61 -12.94
C ASN A 45 -15.34 10.78 -14.14
N ASP A 46 -14.28 11.27 -14.76
CA ASP A 46 -13.64 10.65 -15.93
C ASP A 46 -13.32 9.16 -15.74
N PRO A 47 -13.17 8.42 -16.86
CA PRO A 47 -12.93 6.96 -16.85
C PRO A 47 -11.86 6.53 -15.85
N VAL A 48 -10.69 7.18 -15.89
CA VAL A 48 -9.59 6.88 -14.96
C VAL A 48 -10.13 6.78 -13.55
N LEU A 49 -10.93 7.75 -13.18
CA LEU A 49 -11.40 7.86 -11.83
C LEU A 49 -12.39 6.74 -11.55
N GLN A 50 -13.13 6.35 -12.57
CA GLN A 50 -14.11 5.26 -12.44
C GLN A 50 -13.40 3.93 -12.20
N ARG A 51 -12.22 3.80 -12.80
CA ARG A 51 -11.46 2.57 -12.66
C ARG A 51 -10.49 2.61 -11.48
N ILE A 52 -10.14 3.81 -11.00
CA ILE A 52 -9.29 3.90 -9.81
C ILE A 52 -10.14 3.92 -8.54
N VAL A 53 -11.38 4.42 -8.62
CA VAL A 53 -12.29 4.27 -7.49
C VAL A 53 -12.62 2.80 -7.35
N ASP A 54 -12.59 2.11 -8.48
CA ASP A 54 -12.69 0.66 -8.49
C ASP A 54 -11.47 0.05 -7.82
N ILE A 55 -10.33 0.67 -8.09
CA ILE A 55 -9.07 0.35 -7.45
C ILE A 55 -9.16 0.49 -5.94
N LEU A 56 -9.51 1.70 -5.50
CA LEU A 56 -9.58 2.01 -4.07
C LEU A 56 -10.65 1.14 -3.38
N TYR A 57 -11.74 0.88 -4.08
CA TYR A 57 -12.90 0.17 -3.53
C TYR A 57 -12.96 -1.29 -3.98
N ALA A 58 -11.83 -1.82 -4.45
CA ALA A 58 -11.73 -3.17 -5.01
C ALA A 58 -12.01 -4.30 -4.01
N THR A 59 -12.71 -4.00 -2.93
CA THR A 59 -12.99 -4.97 -1.88
C THR A 59 -13.73 -6.20 -2.41
N ASP A 60 -13.66 -7.27 -1.64
CA ASP A 60 -14.31 -8.52 -1.97
C ASP A 60 -14.40 -9.34 -0.69
N GLU A 61 -14.92 -10.56 -0.76
CA GLU A 61 -15.07 -11.39 0.43
C GLU A 61 -13.71 -11.73 1.03
N GLY A 62 -13.61 -11.61 2.35
CA GLY A 62 -12.34 -11.86 3.02
C GLY A 62 -11.55 -10.58 3.18
N PHE A 63 -12.26 -9.46 3.10
CA PHE A 63 -11.65 -8.15 3.22
C PHE A 63 -12.67 -7.19 3.84
N VAL A 64 -12.26 -6.46 4.86
CA VAL A 64 -13.19 -5.65 5.64
C VAL A 64 -13.31 -4.24 5.09
N ILE A 65 -14.53 -3.81 4.86
CA ILE A 65 -14.77 -2.40 4.63
C ILE A 65 -15.31 -1.76 5.90
N PRO A 66 -14.59 -0.76 6.41
CA PRO A 66 -15.03 0.00 7.57
C PRO A 66 -16.25 0.84 7.28
N ASP A 67 -17.03 1.09 8.32
CA ASP A 67 -18.21 1.94 8.22
C ASP A 67 -19.18 1.43 7.18
N GLU A 68 -19.50 0.16 7.27
CA GLU A 68 -20.42 -0.46 6.35
C GLU A 68 -21.86 -0.12 6.70
N GLY A 69 -22.44 0.80 5.94
CA GLY A 69 -23.84 1.15 6.14
C GLY A 69 -24.75 0.28 5.30
N GLY A 70 -24.20 -0.28 4.24
CA GLY A 70 -24.97 -1.13 3.36
C GLY A 70 -24.15 -2.31 2.87
N ASP B 1 9.51 -17.96 29.89
CA ASP B 1 10.89 -18.45 29.60
C ASP B 1 11.44 -17.73 28.39
N GLU B 2 12.76 -17.59 28.34
CA GLU B 2 13.44 -16.79 27.31
C GLU B 2 12.97 -17.10 25.90
N ALA B 3 13.04 -18.35 25.51
CA ALA B 3 12.69 -18.71 24.14
C ALA B 3 11.19 -18.67 23.93
N ALA B 4 10.44 -18.75 25.03
CA ALA B 4 8.99 -18.74 24.95
C ALA B 4 8.52 -17.36 24.52
N GLU B 5 9.23 -16.34 24.99
CA GLU B 5 8.96 -14.99 24.56
C GLU B 5 9.49 -14.78 23.15
N LEU B 6 10.68 -15.30 22.87
CA LEU B 6 11.26 -15.18 21.55
C LEU B 6 10.39 -15.81 20.48
N MET B 7 9.79 -16.96 20.79
CA MET B 7 8.94 -17.64 19.83
C MET B 7 7.59 -16.96 19.77
N GLN B 8 7.20 -16.32 20.86
CA GLN B 8 5.96 -15.57 20.88
C GLN B 8 6.17 -14.31 20.07
N GLN B 9 7.39 -13.79 20.07
CA GLN B 9 7.72 -12.64 19.26
C GLN B 9 7.48 -12.96 17.80
N VAL B 10 8.01 -14.09 17.35
CA VAL B 10 7.81 -14.46 15.96
C VAL B 10 6.33 -14.65 15.70
N LYS B 11 5.58 -15.01 16.73
CA LYS B 11 4.12 -15.10 16.63
C LYS B 11 3.52 -13.74 16.36
N VAL B 12 3.95 -12.76 17.15
CA VAL B 12 3.44 -11.40 17.02
C VAL B 12 3.93 -10.80 15.71
N LEU B 13 5.14 -11.11 15.33
CA LEU B 13 5.68 -10.63 14.08
C LEU B 13 5.06 -11.38 12.92
N LYS B 14 4.77 -12.65 13.12
CA LYS B 14 4.05 -13.43 12.12
C LYS B 14 2.70 -12.77 11.89
N LEU B 15 2.04 -12.54 13.01
CA LEU B 15 0.75 -11.87 13.03
C LEU B 15 0.87 -10.51 12.37
N THR B 16 1.89 -9.75 12.70
CA THR B 16 2.06 -8.46 12.11
C THR B 16 2.37 -8.61 10.62
N VAL B 17 3.32 -9.47 10.32
CA VAL B 17 3.75 -9.71 8.94
C VAL B 17 2.59 -10.21 8.09
N GLU B 18 1.62 -10.85 8.70
CA GLU B 18 0.47 -11.30 7.94
C GLU B 18 -0.56 -10.20 7.89
N ASP B 19 -0.84 -9.61 9.05
CA ASP B 19 -1.87 -8.60 9.19
C ASP B 19 -1.60 -7.42 8.29
N LEU B 20 -0.38 -6.91 8.37
CA LEU B 20 -0.05 -5.72 7.61
C LEU B 20 0.29 -6.06 6.16
N GLU B 21 0.62 -7.33 5.87
CA GLU B 21 0.80 -7.74 4.49
C GLU B 21 -0.52 -7.79 3.76
N LYS B 22 -1.58 -8.11 4.49
CA LYS B 22 -2.93 -8.05 3.94
C LYS B 22 -3.16 -6.67 3.31
N GLU B 23 -2.67 -5.65 4.00
CA GLU B 23 -2.70 -4.30 3.50
C GLU B 23 -1.64 -4.10 2.42
N ARG B 24 -0.40 -4.39 2.79
CA ARG B 24 0.78 -4.16 1.95
C ARG B 24 0.61 -4.76 0.56
N ASP B 25 0.22 -6.02 0.50
CA ASP B 25 0.10 -6.73 -0.76
C ASP B 25 -1.06 -6.20 -1.59
N PHE B 26 -2.19 -5.99 -0.93
CA PHE B 26 -3.40 -5.50 -1.60
C PHE B 26 -3.18 -4.09 -2.13
N TYR B 27 -2.71 -3.21 -1.27
CA TYR B 27 -2.49 -1.81 -1.64
C TYR B 27 -1.49 -1.71 -2.80
N PHE B 28 -0.45 -2.54 -2.74
CA PHE B 28 0.58 -2.55 -3.76
C PHE B 28 0.01 -3.00 -5.10
N GLY B 29 -0.80 -4.06 -5.07
CA GLY B 29 -1.41 -4.56 -6.28
C GLY B 29 -2.31 -3.54 -6.95
N LYS B 30 -2.99 -2.75 -6.13
CA LYS B 30 -3.87 -1.73 -6.66
C LYS B 30 -3.07 -0.62 -7.32
N LEU B 31 -1.87 -0.39 -6.80
CA LEU B 31 -1.02 0.69 -7.28
C LEU B 31 -0.51 0.45 -8.69
N ARG B 32 -0.36 -0.82 -9.09
CA ARG B 32 0.09 -1.10 -10.45
C ARG B 32 -1.03 -0.84 -11.45
N ASN B 33 -2.27 -0.87 -10.97
CA ASN B 33 -3.42 -0.63 -11.83
C ASN B 33 -3.68 0.86 -11.99
N ILE B 34 -3.21 1.68 -11.06
CA ILE B 34 -3.35 3.12 -11.19
C ILE B 34 -2.31 3.67 -12.16
N GLU B 35 -1.12 3.07 -12.11
CA GLU B 35 -0.01 3.48 -12.98
C GLU B 35 -0.43 3.44 -14.45
N LEU B 36 -0.84 2.28 -14.94
CA LEU B 36 -1.15 2.14 -16.35
C LEU B 36 -2.47 2.87 -16.69
N ILE B 37 -3.27 3.17 -15.69
CA ILE B 37 -4.51 3.92 -15.91
C ILE B 37 -4.20 5.37 -16.21
N CYS B 38 -3.09 5.85 -15.69
CA CYS B 38 -2.57 7.15 -16.05
C CYS B 38 -2.19 7.13 -17.52
N GLN B 39 -1.70 5.98 -17.94
CA GLN B 39 -1.32 5.74 -19.33
C GLN B 39 -2.55 5.63 -20.22
N GLU B 40 -3.65 5.15 -19.63
CA GLU B 40 -4.89 4.95 -20.35
C GLU B 40 -5.58 6.28 -20.62
N ASN B 41 -5.28 7.26 -19.79
CA ASN B 41 -5.95 8.54 -19.87
C ASN B 41 -4.96 9.70 -19.79
N GLU B 42 -3.76 9.50 -20.32
CA GLU B 42 -2.76 10.56 -20.28
C GLU B 42 -3.17 11.73 -21.16
N GLY B 43 -3.26 11.49 -22.47
CA GLY B 43 -4.14 12.23 -23.39
C GLY B 43 -4.97 13.39 -22.81
N GLU B 44 -5.63 13.14 -21.69
CA GLU B 44 -6.59 14.07 -21.11
C GLU B 44 -6.20 14.49 -19.70
N ASN B 45 -4.91 14.30 -19.41
CA ASN B 45 -4.26 14.41 -18.09
C ASN B 45 -4.88 15.41 -17.09
N ASP B 46 -6.13 15.16 -16.72
CA ASP B 46 -6.91 15.97 -15.80
C ASP B 46 -6.21 16.18 -14.44
N PRO B 47 -6.61 17.23 -13.70
CA PRO B 47 -6.00 17.59 -12.41
C PRO B 47 -5.82 16.40 -11.48
N VAL B 48 -6.89 15.62 -11.27
CA VAL B 48 -6.83 14.42 -10.42
C VAL B 48 -5.60 13.60 -10.75
N LEU B 49 -5.38 13.40 -12.03
CA LEU B 49 -4.32 12.53 -12.48
C LEU B 49 -2.99 13.18 -12.22
N GLN B 50 -2.95 14.51 -12.31
CA GLN B 50 -1.73 15.26 -12.05
C GLN B 50 -1.33 15.16 -10.58
N ARG B 51 -2.33 15.07 -9.72
CA ARG B 51 -2.07 14.99 -8.29
C ARG B 51 -1.98 13.55 -7.80
N ILE B 52 -2.50 12.60 -8.56
CA ILE B 52 -2.34 11.19 -8.18
C ILE B 52 -1.08 10.61 -8.80
N VAL B 53 -0.62 11.13 -9.93
CA VAL B 53 0.69 10.76 -10.44
C VAL B 53 1.74 11.30 -9.50
N ASP B 54 1.39 12.42 -8.87
CA ASP B 54 2.19 12.98 -7.78
C ASP B 54 2.17 12.02 -6.60
N ILE B 55 0.99 11.44 -6.38
CA ILE B 55 0.79 10.41 -5.38
C ILE B 55 1.67 9.19 -5.65
N LEU B 56 1.55 8.62 -6.83
CA LEU B 56 2.30 7.43 -7.21
C LEU B 56 3.80 7.72 -7.21
N TYR B 57 4.17 8.93 -7.63
CA TYR B 57 5.58 9.29 -7.81
C TYR B 57 6.07 10.21 -6.68
N ALA B 58 5.40 10.14 -5.53
CA ALA B 58 5.70 11.00 -4.38
C ALA B 58 7.04 10.72 -3.72
N THR B 59 7.97 10.15 -4.46
CA THR B 59 9.28 9.79 -3.92
C THR B 59 10.04 11.00 -3.38
N ASP B 60 11.01 10.71 -2.53
CA ASP B 60 11.85 11.71 -1.92
C ASP B 60 13.11 11.02 -1.41
N GLU B 61 13.99 11.75 -0.75
CA GLU B 61 15.25 11.16 -0.27
C GLU B 61 14.96 10.11 0.81
N GLY B 62 15.64 8.98 0.70
CA GLY B 62 15.41 7.89 1.62
C GLY B 62 14.37 6.92 1.09
N PHE B 63 14.17 6.97 -0.23
CA PHE B 63 13.20 6.12 -0.89
C PHE B 63 13.71 5.83 -2.30
N VAL B 64 13.70 4.57 -2.69
CA VAL B 64 14.32 4.15 -3.93
C VAL B 64 13.33 4.17 -5.09
N ILE B 65 13.71 4.83 -6.17
CA ILE B 65 12.99 4.66 -7.41
C ILE B 65 13.76 3.71 -8.32
N PRO B 66 13.11 2.61 -8.71
CA PRO B 66 13.70 1.66 -9.64
C PRO B 66 13.82 2.22 -11.04
N ASP B 67 14.81 1.71 -11.77
CA ASP B 67 15.02 2.10 -13.16
C ASP B 67 15.24 3.60 -13.29
N GLU B 68 16.15 4.12 -12.49
CA GLU B 68 16.45 5.53 -12.50
C GLU B 68 17.36 5.88 -13.68
N GLY B 69 16.78 6.46 -14.71
CA GLY B 69 17.56 6.89 -15.85
C GLY B 69 18.05 8.31 -15.68
N GLY B 70 17.36 9.07 -14.84
CA GLY B 70 17.73 10.44 -14.59
C GLY B 70 17.55 10.80 -13.12
N LYS C 1 -10.79 11.86 6.62
CA LYS C 1 -11.23 11.51 5.26
C LYS C 1 -11.79 10.14 5.21
N PRO C 2 -12.90 10.08 4.47
CA PRO C 2 -13.85 8.99 4.46
C PRO C 2 -13.30 7.63 4.86
N SER C 3 -13.60 7.22 6.09
CA SER C 3 -13.13 5.95 6.62
C SER C 3 -13.97 4.79 6.09
N LYS C 4 -14.13 4.74 4.78
CA LYS C 4 -14.83 3.65 4.12
C LYS C 4 -13.87 2.77 3.37
N ILE C 5 -12.59 3.14 3.35
CA ILE C 5 -11.65 2.39 2.54
C ILE C 5 -11.37 1.04 3.15
N PRO C 6 -11.49 0.00 2.33
CA PRO C 6 -11.26 -1.37 2.74
C PRO C 6 -9.98 -1.56 3.52
N THR C 7 -10.15 -2.18 4.66
CA THR C 7 -9.13 -2.35 5.66
C THR C 7 -8.92 -3.79 5.94
N PRO C 8 -7.95 -4.10 6.79
CA PRO C 8 -8.18 -5.24 7.65
C PRO C 8 -9.36 -4.97 8.60
N GLN C 9 -9.32 -5.49 9.80
CA GLN C 9 -10.35 -5.18 10.75
C GLN C 9 -9.87 -4.13 11.73
N ARG C 10 -10.70 -3.13 11.96
CA ARG C 10 -10.36 -2.05 12.86
C ARG C 10 -11.44 -1.86 13.90
N LYS C 11 -11.03 -1.47 15.10
CA LYS C 11 -11.95 -1.34 16.21
C LYS C 11 -11.96 0.10 16.72
N LYS D 1 4.46 -3.74 -16.35
CA LYS D 1 4.08 -2.31 -16.25
C LYS D 1 5.08 -1.52 -15.51
N PRO D 2 5.34 -0.35 -16.11
CA PRO D 2 6.47 0.50 -15.83
C PRO D 2 7.08 0.35 -14.44
N SER D 3 8.22 -0.33 -14.38
CA SER D 3 8.91 -0.56 -13.12
C SER D 3 9.70 0.69 -12.69
N LYS D 4 9.02 1.81 -12.67
CA LYS D 4 9.61 3.07 -12.20
C LYS D 4 9.01 3.47 -10.87
N ILE D 5 8.04 2.70 -10.38
CA ILE D 5 7.37 3.12 -9.16
C ILE D 5 8.26 2.95 -7.97
N PRO D 6 8.37 4.00 -7.17
CA PRO D 6 9.19 4.01 -5.98
C PRO D 6 8.98 2.81 -5.08
N THR D 7 10.10 2.22 -4.76
CA THR D 7 10.18 0.96 -4.07
C THR D 7 10.96 1.10 -2.82
N PRO D 8 11.06 0.05 -2.02
CA PRO D 8 12.30 -0.12 -1.32
C PRO D 8 13.45 -0.37 -2.31
N GLN D 9 14.42 -1.17 -1.94
CA GLN D 9 15.47 -1.49 -2.88
C GLN D 9 15.23 -2.88 -3.47
N ARG D 10 15.36 -2.97 -4.79
CA ARG D 10 15.14 -4.22 -5.48
C ARG D 10 16.34 -4.55 -6.34
N LYS D 11 16.62 -5.84 -6.49
CA LYS D 11 17.78 -6.30 -7.21
C LYS D 11 17.36 -7.18 -8.39
N ASP A 1 22.66 -21.73 19.95
CA ASP A 1 21.54 -21.78 20.93
C ASP A 1 20.22 -21.59 20.22
N GLU A 2 19.25 -22.39 20.64
CA GLU A 2 17.90 -22.34 20.10
C GLU A 2 17.28 -20.96 20.22
N ALA A 3 17.47 -20.32 21.35
CA ALA A 3 16.87 -19.02 21.58
C ALA A 3 17.63 -17.94 20.83
N ALA A 4 18.87 -18.23 20.49
CA ALA A 4 19.69 -17.25 19.79
C ALA A 4 19.18 -17.05 18.39
N GLU A 5 18.76 -18.16 17.79
CA GLU A 5 18.14 -18.11 16.49
C GLU A 5 16.77 -17.48 16.61
N LEU A 6 16.02 -17.88 17.63
CA LEU A 6 14.69 -17.37 17.86
C LEU A 6 14.67 -15.87 18.10
N MET A 7 15.64 -15.37 18.85
CA MET A 7 15.68 -13.96 19.17
C MET A 7 16.16 -13.18 17.97
N GLN A 8 16.96 -13.82 17.14
CA GLN A 8 17.38 -13.20 15.91
C GLN A 8 16.21 -13.15 14.97
N GLN A 9 15.33 -14.14 15.05
CA GLN A 9 14.15 -14.18 14.21
C GLN A 9 13.32 -12.95 14.45
N VAL A 10 13.10 -12.63 15.70
CA VAL A 10 12.32 -11.44 16.01
C VAL A 10 13.06 -10.21 15.51
N LYS A 11 14.38 -10.29 15.46
CA LYS A 11 15.19 -9.25 14.86
C LYS A 11 14.86 -9.12 13.38
N VAL A 12 14.89 -10.25 12.69
CA VAL A 12 14.65 -10.30 11.27
C VAL A 12 13.20 -9.96 10.96
N LEU A 13 12.31 -10.38 11.82
CA LEU A 13 10.91 -10.07 11.66
C LEU A 13 10.62 -8.66 12.07
N LYS A 14 11.34 -8.16 13.06
CA LYS A 14 11.22 -6.76 13.43
C LYS A 14 11.63 -5.94 12.23
N LEU A 15 12.76 -6.33 11.68
CA LEU A 15 13.31 -5.72 10.48
C LEU A 15 12.33 -5.86 9.32
N THR A 16 11.79 -7.05 9.12
CA THR A 16 10.85 -7.23 8.04
C THR A 16 9.61 -6.40 8.29
N VAL A 17 9.07 -6.53 9.49
CA VAL A 17 7.87 -5.81 9.89
C VAL A 17 8.06 -4.33 9.65
N GLU A 18 9.24 -3.83 9.97
CA GLU A 18 9.47 -2.40 9.89
C GLU A 18 9.78 -2.02 8.45
N ASP A 19 10.61 -2.84 7.80
CA ASP A 19 11.03 -2.59 6.44
C ASP A 19 9.84 -2.52 5.52
N LEU A 20 8.99 -3.51 5.63
CA LEU A 20 7.85 -3.58 4.77
C LEU A 20 6.71 -2.68 5.26
N GLU A 21 6.70 -2.33 6.56
CA GLU A 21 5.75 -1.33 7.07
C GLU A 21 6.00 0.00 6.37
N LYS A 22 7.27 0.38 6.29
CA LYS A 22 7.69 1.57 5.56
C LYS A 22 6.99 1.66 4.22
N GLU A 23 7.07 0.58 3.46
CA GLU A 23 6.48 0.50 2.15
C GLU A 23 4.96 0.44 2.24
N ARG A 24 4.47 -0.38 3.17
CA ARG A 24 3.04 -0.55 3.40
C ARG A 24 2.37 0.80 3.67
N ASP A 25 2.99 1.59 4.53
CA ASP A 25 2.44 2.91 4.89
C ASP A 25 2.63 3.90 3.76
N PHE A 26 3.66 3.69 2.95
CA PHE A 26 3.91 4.57 1.82
C PHE A 26 2.77 4.44 0.81
N TYR A 27 2.49 3.20 0.40
CA TYR A 27 1.43 2.95 -0.57
C TYR A 27 0.08 3.40 0.00
N PHE A 28 -0.20 2.98 1.23
CA PHE A 28 -1.46 3.30 1.88
C PHE A 28 -1.64 4.80 2.07
N GLY A 29 -0.58 5.48 2.49
CA GLY A 29 -0.63 6.92 2.66
C GLY A 29 -0.99 7.62 1.36
N LYS A 30 -0.58 7.01 0.26
CA LYS A 30 -0.90 7.53 -1.05
C LYS A 30 -2.37 7.33 -1.38
N LEU A 31 -2.93 6.19 -0.95
CA LEU A 31 -4.37 5.92 -1.13
C LEU A 31 -5.20 7.04 -0.50
N ARG A 32 -4.69 7.63 0.57
CA ARG A 32 -5.36 8.72 1.26
C ARG A 32 -5.43 9.97 0.39
N ASN A 33 -4.39 10.20 -0.40
CA ASN A 33 -4.33 11.39 -1.23
C ASN A 33 -5.15 11.22 -2.51
N ILE A 34 -5.36 9.98 -2.93
CA ILE A 34 -6.24 9.74 -4.07
C ILE A 34 -7.70 9.82 -3.64
N GLU A 35 -7.94 9.43 -2.39
CA GLU A 35 -9.25 9.52 -1.75
C GLU A 35 -9.90 10.88 -2.00
N LEU A 36 -9.29 11.93 -1.47
CA LEU A 36 -9.88 13.24 -1.54
C LEU A 36 -9.80 13.83 -2.95
N ILE A 37 -8.89 13.32 -3.77
CA ILE A 37 -8.75 13.81 -5.14
C ILE A 37 -9.89 13.32 -6.02
N CYS A 38 -10.35 12.11 -5.75
CA CYS A 38 -11.44 11.54 -6.52
C CYS A 38 -12.74 12.27 -6.21
N GLN A 39 -12.87 12.71 -4.97
CA GLN A 39 -14.03 13.47 -4.57
C GLN A 39 -13.86 14.96 -4.94
N GLU A 40 -12.63 15.34 -5.24
CA GLU A 40 -12.32 16.70 -5.69
C GLU A 40 -12.76 16.88 -7.12
N ASN A 41 -12.73 15.78 -7.86
CA ASN A 41 -13.01 15.84 -9.28
C ASN A 41 -14.02 14.79 -9.69
N GLU A 42 -14.95 14.44 -8.79
CA GLU A 42 -15.91 13.43 -9.16
C GLU A 42 -16.87 13.99 -10.19
N GLY A 43 -17.69 14.98 -9.84
CA GLY A 43 -18.21 16.03 -10.75
C GLY A 43 -18.19 15.78 -12.25
N GLU A 44 -17.07 15.29 -12.74
CA GLU A 44 -16.78 15.16 -14.16
C GLU A 44 -16.58 13.72 -14.52
N ASN A 45 -17.20 12.87 -13.71
CA ASN A 45 -16.97 11.42 -13.55
C ASN A 45 -16.27 10.68 -14.70
N ASP A 46 -15.12 11.18 -15.10
CA ASP A 46 -14.30 10.56 -16.13
C ASP A 46 -13.90 9.15 -15.78
N PRO A 47 -13.80 8.27 -16.79
CA PRO A 47 -13.60 6.83 -16.62
C PRO A 47 -12.48 6.48 -15.64
N VAL A 48 -11.30 7.07 -15.83
CA VAL A 48 -10.16 6.82 -14.94
C VAL A 48 -10.61 6.93 -13.49
N LEU A 49 -11.30 8.00 -13.18
CA LEU A 49 -11.67 8.29 -11.82
C LEU A 49 -12.70 7.30 -11.34
N GLN A 50 -13.54 6.84 -12.25
CA GLN A 50 -14.58 5.89 -11.92
C GLN A 50 -13.98 4.51 -11.66
N ARG A 51 -12.92 4.19 -12.38
CA ARG A 51 -12.28 2.90 -12.20
C ARG A 51 -11.11 2.94 -11.21
N ILE A 52 -10.67 4.13 -10.80
CA ILE A 52 -9.69 4.22 -9.72
C ILE A 52 -10.39 4.33 -8.39
N VAL A 53 -11.59 4.92 -8.36
CA VAL A 53 -12.41 4.82 -7.16
C VAL A 53 -12.83 3.37 -6.99
N ASP A 54 -12.91 2.67 -8.10
CA ASP A 54 -13.09 1.23 -8.07
C ASP A 54 -11.89 0.58 -7.40
N ILE A 55 -10.72 1.09 -7.76
CA ILE A 55 -9.47 0.70 -7.13
C ILE A 55 -9.49 0.95 -5.62
N LEU A 56 -9.76 2.21 -5.24
CA LEU A 56 -9.78 2.60 -3.83
C LEU A 56 -10.85 1.82 -3.05
N TYR A 57 -11.95 1.48 -3.73
CA TYR A 57 -13.10 0.82 -3.09
C TYR A 57 -13.14 -0.68 -3.39
N ALA A 58 -12.03 -1.24 -3.86
CA ALA A 58 -11.95 -2.63 -4.31
C ALA A 58 -12.17 -3.67 -3.19
N THR A 59 -12.76 -3.26 -2.10
CA THR A 59 -13.05 -4.14 -0.97
C THR A 59 -13.81 -5.39 -1.40
N ASP A 60 -13.66 -6.43 -0.60
CA ASP A 60 -14.32 -7.70 -0.84
C ASP A 60 -14.36 -8.52 0.44
N GLU A 61 -14.83 -9.76 0.35
CA GLU A 61 -14.96 -10.63 1.51
C GLU A 61 -13.64 -10.73 2.29
N GLY A 62 -13.71 -10.45 3.59
CA GLY A 62 -12.55 -10.57 4.44
C GLY A 62 -11.80 -9.27 4.60
N PHE A 63 -12.18 -8.27 3.83
CA PHE A 63 -11.54 -6.96 3.89
C PHE A 63 -12.53 -5.96 4.51
N VAL A 64 -12.06 -5.14 5.43
CA VAL A 64 -12.94 -4.28 6.21
C VAL A 64 -13.13 -2.92 5.56
N ILE A 65 -14.38 -2.47 5.50
CA ILE A 65 -14.65 -1.08 5.20
C ILE A 65 -15.19 -0.39 6.45
N PRO A 66 -14.52 0.69 6.85
CA PRO A 66 -14.97 1.52 7.97
C PRO A 66 -16.21 2.33 7.63
N ASP A 67 -16.99 2.62 8.66
CA ASP A 67 -18.15 3.47 8.54
C ASP A 67 -19.17 2.91 7.57
N GLU A 68 -19.26 1.60 7.57
CA GLU A 68 -20.13 0.91 6.65
C GLU A 68 -21.51 0.71 7.25
N GLY A 69 -22.47 1.49 6.77
CA GLY A 69 -23.84 1.35 7.21
C GLY A 69 -24.73 0.85 6.10
N GLY A 70 -24.16 0.73 4.92
CA GLY A 70 -24.90 0.26 3.77
C GLY A 70 -24.22 0.70 2.48
N ASP B 1 9.66 -20.10 29.78
CA ASP B 1 10.96 -20.29 29.09
C ASP B 1 11.23 -19.12 28.17
N GLU B 2 12.48 -18.68 28.18
CA GLU B 2 12.95 -17.58 27.36
C GLU B 2 12.68 -17.82 25.88
N ALA B 3 12.93 -19.03 25.42
CA ALA B 3 12.77 -19.33 24.02
C ALA B 3 11.30 -19.50 23.67
N ALA B 4 10.49 -19.78 24.67
CA ALA B 4 9.06 -19.98 24.45
C ALA B 4 8.42 -18.67 24.06
N GLU B 5 8.86 -17.61 24.72
CA GLU B 5 8.41 -16.28 24.37
C GLU B 5 9.00 -15.88 23.03
N LEU B 6 10.28 -16.17 22.83
CA LEU B 6 10.96 -15.84 21.59
C LEU B 6 10.34 -16.53 20.38
N MET B 7 9.98 -17.79 20.54
CA MET B 7 9.41 -18.54 19.42
C MET B 7 7.99 -18.10 19.18
N GLN B 8 7.34 -17.64 20.23
CA GLN B 8 6.02 -17.10 20.06
C GLN B 8 6.12 -15.76 19.36
N GLN B 9 7.20 -15.03 19.60
CA GLN B 9 7.41 -13.76 18.96
C GLN B 9 7.44 -13.94 17.47
N VAL B 10 8.18 -14.93 17.01
CA VAL B 10 8.24 -15.17 15.57
C VAL B 10 6.84 -15.57 15.08
N LYS B 11 6.06 -16.19 15.95
CA LYS B 11 4.66 -16.48 15.66
C LYS B 11 3.89 -15.18 15.45
N VAL B 12 4.03 -14.27 16.41
CA VAL B 12 3.33 -13.00 16.39
C VAL B 12 3.84 -12.13 15.25
N LEU B 13 5.12 -12.22 14.97
CA LEU B 13 5.71 -11.47 13.88
C LEU B 13 5.40 -12.13 12.56
N LYS B 14 5.34 -13.45 12.55
CA LYS B 14 4.91 -14.15 11.35
C LYS B 14 3.51 -13.70 11.02
N LEU B 15 2.69 -13.70 12.06
CA LEU B 15 1.32 -13.24 12.00
C LEU B 15 1.28 -11.78 11.58
N THR B 16 2.07 -10.94 12.20
CA THR B 16 2.07 -9.54 11.83
C THR B 16 2.56 -9.39 10.40
N VAL B 17 3.68 -10.02 10.10
CA VAL B 17 4.28 -9.96 8.78
C VAL B 17 3.26 -10.38 7.73
N GLU B 18 2.50 -11.41 8.03
CA GLU B 18 1.56 -11.94 7.06
C GLU B 18 0.31 -11.08 7.03
N ASP B 19 -0.17 -10.73 8.22
CA ASP B 19 -1.39 -9.95 8.36
C ASP B 19 -1.27 -8.63 7.64
N LEU B 20 -0.18 -7.95 7.89
CA LEU B 20 0.00 -6.66 7.30
C LEU B 20 0.55 -6.77 5.86
N GLU B 21 1.17 -7.91 5.51
CA GLU B 21 1.53 -8.16 4.11
C GLU B 21 0.29 -8.19 3.25
N LYS B 22 -0.73 -8.90 3.73
CA LYS B 22 -2.03 -8.95 3.09
C LYS B 22 -2.48 -7.56 2.67
N GLU B 23 -2.43 -6.64 3.61
CA GLU B 23 -2.86 -5.28 3.39
C GLU B 23 -1.84 -4.54 2.52
N ARG B 24 -0.56 -4.76 2.80
CA ARG B 24 0.53 -4.14 2.04
C ARG B 24 0.40 -4.46 0.56
N ASP B 25 0.16 -5.73 0.25
CA ASP B 25 0.03 -6.18 -1.13
C ASP B 25 -1.28 -5.72 -1.74
N PHE B 26 -2.29 -5.54 -0.89
CA PHE B 26 -3.59 -5.07 -1.37
C PHE B 26 -3.44 -3.65 -1.90
N TYR B 27 -2.90 -2.76 -1.07
CA TYR B 27 -2.72 -1.37 -1.46
C TYR B 27 -1.79 -1.28 -2.67
N PHE B 28 -0.65 -1.96 -2.58
CA PHE B 28 0.35 -1.93 -3.65
C PHE B 28 -0.21 -2.50 -4.95
N GLY B 29 -0.93 -3.60 -4.86
CA GLY B 29 -1.53 -4.20 -6.05
C GLY B 29 -2.47 -3.23 -6.73
N LYS B 30 -3.08 -2.36 -5.95
CA LYS B 30 -3.95 -1.33 -6.47
C LYS B 30 -3.16 -0.26 -7.20
N LEU B 31 -1.98 0.08 -6.67
CA LEU B 31 -1.08 1.05 -7.32
C LEU B 31 -0.77 0.60 -8.74
N ARG B 32 -0.73 -0.71 -8.96
CA ARG B 32 -0.45 -1.27 -10.27
C ARG B 32 -1.59 -0.97 -11.25
N ASN B 33 -2.81 -0.96 -10.75
CA ASN B 33 -3.98 -0.74 -11.60
C ASN B 33 -4.18 0.75 -11.89
N ILE B 34 -3.66 1.60 -11.02
CA ILE B 34 -3.70 3.04 -11.30
C ILE B 34 -2.61 3.41 -12.28
N GLU B 35 -1.50 2.68 -12.18
CA GLU B 35 -0.36 2.82 -13.09
C GLU B 35 -0.82 2.90 -14.55
N LEU B 36 -1.40 1.82 -15.04
CA LEU B 36 -1.75 1.73 -16.44
C LEU B 36 -2.97 2.60 -16.77
N ILE B 37 -3.76 2.95 -15.76
CA ILE B 37 -4.93 3.79 -15.98
C ILE B 37 -4.53 5.24 -16.25
N CYS B 38 -3.47 5.68 -15.59
CA CYS B 38 -2.99 7.03 -15.76
C CYS B 38 -2.39 7.21 -17.13
N GLN B 39 -1.79 6.15 -17.65
CA GLN B 39 -1.23 6.17 -18.99
C GLN B 39 -2.32 5.88 -20.02
N GLU B 40 -3.44 5.34 -19.55
CA GLU B 40 -4.59 5.08 -20.41
C GLU B 40 -5.30 6.37 -20.74
N ASN B 41 -5.21 7.32 -19.82
CA ASN B 41 -5.94 8.56 -19.94
C ASN B 41 -5.04 9.76 -19.71
N GLU B 42 -3.76 9.65 -20.05
CA GLU B 42 -2.86 10.78 -19.83
C GLU B 42 -3.18 11.91 -20.79
N GLY B 43 -3.05 11.65 -22.09
CA GLY B 43 -3.78 12.33 -23.19
C GLY B 43 -4.58 13.59 -22.86
N GLU B 44 -5.36 13.54 -21.78
CA GLU B 44 -6.31 14.59 -21.44
C GLU B 44 -5.90 15.26 -20.14
N ASN B 45 -4.59 15.19 -19.90
CA ASN B 45 -3.90 15.46 -18.62
C ASN B 45 -4.67 16.28 -17.57
N ASP B 46 -5.84 15.79 -17.19
CA ASP B 46 -6.66 16.41 -16.16
C ASP B 46 -5.95 16.40 -14.81
N PRO B 47 -6.18 17.45 -14.01
CA PRO B 47 -5.46 17.70 -12.75
C PRO B 47 -5.36 16.48 -11.86
N VAL B 48 -6.50 15.82 -11.59
CA VAL B 48 -6.50 14.60 -10.75
C VAL B 48 -5.41 13.66 -11.18
N LEU B 49 -5.34 13.42 -12.48
CA LEU B 49 -4.43 12.43 -13.01
C LEU B 49 -3.01 12.91 -12.89
N GLN B 50 -2.83 14.22 -12.98
CA GLN B 50 -1.51 14.81 -12.87
C GLN B 50 -1.00 14.76 -11.45
N ARG B 51 -1.93 14.88 -10.50
CA ARG B 51 -1.54 14.87 -9.10
C ARG B 51 -1.67 13.47 -8.49
N ILE B 52 -2.30 12.53 -9.18
CA ILE B 52 -2.27 11.14 -8.71
C ILE B 52 -1.09 10.40 -9.31
N VAL B 53 -0.64 10.80 -10.50
CA VAL B 53 0.64 10.31 -10.99
C VAL B 53 1.74 10.88 -10.13
N ASP B 54 1.47 12.04 -9.55
CA ASP B 54 2.33 12.61 -8.53
C ASP B 54 2.34 11.67 -7.32
N ILE B 55 1.17 11.17 -6.99
CA ILE B 55 0.98 10.16 -5.95
C ILE B 55 1.80 8.90 -6.25
N LEU B 56 1.56 8.32 -7.43
CA LEU B 56 2.22 7.08 -7.83
C LEU B 56 3.74 7.28 -7.92
N TYR B 57 4.17 8.49 -8.28
CA TYR B 57 5.59 8.80 -8.49
C TYR B 57 6.18 9.59 -7.32
N ALA B 58 5.53 9.54 -6.17
CA ALA B 58 5.92 10.34 -4.99
C ALA B 58 7.25 9.92 -4.37
N THR B 59 8.08 9.23 -5.13
CA THR B 59 9.38 8.78 -4.67
C THR B 59 10.23 9.93 -4.12
N ASP B 60 11.16 9.58 -3.25
CA ASP B 60 12.06 10.55 -2.65
C ASP B 60 13.29 9.83 -2.10
N GLU B 61 14.14 10.55 -1.40
CA GLU B 61 15.39 10.00 -0.85
C GLU B 61 15.13 8.74 -0.02
N GLY B 62 15.81 7.67 -0.36
CA GLY B 62 15.70 6.43 0.39
C GLY B 62 14.68 5.47 -0.19
N PHE B 63 13.92 5.94 -1.17
CA PHE B 63 12.90 5.12 -1.82
C PHE B 63 13.36 4.81 -3.24
N VAL B 64 13.23 3.56 -3.65
CA VAL B 64 13.80 3.11 -4.92
C VAL B 64 12.81 3.26 -6.07
N ILE B 65 13.30 3.80 -7.18
CA ILE B 65 12.57 3.70 -8.43
C ILE B 65 13.30 2.76 -9.39
N PRO B 66 12.60 1.73 -9.86
CA PRO B 66 13.12 0.80 -10.85
C PRO B 66 13.25 1.43 -12.22
N ASP B 67 14.21 0.92 -12.99
CA ASP B 67 14.41 1.32 -14.37
C ASP B 67 14.71 2.80 -14.48
N GLU B 68 15.44 3.30 -13.50
CA GLU B 68 15.74 4.71 -13.43
C GLU B 68 17.04 5.00 -14.17
N GLY B 69 16.93 5.61 -15.34
CA GLY B 69 18.10 6.02 -16.09
C GLY B 69 18.21 7.52 -16.16
N GLY B 70 17.21 8.20 -15.64
CA GLY B 70 17.19 9.64 -15.66
C GLY B 70 15.78 10.17 -15.52
N LYS C 1 -11.20 13.77 6.69
CA LYS C 1 -11.54 13.20 5.38
C LYS C 1 -12.15 11.85 5.53
N PRO C 2 -13.10 11.58 4.66
CA PRO C 2 -14.11 10.58 4.86
C PRO C 2 -13.59 9.15 4.81
N SER C 3 -13.32 8.60 5.99
CA SER C 3 -12.70 7.30 6.11
C SER C 3 -13.71 6.17 5.88
N LYS C 4 -14.20 6.09 4.66
CA LYS C 4 -14.99 4.95 4.23
C LYS C 4 -14.15 4.01 3.41
N ILE C 5 -12.94 4.45 3.04
CA ILE C 5 -12.07 3.60 2.25
C ILE C 5 -11.66 2.41 3.09
N PRO C 6 -11.65 1.23 2.48
CA PRO C 6 -11.33 -0.02 3.14
C PRO C 6 -10.06 0.00 3.97
N THR C 7 -10.09 -0.81 5.00
CA THR C 7 -9.07 -0.84 6.03
C THR C 7 -8.68 -2.23 6.34
N PRO C 8 -7.62 -2.42 7.13
CA PRO C 8 -7.63 -3.56 7.99
C PRO C 8 -8.78 -3.49 8.97
N GLN C 9 -8.71 -2.54 9.88
CA GLN C 9 -9.73 -2.32 10.87
C GLN C 9 -9.32 -1.17 11.76
N ARG C 10 -9.99 -1.02 12.91
CA ARG C 10 -9.67 0.04 13.87
C ARG C 10 -10.03 1.41 13.30
N LYS C 11 -9.55 2.45 13.96
CA LYS C 11 -9.77 3.82 13.49
C LYS C 11 -8.50 4.39 12.88
N LYS D 1 3.81 -4.26 -18.15
CA LYS D 1 3.50 -2.86 -17.82
C LYS D 1 4.66 -2.21 -17.14
N PRO D 2 4.83 -0.94 -17.45
CA PRO D 2 6.08 -0.25 -17.29
C PRO D 2 6.46 0.01 -15.84
N SER D 3 7.30 -0.87 -15.32
CA SER D 3 7.67 -0.85 -13.91
C SER D 3 8.71 0.23 -13.64
N LYS D 4 8.30 1.48 -13.79
CA LYS D 4 9.10 2.61 -13.35
C LYS D 4 8.57 3.14 -12.04
N ILE D 5 7.40 2.66 -11.64
CA ILE D 5 6.82 3.12 -10.39
C ILE D 5 7.69 2.65 -9.24
N PRO D 6 7.92 3.53 -8.27
CA PRO D 6 8.77 3.27 -7.12
C PRO D 6 8.49 1.95 -6.41
N THR D 7 9.56 1.43 -5.85
CA THR D 7 9.60 0.11 -5.27
C THR D 7 10.26 0.12 -3.94
N PRO D 8 10.19 -0.98 -3.20
CA PRO D 8 11.32 -1.27 -2.34
C PRO D 8 12.58 -1.47 -3.16
N GLN D 9 12.58 -2.54 -3.94
CA GLN D 9 13.71 -2.87 -4.78
C GLN D 9 13.42 -4.19 -5.49
N ARG D 10 14.45 -4.79 -6.09
CA ARG D 10 14.31 -6.06 -6.79
C ARG D 10 13.46 -5.90 -8.05
N LYS D 11 13.04 -7.01 -8.63
CA LYS D 11 12.19 -6.99 -9.81
C LYS D 11 10.77 -7.36 -9.45
N ASP A 1 21.31 -22.85 18.59
CA ASP A 1 20.44 -23.04 19.78
C ASP A 1 19.02 -22.60 19.47
N GLU A 2 18.06 -23.10 20.23
CA GLU A 2 16.64 -22.84 19.97
C GLU A 2 16.34 -21.36 19.90
N ALA A 3 16.75 -20.62 20.90
CA ALA A 3 16.44 -19.20 20.93
C ALA A 3 17.24 -18.43 19.92
N ALA A 4 18.31 -19.03 19.41
CA ALA A 4 19.17 -18.35 18.50
C ALA A 4 18.51 -18.28 17.15
N GLU A 5 17.91 -19.38 16.77
CA GLU A 5 17.14 -19.44 15.55
C GLU A 5 15.83 -18.69 15.75
N LEU A 6 15.32 -18.78 16.97
CA LEU A 6 14.12 -18.07 17.35
C LEU A 6 14.31 -16.56 17.29
N MET A 7 15.52 -16.10 17.57
CA MET A 7 15.79 -14.67 17.52
C MET A 7 16.14 -14.28 16.10
N GLN A 8 16.56 -15.26 15.30
CA GLN A 8 16.68 -15.06 13.86
C GLN A 8 15.35 -14.73 13.30
N GLN A 9 14.38 -15.51 13.74
CA GLN A 9 13.02 -15.30 13.33
C GLN A 9 12.65 -13.87 13.56
N VAL A 10 12.93 -13.34 14.73
CA VAL A 10 12.58 -11.96 14.96
C VAL A 10 13.40 -11.10 14.03
N LYS A 11 14.70 -11.37 13.92
CA LYS A 11 15.58 -10.64 13.00
C LYS A 11 14.93 -10.47 11.63
N VAL A 12 14.48 -11.59 11.10
CA VAL A 12 13.92 -11.65 9.77
C VAL A 12 12.54 -11.03 9.74
N LEU A 13 11.82 -11.15 10.84
CA LEU A 13 10.50 -10.56 10.95
C LEU A 13 10.57 -9.08 11.20
N LYS A 14 11.57 -8.62 11.93
CA LYS A 14 11.74 -7.21 12.16
C LYS A 14 12.06 -6.57 10.84
N LEU A 15 12.94 -7.24 10.14
CA LEU A 15 13.32 -6.86 8.79
C LEU A 15 12.08 -6.86 7.87
N THR A 16 11.26 -7.89 7.95
CA THR A 16 10.10 -7.94 7.08
C THR A 16 9.06 -6.94 7.56
N VAL A 17 8.96 -6.77 8.86
CA VAL A 17 8.05 -5.81 9.46
C VAL A 17 8.47 -4.39 9.10
N GLU A 18 9.76 -4.13 9.09
CA GLU A 18 10.24 -2.79 8.81
C GLU A 18 10.11 -2.52 7.32
N ASP A 19 10.39 -3.54 6.53
CA ASP A 19 10.27 -3.45 5.10
C ASP A 19 8.81 -3.27 4.73
N LEU A 20 7.96 -4.04 5.39
CA LEU A 20 6.53 -3.98 5.17
C LEU A 20 5.92 -2.71 5.73
N GLU A 21 6.46 -2.19 6.83
CA GLU A 21 5.99 -0.92 7.37
C GLU A 21 6.30 0.20 6.40
N LYS A 22 7.47 0.13 5.77
CA LYS A 22 7.85 1.09 4.74
C LYS A 22 6.83 1.05 3.60
N GLU A 23 6.52 -0.16 3.18
CA GLU A 23 5.52 -0.39 2.16
C GLU A 23 4.16 0.15 2.61
N ARG A 24 3.68 -0.34 3.76
CA ARG A 24 2.34 -0.04 4.23
C ARG A 24 2.15 1.46 4.43
N ASP A 25 3.09 2.12 5.10
CA ASP A 25 2.95 3.53 5.43
C ASP A 25 2.88 4.39 4.17
N PHE A 26 3.81 4.17 3.25
CA PHE A 26 3.89 4.97 2.04
C PHE A 26 2.72 4.68 1.12
N TYR A 27 2.44 3.40 0.92
CA TYR A 27 1.39 2.98 -0.02
C TYR A 27 0.00 3.36 0.50
N PHE A 28 -0.20 3.23 1.81
CA PHE A 28 -1.49 3.53 2.42
C PHE A 28 -1.70 5.04 2.53
N GLY A 29 -0.65 5.74 2.94
CA GLY A 29 -0.73 7.18 3.06
C GLY A 29 -1.06 7.82 1.73
N LYS A 30 -0.63 7.18 0.65
CA LYS A 30 -0.92 7.63 -0.69
C LYS A 30 -2.37 7.32 -1.04
N LEU A 31 -2.82 6.12 -0.67
CA LEU A 31 -4.22 5.71 -0.89
C LEU A 31 -5.18 6.67 -0.21
N ARG A 32 -4.78 7.19 0.94
CA ARG A 32 -5.55 8.20 1.65
C ARG A 32 -5.74 9.43 0.77
N ASN A 33 -4.69 9.78 0.05
CA ASN A 33 -4.67 10.99 -0.75
C ASN A 33 -5.41 10.80 -2.08
N ILE A 34 -5.58 9.57 -2.52
CA ILE A 34 -6.32 9.34 -3.76
C ILE A 34 -7.83 9.38 -3.49
N GLU A 35 -8.21 8.85 -2.33
CA GLU A 35 -9.60 8.79 -1.91
C GLU A 35 -10.24 10.18 -1.95
N LEU A 36 -9.70 11.12 -1.18
CA LEU A 36 -10.28 12.45 -1.10
C LEU A 36 -10.15 13.17 -2.43
N ILE A 37 -9.22 12.72 -3.26
CA ILE A 37 -9.03 13.31 -4.57
C ILE A 37 -10.18 12.98 -5.51
N CYS A 38 -10.77 11.82 -5.30
CA CYS A 38 -11.91 11.38 -6.09
C CYS A 38 -13.13 12.23 -5.74
N GLN A 39 -13.24 12.58 -4.48
CA GLN A 39 -14.34 13.43 -4.03
C GLN A 39 -14.02 14.90 -4.32
N GLU A 40 -12.76 15.18 -4.63
CA GLU A 40 -12.34 16.53 -5.00
C GLU A 40 -12.76 16.84 -6.42
N ASN A 41 -12.80 15.80 -7.24
CA ASN A 41 -13.00 15.97 -8.67
C ASN A 41 -14.06 15.03 -9.21
N GLU A 42 -15.06 14.67 -8.40
CA GLU A 42 -16.05 13.76 -8.90
C GLU A 42 -16.83 14.42 -10.03
N GLY A 43 -17.59 15.49 -9.76
CA GLY A 43 -17.81 16.61 -10.70
C GLY A 43 -17.41 16.43 -12.17
N GLU A 44 -16.19 15.93 -12.37
CA GLU A 44 -15.55 15.86 -13.68
C GLU A 44 -15.14 14.45 -14.00
N ASN A 45 -15.84 13.54 -13.37
CA ASN A 45 -15.65 12.07 -13.31
C ASN A 45 -15.01 11.41 -14.55
N ASP A 46 -13.82 11.85 -14.93
CA ASP A 46 -13.07 11.24 -16.03
C ASP A 46 -12.95 9.74 -15.82
N PRO A 47 -13.11 8.97 -16.91
CA PRO A 47 -13.21 7.50 -16.90
C PRO A 47 -12.14 6.81 -16.08
N VAL A 48 -10.92 7.36 -16.05
CA VAL A 48 -9.85 6.73 -15.28
C VAL A 48 -10.21 6.72 -13.81
N LEU A 49 -10.93 7.73 -13.39
CA LEU A 49 -11.32 7.85 -12.00
C LEU A 49 -12.28 6.75 -11.65
N GLN A 50 -13.09 6.32 -12.62
CA GLN A 50 -14.04 5.24 -12.43
C GLN A 50 -13.33 3.92 -12.21
N ARG A 51 -12.20 3.80 -12.85
CA ARG A 51 -11.41 2.59 -12.75
C ARG A 51 -10.40 2.65 -11.59
N ILE A 52 -10.11 3.85 -11.07
CA ILE A 52 -9.29 3.94 -9.86
C ILE A 52 -10.16 3.97 -8.61
N VAL A 53 -11.37 4.51 -8.71
CA VAL A 53 -12.32 4.39 -7.60
C VAL A 53 -12.69 2.93 -7.48
N ASP A 54 -12.64 2.25 -8.63
CA ASP A 54 -12.76 0.80 -8.67
C ASP A 54 -11.59 0.17 -7.92
N ILE A 55 -10.42 0.72 -8.17
CA ILE A 55 -9.19 0.35 -7.47
C ILE A 55 -9.33 0.52 -5.96
N LEU A 56 -9.65 1.74 -5.53
CA LEU A 56 -9.75 2.07 -4.12
C LEU A 56 -10.85 1.23 -3.44
N TYR A 57 -11.94 0.97 -4.17
CA TYR A 57 -13.10 0.27 -3.63
C TYR A 57 -13.17 -1.19 -4.06
N ALA A 58 -12.03 -1.72 -4.50
CA ALA A 58 -11.93 -3.08 -5.05
C ALA A 58 -12.22 -4.20 -4.04
N THR A 59 -12.90 -3.88 -2.96
CA THR A 59 -13.23 -4.85 -1.93
C THR A 59 -14.03 -6.02 -2.50
N ASP A 60 -14.08 -7.09 -1.72
CA ASP A 60 -14.84 -8.28 -2.07
C ASP A 60 -15.10 -9.06 -0.79
N GLU A 61 -15.72 -10.23 -0.89
CA GLU A 61 -16.07 -11.01 0.28
C GLU A 61 -14.81 -11.43 1.04
N GLY A 62 -14.90 -11.38 2.36
CA GLY A 62 -13.76 -11.73 3.20
C GLY A 62 -12.92 -10.54 3.55
N PHE A 63 -12.96 -9.52 2.71
CA PHE A 63 -12.19 -8.30 2.93
C PHE A 63 -13.07 -7.28 3.62
N VAL A 64 -12.51 -6.57 4.60
CA VAL A 64 -13.31 -5.71 5.46
C VAL A 64 -13.42 -4.29 4.94
N ILE A 65 -14.64 -3.79 4.89
CA ILE A 65 -14.86 -2.38 4.66
C ILE A 65 -15.31 -1.72 5.95
N PRO A 66 -14.57 -0.71 6.40
CA PRO A 66 -14.96 0.10 7.55
C PRO A 66 -16.15 0.97 7.23
N ASP A 67 -16.94 1.25 8.24
CA ASP A 67 -18.15 2.05 8.09
C ASP A 67 -19.08 1.39 7.09
N GLU A 68 -19.34 0.13 7.30
CA GLU A 68 -20.15 -0.65 6.39
C GLU A 68 -21.61 -0.27 6.52
N GLY A 69 -22.17 0.26 5.44
CA GLY A 69 -23.55 0.68 5.44
C GLY A 69 -23.97 1.23 4.10
N GLY A 70 -23.33 2.31 3.70
CA GLY A 70 -23.62 2.91 2.41
C GLY A 70 -23.19 4.35 2.36
N ASP B 1 10.17 -17.92 29.98
CA ASP B 1 11.52 -18.34 29.54
C ASP B 1 11.96 -17.51 28.34
N GLU B 2 13.26 -17.43 28.12
CA GLU B 2 13.83 -16.59 27.08
C GLU B 2 13.21 -16.88 25.71
N ALA B 3 13.20 -18.14 25.32
CA ALA B 3 12.69 -18.48 24.00
C ALA B 3 11.18 -18.37 23.94
N ALA B 4 10.55 -18.31 25.10
CA ALA B 4 9.10 -18.26 25.14
C ALA B 4 8.64 -16.88 24.75
N GLU B 5 9.33 -15.89 25.29
CA GLU B 5 9.08 -14.51 24.93
C GLU B 5 9.61 -14.26 23.54
N LEU B 6 10.71 -14.93 23.22
CA LEU B 6 11.31 -14.85 21.91
C LEU B 6 10.39 -15.41 20.84
N MET B 7 9.61 -16.42 21.18
CA MET B 7 8.68 -16.98 20.22
C MET B 7 7.40 -16.18 20.20
N GLN B 8 7.16 -15.44 21.28
CA GLN B 8 6.10 -14.43 21.29
C GLN B 8 6.40 -13.42 20.24
N GLN B 9 7.65 -13.00 20.23
CA GLN B 9 8.11 -12.05 19.27
C GLN B 9 7.75 -12.52 17.90
N VAL B 10 8.03 -13.77 17.58
CA VAL B 10 7.69 -14.24 16.26
C VAL B 10 6.17 -14.22 16.12
N LYS B 11 5.46 -14.71 17.14
CA LYS B 11 3.99 -14.68 17.15
C LYS B 11 3.46 -13.33 16.71
N VAL B 12 3.97 -12.30 17.35
CA VAL B 12 3.51 -10.95 17.14
C VAL B 12 4.02 -10.41 15.80
N LEU B 13 5.19 -10.86 15.40
CA LEU B 13 5.76 -10.47 14.14
C LEU B 13 5.12 -11.20 12.97
N LYS B 14 4.74 -12.46 13.19
CA LYS B 14 4.06 -13.20 12.15
C LYS B 14 2.72 -12.54 11.91
N LEU B 15 2.09 -12.22 13.03
CA LEU B 15 0.84 -11.47 13.03
C LEU B 15 1.03 -10.12 12.34
N THR B 16 2.09 -9.42 12.65
CA THR B 16 2.29 -8.11 12.03
C THR B 16 2.70 -8.29 10.58
N VAL B 17 3.48 -9.32 10.31
CA VAL B 17 3.91 -9.64 8.96
C VAL B 17 2.72 -10.05 8.11
N GLU B 18 1.81 -10.81 8.68
CA GLU B 18 0.65 -11.28 7.93
C GLU B 18 -0.32 -10.14 7.73
N ASP B 19 -0.45 -9.32 8.75
CA ASP B 19 -1.31 -8.15 8.69
C ASP B 19 -0.74 -7.17 7.68
N LEU B 20 0.57 -6.99 7.73
CA LEU B 20 1.26 -6.09 6.83
C LEU B 20 1.34 -6.65 5.41
N GLU B 21 1.43 -7.98 5.28
CA GLU B 21 1.39 -8.59 3.96
C GLU B 21 0.03 -8.37 3.30
N LYS B 22 -1.03 -8.45 4.10
CA LYS B 22 -2.38 -8.15 3.63
C LYS B 22 -2.44 -6.72 3.12
N GLU B 23 -1.89 -5.82 3.92
CA GLU B 23 -1.79 -4.42 3.55
C GLU B 23 -0.98 -4.27 2.27
N ARG B 24 0.27 -4.75 2.31
CA ARG B 24 1.21 -4.53 1.23
C ARG B 24 0.69 -5.10 -0.09
N ASP B 25 0.21 -6.34 -0.07
CA ASP B 25 -0.23 -7.00 -1.31
C ASP B 25 -1.39 -6.26 -1.95
N PHE B 26 -2.41 -5.94 -1.16
CA PHE B 26 -3.61 -5.31 -1.68
C PHE B 26 -3.31 -3.88 -2.10
N TYR B 27 -2.61 -3.13 -1.25
CA TYR B 27 -2.36 -1.73 -1.50
C TYR B 27 -1.40 -1.55 -2.68
N PHE B 28 -0.39 -2.42 -2.77
CA PHE B 28 0.61 -2.33 -3.83
C PHE B 28 0.04 -2.83 -5.15
N GLY B 29 -0.70 -3.93 -5.10
CA GLY B 29 -1.32 -4.47 -6.29
C GLY B 29 -2.27 -3.46 -6.92
N LYS B 30 -2.85 -2.63 -6.08
CA LYS B 30 -3.72 -1.58 -6.55
C LYS B 30 -2.91 -0.44 -7.16
N LEU B 31 -1.80 -0.09 -6.52
CA LEU B 31 -0.90 0.93 -7.02
C LEU B 31 -0.38 0.58 -8.40
N ARG B 32 -0.18 -0.71 -8.64
CA ARG B 32 0.22 -1.22 -9.95
C ARG B 32 -0.84 -0.85 -10.98
N ASN B 33 -2.09 -0.93 -10.57
CA ASN B 33 -3.21 -0.73 -11.48
C ASN B 33 -3.49 0.76 -11.70
N ILE B 34 -3.02 1.62 -10.80
CA ILE B 34 -3.22 3.06 -11.01
C ILE B 34 -2.16 3.61 -11.97
N GLU B 35 -0.96 3.06 -11.85
CA GLU B 35 0.18 3.47 -12.68
C GLU B 35 -0.16 3.36 -14.16
N LEU B 36 -0.50 2.16 -14.61
CA LEU B 36 -0.76 1.94 -16.03
C LEU B 36 -2.03 2.68 -16.45
N ILE B 37 -2.88 3.01 -15.48
CA ILE B 37 -4.10 3.75 -15.75
C ILE B 37 -3.80 5.19 -16.12
N CYS B 38 -2.73 5.72 -15.57
CA CYS B 38 -2.32 7.08 -15.88
C CYS B 38 -1.79 7.15 -17.31
N GLN B 39 -1.12 6.09 -17.75
CA GLN B 39 -0.62 6.03 -19.10
C GLN B 39 -1.73 5.58 -20.06
N GLU B 40 -2.83 5.09 -19.50
CA GLU B 40 -4.00 4.70 -20.28
C GLU B 40 -4.77 5.94 -20.69
N ASN B 41 -4.72 6.96 -19.85
CA ASN B 41 -5.56 8.12 -20.05
C ASN B 41 -4.78 9.42 -19.90
N GLU B 42 -3.51 9.43 -20.26
CA GLU B 42 -2.73 10.65 -20.14
C GLU B 42 -3.28 11.72 -21.06
N GLY B 43 -3.27 11.44 -22.37
CA GLY B 43 -4.22 12.01 -23.35
C GLY B 43 -5.27 12.99 -22.85
N GLU B 44 -5.91 12.67 -21.73
CA GLU B 44 -7.06 13.42 -21.22
C GLU B 44 -6.78 13.92 -19.82
N ASN B 45 -5.48 14.11 -19.57
CA ASN B 45 -4.85 14.46 -18.28
C ASN B 45 -5.68 15.35 -17.33
N ASP B 46 -6.81 14.85 -16.89
CA ASP B 46 -7.64 15.54 -15.91
C ASP B 46 -6.83 15.83 -14.64
N PRO B 47 -7.00 17.04 -14.08
CA PRO B 47 -6.20 17.58 -12.98
C PRO B 47 -5.99 16.61 -11.82
N VAL B 48 -6.97 15.78 -11.52
CA VAL B 48 -6.84 14.83 -10.42
C VAL B 48 -5.71 13.86 -10.71
N LEU B 49 -5.53 13.56 -11.97
CA LEU B 49 -4.51 12.63 -12.39
C LEU B 49 -3.14 13.22 -12.12
N GLN B 50 -3.04 14.54 -12.21
CA GLN B 50 -1.79 15.24 -11.95
C GLN B 50 -1.43 15.15 -10.48
N ARG B 51 -2.44 15.10 -9.65
CA ARG B 51 -2.24 15.03 -8.22
C ARG B 51 -2.16 13.59 -7.73
N ILE B 52 -2.63 12.63 -8.53
CA ILE B 52 -2.43 11.22 -8.17
C ILE B 52 -1.16 10.67 -8.81
N VAL B 53 -0.76 11.18 -9.97
CA VAL B 53 0.56 10.84 -10.50
C VAL B 53 1.60 11.44 -9.58
N ASP B 54 1.22 12.54 -8.94
CA ASP B 54 2.00 13.12 -7.87
C ASP B 54 2.07 12.15 -6.71
N ILE B 55 0.92 11.55 -6.41
CA ILE B 55 0.79 10.49 -5.42
C ILE B 55 1.73 9.32 -5.72
N LEU B 56 1.57 8.74 -6.90
CA LEU B 56 2.32 7.57 -7.31
C LEU B 56 3.83 7.88 -7.36
N TYR B 57 4.17 9.10 -7.76
CA TYR B 57 5.57 9.51 -7.94
C TYR B 57 6.06 10.40 -6.81
N ALA B 58 5.40 10.31 -5.66
CA ALA B 58 5.69 11.17 -4.49
C ALA B 58 7.04 10.88 -3.84
N THR B 59 7.96 10.29 -4.58
CA THR B 59 9.29 9.98 -4.06
C THR B 59 10.02 11.23 -3.59
N ASP B 60 11.06 11.01 -2.80
CA ASP B 60 11.91 12.08 -2.31
C ASP B 60 13.26 11.46 -1.93
N GLU B 61 14.15 12.26 -1.37
CA GLU B 61 15.48 11.78 -1.04
C GLU B 61 15.41 10.68 0.01
N GLY B 62 16.24 9.66 -0.16
CA GLY B 62 16.24 8.55 0.77
C GLY B 62 15.35 7.41 0.31
N PHE B 63 14.34 7.76 -0.47
CA PHE B 63 13.40 6.77 -0.97
C PHE B 63 13.82 6.34 -2.37
N VAL B 64 13.74 5.05 -2.64
CA VAL B 64 14.32 4.48 -3.86
C VAL B 64 13.33 4.47 -5.02
N ILE B 65 13.78 4.98 -6.15
CA ILE B 65 13.06 4.79 -7.39
C ILE B 65 13.79 3.78 -8.27
N PRO B 66 13.10 2.70 -8.64
CA PRO B 66 13.63 1.72 -9.58
C PRO B 66 13.72 2.30 -10.98
N ASP B 67 14.69 1.81 -11.75
CA ASP B 67 14.90 2.29 -13.10
C ASP B 67 15.18 3.78 -13.09
N GLU B 68 16.12 4.17 -12.25
CA GLU B 68 16.44 5.57 -12.08
C GLU B 68 17.22 6.10 -13.27
N GLY B 69 16.62 7.05 -13.97
CA GLY B 69 17.25 7.62 -15.14
C GLY B 69 16.39 8.71 -15.75
N GLY B 70 15.21 8.33 -16.20
CA GLY B 70 14.29 9.30 -16.77
C GLY B 70 13.26 8.63 -17.65
N LYS C 1 -12.30 12.90 5.60
CA LYS C 1 -11.72 11.82 4.78
C LYS C 1 -12.44 10.54 5.01
N PRO C 2 -13.07 10.09 3.93
CA PRO C 2 -13.82 8.86 3.87
C PRO C 2 -13.14 7.67 4.55
N SER C 3 -13.65 7.28 5.71
CA SER C 3 -13.13 6.11 6.40
C SER C 3 -13.86 4.85 5.93
N LYS C 4 -13.98 4.72 4.61
CA LYS C 4 -14.74 3.65 4.01
C LYS C 4 -13.88 2.69 3.21
N ILE C 5 -12.59 2.95 3.11
CA ILE C 5 -11.76 2.13 2.26
C ILE C 5 -11.47 0.82 2.96
N PRO C 6 -11.55 -0.28 2.21
CA PRO C 6 -11.34 -1.61 2.74
C PRO C 6 -10.03 -1.76 3.52
N THR C 7 -10.16 -2.50 4.59
CA THR C 7 -9.18 -2.60 5.65
C THR C 7 -9.06 -3.98 6.14
N PRO C 8 -8.06 -4.24 6.97
CA PRO C 8 -8.20 -5.33 7.85
C PRO C 8 -8.92 -4.90 9.11
N GLN C 9 -9.32 -5.86 9.93
CA GLN C 9 -10.28 -5.57 10.98
C GLN C 9 -9.71 -4.70 12.08
N ARG C 10 -8.62 -5.16 12.69
CA ARG C 10 -8.14 -4.56 13.91
C ARG C 10 -7.43 -3.23 13.67
N LYS C 11 -7.10 -2.55 14.77
CA LYS C 11 -6.43 -1.25 14.74
C LYS C 11 -7.28 -0.22 14.01
N LYS D 1 4.33 -2.44 -18.01
CA LYS D 1 4.03 -1.72 -16.74
C LYS D 1 5.25 -1.10 -16.18
N PRO D 2 5.20 0.23 -16.15
CA PRO D 2 6.24 1.07 -15.62
C PRO D 2 6.85 0.60 -14.31
N SER D 3 8.07 0.08 -14.37
CA SER D 3 8.78 -0.34 -13.17
C SER D 3 9.56 0.84 -12.59
N LYS D 4 8.89 1.97 -12.47
CA LYS D 4 9.53 3.21 -12.06
C LYS D 4 9.01 3.72 -10.73
N ILE D 5 8.03 3.04 -10.16
CA ILE D 5 7.43 3.56 -8.93
C ILE D 5 8.34 3.29 -7.76
N PRO D 6 8.50 4.30 -6.92
CA PRO D 6 9.36 4.23 -5.75
C PRO D 6 9.13 2.99 -4.89
N THR D 7 10.25 2.46 -4.44
CA THR D 7 10.35 1.15 -3.83
C THR D 7 11.28 1.17 -2.69
N PRO D 8 11.32 0.10 -1.92
CA PRO D 8 12.49 -0.17 -1.19
C PRO D 8 13.49 -0.93 -2.04
N GLN D 9 14.72 -1.04 -1.58
CA GLN D 9 15.79 -1.46 -2.45
C GLN D 9 15.68 -2.92 -2.86
N ARG D 10 15.63 -3.80 -1.87
CA ARG D 10 15.79 -5.23 -2.11
C ARG D 10 14.54 -5.84 -2.73
N LYS D 11 14.67 -7.11 -3.13
CA LYS D 11 13.59 -7.88 -3.75
C LYS D 11 13.12 -7.21 -5.04
N ASP A 1 22.31 -21.54 18.85
CA ASP A 1 21.51 -21.96 20.03
C ASP A 1 20.04 -21.69 19.75
N GLU A 2 19.17 -22.52 20.33
CA GLU A 2 17.73 -22.47 20.03
C GLU A 2 17.16 -21.05 20.13
N ALA A 3 17.36 -20.42 21.28
CA ALA A 3 16.81 -19.09 21.47
C ALA A 3 17.55 -18.06 20.66
N ALA A 4 18.77 -18.38 20.27
CA ALA A 4 19.58 -17.45 19.51
C ALA A 4 19.01 -17.30 18.12
N GLU A 5 18.51 -18.40 17.59
CA GLU A 5 17.83 -18.37 16.31
C GLU A 5 16.49 -17.70 16.48
N LEU A 6 15.77 -18.05 17.53
CA LEU A 6 14.45 -17.47 17.79
C LEU A 6 14.52 -15.96 17.95
N MET A 7 15.54 -15.46 18.62
CA MET A 7 15.67 -14.03 18.84
C MET A 7 16.16 -13.37 17.57
N GLN A 8 16.92 -14.11 16.78
CA GLN A 8 17.37 -13.61 15.50
C GLN A 8 16.18 -13.56 14.56
N GLN A 9 15.26 -14.49 14.74
CA GLN A 9 14.04 -14.49 13.95
C GLN A 9 13.28 -13.20 14.18
N VAL A 10 13.10 -12.83 15.43
CA VAL A 10 12.39 -11.59 15.72
C VAL A 10 13.16 -10.42 15.15
N LYS A 11 14.48 -10.58 15.04
CA LYS A 11 15.31 -9.59 14.37
C LYS A 11 14.91 -9.46 12.90
N VAL A 12 14.84 -10.60 12.23
CA VAL A 12 14.50 -10.62 10.82
C VAL A 12 13.07 -10.20 10.60
N LEU A 13 12.20 -10.59 11.52
CA LEU A 13 10.82 -10.19 11.44
C LEU A 13 10.66 -8.75 11.82
N LYS A 14 11.47 -8.28 12.75
CA LYS A 14 11.48 -6.88 13.10
C LYS A 14 11.85 -6.09 11.87
N LEU A 15 12.94 -6.54 11.28
CA LEU A 15 13.45 -5.96 10.05
C LEU A 15 12.40 -6.02 8.96
N THR A 16 11.73 -7.14 8.83
CA THR A 16 10.72 -7.26 7.81
C THR A 16 9.53 -6.36 8.16
N VAL A 17 9.09 -6.43 9.40
CA VAL A 17 7.98 -5.64 9.88
C VAL A 17 8.26 -4.15 9.75
N GLU A 18 9.53 -3.78 9.78
CA GLU A 18 9.87 -2.38 9.61
C GLU A 18 10.06 -2.04 8.15
N ASP A 19 10.77 -2.92 7.45
CA ASP A 19 11.13 -2.70 6.06
C ASP A 19 9.90 -2.61 5.19
N LEU A 20 9.03 -3.59 5.34
CA LEU A 20 7.86 -3.66 4.49
C LEU A 20 6.74 -2.73 4.98
N GLU A 21 6.77 -2.38 6.28
CA GLU A 21 5.84 -1.38 6.79
C GLU A 21 6.09 -0.03 6.15
N LYS A 22 7.36 0.26 5.91
CA LYS A 22 7.73 1.46 5.18
C LYS A 22 6.98 1.52 3.85
N GLU A 23 6.92 0.37 3.18
CA GLU A 23 6.17 0.26 1.93
C GLU A 23 4.67 0.40 2.20
N ARG A 24 4.17 -0.40 3.13
CA ARG A 24 2.76 -0.45 3.47
C ARG A 24 2.23 0.93 3.83
N ASP A 25 2.97 1.64 4.67
CA ASP A 25 2.59 2.97 5.12
C ASP A 25 2.68 3.98 3.98
N PHE A 26 3.73 3.89 3.17
CA PHE A 26 3.95 4.83 2.08
C PHE A 26 2.87 4.65 1.01
N TYR A 27 2.47 3.41 0.79
CA TYR A 27 1.43 3.10 -0.18
C TYR A 27 0.06 3.49 0.37
N PHE A 28 -0.13 3.26 1.67
CA PHE A 28 -1.38 3.60 2.34
C PHE A 28 -1.56 5.11 2.37
N GLY A 29 -0.48 5.82 2.67
CA GLY A 29 -0.51 7.27 2.66
C GLY A 29 -0.89 7.82 1.31
N LYS A 30 -0.48 7.13 0.26
CA LYS A 30 -0.85 7.49 -1.10
C LYS A 30 -2.35 7.36 -1.28
N LEU A 31 -2.89 6.24 -0.82
CA LEU A 31 -4.31 5.94 -1.00
C LEU A 31 -5.20 6.95 -0.29
N ARG A 32 -4.69 7.54 0.80
CA ARG A 32 -5.41 8.61 1.48
C ARG A 32 -5.56 9.80 0.55
N ASN A 33 -4.51 10.06 -0.21
CA ASN A 33 -4.46 11.25 -1.03
C ASN A 33 -5.23 11.04 -2.35
N ILE A 34 -5.48 9.81 -2.73
CA ILE A 34 -6.27 9.59 -3.95
C ILE A 34 -7.75 9.68 -3.65
N GLU A 35 -8.13 9.25 -2.45
CA GLU A 35 -9.52 9.27 -2.03
C GLU A 35 -10.10 10.68 -2.11
N LEU A 36 -9.46 11.62 -1.41
CA LEU A 36 -9.98 12.99 -1.39
C LEU A 36 -9.81 13.66 -2.74
N ILE A 37 -8.93 13.12 -3.58
CA ILE A 37 -8.74 13.64 -4.93
C ILE A 37 -9.91 13.26 -5.82
N CYS A 38 -10.57 12.17 -5.47
CA CYS A 38 -11.75 11.74 -6.20
C CYS A 38 -12.90 12.71 -5.92
N GLN A 39 -12.97 13.20 -4.69
CA GLN A 39 -13.99 14.17 -4.32
C GLN A 39 -13.59 15.57 -4.77
N GLU A 40 -12.30 15.75 -5.04
CA GLU A 40 -11.79 17.02 -5.55
C GLU A 40 -12.24 17.20 -6.98
N ASN A 41 -12.39 16.08 -7.68
CA ASN A 41 -12.67 16.12 -9.10
C ASN A 41 -13.83 15.21 -9.47
N GLU A 42 -14.80 15.03 -8.58
CA GLU A 42 -15.90 14.16 -8.90
C GLU A 42 -16.76 14.77 -10.00
N GLY A 43 -17.48 15.86 -9.73
CA GLY A 43 -17.75 16.94 -10.71
C GLY A 43 -17.47 16.67 -12.19
N GLU A 44 -16.27 16.15 -12.44
CA GLU A 44 -15.71 16.02 -13.78
C GLU A 44 -15.35 14.57 -14.08
N ASN A 45 -16.05 13.71 -13.35
CA ASN A 45 -15.89 12.24 -13.25
C ASN A 45 -15.34 11.50 -14.48
N ASP A 46 -14.20 11.91 -14.98
CA ASP A 46 -13.49 11.22 -16.06
C ASP A 46 -13.31 9.74 -15.75
N PRO A 47 -13.31 8.91 -16.81
CA PRO A 47 -13.34 7.44 -16.71
C PRO A 47 -12.25 6.85 -15.86
N VAL A 48 -11.05 7.47 -15.88
CA VAL A 48 -9.95 7.03 -15.02
C VAL A 48 -10.41 6.91 -13.58
N LEU A 49 -11.23 7.86 -13.19
CA LEU A 49 -11.63 7.98 -11.82
C LEU A 49 -12.60 6.87 -11.47
N GLN A 50 -13.42 6.46 -12.43
CA GLN A 50 -14.36 5.36 -12.23
C GLN A 50 -13.63 4.06 -12.00
N ARG A 51 -12.53 3.94 -12.69
CA ARG A 51 -11.72 2.74 -12.60
C ARG A 51 -10.69 2.80 -11.46
N ILE A 52 -10.36 3.99 -10.97
CA ILE A 52 -9.49 4.09 -9.80
C ILE A 52 -10.32 4.14 -8.51
N VAL A 53 -11.55 4.68 -8.57
CA VAL A 53 -12.44 4.59 -7.42
C VAL A 53 -12.81 3.12 -7.24
N ASP A 54 -12.83 2.41 -8.37
CA ASP A 54 -12.93 0.96 -8.34
C ASP A 54 -11.73 0.37 -7.62
N ILE A 55 -10.57 0.90 -7.97
CA ILE A 55 -9.31 0.57 -7.31
C ILE A 55 -9.40 0.79 -5.81
N LEU A 56 -9.70 2.02 -5.40
CA LEU A 56 -9.76 2.37 -3.99
C LEU A 56 -10.78 1.49 -3.26
N TYR A 57 -11.87 1.17 -3.95
CA TYR A 57 -12.99 0.40 -3.39
C TYR A 57 -12.97 -1.07 -3.81
N ALA A 58 -11.80 -1.55 -4.24
CA ALA A 58 -11.61 -2.91 -4.77
C ALA A 58 -11.97 -4.04 -3.77
N THR A 59 -12.76 -3.74 -2.76
CA THR A 59 -13.16 -4.71 -1.75
C THR A 59 -13.87 -5.92 -2.36
N ASP A 60 -13.88 -7.00 -1.59
CA ASP A 60 -14.59 -8.21 -1.99
C ASP A 60 -14.91 -9.03 -0.74
N GLU A 61 -15.50 -10.20 -0.92
CA GLU A 61 -15.87 -11.06 0.20
C GLU A 61 -14.64 -11.46 1.00
N GLY A 62 -14.73 -11.31 2.31
CA GLY A 62 -13.61 -11.65 3.17
C GLY A 62 -12.74 -10.45 3.49
N PHE A 63 -12.98 -9.36 2.78
CA PHE A 63 -12.22 -8.14 3.01
C PHE A 63 -13.08 -7.13 3.75
N VAL A 64 -12.49 -6.43 4.71
CA VAL A 64 -13.24 -5.57 5.61
C VAL A 64 -13.35 -4.15 5.09
N ILE A 65 -14.56 -3.65 5.03
CA ILE A 65 -14.78 -2.23 4.85
C ILE A 65 -15.27 -1.62 6.14
N PRO A 66 -14.55 -0.61 6.63
CA PRO A 66 -14.93 0.14 7.82
C PRO A 66 -16.15 0.99 7.58
N ASP A 67 -16.92 1.19 8.64
CA ASP A 67 -18.09 2.03 8.59
C ASP A 67 -19.09 1.52 7.58
N GLU A 68 -19.42 0.25 7.69
CA GLU A 68 -20.33 -0.40 6.79
C GLU A 68 -21.78 -0.15 7.21
N GLY A 69 -22.52 0.54 6.36
CA GLY A 69 -23.92 0.80 6.64
C GLY A 69 -24.13 2.08 7.40
N GLY A 70 -23.60 2.14 8.62
CA GLY A 70 -23.78 3.31 9.45
C GLY A 70 -22.90 3.28 10.67
N ASP B 1 9.07 -19.09 29.53
CA ASP B 1 10.49 -19.46 29.29
C ASP B 1 11.07 -18.57 28.21
N GLU B 2 12.37 -18.31 28.29
CA GLU B 2 13.03 -17.36 27.39
C GLU B 2 12.72 -17.63 25.91
N ALA B 3 12.97 -18.84 25.47
CA ALA B 3 12.75 -19.17 24.08
C ALA B 3 11.26 -19.24 23.76
N ALA B 4 10.46 -19.46 24.78
CA ALA B 4 9.03 -19.59 24.58
C ALA B 4 8.45 -18.24 24.20
N GLU B 5 8.99 -17.19 24.80
CA GLU B 5 8.61 -15.85 24.43
C GLU B 5 9.18 -15.52 23.06
N LEU B 6 10.43 -15.87 22.85
CA LEU B 6 11.08 -15.59 21.58
C LEU B 6 10.37 -16.26 20.41
N MET B 7 9.91 -17.48 20.60
CA MET B 7 9.23 -18.20 19.53
C MET B 7 7.82 -17.67 19.39
N GLN B 8 7.27 -17.18 20.49
CA GLN B 8 5.96 -16.58 20.44
C GLN B 8 6.06 -15.24 19.73
N GLN B 9 7.21 -14.59 19.88
CA GLN B 9 7.47 -13.34 19.18
C GLN B 9 7.41 -13.58 17.69
N VAL B 10 8.09 -14.61 17.21
CA VAL B 10 8.07 -14.89 15.79
C VAL B 10 6.64 -15.22 15.37
N LYS B 11 5.86 -15.75 16.30
CA LYS B 11 4.44 -15.99 16.06
C LYS B 11 3.73 -14.66 15.80
N VAL B 12 3.94 -13.71 16.70
CA VAL B 12 3.29 -12.41 16.61
C VAL B 12 3.81 -11.66 15.40
N LEU B 13 5.10 -11.80 15.13
CA LEU B 13 5.69 -11.16 13.98
C LEU B 13 5.27 -11.86 12.71
N LYS B 14 5.12 -13.18 12.78
CA LYS B 14 4.60 -13.94 11.65
C LYS B 14 3.22 -13.42 11.35
N LEU B 15 2.41 -13.36 12.40
CA LEU B 15 1.06 -12.84 12.33
C LEU B 15 1.07 -11.42 11.79
N THR B 16 1.97 -10.59 12.28
CA THR B 16 2.03 -9.23 11.81
C THR B 16 2.49 -9.20 10.36
N VAL B 17 3.55 -9.94 10.07
CA VAL B 17 4.11 -10.01 8.73
C VAL B 17 3.10 -10.57 7.75
N GLU B 18 2.16 -11.36 8.21
CA GLU B 18 1.13 -11.88 7.32
C GLU B 18 -0.06 -10.93 7.27
N ASP B 19 -0.46 -10.44 8.44
CA ASP B 19 -1.64 -9.60 8.56
C ASP B 19 -1.46 -8.31 7.80
N LEU B 20 -0.35 -7.65 8.02
CA LEU B 20 -0.13 -6.35 7.41
C LEU B 20 0.37 -6.49 5.97
N GLU B 21 0.97 -7.63 5.63
CA GLU B 21 1.34 -7.91 4.24
C GLU B 21 0.11 -7.99 3.37
N LYS B 22 -0.96 -8.54 3.93
CA LYS B 22 -2.26 -8.56 3.25
C LYS B 22 -2.64 -7.14 2.83
N GLU B 23 -2.42 -6.19 3.73
CA GLU B 23 -2.67 -4.78 3.45
C GLU B 23 -1.67 -4.28 2.41
N ARG B 24 -0.39 -4.50 2.68
CA ARG B 24 0.71 -4.02 1.83
C ARG B 24 0.53 -4.51 0.40
N ASP B 25 0.23 -5.79 0.23
CA ASP B 25 0.05 -6.38 -1.08
C ASP B 25 -1.22 -5.88 -1.76
N PHE B 26 -2.29 -5.75 -0.99
CA PHE B 26 -3.58 -5.31 -1.53
C PHE B 26 -3.49 -3.86 -1.98
N TYR B 27 -2.73 -3.06 -1.23
CA TYR B 27 -2.55 -1.66 -1.56
C TYR B 27 -1.59 -1.53 -2.74
N PHE B 28 -0.56 -2.37 -2.76
CA PHE B 28 0.42 -2.37 -3.83
C PHE B 28 -0.21 -2.81 -5.14
N GLY B 29 -1.04 -3.84 -5.06
CA GLY B 29 -1.78 -4.31 -6.22
C GLY B 29 -2.66 -3.24 -6.81
N LYS B 30 -3.18 -2.38 -5.94
CA LYS B 30 -3.98 -1.25 -6.38
C LYS B 30 -3.12 -0.28 -7.18
N LEU B 31 -1.93 0.00 -6.66
CA LEU B 31 -1.03 0.97 -7.27
C LEU B 31 -0.57 0.53 -8.66
N ARG B 32 -0.52 -0.77 -8.87
CA ARG B 32 -0.21 -1.32 -10.19
C ARG B 32 -1.31 -0.92 -11.17
N ASN B 33 -2.54 -0.94 -10.69
CA ASN B 33 -3.69 -0.71 -11.55
C ASN B 33 -3.92 0.79 -11.78
N ILE B 34 -3.37 1.64 -10.93
CA ILE B 34 -3.52 3.07 -11.17
C ILE B 34 -2.48 3.57 -12.17
N GLU B 35 -1.30 2.97 -12.13
CA GLU B 35 -0.21 3.34 -13.03
C GLU B 35 -0.64 3.21 -14.48
N LEU B 36 -1.09 2.02 -14.89
CA LEU B 36 -1.45 1.81 -16.27
C LEU B 36 -2.73 2.57 -16.63
N ILE B 37 -3.50 2.95 -15.61
CA ILE B 37 -4.70 3.75 -15.81
C ILE B 37 -4.33 5.18 -16.19
N CYS B 38 -3.17 5.62 -15.74
CA CYS B 38 -2.67 6.93 -16.09
C CYS B 38 -2.31 6.98 -17.57
N GLN B 39 -1.77 5.87 -18.07
CA GLN B 39 -1.42 5.80 -19.48
C GLN B 39 -2.65 5.46 -20.32
N GLU B 40 -3.70 4.95 -19.65
CA GLU B 40 -4.96 4.67 -20.32
C GLU B 40 -5.67 5.97 -20.65
N ASN B 41 -5.42 6.98 -19.83
CA ASN B 41 -6.14 8.23 -19.94
C ASN B 41 -5.20 9.43 -19.89
N GLU B 42 -3.98 9.29 -20.40
CA GLU B 42 -3.05 10.41 -20.38
C GLU B 42 -3.51 11.51 -21.33
N GLY B 43 -3.53 11.21 -22.62
CA GLY B 43 -4.44 11.84 -23.60
C GLY B 43 -5.40 12.93 -23.10
N GLU B 44 -6.04 12.67 -21.97
CA GLU B 44 -7.12 13.51 -21.45
C GLU B 44 -6.76 14.04 -20.07
N ASN B 45 -5.45 14.14 -19.85
CA ASN B 45 -4.75 14.45 -18.59
C ASN B 45 -5.46 15.43 -17.64
N ASP B 46 -6.64 15.06 -17.17
CA ASP B 46 -7.38 15.79 -16.15
C ASP B 46 -6.55 15.95 -14.89
N PRO B 47 -6.77 17.08 -14.18
CA PRO B 47 -5.95 17.52 -13.04
C PRO B 47 -5.77 16.46 -11.96
N VAL B 48 -6.82 15.67 -11.72
CA VAL B 48 -6.74 14.57 -10.74
C VAL B 48 -5.52 13.72 -11.02
N LEU B 49 -5.27 13.50 -12.30
CA LEU B 49 -4.25 12.58 -12.71
C LEU B 49 -2.89 13.18 -12.44
N GLN B 50 -2.77 14.50 -12.57
CA GLN B 50 -1.51 15.18 -12.29
C GLN B 50 -1.16 15.07 -10.82
N ARG B 51 -2.18 15.08 -10.01
CA ARG B 51 -1.99 15.01 -8.57
C ARG B 51 -1.95 13.57 -8.06
N ILE B 52 -2.46 12.61 -8.84
CA ILE B 52 -2.31 11.21 -8.45
C ILE B 52 -1.07 10.59 -9.08
N VAL B 53 -0.64 11.09 -10.24
CA VAL B 53 0.66 10.67 -10.78
C VAL B 53 1.74 11.21 -9.86
N ASP B 54 1.44 12.35 -9.24
CA ASP B 54 2.26 12.87 -8.16
C ASP B 54 2.26 11.88 -7.00
N ILE B 55 1.07 11.38 -6.70
CA ILE B 55 0.88 10.34 -5.72
C ILE B 55 1.75 9.12 -6.03
N LEU B 56 1.54 8.54 -7.20
CA LEU B 56 2.26 7.34 -7.60
C LEU B 56 3.78 7.59 -7.58
N TYR B 57 4.18 8.80 -7.95
CA TYR B 57 5.59 9.17 -8.04
C TYR B 57 6.05 10.02 -6.86
N ALA B 58 5.37 9.87 -5.72
CA ALA B 58 5.63 10.67 -4.51
C ALA B 58 7.01 10.44 -3.88
N THR B 59 7.97 9.97 -4.68
CA THR B 59 9.31 9.69 -4.21
C THR B 59 9.99 10.94 -3.66
N ASP B 60 11.01 10.72 -2.86
CA ASP B 60 11.83 11.79 -2.31
C ASP B 60 13.20 11.25 -1.93
N GLU B 61 14.05 12.09 -1.36
CA GLU B 61 15.39 11.68 -0.97
C GLU B 61 15.35 10.55 0.06
N GLY B 62 16.12 9.51 -0.19
CA GLY B 62 16.15 8.37 0.69
C GLY B 62 15.20 7.27 0.27
N PHE B 63 14.35 7.57 -0.70
CA PHE B 63 13.40 6.60 -1.21
C PHE B 63 13.87 6.12 -2.58
N VAL B 64 13.73 4.82 -2.82
CA VAL B 64 14.29 4.20 -4.02
C VAL B 64 13.31 4.20 -5.17
N ILE B 65 13.76 4.68 -6.31
CA ILE B 65 13.05 4.46 -7.54
C ILE B 65 13.82 3.48 -8.41
N PRO B 66 13.15 2.39 -8.80
CA PRO B 66 13.73 1.40 -9.68
C PRO B 66 13.89 1.92 -11.10
N ASP B 67 14.90 1.41 -11.78
CA ASP B 67 15.16 1.77 -13.16
C ASP B 67 15.40 3.25 -13.30
N GLU B 68 16.32 3.76 -12.50
CA GLU B 68 16.64 5.16 -12.50
C GLU B 68 17.64 5.49 -13.60
N GLY B 69 17.23 6.31 -14.55
CA GLY B 69 18.11 6.71 -15.63
C GLY B 69 18.05 5.78 -16.82
N GLY B 70 18.44 4.54 -16.62
CA GLY B 70 18.46 3.57 -17.70
C GLY B 70 18.68 2.17 -17.20
N LYS C 1 -12.03 13.02 5.01
CA LYS C 1 -11.57 11.87 4.20
C LYS C 1 -12.34 10.66 4.55
N PRO C 2 -13.11 10.24 3.55
CA PRO C 2 -13.93 9.07 3.62
C PRO C 2 -13.26 7.88 4.29
N SER C 3 -13.60 7.63 5.54
CA SER C 3 -12.99 6.53 6.29
C SER C 3 -13.73 5.23 6.00
N LYS C 4 -14.10 5.06 4.74
CA LYS C 4 -14.83 3.89 4.27
C LYS C 4 -13.91 2.96 3.52
N ILE C 5 -12.66 3.36 3.30
CA ILE C 5 -11.77 2.55 2.49
C ILE C 5 -11.47 1.24 3.20
N PRO C 6 -11.62 0.14 2.48
CA PRO C 6 -11.41 -1.19 3.01
C PRO C 6 -10.08 -1.37 3.73
N THR C 7 -10.16 -2.11 4.81
CA THR C 7 -9.12 -2.25 5.80
C THR C 7 -9.02 -3.66 6.23
N PRO C 8 -8.24 -3.97 7.28
CA PRO C 8 -8.59 -5.13 7.99
C PRO C 8 -9.39 -4.75 9.22
N GLN C 9 -9.50 -5.64 10.17
CA GLN C 9 -10.31 -5.33 11.32
C GLN C 9 -9.50 -4.57 12.36
N ARG C 10 -10.17 -3.65 13.04
CA ARG C 10 -9.60 -2.85 14.12
C ARG C 10 -8.69 -1.75 13.57
N LYS C 11 -8.28 -0.85 14.44
CA LYS C 11 -7.52 0.31 14.03
C LYS C 11 -6.12 0.26 14.62
N LYS D 1 3.67 -2.21 -17.92
CA LYS D 1 3.48 -1.42 -16.69
C LYS D 1 4.78 -0.88 -16.22
N PRO D 2 4.85 0.44 -16.31
CA PRO D 2 6.00 1.20 -15.88
C PRO D 2 6.61 0.72 -14.57
N SER D 3 7.71 0.00 -14.65
CA SER D 3 8.35 -0.53 -13.46
C SER D 3 9.30 0.51 -12.87
N LYS D 4 8.85 1.75 -12.89
CA LYS D 4 9.59 2.88 -12.38
C LYS D 4 9.05 3.32 -11.03
N ILE D 5 7.96 2.72 -10.58
CA ILE D 5 7.35 3.18 -9.35
C ILE D 5 8.26 2.90 -8.18
N PRO D 6 8.47 3.92 -7.34
CA PRO D 6 9.36 3.84 -6.20
C PRO D 6 9.09 2.65 -5.29
N THR D 7 10.17 2.10 -4.82
CA THR D 7 10.22 0.83 -4.15
C THR D 7 11.14 0.90 -2.99
N PRO D 8 11.46 -0.21 -2.32
CA PRO D 8 12.71 -0.20 -1.67
C PRO D 8 13.75 -0.88 -2.53
N GLN D 9 14.86 -1.29 -1.95
CA GLN D 9 15.88 -1.89 -2.76
C GLN D 9 15.64 -3.38 -2.91
N ARG D 10 15.99 -3.88 -4.10
CA ARG D 10 15.89 -5.29 -4.44
C ARG D 10 14.44 -5.69 -4.72
N LYS D 11 14.27 -6.90 -5.24
CA LYS D 11 12.96 -7.36 -5.66
C LYS D 11 12.50 -8.52 -4.80
N ASP A 1 21.30 -22.40 19.08
CA ASP A 1 20.31 -23.09 19.94
C ASP A 1 18.91 -22.69 19.54
N GLU A 2 17.93 -23.21 20.26
CA GLU A 2 16.52 -22.94 20.01
C GLU A 2 16.23 -21.44 19.92
N ALA A 3 16.76 -20.68 20.87
CA ALA A 3 16.43 -19.27 20.91
C ALA A 3 17.25 -18.48 19.92
N ALA A 4 18.33 -19.08 19.44
CA ALA A 4 19.19 -18.40 18.50
C ALA A 4 18.46 -18.27 17.19
N GLU A 5 17.83 -19.36 16.81
CA GLU A 5 17.01 -19.40 15.63
C GLU A 5 15.76 -18.55 15.83
N LEU A 6 15.19 -18.64 17.02
CA LEU A 6 14.06 -17.83 17.39
C LEU A 6 14.35 -16.34 17.29
N MET A 7 15.55 -15.94 17.68
CA MET A 7 15.91 -14.54 17.63
C MET A 7 16.26 -14.16 16.21
N GLN A 8 16.64 -15.15 15.41
CA GLN A 8 16.77 -14.95 13.97
C GLN A 8 15.44 -14.63 13.41
N GLN A 9 14.46 -15.39 13.84
CA GLN A 9 13.10 -15.18 13.40
C GLN A 9 12.75 -13.73 13.62
N VAL A 10 13.02 -13.21 14.80
CA VAL A 10 12.65 -11.84 15.05
C VAL A 10 13.50 -10.90 14.22
N LYS A 11 14.73 -11.32 13.92
CA LYS A 11 15.59 -10.58 13.00
C LYS A 11 14.95 -10.48 11.63
N VAL A 12 14.49 -11.63 11.14
CA VAL A 12 13.94 -11.75 9.82
C VAL A 12 12.56 -11.14 9.76
N LEU A 13 11.82 -11.26 10.85
CA LEU A 13 10.51 -10.64 10.93
C LEU A 13 10.65 -9.16 11.16
N LYS A 14 11.66 -8.75 11.90
CA LYS A 14 11.93 -7.33 12.07
C LYS A 14 12.17 -6.74 10.70
N LEU A 15 12.98 -7.45 9.95
CA LEU A 15 13.31 -7.10 8.59
C LEU A 15 12.05 -7.09 7.72
N THR A 16 11.23 -8.12 7.82
CA THR A 16 10.04 -8.16 7.00
C THR A 16 9.04 -7.11 7.48
N VAL A 17 9.00 -6.90 8.78
CA VAL A 17 8.13 -5.91 9.37
C VAL A 17 8.55 -4.52 8.95
N GLU A 18 9.84 -4.27 8.89
CA GLU A 18 10.33 -2.93 8.53
C GLU A 18 10.18 -2.73 7.04
N ASP A 19 10.42 -3.80 6.29
CA ASP A 19 10.28 -3.77 4.85
C ASP A 19 8.81 -3.55 4.50
N LEU A 20 7.96 -4.24 5.23
CA LEU A 20 6.52 -4.14 5.04
C LEU A 20 5.95 -2.84 5.59
N GLU A 21 6.52 -2.33 6.68
CA GLU A 21 6.07 -1.05 7.24
C GLU A 21 6.27 0.07 6.23
N LYS A 22 7.38 0.00 5.49
CA LYS A 22 7.66 0.98 4.45
C LYS A 22 6.57 0.94 3.39
N GLU A 23 6.20 -0.27 3.02
CA GLU A 23 5.11 -0.49 2.06
C GLU A 23 3.80 0.00 2.65
N ARG A 24 3.51 -0.44 3.87
CA ARG A 24 2.27 -0.10 4.56
C ARG A 24 2.10 1.41 4.64
N ASP A 25 3.09 2.09 5.19
CA ASP A 25 3.00 3.53 5.44
C ASP A 25 2.91 4.32 4.15
N PHE A 26 3.88 4.13 3.26
CA PHE A 26 3.97 4.93 2.05
C PHE A 26 2.80 4.66 1.11
N TYR A 27 2.49 3.39 0.89
CA TYR A 27 1.44 3.02 -0.06
C TYR A 27 0.08 3.49 0.45
N PHE A 28 -0.13 3.42 1.76
CA PHE A 28 -1.40 3.81 2.35
C PHE A 28 -1.50 5.32 2.47
N GLY A 29 -0.37 5.97 2.79
CA GLY A 29 -0.33 7.42 2.80
C GLY A 29 -0.66 7.98 1.44
N LYS A 30 -0.27 7.26 0.41
CA LYS A 30 -0.60 7.64 -0.95
C LYS A 30 -2.06 7.32 -1.22
N LEU A 31 -2.49 6.15 -0.78
CA LEU A 31 -3.84 5.66 -0.99
C LEU A 31 -4.88 6.59 -0.34
N ARG A 32 -4.56 7.15 0.82
CA ARG A 32 -5.48 8.04 1.51
C ARG A 32 -5.61 9.37 0.77
N ASN A 33 -4.60 9.72 -0.02
CA ASN A 33 -4.62 10.98 -0.74
C ASN A 33 -5.40 10.85 -2.04
N ILE A 34 -5.58 9.63 -2.52
CA ILE A 34 -6.42 9.43 -3.72
C ILE A 34 -7.88 9.43 -3.31
N GLU A 35 -8.12 8.99 -2.08
CA GLU A 35 -9.44 9.01 -1.46
C GLU A 35 -10.14 10.35 -1.67
N LEU A 36 -9.56 11.40 -1.10
CA LEU A 36 -10.20 12.70 -1.14
C LEU A 36 -10.08 13.33 -2.52
N ILE A 37 -9.17 12.84 -3.35
CA ILE A 37 -9.00 13.37 -4.69
C ILE A 37 -10.13 12.94 -5.62
N CYS A 38 -10.69 11.77 -5.34
CA CYS A 38 -11.82 11.29 -6.11
C CYS A 38 -13.04 12.16 -5.82
N GLN A 39 -13.18 12.58 -4.57
CA GLN A 39 -14.28 13.44 -4.19
C GLN A 39 -13.99 14.89 -4.58
N GLU A 40 -12.73 15.17 -4.90
CA GLU A 40 -12.34 16.49 -5.37
C GLU A 40 -12.75 16.69 -6.81
N ASN A 41 -12.79 15.58 -7.54
CA ASN A 41 -13.03 15.64 -8.97
C ASN A 41 -14.11 14.65 -9.40
N GLU A 42 -15.06 14.34 -8.52
CA GLU A 42 -16.10 13.42 -8.91
C GLU A 42 -16.99 14.08 -9.96
N GLY A 43 -17.74 15.13 -9.61
CA GLY A 43 -18.06 16.24 -10.52
C GLY A 43 -17.74 16.08 -12.01
N GLU A 44 -16.52 15.62 -12.27
CA GLU A 44 -15.94 15.58 -13.61
C GLU A 44 -15.46 14.19 -13.94
N ASN A 45 -16.11 13.24 -13.28
CA ASN A 45 -15.85 11.79 -13.27
C ASN A 45 -15.29 11.14 -14.55
N ASP A 46 -14.16 11.64 -15.02
CA ASP A 46 -13.44 11.04 -16.14
C ASP A 46 -13.17 9.55 -15.92
N PRO A 47 -13.17 8.74 -16.99
CA PRO A 47 -13.15 7.28 -16.91
C PRO A 47 -12.08 6.72 -15.97
N VAL A 48 -10.87 7.28 -16.03
CA VAL A 48 -9.77 6.86 -15.15
C VAL A 48 -10.27 6.77 -13.71
N LEU A 49 -11.07 7.74 -13.32
CA LEU A 49 -11.50 7.85 -11.96
C LEU A 49 -12.44 6.71 -11.61
N GLN A 50 -13.23 6.26 -12.59
CA GLN A 50 -14.15 5.15 -12.39
C GLN A 50 -13.40 3.86 -12.18
N ARG A 51 -12.30 3.77 -12.87
CA ARG A 51 -11.46 2.59 -12.82
C ARG A 51 -10.46 2.66 -11.67
N ILE A 52 -10.16 3.85 -11.15
CA ILE A 52 -9.32 3.94 -9.95
C ILE A 52 -10.17 3.94 -8.68
N VAL A 53 -11.39 4.45 -8.76
CA VAL A 53 -12.30 4.32 -7.63
C VAL A 53 -12.66 2.85 -7.48
N ASP A 54 -12.69 2.16 -8.62
CA ASP A 54 -12.80 0.72 -8.61
C ASP A 54 -11.60 0.10 -7.90
N ILE A 55 -10.44 0.67 -8.21
CA ILE A 55 -9.19 0.33 -7.55
C ILE A 55 -9.29 0.51 -6.03
N LEU A 56 -9.59 1.73 -5.59
CA LEU A 56 -9.64 2.05 -4.18
C LEU A 56 -10.71 1.24 -3.46
N TYR A 57 -11.78 0.89 -4.18
CA TYR A 57 -12.93 0.17 -3.60
C TYR A 57 -12.90 -1.33 -3.95
N ALA A 58 -11.76 -1.81 -4.43
CA ALA A 58 -11.66 -3.18 -4.97
C ALA A 58 -11.79 -4.30 -3.93
N THR A 59 -12.26 -3.99 -2.75
CA THR A 59 -12.50 -5.03 -1.75
C THR A 59 -13.87 -5.69 -1.93
N ASP A 60 -13.91 -6.97 -1.63
CA ASP A 60 -15.10 -7.79 -1.78
C ASP A 60 -15.15 -8.78 -0.63
N GLU A 61 -16.09 -9.73 -0.69
CA GLU A 61 -16.24 -10.73 0.37
C GLU A 61 -14.91 -11.47 0.61
N GLY A 62 -14.65 -11.82 1.86
CA GLY A 62 -13.38 -12.41 2.22
C GLY A 62 -12.41 -11.36 2.73
N PHE A 63 -12.60 -10.14 2.26
CA PHE A 63 -11.84 -8.99 2.73
C PHE A 63 -12.77 -8.13 3.59
N VAL A 64 -12.38 -6.90 3.90
CA VAL A 64 -13.22 -6.06 4.74
C VAL A 64 -13.21 -4.60 4.24
N ILE A 65 -14.37 -3.98 4.23
CA ILE A 65 -14.48 -2.56 4.00
C ILE A 65 -14.92 -1.85 5.28
N PRO A 66 -14.25 -0.75 5.65
CA PRO A 66 -14.68 0.08 6.77
C PRO A 66 -15.93 0.85 6.45
N ASP A 67 -16.73 1.07 7.46
CA ASP A 67 -18.01 1.73 7.32
C ASP A 67 -18.93 0.94 6.42
N GLU A 68 -19.05 -0.33 6.70
CA GLU A 68 -19.89 -1.20 5.95
C GLU A 68 -20.76 -2.01 6.91
N GLY A 69 -21.97 -1.53 7.11
CA GLY A 69 -22.88 -2.19 8.02
C GLY A 69 -22.49 -1.96 9.47
N GLY A 70 -22.00 -0.77 9.73
CA GLY A 70 -21.56 -0.42 11.07
C GLY A 70 -22.38 0.72 11.63
N ASP B 1 10.26 -18.45 29.61
CA ASP B 1 11.74 -18.37 29.49
C ASP B 1 12.14 -17.47 28.34
N GLU B 2 13.44 -17.35 28.13
CA GLU B 2 14.00 -16.53 27.06
C GLU B 2 13.36 -16.82 25.71
N ALA B 3 13.22 -18.08 25.38
CA ALA B 3 12.74 -18.43 24.06
C ALA B 3 11.23 -18.33 23.98
N ALA B 4 10.59 -18.32 25.14
CA ALA B 4 9.15 -18.25 25.18
C ALA B 4 8.71 -16.88 24.72
N GLU B 5 9.42 -15.88 25.22
CA GLU B 5 9.19 -14.52 24.81
C GLU B 5 9.65 -14.32 23.37
N LEU B 6 10.77 -14.94 23.04
CA LEU B 6 11.27 -14.91 21.67
C LEU B 6 10.27 -15.49 20.68
N MET B 7 9.60 -16.56 21.06
CA MET B 7 8.64 -17.17 20.18
C MET B 7 7.35 -16.37 20.18
N GLN B 8 7.13 -15.60 21.24
CA GLN B 8 6.08 -14.60 21.25
C GLN B 8 6.37 -13.58 20.22
N GLN B 9 7.62 -13.14 20.19
CA GLN B 9 8.05 -12.18 19.22
C GLN B 9 7.66 -12.65 17.84
N VAL B 10 7.96 -13.90 17.53
CA VAL B 10 7.65 -14.38 16.19
C VAL B 10 6.14 -14.48 16.03
N LYS B 11 5.42 -14.73 17.12
CA LYS B 11 3.95 -14.71 17.11
C LYS B 11 3.45 -13.33 16.73
N VAL B 12 4.02 -12.33 17.40
CA VAL B 12 3.60 -10.95 17.24
C VAL B 12 4.08 -10.40 15.92
N LEU B 13 5.26 -10.83 15.50
CA LEU B 13 5.78 -10.43 14.21
C LEU B 13 5.09 -11.17 13.10
N LYS B 14 4.73 -12.43 13.34
CA LYS B 14 3.94 -13.18 12.38
C LYS B 14 2.65 -12.43 12.13
N LEU B 15 2.07 -12.02 13.24
CA LEU B 15 0.85 -11.24 13.24
C LEU B 15 1.07 -9.90 12.52
N THR B 16 2.15 -9.21 12.83
CA THR B 16 2.40 -7.94 12.18
C THR B 16 2.75 -8.15 10.72
N VAL B 17 3.47 -9.22 10.46
CA VAL B 17 3.86 -9.58 9.10
C VAL B 17 2.64 -9.93 8.27
N GLU B 18 1.69 -10.65 8.86
CA GLU B 18 0.51 -11.06 8.13
C GLU B 18 -0.43 -9.88 7.97
N ASP B 19 -0.49 -9.06 9.01
CA ASP B 19 -1.31 -7.85 8.98
C ASP B 19 -0.75 -6.90 7.93
N LEU B 20 0.57 -6.80 7.92
CA LEU B 20 1.26 -5.94 6.98
C LEU B 20 1.29 -6.52 5.56
N GLU B 21 1.36 -7.84 5.44
CA GLU B 21 1.31 -8.48 4.13
C GLU B 21 0.00 -8.17 3.42
N LYS B 22 -1.08 -8.13 4.18
CA LYS B 22 -2.39 -7.79 3.64
C LYS B 22 -2.36 -6.38 3.08
N GLU B 23 -1.75 -5.48 3.83
CA GLU B 23 -1.57 -4.11 3.40
C GLU B 23 -0.67 -4.05 2.18
N ARG B 24 0.48 -4.72 2.29
CA ARG B 24 1.49 -4.73 1.22
C ARG B 24 0.87 -5.22 -0.09
N ASP B 25 0.26 -6.39 -0.05
CA ASP B 25 -0.25 -7.03 -1.26
C ASP B 25 -1.40 -6.24 -1.87
N PHE B 26 -2.44 -5.97 -1.07
CA PHE B 26 -3.64 -5.34 -1.58
C PHE B 26 -3.38 -3.90 -2.03
N TYR B 27 -2.69 -3.13 -1.19
CA TYR B 27 -2.44 -1.73 -1.49
C TYR B 27 -1.55 -1.58 -2.71
N PHE B 28 -0.58 -2.48 -2.85
CA PHE B 28 0.34 -2.42 -3.98
C PHE B 28 -0.29 -2.98 -5.24
N GLY B 29 -1.09 -4.02 -5.08
CA GLY B 29 -1.85 -4.55 -6.21
C GLY B 29 -2.78 -3.50 -6.78
N LYS B 30 -3.29 -2.65 -5.91
CA LYS B 30 -4.11 -1.54 -6.33
C LYS B 30 -3.23 -0.46 -6.95
N LEU B 31 -2.11 -0.19 -6.30
CA LEU B 31 -1.17 0.84 -6.73
C LEU B 31 -0.62 0.56 -8.13
N ARG B 32 -0.38 -0.72 -8.45
CA ARG B 32 0.15 -1.07 -9.76
C ARG B 32 -0.91 -0.88 -10.85
N ASN B 33 -2.18 -0.91 -10.46
CA ASN B 33 -3.25 -0.76 -11.42
C ASN B 33 -3.52 0.71 -11.72
N ILE B 34 -3.08 1.61 -10.85
CA ILE B 34 -3.21 3.04 -11.12
C ILE B 34 -2.08 3.48 -12.04
N GLU B 35 -0.95 2.78 -11.91
CA GLU B 35 0.22 2.97 -12.76
C GLU B 35 -0.18 3.04 -14.24
N LEU B 36 -0.70 1.95 -14.75
CA LEU B 36 -1.00 1.86 -16.17
C LEU B 36 -2.25 2.68 -16.52
N ILE B 37 -3.05 3.02 -15.52
CA ILE B 37 -4.26 3.81 -15.75
C ILE B 37 -3.93 5.26 -16.04
N CYS B 38 -2.83 5.74 -15.47
CA CYS B 38 -2.36 7.08 -15.74
C CYS B 38 -1.89 7.19 -17.18
N GLN B 39 -1.26 6.14 -17.67
CA GLN B 39 -0.80 6.13 -19.06
C GLN B 39 -1.95 5.79 -20.00
N GLU B 40 -3.04 5.29 -19.43
CA GLU B 40 -4.25 5.01 -20.22
C GLU B 40 -4.97 6.31 -20.54
N ASN B 41 -4.85 7.26 -19.63
CA ASN B 41 -5.61 8.50 -19.75
C ASN B 41 -4.72 9.72 -19.59
N GLU B 42 -3.45 9.64 -19.99
CA GLU B 42 -2.59 10.80 -19.87
C GLU B 42 -3.00 11.87 -20.87
N GLY B 43 -2.97 11.52 -22.16
CA GLY B 43 -3.81 12.13 -23.21
C GLY B 43 -4.85 13.16 -22.76
N GLU B 44 -5.55 12.87 -21.67
CA GLU B 44 -6.68 13.66 -21.21
C GLU B 44 -6.45 14.12 -19.78
N ASN B 45 -5.17 14.29 -19.48
CA ASN B 45 -4.61 14.62 -18.16
C ASN B 45 -5.42 15.59 -17.27
N ASP B 46 -6.61 15.18 -16.89
CA ASP B 46 -7.43 15.90 -15.93
C ASP B 46 -6.69 16.10 -14.61
N PRO B 47 -6.95 17.21 -13.90
CA PRO B 47 -6.18 17.64 -12.72
C PRO B 47 -5.96 16.53 -11.70
N VAL B 48 -7.01 15.75 -11.42
CA VAL B 48 -6.91 14.63 -10.47
C VAL B 48 -5.69 13.79 -10.77
N LEU B 49 -5.45 13.58 -12.04
CA LEU B 49 -4.41 12.68 -12.46
C LEU B 49 -3.05 13.29 -12.16
N GLN B 50 -2.95 14.61 -12.23
CA GLN B 50 -1.70 15.30 -11.93
C GLN B 50 -1.38 15.19 -10.46
N ARG B 51 -2.43 15.19 -9.67
CA ARG B 51 -2.29 15.12 -8.24
C ARG B 51 -2.22 13.67 -7.74
N ILE B 52 -2.68 12.71 -8.54
CA ILE B 52 -2.50 11.31 -8.17
C ILE B 52 -1.22 10.74 -8.77
N VAL B 53 -0.78 11.26 -9.92
CA VAL B 53 0.54 10.89 -10.42
C VAL B 53 1.59 11.46 -9.48
N ASP B 54 1.26 12.59 -8.88
CA ASP B 54 2.07 13.14 -7.81
C ASP B 54 2.08 12.17 -6.63
N ILE B 55 0.91 11.62 -6.36
CA ILE B 55 0.72 10.56 -5.37
C ILE B 55 1.64 9.37 -5.67
N LEU B 56 1.45 8.77 -6.84
CA LEU B 56 2.19 7.56 -7.21
C LEU B 56 3.70 7.83 -7.26
N TYR B 57 4.08 9.07 -7.59
CA TYR B 57 5.49 9.44 -7.74
C TYR B 57 6.01 10.22 -6.53
N ALA B 58 5.29 10.16 -5.41
CA ALA B 58 5.59 11.00 -4.25
C ALA B 58 6.87 10.64 -3.50
N THR B 59 7.74 9.84 -4.10
CA THR B 59 9.01 9.53 -3.48
C THR B 59 10.06 10.60 -3.78
N ASP B 60 10.92 10.82 -2.79
CA ASP B 60 11.96 11.83 -2.87
C ASP B 60 13.22 11.29 -2.20
N GLU B 61 14.22 12.14 -2.00
CA GLU B 61 15.47 11.74 -1.36
C GLU B 61 15.19 11.10 0.01
N GLY B 62 15.98 10.10 0.37
CA GLY B 62 15.74 9.36 1.60
C GLY B 62 14.94 8.10 1.33
N PHE B 63 14.13 8.15 0.28
CA PHE B 63 13.38 7.01 -0.21
C PHE B 63 14.04 6.52 -1.50
N VAL B 64 13.37 5.66 -2.26
CA VAL B 64 13.95 5.14 -3.49
C VAL B 64 12.91 5.04 -4.59
N ILE B 65 13.29 5.43 -5.80
CA ILE B 65 12.48 5.18 -6.98
C ILE B 65 13.19 4.18 -7.89
N PRO B 66 12.45 3.17 -8.36
CA PRO B 66 12.96 2.22 -9.35
C PRO B 66 13.13 2.86 -10.71
N ASP B 67 14.15 2.39 -11.43
CA ASP B 67 14.49 2.95 -12.73
C ASP B 67 14.87 4.41 -12.61
N GLU B 68 15.77 4.67 -11.68
CA GLU B 68 16.27 6.00 -11.45
C GLU B 68 17.79 5.97 -11.40
N GLY B 69 18.40 6.28 -12.54
CA GLY B 69 19.85 6.25 -12.62
C GLY B 69 20.38 4.84 -12.65
N GLY B 70 19.63 3.96 -13.30
CA GLY B 70 20.02 2.57 -13.39
C GLY B 70 20.27 2.16 -14.82
N LYS C 1 -12.36 12.98 6.64
CA LYS C 1 -12.43 12.44 5.27
C LYS C 1 -13.14 11.12 5.24
N PRO C 2 -13.91 10.96 4.17
CA PRO C 2 -15.05 10.07 4.12
C PRO C 2 -14.74 8.58 4.23
N SER C 3 -13.45 8.23 4.13
CA SER C 3 -12.98 6.88 4.39
C SER C 3 -13.67 5.86 3.49
N LYS C 4 -14.19 4.78 4.10
CA LYS C 4 -14.83 3.67 3.37
C LYS C 4 -13.85 2.88 2.52
N ILE C 5 -12.59 3.27 2.48
CA ILE C 5 -11.67 2.56 1.62
C ILE C 5 -11.19 1.31 2.31
N PRO C 6 -11.41 0.21 1.60
CA PRO C 6 -11.17 -1.14 2.06
C PRO C 6 -9.93 -1.38 2.91
N THR C 7 -10.05 -2.45 3.70
CA THR C 7 -9.14 -2.77 4.78
C THR C 7 -9.03 -4.24 5.00
N PRO C 8 -8.10 -4.64 5.88
CA PRO C 8 -8.17 -5.97 6.42
C PRO C 8 -9.09 -6.08 7.61
N GLN C 9 -9.43 -7.32 7.94
CA GLN C 9 -10.30 -7.61 9.06
C GLN C 9 -9.49 -7.80 10.34
N ARG C 10 -9.61 -6.84 11.25
CA ARG C 10 -8.93 -6.91 12.52
C ARG C 10 -9.84 -6.40 13.63
N LYS C 11 -9.78 -7.06 14.79
CA LYS C 11 -10.54 -6.63 15.95
C LYS C 11 -9.60 -6.40 17.11
N LYS D 1 4.94 -3.24 -18.15
CA LYS D 1 4.40 -1.94 -17.69
C LYS D 1 5.49 -1.10 -17.06
N PRO D 2 5.38 0.19 -17.35
CA PRO D 2 6.49 1.13 -17.33
C PRO D 2 7.13 1.37 -15.96
N SER D 3 6.46 0.91 -14.91
CA SER D 3 7.02 0.93 -13.57
C SER D 3 7.40 2.34 -13.12
N LYS D 4 8.64 2.48 -12.62
CA LYS D 4 9.15 3.77 -12.08
C LYS D 4 8.45 4.20 -10.81
N ILE D 5 7.45 3.44 -10.35
CA ILE D 5 6.73 3.88 -9.18
C ILE D 5 7.50 3.52 -7.94
N PRO D 6 7.75 4.56 -7.15
CA PRO D 6 8.58 4.52 -5.97
C PRO D 6 8.48 3.30 -5.08
N THR D 7 9.58 3.11 -4.36
CA THR D 7 9.86 1.90 -3.62
C THR D 7 10.68 2.16 -2.39
N PRO D 8 10.86 1.13 -1.56
CA PRO D 8 11.90 1.18 -0.58
C PRO D 8 13.26 0.76 -1.12
N GLN D 9 14.29 1.09 -0.36
CA GLN D 9 15.64 0.76 -0.73
C GLN D 9 16.04 -0.59 -0.16
N ARG D 10 16.18 -1.57 -1.04
CA ARG D 10 16.60 -2.91 -0.65
C ARG D 10 17.57 -3.47 -1.67
N LYS D 11 18.57 -4.20 -1.19
CA LYS D 11 19.53 -4.86 -2.05
C LYS D 11 19.56 -6.34 -1.74
N ASP A 1 21.16 -23.13 18.30
CA ASP A 1 20.45 -23.21 19.61
C ASP A 1 19.01 -22.76 19.44
N GLU A 2 18.11 -23.30 20.26
CA GLU A 2 16.69 -23.03 20.11
C GLU A 2 16.38 -21.55 20.06
N ALA A 3 16.87 -20.81 21.03
CA ALA A 3 16.57 -19.38 21.09
C ALA A 3 17.37 -18.62 20.06
N ALA A 4 18.42 -19.23 19.56
CA ALA A 4 19.29 -18.55 18.61
C ALA A 4 18.60 -18.46 17.28
N GLU A 5 17.98 -19.56 16.91
CA GLU A 5 17.19 -19.60 15.72
C GLU A 5 15.91 -18.81 15.94
N LEU A 6 15.36 -18.93 17.14
CA LEU A 6 14.20 -18.18 17.54
C LEU A 6 14.43 -16.68 17.47
N MET A 7 15.64 -16.25 17.76
CA MET A 7 15.94 -14.82 17.71
C MET A 7 16.27 -14.43 16.28
N GLN A 8 16.69 -15.40 15.47
CA GLN A 8 16.81 -15.19 14.04
C GLN A 8 15.47 -14.88 13.50
N GLN A 9 14.52 -15.68 13.94
CA GLN A 9 13.14 -15.49 13.53
C GLN A 9 12.77 -14.05 13.74
N VAL A 10 13.04 -13.52 14.92
CA VAL A 10 12.67 -12.14 15.14
C VAL A 10 13.46 -11.28 14.18
N LYS A 11 14.76 -11.51 14.09
CA LYS A 11 15.63 -10.78 13.16
C LYS A 11 14.99 -10.66 11.77
N VAL A 12 14.57 -11.80 11.26
CA VAL A 12 14.01 -11.90 9.93
C VAL A 12 12.63 -11.26 9.89
N LEU A 13 11.92 -11.35 10.99
CA LEU A 13 10.61 -10.72 11.08
C LEU A 13 10.71 -9.23 11.29
N LYS A 14 11.72 -8.78 12.02
CA LYS A 14 11.88 -7.36 12.24
C LYS A 14 12.20 -6.74 10.92
N LEU A 15 13.04 -7.45 10.19
CA LEU A 15 13.39 -7.09 8.82
C LEU A 15 12.15 -7.10 7.94
N THR A 16 11.34 -8.13 8.04
CA THR A 16 10.16 -8.18 7.20
C THR A 16 9.15 -7.16 7.66
N VAL A 17 9.07 -6.96 8.96
CA VAL A 17 8.19 -5.98 9.56
C VAL A 17 8.59 -4.59 9.16
N GLU A 18 9.89 -4.33 9.10
CA GLU A 18 10.37 -2.99 8.77
C GLU A 18 10.22 -2.76 7.29
N ASP A 19 10.49 -3.80 6.51
CA ASP A 19 10.35 -3.75 5.08
C ASP A 19 8.89 -3.53 4.72
N LEU A 20 8.05 -4.24 5.45
CA LEU A 20 6.61 -4.14 5.26
C LEU A 20 6.03 -2.84 5.80
N GLU A 21 6.52 -2.39 6.96
CA GLU A 21 6.06 -1.12 7.54
C GLU A 21 6.28 0.03 6.57
N LYS A 22 7.44 0.05 5.95
CA LYS A 22 7.78 1.10 4.99
C LYS A 22 6.76 1.14 3.86
N GLU A 23 6.38 -0.05 3.37
CA GLU A 23 5.43 -0.13 2.29
C GLU A 23 4.01 0.12 2.78
N ARG A 24 3.68 -0.44 3.95
CA ARG A 24 2.36 -0.24 4.54
C ARG A 24 2.11 1.24 4.77
N ASP A 25 3.17 1.95 5.15
CA ASP A 25 3.09 3.38 5.39
C ASP A 25 3.02 4.17 4.09
N PHE A 26 4.05 4.02 3.26
CA PHE A 26 4.16 4.79 2.02
C PHE A 26 2.98 4.53 1.09
N TYR A 27 2.62 3.26 0.92
CA TYR A 27 1.55 2.88 0.01
C TYR A 27 0.21 3.42 0.47
N PHE A 28 0.05 3.57 1.78
CA PHE A 28 -1.23 3.99 2.34
C PHE A 28 -1.34 5.51 2.41
N GLY A 29 -0.23 6.17 2.70
CA GLY A 29 -0.22 7.62 2.72
C GLY A 29 -0.60 8.19 1.37
N LYS A 30 -0.09 7.58 0.31
CA LYS A 30 -0.38 8.02 -1.04
C LYS A 30 -1.77 7.52 -1.46
N LEU A 31 -2.21 6.45 -0.80
CA LEU A 31 -3.52 5.88 -1.07
C LEU A 31 -4.62 6.75 -0.47
N ARG A 32 -4.24 7.56 0.52
CA ARG A 32 -5.20 8.41 1.20
C ARG A 32 -5.47 9.68 0.39
N ASN A 33 -4.47 10.14 -0.35
CA ASN A 33 -4.63 11.35 -1.13
C ASN A 33 -5.46 11.11 -2.39
N ILE A 34 -5.56 9.86 -2.83
CA ILE A 34 -6.43 9.53 -3.96
C ILE A 34 -7.89 9.54 -3.53
N GLU A 35 -8.11 9.11 -2.30
CA GLU A 35 -9.43 9.13 -1.66
C GLU A 35 -10.14 10.45 -1.89
N LEU A 36 -9.59 11.50 -1.31
CA LEU A 36 -10.24 12.80 -1.33
C LEU A 36 -10.13 13.46 -2.70
N ILE A 37 -9.23 12.99 -3.55
CA ILE A 37 -9.08 13.55 -4.89
C ILE A 37 -10.22 13.14 -5.79
N CYS A 38 -10.78 11.96 -5.55
CA CYS A 38 -11.93 11.51 -6.30
C CYS A 38 -13.14 12.36 -5.97
N GLN A 39 -13.24 12.75 -4.70
CA GLN A 39 -14.32 13.61 -4.26
C GLN A 39 -13.99 15.08 -4.56
N GLU A 40 -12.74 15.35 -4.96
CA GLU A 40 -12.34 16.69 -5.38
C GLU A 40 -12.75 16.94 -6.83
N ASN A 41 -12.79 15.86 -7.60
CA ASN A 41 -13.04 15.96 -9.03
C ASN A 41 -14.13 15.00 -9.46
N GLU A 42 -15.10 14.73 -8.58
CA GLU A 42 -16.13 13.78 -8.94
C GLU A 42 -16.92 14.28 -10.14
N GLY A 43 -17.74 15.32 -9.95
CA GLY A 43 -18.10 16.33 -10.94
C GLY A 43 -18.00 16.00 -12.44
N GLU A 44 -16.87 15.42 -12.81
CA GLU A 44 -16.51 15.21 -14.20
C GLU A 44 -16.24 13.74 -14.47
N ASN A 45 -16.83 12.93 -13.58
CA ASN A 45 -16.56 11.50 -13.34
C ASN A 45 -15.89 10.71 -14.49
N ASP A 46 -14.75 11.22 -14.94
CA ASP A 46 -13.98 10.69 -16.05
C ASP A 46 -13.57 9.23 -15.89
N PRO A 47 -13.33 8.52 -17.03
CA PRO A 47 -13.03 7.08 -17.05
C PRO A 47 -11.96 6.65 -16.05
N VAL A 48 -10.80 7.30 -16.08
CA VAL A 48 -9.71 6.98 -15.14
C VAL A 48 -10.24 6.87 -13.73
N LEU A 49 -11.07 7.82 -13.37
CA LEU A 49 -11.56 7.92 -12.01
C LEU A 49 -12.53 6.79 -11.75
N GLN A 50 -13.27 6.39 -12.78
CA GLN A 50 -14.22 5.28 -12.66
C GLN A 50 -13.48 3.97 -12.40
N ARG A 51 -12.30 3.85 -12.99
CA ARG A 51 -11.52 2.64 -12.86
C ARG A 51 -10.55 2.71 -11.68
N ILE A 52 -10.25 3.91 -11.18
CA ILE A 52 -9.42 4.01 -9.98
C ILE A 52 -10.29 4.03 -8.72
N VAL A 53 -11.54 4.46 -8.83
CA VAL A 53 -12.46 4.29 -7.71
C VAL A 53 -12.76 2.81 -7.56
N ASP A 54 -12.71 2.11 -8.67
CA ASP A 54 -12.76 0.65 -8.66
C ASP A 54 -11.53 0.12 -7.93
N ILE A 55 -10.40 0.75 -8.22
CA ILE A 55 -9.14 0.50 -7.54
C ILE A 55 -9.26 0.71 -6.04
N LEU A 56 -9.69 1.91 -5.64
CA LEU A 56 -9.83 2.24 -4.23
C LEU A 56 -10.83 1.31 -3.55
N TYR A 57 -11.81 0.84 -4.30
CA TYR A 57 -12.86 -0.04 -3.80
C TYR A 57 -12.62 -1.51 -4.18
N ALA A 58 -11.38 -1.82 -4.56
CA ALA A 58 -11.00 -3.17 -5.06
C ALA A 58 -11.19 -4.30 -4.05
N THR A 59 -11.97 -4.07 -3.02
CA THR A 59 -12.25 -5.08 -2.01
C THR A 59 -13.19 -6.15 -2.59
N ASP A 60 -13.54 -7.11 -1.74
CA ASP A 60 -14.40 -8.21 -2.15
C ASP A 60 -14.97 -8.90 -0.93
N GLU A 61 -15.81 -9.90 -1.16
CA GLU A 61 -16.42 -10.64 -0.08
C GLU A 61 -15.38 -11.50 0.61
N GLY A 62 -15.38 -11.48 1.93
CA GLY A 62 -14.33 -12.14 2.70
C GLY A 62 -13.24 -11.17 3.10
N PHE A 63 -13.24 -10.02 2.46
CA PHE A 63 -12.38 -8.91 2.84
C PHE A 63 -13.20 -8.01 3.75
N VAL A 64 -12.84 -6.75 3.87
CA VAL A 64 -13.58 -5.84 4.75
C VAL A 64 -13.57 -4.43 4.21
N ILE A 65 -14.67 -3.74 4.41
CA ILE A 65 -14.71 -2.31 4.23
C ILE A 65 -15.01 -1.62 5.56
N PRO A 66 -14.28 -0.55 5.90
CA PRO A 66 -14.61 0.27 7.05
C PRO A 66 -15.97 0.88 6.91
N ASP A 67 -16.77 0.67 7.93
CA ASP A 67 -18.18 1.07 7.93
C ASP A 67 -18.91 0.25 6.89
N GLU A 68 -18.85 -1.04 7.05
CA GLU A 68 -19.33 -1.95 6.05
C GLU A 68 -20.84 -2.10 6.10
N GLY A 69 -21.52 -1.49 5.14
CA GLY A 69 -22.96 -1.56 5.08
C GLY A 69 -23.52 -0.62 4.04
N GLY A 70 -24.36 0.30 4.48
CA GLY A 70 -24.94 1.26 3.58
C GLY A 70 -25.87 2.21 4.30
N ASP B 1 10.25 -17.50 30.13
CA ASP B 1 11.52 -18.15 29.68
C ASP B 1 12.06 -17.42 28.46
N GLU B 2 13.37 -17.42 28.29
CA GLU B 2 14.02 -16.66 27.23
C GLU B 2 13.41 -16.96 25.87
N ALA B 3 13.33 -18.23 25.52
CA ALA B 3 12.83 -18.60 24.21
C ALA B 3 11.32 -18.47 24.14
N ALA B 4 10.68 -18.41 25.30
CA ALA B 4 9.24 -18.34 25.35
C ALA B 4 8.80 -16.96 24.93
N GLU B 5 9.49 -15.97 25.45
CA GLU B 5 9.26 -14.60 25.06
C GLU B 5 9.77 -14.39 23.66
N LEU B 6 10.89 -15.02 23.35
CA LEU B 6 11.47 -14.99 22.02
C LEU B 6 10.52 -15.56 20.98
N MET B 7 9.75 -16.57 21.34
CA MET B 7 8.81 -17.16 20.41
C MET B 7 7.53 -16.34 20.38
N GLN B 8 7.27 -15.60 21.46
CA GLN B 8 6.23 -14.59 21.45
C GLN B 8 6.55 -13.57 20.42
N GLN B 9 7.80 -13.15 20.43
CA GLN B 9 8.27 -12.19 19.48
C GLN B 9 7.90 -12.66 18.09
N VAL B 10 8.19 -13.90 17.76
CA VAL B 10 7.85 -14.36 16.44
C VAL B 10 6.34 -14.30 16.29
N LYS B 11 5.61 -14.81 17.29
CA LYS B 11 4.14 -14.78 17.28
C LYS B 11 3.62 -13.40 16.89
N VAL B 12 4.14 -12.40 17.57
CA VAL B 12 3.71 -11.02 17.38
C VAL B 12 4.18 -10.50 16.04
N LEU B 13 5.33 -10.96 15.60
CA LEU B 13 5.86 -10.57 14.31
C LEU B 13 5.17 -11.29 13.18
N LYS B 14 4.79 -12.54 13.39
CA LYS B 14 4.10 -13.27 12.34
C LYS B 14 2.77 -12.61 12.13
N LEU B 15 2.18 -12.23 13.25
CA LEU B 15 0.95 -11.46 13.27
C LEU B 15 1.16 -10.12 12.56
N THR B 16 2.23 -9.43 12.88
CA THR B 16 2.47 -8.14 12.26
C THR B 16 2.84 -8.33 10.80
N VAL B 17 3.58 -9.39 10.53
CA VAL B 17 3.99 -9.73 9.18
C VAL B 17 2.78 -10.10 8.34
N GLU B 18 1.83 -10.83 8.92
CA GLU B 18 0.66 -11.25 8.17
C GLU B 18 -0.29 -10.08 7.99
N ASP B 19 -0.39 -9.26 9.03
CA ASP B 19 -1.23 -8.07 8.99
C ASP B 19 -0.66 -7.11 7.95
N LEU B 20 0.65 -7.00 7.94
CA LEU B 20 1.35 -6.14 7.01
C LEU B 20 1.37 -6.72 5.60
N GLU B 21 1.55 -8.04 5.47
CA GLU B 21 1.55 -8.69 4.16
C GLU B 21 0.24 -8.42 3.43
N LYS B 22 -0.87 -8.54 4.16
CA LYS B 22 -2.19 -8.30 3.59
C LYS B 22 -2.28 -6.91 3.01
N GLU B 23 -1.75 -5.94 3.73
CA GLU B 23 -1.80 -4.55 3.29
C GLU B 23 -0.76 -4.30 2.21
N ARG B 24 0.43 -4.85 2.38
CA ARG B 24 1.49 -4.72 1.39
C ARG B 24 1.02 -5.26 0.05
N ASP B 25 0.26 -6.35 0.10
CA ASP B 25 -0.27 -6.98 -1.09
C ASP B 25 -1.43 -6.18 -1.68
N PHE B 26 -2.49 -6.01 -0.89
CA PHE B 26 -3.70 -5.36 -1.36
C PHE B 26 -3.44 -3.93 -1.81
N TYR B 27 -2.67 -3.19 -1.02
CA TYR B 27 -2.40 -1.78 -1.32
C TYR B 27 -1.58 -1.64 -2.60
N PHE B 28 -0.75 -2.64 -2.87
CA PHE B 28 0.15 -2.56 -4.02
C PHE B 28 -0.52 -3.07 -5.29
N GLY B 29 -1.35 -4.10 -5.16
CA GLY B 29 -2.08 -4.61 -6.30
C GLY B 29 -2.97 -3.54 -6.90
N LYS B 30 -3.62 -2.77 -6.05
CA LYS B 30 -4.50 -1.70 -6.49
C LYS B 30 -3.66 -0.49 -6.92
N LEU B 31 -2.45 -0.41 -6.38
CA LEU B 31 -1.52 0.66 -6.70
C LEU B 31 -0.94 0.47 -8.10
N ARG B 32 -0.96 -0.77 -8.57
CA ARG B 32 -0.41 -1.11 -9.87
C ARG B 32 -1.39 -0.75 -10.99
N ASN B 33 -2.67 -0.84 -10.70
CA ASN B 33 -3.69 -0.56 -11.71
C ASN B 33 -3.83 0.95 -11.94
N ILE B 34 -3.41 1.76 -10.99
CA ILE B 34 -3.41 3.21 -11.20
C ILE B 34 -2.27 3.61 -12.12
N GLU B 35 -1.15 2.91 -11.99
CA GLU B 35 0.02 3.09 -12.83
C GLU B 35 -0.36 3.18 -14.31
N LEU B 36 -0.88 2.09 -14.85
CA LEU B 36 -1.15 2.00 -16.26
C LEU B 36 -2.40 2.80 -16.65
N ILE B 37 -3.22 3.16 -15.67
CA ILE B 37 -4.43 3.95 -15.93
C ILE B 37 -4.08 5.40 -16.25
N CYS B 38 -3.00 5.89 -15.68
CA CYS B 38 -2.53 7.22 -15.97
C CYS B 38 -2.04 7.30 -17.40
N GLN B 39 -1.41 6.22 -17.84
CA GLN B 39 -0.92 6.15 -19.21
C GLN B 39 -2.04 5.71 -20.16
N GLU B 40 -3.17 5.29 -19.59
CA GLU B 40 -4.36 4.96 -20.37
C GLU B 40 -5.13 6.22 -20.73
N ASN B 41 -5.02 7.23 -19.86
CA ASN B 41 -5.80 8.44 -20.01
C ASN B 41 -4.92 9.67 -19.88
N GLU B 42 -3.67 9.57 -20.31
CA GLU B 42 -2.76 10.71 -20.18
C GLU B 42 -3.28 11.89 -20.99
N GLY B 43 -3.23 11.76 -22.31
CA GLY B 43 -4.10 12.45 -23.29
C GLY B 43 -4.90 13.67 -22.83
N GLU B 44 -5.58 13.56 -21.71
CA GLU B 44 -6.52 14.57 -21.24
C GLU B 44 -6.08 15.13 -19.90
N ASN B 45 -4.77 14.98 -19.65
CA ASN B 45 -4.06 15.15 -18.36
C ASN B 45 -4.79 16.00 -17.30
N ASP B 46 -5.98 15.55 -16.94
CA ASP B 46 -6.87 16.24 -15.99
C ASP B 46 -6.27 16.40 -14.60
N PRO B 47 -6.76 17.39 -13.83
CA PRO B 47 -6.22 17.75 -12.50
C PRO B 47 -6.02 16.56 -11.58
N VAL B 48 -7.08 15.75 -11.37
CA VAL B 48 -6.99 14.57 -10.51
C VAL B 48 -5.75 13.76 -10.84
N LEU B 49 -5.51 13.59 -12.11
CA LEU B 49 -4.44 12.75 -12.56
C LEU B 49 -3.11 13.42 -12.29
N GLN B 50 -3.09 14.74 -12.35
CA GLN B 50 -1.89 15.51 -12.06
C GLN B 50 -1.51 15.37 -10.59
N ARG B 51 -2.51 15.27 -9.74
CA ARG B 51 -2.28 15.17 -8.32
C ARG B 51 -2.18 13.72 -7.85
N ILE B 52 -2.67 12.77 -8.66
CA ILE B 52 -2.49 11.36 -8.30
C ILE B 52 -1.20 10.81 -8.91
N VAL B 53 -0.73 11.40 -10.00
CA VAL B 53 0.60 11.04 -10.49
C VAL B 53 1.63 11.57 -9.51
N ASP B 54 1.28 12.68 -8.87
CA ASP B 54 2.05 13.18 -7.73
C ASP B 54 2.03 12.15 -6.63
N ILE B 55 0.85 11.58 -6.41
CA ILE B 55 0.63 10.48 -5.50
C ILE B 55 1.52 9.29 -5.82
N LEU B 56 1.42 8.80 -7.05
CA LEU B 56 2.19 7.65 -7.48
C LEU B 56 3.69 7.94 -7.39
N TYR B 57 4.05 9.20 -7.58
CA TYR B 57 5.45 9.62 -7.54
C TYR B 57 5.79 10.33 -6.23
N ALA B 58 5.01 10.06 -5.18
CA ALA B 58 5.14 10.73 -3.88
C ALA B 58 6.45 10.39 -3.14
N THR B 59 7.44 9.93 -3.88
CA THR B 59 8.74 9.62 -3.29
C THR B 59 9.50 10.92 -2.98
N ASP B 60 10.71 10.77 -2.48
CA ASP B 60 11.54 11.90 -2.11
C ASP B 60 12.99 11.47 -1.98
N GLU B 61 13.86 12.42 -1.70
CA GLU B 61 15.27 12.13 -1.55
C GLU B 61 15.51 11.33 -0.27
N GLY B 62 16.30 10.28 -0.36
CA GLY B 62 16.48 9.38 0.76
C GLY B 62 15.59 8.16 0.62
N PHE B 63 14.58 8.29 -0.24
CA PHE B 63 13.75 7.16 -0.63
C PHE B 63 14.34 6.56 -1.90
N VAL B 64 13.55 5.86 -2.68
CA VAL B 64 14.07 5.25 -3.88
C VAL B 64 13.02 5.19 -4.98
N ILE B 65 13.46 5.35 -6.21
CA ILE B 65 12.64 5.03 -7.36
C ILE B 65 13.29 3.92 -8.16
N PRO B 66 12.50 2.91 -8.58
CA PRO B 66 13.00 1.90 -9.49
C PRO B 66 13.43 2.50 -10.80
N ASP B 67 14.65 2.18 -11.19
CA ASP B 67 15.30 2.77 -12.35
C ASP B 67 15.50 4.25 -12.10
N GLU B 68 16.23 4.53 -11.03
CA GLU B 68 16.37 5.88 -10.54
C GLU B 68 17.39 6.66 -11.35
N GLY B 69 16.90 7.55 -12.19
CA GLY B 69 17.77 8.38 -13.01
C GLY B 69 16.99 9.16 -14.04
N GLY B 70 17.30 8.95 -15.30
CA GLY B 70 16.59 9.63 -16.36
C GLY B 70 17.11 9.21 -17.71
N LYS C 1 -12.37 12.91 6.55
CA LYS C 1 -12.39 12.33 5.19
C LYS C 1 -12.89 10.93 5.21
N PRO C 2 -13.63 10.61 4.15
CA PRO C 2 -14.55 9.50 4.12
C PRO C 2 -13.89 8.13 4.12
N SER C 3 -13.71 7.58 5.31
CA SER C 3 -13.03 6.31 5.49
C SER C 3 -13.93 5.15 5.08
N LYS C 4 -14.09 4.97 3.77
CA LYS C 4 -14.85 3.86 3.22
C LYS C 4 -13.99 3.04 2.28
N ILE C 5 -12.68 3.15 2.41
CA ILE C 5 -11.79 2.39 1.55
C ILE C 5 -11.40 1.12 2.24
N PRO C 6 -11.68 -0.01 1.60
CA PRO C 6 -11.45 -1.33 2.16
C PRO C 6 -10.13 -1.51 2.86
N THR C 7 -10.24 -2.12 4.01
CA THR C 7 -9.13 -2.32 4.91
C THR C 7 -8.88 -3.78 5.11
N PRO C 8 -7.84 -4.15 5.85
CA PRO C 8 -7.93 -5.42 6.55
C PRO C 8 -9.06 -5.54 7.59
N GLN C 9 -9.24 -4.50 8.41
CA GLN C 9 -10.14 -4.51 9.60
C GLN C 9 -11.24 -5.59 9.61
N ARG C 10 -10.88 -6.81 9.96
CA ARG C 10 -11.82 -7.93 9.94
C ARG C 10 -12.76 -7.89 11.15
N LYS C 11 -13.48 -6.78 11.28
CA LYS C 11 -14.49 -6.61 12.32
C LYS C 11 -13.91 -6.88 13.70
N LYS D 1 4.91 -3.14 -18.11
CA LYS D 1 4.38 -1.86 -17.58
C LYS D 1 5.40 -1.14 -16.77
N PRO D 2 5.37 0.18 -16.90
CA PRO D 2 6.47 1.05 -16.60
C PRO D 2 6.77 1.18 -15.10
N SER D 3 7.67 0.32 -14.63
CA SER D 3 8.02 0.26 -13.21
C SER D 3 8.90 1.45 -12.82
N LYS D 4 8.28 2.62 -12.72
CA LYS D 4 8.97 3.82 -12.26
C LYS D 4 8.29 4.40 -11.03
N ILE D 5 7.52 3.58 -10.33
CA ILE D 5 6.84 4.05 -9.13
C ILE D 5 7.68 3.74 -7.93
N PRO D 6 8.03 4.77 -7.17
CA PRO D 6 8.91 4.66 -6.02
C PRO D 6 8.64 3.48 -5.11
N THR D 7 9.72 2.84 -4.76
CA THR D 7 9.71 1.63 -3.99
C THR D 7 10.42 1.84 -2.69
N PRO D 8 10.44 0.84 -1.81
CA PRO D 8 11.58 0.77 -0.90
C PRO D 8 12.95 0.57 -1.55
N GLN D 9 13.03 -0.33 -2.54
CA GLN D 9 14.31 -0.80 -3.14
C GLN D 9 15.52 0.12 -2.97
N ARG D 10 16.15 0.07 -1.79
CA ARG D 10 17.26 0.95 -1.48
C ARG D 10 18.55 0.47 -2.15
N LYS D 11 18.52 0.38 -3.47
CA LYS D 11 19.67 0.02 -4.29
C LYS D 11 20.30 -1.28 -3.80
N ASP A 1 22.89 -21.14 19.80
CA ASP A 1 21.96 -21.61 20.86
C ASP A 1 20.52 -21.45 20.42
N GLU A 2 19.62 -22.25 20.99
CA GLU A 2 18.22 -22.28 20.59
C GLU A 2 17.61 -20.88 20.57
N ALA A 3 17.75 -20.16 21.66
CA ALA A 3 17.12 -18.86 21.75
C ALA A 3 17.88 -17.82 20.95
N ALA A 4 19.11 -18.13 20.59
CA ALA A 4 19.92 -17.18 19.86
C ALA A 4 19.42 -17.09 18.45
N GLU A 5 19.15 -18.25 17.90
CA GLU A 5 18.56 -18.34 16.59
C GLU A 5 17.11 -17.89 16.65
N LEU A 6 16.44 -18.24 17.73
CA LEU A 6 15.08 -17.82 17.97
C LEU A 6 14.96 -16.31 18.08
N MET A 7 15.98 -15.66 18.59
CA MET A 7 15.94 -14.21 18.70
C MET A 7 16.41 -13.59 17.41
N GLN A 8 17.15 -14.36 16.61
CA GLN A 8 17.43 -13.97 15.23
C GLN A 8 16.15 -13.86 14.49
N GLN A 9 15.32 -14.86 14.71
CA GLN A 9 14.01 -14.89 14.09
C GLN A 9 13.33 -13.58 14.37
N VAL A 10 13.32 -13.17 15.62
CA VAL A 10 12.64 -11.93 15.92
C VAL A 10 13.34 -10.82 15.18
N LYS A 11 14.68 -10.79 15.25
CA LYS A 11 15.49 -9.79 14.55
C LYS A 11 15.04 -9.62 13.10
N VAL A 12 14.97 -10.75 12.40
CA VAL A 12 14.63 -10.77 11.01
C VAL A 12 13.19 -10.40 10.79
N LEU A 13 12.36 -10.74 11.76
CA LEU A 13 10.96 -10.37 11.71
C LEU A 13 10.75 -8.92 12.08
N LYS A 14 11.55 -8.39 12.98
CA LYS A 14 11.42 -7.00 13.34
C LYS A 14 11.81 -6.19 12.14
N LEU A 15 12.86 -6.66 11.50
CA LEU A 15 13.33 -6.11 10.25
C LEU A 15 12.25 -6.21 9.17
N THR A 16 11.62 -7.37 9.06
CA THR A 16 10.60 -7.52 8.04
C THR A 16 9.35 -6.74 8.44
N VAL A 17 9.08 -6.72 9.72
CA VAL A 17 7.96 -5.97 10.27
C VAL A 17 8.16 -4.48 10.06
N GLU A 18 9.38 -4.01 10.23
CA GLU A 18 9.66 -2.60 10.10
C GLU A 18 9.71 -2.22 8.63
N ASP A 19 10.23 -3.12 7.83
CA ASP A 19 10.31 -2.92 6.39
C ASP A 19 8.92 -2.95 5.81
N LEU A 20 8.11 -3.84 6.35
CA LEU A 20 6.71 -3.97 5.93
C LEU A 20 5.87 -2.84 6.49
N GLU A 21 6.14 -2.43 7.73
CA GLU A 21 5.43 -1.29 8.34
C GLU A 21 5.58 -0.06 7.47
N LYS A 22 6.79 0.12 6.94
CA LYS A 22 7.05 1.21 6.03
C LYS A 22 6.09 1.16 4.85
N GLU A 23 6.12 0.04 4.14
CA GLU A 23 5.29 -0.13 2.95
C GLU A 23 3.80 -0.13 3.28
N ARG A 24 3.43 -0.69 4.44
CA ARG A 24 2.03 -0.72 4.87
C ARG A 24 1.45 0.69 4.88
N ASP A 25 2.14 1.60 5.55
CA ASP A 25 1.68 2.98 5.67
C ASP A 25 2.05 3.79 4.41
N PHE A 26 3.14 3.38 3.77
CA PHE A 26 3.67 4.12 2.62
C PHE A 26 2.65 4.24 1.50
N TYR A 27 2.23 3.11 0.96
CA TYR A 27 1.30 3.12 -0.16
C TYR A 27 -0.08 3.55 0.31
N PHE A 28 -0.38 3.28 1.58
CA PHE A 28 -1.63 3.69 2.18
C PHE A 28 -1.75 5.20 2.21
N GLY A 29 -0.63 5.87 2.52
CA GLY A 29 -0.59 7.31 2.50
C GLY A 29 -0.89 7.86 1.12
N LYS A 30 -0.49 7.12 0.10
CA LYS A 30 -0.80 7.49 -1.27
C LYS A 30 -2.29 7.32 -1.54
N LEU A 31 -2.87 6.22 -1.04
CA LEU A 31 -4.31 5.96 -1.18
C LEU A 31 -5.13 7.08 -0.53
N ARG A 32 -4.53 7.76 0.45
CA ARG A 32 -5.21 8.85 1.14
C ARG A 32 -5.40 10.04 0.21
N ASN A 33 -4.38 10.36 -0.57
CA ASN A 33 -4.39 11.55 -1.40
C ASN A 33 -5.26 11.34 -2.65
N ILE A 34 -5.50 10.09 -3.02
CA ILE A 34 -6.41 9.82 -4.14
C ILE A 34 -7.87 9.86 -3.69
N GLU A 35 -8.07 9.74 -2.38
CA GLU A 35 -9.40 9.77 -1.79
C GLU A 35 -10.01 11.13 -1.99
N LEU A 36 -9.34 12.15 -1.48
CA LEU A 36 -9.86 13.50 -1.55
C LEU A 36 -9.77 14.05 -2.97
N ILE A 37 -8.94 13.44 -3.81
CA ILE A 37 -8.74 13.93 -5.17
C ILE A 37 -9.90 13.56 -6.09
N CYS A 38 -10.39 12.34 -5.97
CA CYS A 38 -11.59 11.94 -6.68
C CYS A 38 -12.76 12.77 -6.17
N GLN A 39 -12.60 13.21 -4.94
CA GLN A 39 -13.56 14.03 -4.25
C GLN A 39 -13.40 15.52 -4.64
N GLU A 40 -12.21 15.86 -5.12
CA GLU A 40 -11.91 17.24 -5.54
C GLU A 40 -12.51 17.51 -6.90
N ASN A 41 -12.64 16.47 -7.71
CA ASN A 41 -12.97 16.63 -9.11
C ASN A 41 -14.12 15.73 -9.52
N GLU A 42 -15.08 15.48 -8.63
CA GLU A 42 -16.18 14.60 -8.98
C GLU A 42 -16.86 15.12 -10.23
N GLY A 43 -17.57 16.23 -10.14
CA GLY A 43 -17.70 17.21 -11.22
C GLY A 43 -17.39 16.78 -12.67
N GLU A 44 -16.20 16.20 -12.83
CA GLU A 44 -15.63 15.88 -14.15
C GLU A 44 -15.26 14.42 -14.23
N ASN A 45 -15.91 13.67 -13.36
CA ASN A 45 -15.78 12.22 -13.11
C ASN A 45 -15.46 11.31 -14.31
N ASP A 46 -14.43 11.66 -15.06
CA ASP A 46 -13.97 10.94 -16.24
C ASP A 46 -13.81 9.44 -15.99
N PRO A 47 -13.93 8.61 -17.04
CA PRO A 47 -13.83 7.14 -16.95
C PRO A 47 -12.70 6.67 -16.04
N VAL A 48 -11.50 7.25 -16.22
CA VAL A 48 -10.35 6.87 -15.40
C VAL A 48 -10.68 7.02 -13.92
N LEU A 49 -11.34 8.10 -13.57
CA LEU A 49 -11.67 8.36 -12.18
C LEU A 49 -12.68 7.34 -11.71
N GLN A 50 -13.48 6.82 -12.64
CA GLN A 50 -14.49 5.81 -12.33
C GLN A 50 -13.83 4.48 -12.03
N ARG A 51 -12.73 4.20 -12.70
CA ARG A 51 -12.04 2.94 -12.54
C ARG A 51 -10.96 3.01 -11.46
N ILE A 52 -10.58 4.22 -11.06
CA ILE A 52 -9.66 4.36 -9.93
C ILE A 52 -10.42 4.48 -8.63
N VAL A 53 -11.62 5.07 -8.65
CA VAL A 53 -12.49 5.01 -7.48
C VAL A 53 -12.92 3.57 -7.30
N ASP A 54 -12.98 2.86 -8.42
CA ASP A 54 -13.19 1.43 -8.39
C ASP A 54 -12.01 0.76 -7.72
N ILE A 55 -10.82 1.23 -8.06
CA ILE A 55 -9.59 0.82 -7.40
C ILE A 55 -9.68 1.05 -5.88
N LEU A 56 -9.85 2.32 -5.49
CA LEU A 56 -9.89 2.70 -4.09
C LEU A 56 -10.95 1.86 -3.34
N TYR A 57 -12.07 1.59 -4.01
CA TYR A 57 -13.21 0.88 -3.41
C TYR A 57 -13.27 -0.60 -3.80
N ALA A 58 -12.19 -1.13 -4.37
CA ALA A 58 -12.19 -2.48 -4.95
C ALA A 58 -12.18 -3.57 -3.88
N THR A 59 -12.50 -3.22 -2.66
CA THR A 59 -12.34 -4.16 -1.57
C THR A 59 -13.62 -4.40 -0.79
N ASP A 60 -14.39 -5.36 -1.23
CA ASP A 60 -15.30 -6.08 -0.34
C ASP A 60 -15.76 -7.36 -0.98
N GLU A 61 -14.82 -8.27 -1.11
CA GLU A 61 -15.13 -9.67 -1.19
C GLU A 61 -14.87 -10.29 0.17
N GLY A 62 -15.91 -10.62 0.90
CA GLY A 62 -15.71 -11.20 2.22
C GLY A 62 -14.87 -10.32 3.11
N PHE A 63 -14.77 -9.04 2.78
CA PHE A 63 -13.83 -8.13 3.43
C PHE A 63 -14.55 -7.03 4.20
N VAL A 64 -13.79 -6.02 4.62
CA VAL A 64 -14.31 -4.97 5.46
C VAL A 64 -14.27 -3.61 4.76
N ILE A 65 -15.44 -3.04 4.56
CA ILE A 65 -15.52 -1.62 4.27
C ILE A 65 -15.99 -0.89 5.51
N PRO A 66 -15.20 0.06 6.01
CA PRO A 66 -15.56 0.87 7.17
C PRO A 66 -16.70 1.83 6.86
N ASP A 67 -17.42 2.20 7.91
CA ASP A 67 -18.57 3.08 7.80
C ASP A 67 -19.63 2.48 6.89
N GLU A 68 -20.06 1.28 7.22
CA GLU A 68 -21.07 0.60 6.46
C GLU A 68 -22.25 0.26 7.35
N GLY A 69 -23.29 1.07 7.28
CA GLY A 69 -24.47 0.85 8.10
C GLY A 69 -25.37 -0.23 7.54
N GLY A 70 -25.35 -0.37 6.21
CA GLY A 70 -26.20 -1.35 5.57
C GLY A 70 -26.82 -0.80 4.31
N ASP B 1 9.18 -20.27 29.50
CA ASP B 1 10.62 -20.47 29.24
C ASP B 1 11.14 -19.44 28.26
N GLU B 2 12.44 -19.15 28.33
CA GLU B 2 13.05 -18.11 27.51
C GLU B 2 12.70 -18.24 26.04
N ALA B 3 12.91 -19.43 25.49
CA ALA B 3 12.68 -19.61 24.07
C ALA B 3 11.21 -19.72 23.76
N ALA B 4 10.40 -19.97 24.77
CA ALA B 4 8.98 -20.15 24.56
C ALA B 4 8.37 -18.80 24.27
N GLU B 5 8.77 -17.82 25.05
CA GLU B 5 8.36 -16.47 24.83
C GLU B 5 9.05 -15.92 23.59
N LEU B 6 10.30 -16.32 23.41
CA LEU B 6 11.06 -15.93 22.23
C LEU B 6 10.43 -16.46 20.95
N MET B 7 9.80 -17.63 21.02
CA MET B 7 9.16 -18.18 19.85
C MET B 7 7.76 -17.61 19.71
N GLN B 8 7.22 -17.09 20.82
CA GLN B 8 6.01 -16.30 20.77
C GLN B 8 6.26 -15.09 19.95
N GLN B 9 7.41 -14.47 20.22
CA GLN B 9 7.82 -13.32 19.48
C GLN B 9 7.76 -13.63 18.02
N VAL B 10 8.33 -14.75 17.59
CA VAL B 10 8.28 -15.05 16.19
C VAL B 10 6.83 -15.21 15.79
N LYS B 11 6.06 -15.97 16.56
CA LYS B 11 4.63 -16.17 16.31
C LYS B 11 3.93 -14.86 16.00
N VAL B 12 4.11 -13.90 16.89
CA VAL B 12 3.45 -12.62 16.79
C VAL B 12 4.01 -11.82 15.61
N LEU B 13 5.28 -12.04 15.31
CA LEU B 13 5.90 -11.40 14.19
C LEU B 13 5.52 -12.07 12.89
N LYS B 14 5.33 -13.38 12.90
CA LYS B 14 4.93 -14.07 11.69
C LYS B 14 3.53 -13.60 11.36
N LEU B 15 2.75 -13.47 12.42
CA LEU B 15 1.40 -12.92 12.33
C LEU B 15 1.46 -11.49 11.82
N THR B 16 2.34 -10.67 12.37
CA THR B 16 2.42 -9.29 11.93
C THR B 16 3.01 -9.23 10.52
N VAL B 17 3.97 -10.11 10.26
CA VAL B 17 4.60 -10.21 8.97
C VAL B 17 3.58 -10.66 7.92
N GLU B 18 2.72 -11.59 8.28
CA GLU B 18 1.74 -12.11 7.32
C GLU B 18 0.61 -11.11 7.15
N ASP B 19 0.27 -10.44 8.24
CA ASP B 19 -0.77 -9.42 8.20
C ASP B 19 -0.27 -8.23 7.40
N LEU B 20 1.00 -7.92 7.60
CA LEU B 20 1.64 -6.84 6.87
C LEU B 20 1.94 -7.23 5.43
N GLU B 21 2.33 -8.48 5.19
CA GLU B 21 2.55 -8.97 3.83
C GLU B 21 1.30 -8.79 3.00
N LYS B 22 0.16 -9.05 3.62
CA LYS B 22 -1.13 -8.84 2.97
C LYS B 22 -1.24 -7.40 2.50
N GLU B 23 -1.12 -6.48 3.44
CA GLU B 23 -1.27 -5.06 3.14
C GLU B 23 -0.17 -4.55 2.21
N ARG B 24 1.05 -5.08 2.37
CA ARG B 24 2.17 -4.69 1.52
C ARG B 24 1.80 -4.88 0.05
N ASP B 25 1.35 -6.06 -0.29
CA ASP B 25 0.99 -6.38 -1.67
C ASP B 25 -0.41 -5.86 -2.02
N PHE B 26 -1.26 -5.77 -1.00
CA PHE B 26 -2.66 -5.41 -1.18
C PHE B 26 -2.79 -4.04 -1.84
N TYR B 27 -2.31 -3.01 -1.16
CA TYR B 27 -2.44 -1.65 -1.67
C TYR B 27 -1.54 -1.46 -2.88
N PHE B 28 -0.44 -2.20 -2.92
CA PHE B 28 0.49 -2.17 -4.04
C PHE B 28 -0.20 -2.65 -5.31
N GLY B 29 -1.02 -3.69 -5.17
CA GLY B 29 -1.79 -4.18 -6.29
C GLY B 29 -2.74 -3.14 -6.83
N LYS B 30 -3.22 -2.29 -5.94
CA LYS B 30 -4.08 -1.18 -6.34
C LYS B 30 -3.26 -0.13 -7.10
N LEU B 31 -2.05 0.15 -6.60
CA LEU B 31 -1.13 1.08 -7.27
C LEU B 31 -0.81 0.62 -8.69
N ARG B 32 -0.91 -0.68 -8.92
CA ARG B 32 -0.63 -1.24 -10.24
C ARG B 32 -1.69 -0.82 -11.24
N ASN B 33 -2.95 -0.84 -10.82
CA ASN B 33 -4.06 -0.59 -11.73
C ASN B 33 -4.19 0.91 -12.02
N ILE B 34 -3.64 1.75 -11.16
CA ILE B 34 -3.65 3.19 -11.42
C ILE B 34 -2.52 3.58 -12.37
N GLU B 35 -1.52 2.69 -12.46
CA GLU B 35 -0.37 2.90 -13.34
C GLU B 35 -0.81 2.92 -14.79
N LEU B 36 -1.44 1.82 -15.21
CA LEU B 36 -1.83 1.70 -16.59
C LEU B 36 -3.05 2.57 -16.89
N ILE B 37 -3.76 3.01 -15.86
CA ILE B 37 -4.96 3.81 -16.04
C ILE B 37 -4.65 5.26 -16.40
N CYS B 38 -3.65 5.83 -15.74
CA CYS B 38 -3.16 7.15 -16.11
C CYS B 38 -2.56 7.08 -17.50
N GLN B 39 -2.13 5.88 -17.83
CA GLN B 39 -1.55 5.55 -19.10
C GLN B 39 -2.64 5.27 -20.16
N GLU B 40 -3.83 4.91 -19.68
CA GLU B 40 -4.96 4.62 -20.56
C GLU B 40 -5.58 5.91 -21.07
N ASN B 41 -5.48 6.96 -20.27
CA ASN B 41 -6.21 8.18 -20.53
C ASN B 41 -5.30 9.41 -20.45
N GLU B 42 -4.07 9.29 -20.91
CA GLU B 42 -3.15 10.43 -20.88
C GLU B 42 -3.77 11.61 -21.63
N GLY B 43 -3.91 11.45 -22.94
CA GLY B 43 -4.96 12.09 -23.75
C GLY B 43 -5.80 13.20 -23.10
N GLU B 44 -6.37 12.90 -21.93
CA GLU B 44 -7.34 13.77 -21.27
C GLU B 44 -6.87 14.12 -19.86
N ASN B 45 -5.54 14.05 -19.72
CA ASN B 45 -4.76 14.26 -18.48
C ASN B 45 -5.23 15.40 -17.55
N ASP B 46 -6.47 15.28 -17.10
CA ASP B 46 -7.12 16.22 -16.20
C ASP B 46 -6.29 16.46 -14.93
N PRO B 47 -6.44 17.63 -14.29
CA PRO B 47 -5.70 18.01 -13.07
C PRO B 47 -5.59 16.86 -12.06
N VAL B 48 -6.71 16.19 -11.79
CA VAL B 48 -6.71 15.08 -10.83
C VAL B 48 -5.68 14.04 -11.24
N LEU B 49 -5.61 13.73 -12.53
CA LEU B 49 -4.68 12.73 -13.00
C LEU B 49 -3.26 13.22 -12.84
N GLN B 50 -3.10 14.54 -12.86
CA GLN B 50 -1.79 15.16 -12.69
C GLN B 50 -1.31 15.04 -11.24
N ARG B 51 -2.26 15.09 -10.32
CA ARG B 51 -1.94 15.04 -8.91
C ARG B 51 -1.96 13.60 -8.38
N ILE B 52 -2.55 12.68 -9.12
CA ILE B 52 -2.49 11.27 -8.74
C ILE B 52 -1.28 10.60 -9.38
N VAL B 53 -0.88 11.04 -10.57
CA VAL B 53 0.40 10.59 -11.11
C VAL B 53 1.51 11.17 -10.26
N ASP B 54 1.21 12.31 -9.66
CA ASP B 54 2.08 12.90 -8.66
C ASP B 54 2.13 11.98 -7.45
N ILE B 55 0.96 11.46 -7.09
CA ILE B 55 0.83 10.44 -6.05
C ILE B 55 1.70 9.23 -6.37
N LEU B 56 1.41 8.58 -7.49
CA LEU B 56 2.10 7.37 -7.91
C LEU B 56 3.63 7.61 -7.94
N TYR B 57 4.02 8.81 -8.36
CA TYR B 57 5.45 9.16 -8.53
C TYR B 57 5.98 10.01 -7.38
N ALA B 58 5.26 10.06 -6.26
CA ALA B 58 5.59 10.98 -5.16
C ALA B 58 6.78 10.51 -4.35
N THR B 59 7.56 9.60 -4.89
CA THR B 59 8.61 8.98 -4.13
C THR B 59 9.99 9.11 -4.74
N ASP B 60 10.66 10.18 -4.41
CA ASP B 60 12.11 10.21 -4.49
C ASP B 60 12.68 11.35 -3.69
N GLU B 61 12.50 11.26 -2.39
CA GLU B 61 13.32 12.00 -1.46
C GLU B 61 14.32 11.02 -0.86
N GLY B 62 15.56 11.07 -1.32
CA GLY B 62 16.56 10.13 -0.82
C GLY B 62 16.15 8.69 -1.05
N PHE B 63 15.23 8.47 -1.98
CA PHE B 63 14.60 7.16 -2.17
C PHE B 63 14.95 6.56 -3.53
N VAL B 64 14.23 5.50 -3.88
CA VAL B 64 14.54 4.75 -5.09
C VAL B 64 13.39 4.82 -6.09
N ILE B 65 13.67 5.38 -7.25
CA ILE B 65 12.83 5.18 -8.40
C ILE B 65 13.51 4.19 -9.34
N PRO B 66 12.85 3.07 -9.64
CA PRO B 66 13.37 2.07 -10.57
C PRO B 66 13.39 2.58 -12.00
N ASP B 67 14.28 2.00 -12.79
CA ASP B 67 14.46 2.38 -14.19
C ASP B 67 14.84 3.85 -14.31
N GLU B 68 15.91 4.22 -13.64
CA GLU B 68 16.39 5.57 -13.66
C GLU B 68 17.84 5.60 -14.15
N GLY B 69 18.00 5.92 -15.43
CA GLY B 69 19.32 5.95 -16.01
C GLY B 69 20.06 7.23 -15.68
N GLY B 70 19.31 8.30 -15.48
CA GLY B 70 19.92 9.58 -15.19
C GLY B 70 19.24 10.71 -15.93
N LYS C 1 -10.36 13.70 6.43
CA LYS C 1 -10.91 12.77 5.43
C LYS C 1 -11.20 11.44 6.07
N PRO C 2 -12.31 10.80 5.65
CA PRO C 2 -12.98 9.83 6.45
C PRO C 2 -12.54 8.39 6.18
N SER C 3 -13.34 7.44 6.64
CA SER C 3 -12.99 6.05 6.50
C SER C 3 -14.15 5.24 5.90
N LYS C 4 -14.36 5.40 4.60
CA LYS C 4 -15.19 4.46 3.86
C LYS C 4 -14.30 3.60 3.00
N ILE C 5 -13.04 3.98 2.89
CA ILE C 5 -12.14 3.20 2.08
C ILE C 5 -11.92 1.87 2.74
N PRO C 6 -12.23 0.82 1.99
CA PRO C 6 -12.12 -0.55 2.45
C PRO C 6 -10.83 -0.85 3.19
N THR C 7 -10.92 -1.80 4.09
CA THR C 7 -9.85 -2.06 5.02
C THR C 7 -9.66 -3.49 5.33
N PRO C 8 -8.53 -3.84 5.98
CA PRO C 8 -8.59 -4.96 6.88
C PRO C 8 -9.66 -4.77 7.94
N GLN C 9 -9.37 -3.91 8.90
CA GLN C 9 -10.27 -3.62 10.00
C GLN C 9 -9.58 -2.69 10.99
N ARG C 10 -9.82 -2.91 12.28
CA ARG C 10 -9.19 -2.08 13.30
C ARG C 10 -7.86 -2.66 13.74
N LYS C 11 -7.80 -3.98 13.82
CA LYS C 11 -6.60 -4.67 14.29
C LYS C 11 -6.19 -5.77 13.30
N LYS D 1 3.27 -4.39 -17.53
CA LYS D 1 3.46 -3.00 -17.06
C LYS D 1 4.70 -2.90 -16.22
N PRO D 2 5.44 -1.79 -16.36
CA PRO D 2 6.82 -1.73 -16.05
C PRO D 2 7.12 -1.26 -14.63
N SER D 3 8.37 -0.89 -14.40
CA SER D 3 8.79 -0.48 -13.07
C SER D 3 9.52 0.86 -13.10
N LYS D 4 8.77 1.94 -13.28
CA LYS D 4 9.29 3.27 -12.99
C LYS D 4 8.66 3.77 -11.72
N ILE D 5 7.63 3.07 -11.25
CA ILE D 5 7.00 3.51 -10.04
C ILE D 5 7.95 3.33 -8.89
N PRO D 6 8.20 4.43 -8.20
CA PRO D 6 9.12 4.48 -7.08
C PRO D 6 8.95 3.33 -6.10
N THR D 7 10.04 2.99 -5.45
CA THR D 7 10.09 1.80 -4.65
C THR D 7 10.90 1.94 -3.42
N PRO D 8 10.79 0.97 -2.49
CA PRO D 8 11.96 0.67 -1.70
C PRO D 8 13.16 0.33 -2.56
N GLN D 9 13.14 -0.87 -3.13
CA GLN D 9 14.21 -1.36 -3.97
C GLN D 9 13.93 -2.82 -4.33
N ARG D 10 14.98 -3.64 -4.38
CA ARG D 10 14.81 -5.05 -4.73
C ARG D 10 14.57 -5.88 -3.48
N LYS D 11 15.26 -5.52 -2.39
CA LYS D 11 15.17 -6.27 -1.15
C LYS D 11 14.88 -5.35 0.03
N ASP A 1 21.37 -22.70 17.91
CA ASP A 1 20.67 -22.88 19.20
C ASP A 1 19.25 -22.37 19.10
N GLU A 2 18.33 -23.02 19.82
CA GLU A 2 16.90 -22.75 19.73
C GLU A 2 16.57 -21.26 19.76
N ALA A 3 17.00 -20.58 20.80
CA ALA A 3 16.63 -19.19 20.96
C ALA A 3 17.41 -18.29 20.02
N ALA A 4 18.51 -18.80 19.49
CA ALA A 4 19.33 -18.02 18.60
C ALA A 4 18.63 -17.88 17.27
N GLU A 5 17.94 -18.94 16.88
CA GLU A 5 17.11 -18.91 15.70
C GLU A 5 15.86 -18.10 15.97
N LEU A 6 15.26 -18.32 17.13
CA LEU A 6 14.06 -17.60 17.50
C LEU A 6 14.28 -16.09 17.55
N MET A 7 15.43 -15.69 18.07
CA MET A 7 15.71 -14.26 18.20
C MET A 7 16.16 -13.71 16.85
N GLN A 8 16.68 -14.58 16.00
CA GLN A 8 17.01 -14.15 14.66
C GLN A 8 15.74 -14.03 13.87
N GLN A 9 14.76 -14.86 14.19
CA GLN A 9 13.48 -14.77 13.56
C GLN A 9 12.92 -13.39 13.77
N VAL A 10 12.97 -12.92 15.01
CA VAL A 10 12.47 -11.59 15.29
C VAL A 10 13.32 -10.56 14.56
N LYS A 11 14.59 -10.89 14.30
CA LYS A 11 15.44 -10.06 13.45
C LYS A 11 14.88 -10.01 12.03
N VAL A 12 14.70 -11.19 11.45
CA VAL A 12 14.18 -11.32 10.10
C VAL A 12 12.79 -10.71 10.00
N LEU A 13 11.99 -10.91 11.03
CA LEU A 13 10.67 -10.31 11.08
C LEU A 13 10.76 -8.84 11.38
N LYS A 14 11.76 -8.44 12.13
CA LYS A 14 11.92 -7.03 12.44
C LYS A 14 12.18 -6.30 11.14
N LEU A 15 13.05 -6.91 10.37
CA LEU A 15 13.37 -6.46 9.04
C LEU A 15 12.13 -6.52 8.15
N THR A 16 11.40 -7.63 8.20
CA THR A 16 10.23 -7.74 7.34
C THR A 16 9.13 -6.81 7.81
N VAL A 17 9.04 -6.63 9.11
CA VAL A 17 8.07 -5.74 9.71
C VAL A 17 8.39 -4.30 9.37
N GLU A 18 9.67 -3.96 9.32
CA GLU A 18 10.06 -2.59 9.03
C GLU A 18 9.96 -2.34 7.54
N ASP A 19 10.33 -3.36 6.77
CA ASP A 19 10.25 -3.28 5.33
C ASP A 19 8.79 -3.19 4.91
N LEU A 20 7.95 -3.90 5.65
CA LEU A 20 6.52 -3.90 5.39
C LEU A 20 5.83 -2.67 5.96
N GLU A 21 6.20 -2.27 7.18
CA GLU A 21 5.59 -1.09 7.81
C GLU A 21 5.81 0.15 6.97
N LYS A 22 7.03 0.32 6.49
CA LYS A 22 7.40 1.51 5.74
C LYS A 22 6.63 1.55 4.42
N GLU A 23 6.30 0.39 3.88
CA GLU A 23 5.48 0.32 2.67
C GLU A 23 4.01 0.42 3.01
N ARG A 24 3.60 -0.23 4.09
CA ARG A 24 2.21 -0.19 4.54
C ARG A 24 1.81 1.27 4.78
N ASP A 25 2.70 2.01 5.43
CA ASP A 25 2.45 3.41 5.71
C ASP A 25 2.55 4.27 4.46
N PHE A 26 3.61 4.08 3.68
CA PHE A 26 3.83 4.90 2.49
C PHE A 26 2.74 4.66 1.44
N TYR A 27 2.46 3.39 1.14
CA TYR A 27 1.45 3.05 0.14
C TYR A 27 0.09 3.55 0.57
N PHE A 28 -0.16 3.54 1.87
CA PHE A 28 -1.44 3.97 2.42
C PHE A 28 -1.52 5.50 2.45
N GLY A 29 -0.39 6.14 2.73
CA GLY A 29 -0.31 7.58 2.66
C GLY A 29 -0.58 8.08 1.26
N LYS A 30 -0.17 7.29 0.29
CA LYS A 30 -0.45 7.60 -1.11
C LYS A 30 -1.92 7.35 -1.39
N LEU A 31 -2.41 6.21 -0.89
CA LEU A 31 -3.78 5.77 -1.11
C LEU A 31 -4.80 6.75 -0.51
N ARG A 32 -4.43 7.39 0.61
CA ARG A 32 -5.32 8.35 1.24
C ARG A 32 -5.43 9.63 0.43
N ASN A 33 -4.37 9.96 -0.30
CA ASN A 33 -4.32 11.20 -1.06
C ASN A 33 -5.13 11.08 -2.34
N ILE A 34 -5.42 9.85 -2.76
CA ILE A 34 -6.24 9.64 -3.95
C ILE A 34 -7.71 9.77 -3.61
N GLU A 35 -8.06 9.48 -2.37
CA GLU A 35 -9.44 9.50 -1.93
C GLU A 35 -9.97 10.93 -1.97
N LEU A 36 -9.24 11.85 -1.36
CA LEU A 36 -9.70 13.23 -1.32
C LEU A 36 -9.55 13.90 -2.70
N ILE A 37 -8.77 13.30 -3.59
CA ILE A 37 -8.66 13.80 -4.96
C ILE A 37 -9.85 13.37 -5.80
N CYS A 38 -10.36 12.19 -5.53
CA CYS A 38 -11.63 11.77 -6.09
C CYS A 38 -12.71 12.67 -5.49
N GLN A 39 -12.51 12.97 -4.23
CA GLN A 39 -13.33 13.90 -3.49
C GLN A 39 -13.22 15.31 -4.09
N GLU A 40 -12.12 15.56 -4.80
CA GLU A 40 -11.86 16.84 -5.42
C GLU A 40 -12.55 16.94 -6.76
N ASN A 41 -12.46 15.87 -7.54
CA ASN A 41 -12.82 15.93 -8.95
C ASN A 41 -13.73 14.80 -9.38
N GLU A 42 -14.55 14.25 -8.50
CA GLU A 42 -15.39 13.17 -8.95
C GLU A 42 -16.38 13.68 -9.98
N GLY A 43 -17.39 14.47 -9.56
CA GLY A 43 -18.11 15.50 -10.37
C GLY A 43 -18.23 15.31 -11.88
N GLU A 44 -17.11 14.99 -12.49
CA GLU A 44 -16.96 14.86 -13.92
C GLU A 44 -16.76 13.40 -14.29
N ASN A 45 -17.26 12.56 -13.39
CA ASN A 45 -16.93 11.13 -13.19
C ASN A 45 -16.33 10.38 -14.41
N ASP A 46 -15.25 10.93 -14.93
CA ASP A 46 -14.51 10.38 -16.07
C ASP A 46 -14.03 8.95 -15.83
N PRO A 47 -13.85 8.17 -16.91
CA PRO A 47 -13.52 6.74 -16.86
C PRO A 47 -12.42 6.39 -15.88
N VAL A 48 -11.26 7.06 -16.00
CA VAL A 48 -10.14 6.81 -15.08
C VAL A 48 -10.59 6.90 -13.64
N LEU A 49 -11.39 7.90 -13.35
CA LEU A 49 -11.82 8.16 -11.99
C LEU A 49 -12.88 7.16 -11.58
N GLN A 50 -13.45 6.47 -12.56
CA GLN A 50 -14.38 5.39 -12.30
C GLN A 50 -13.62 4.09 -12.01
N ARG A 51 -12.53 3.89 -12.74
CA ARG A 51 -11.76 2.68 -12.61
C ARG A 51 -10.77 2.76 -11.45
N ILE A 52 -10.39 3.97 -11.04
CA ILE A 52 -9.51 4.12 -9.89
C ILE A 52 -10.29 4.18 -8.59
N VAL A 53 -11.55 4.63 -8.63
CA VAL A 53 -12.39 4.50 -7.45
C VAL A 53 -12.72 3.03 -7.24
N ASP A 54 -12.84 2.30 -8.35
CA ASP A 54 -12.95 0.86 -8.27
C ASP A 54 -11.71 0.27 -7.65
N ILE A 55 -10.58 0.89 -7.96
CA ILE A 55 -9.31 0.57 -7.34
C ILE A 55 -9.38 0.79 -5.84
N LEU A 56 -9.68 2.02 -5.44
CA LEU A 56 -9.74 2.37 -4.03
C LEU A 56 -10.74 1.47 -3.29
N TYR A 57 -11.82 1.11 -3.99
CA TYR A 57 -12.91 0.31 -3.43
C TYR A 57 -12.82 -1.17 -3.84
N ALA A 58 -11.63 -1.59 -4.27
CA ALA A 58 -11.38 -2.96 -4.78
C ALA A 58 -11.65 -4.09 -3.78
N THR A 59 -12.43 -3.82 -2.75
CA THR A 59 -12.78 -4.83 -1.76
C THR A 59 -13.54 -6.00 -2.37
N ASP A 60 -13.60 -7.09 -1.63
CA ASP A 60 -14.30 -8.29 -2.06
C ASP A 60 -14.80 -9.05 -0.84
N GLU A 61 -15.46 -10.18 -1.07
CA GLU A 61 -16.03 -10.95 0.02
C GLU A 61 -14.95 -11.51 0.93
N GLY A 62 -15.15 -11.38 2.23
CA GLY A 62 -14.16 -11.85 3.19
C GLY A 62 -13.19 -10.77 3.60
N PHE A 63 -13.19 -9.68 2.85
CA PHE A 63 -12.35 -8.53 3.16
C PHE A 63 -13.19 -7.50 3.91
N VAL A 64 -12.57 -6.81 4.85
CA VAL A 64 -13.31 -5.88 5.69
C VAL A 64 -13.29 -4.47 5.12
N ILE A 65 -14.48 -3.93 4.92
CA ILE A 65 -14.61 -2.52 4.67
C ILE A 65 -14.97 -1.81 5.97
N PRO A 66 -14.17 -0.84 6.37
CA PRO A 66 -14.46 -0.01 7.52
C PRO A 66 -15.69 0.83 7.29
N ASP A 67 -16.44 1.07 8.35
CA ASP A 67 -17.68 1.82 8.26
C ASP A 67 -18.65 1.13 7.32
N GLU A 68 -18.85 -0.15 7.56
CA GLU A 68 -19.66 -0.98 6.68
C GLU A 68 -21.15 -0.73 6.96
N GLY A 69 -21.75 0.08 6.11
CA GLY A 69 -23.16 0.40 6.27
C GLY A 69 -23.46 1.82 5.84
N GLY A 70 -23.23 2.12 4.57
CA GLY A 70 -23.44 3.45 4.06
C GLY A 70 -22.30 4.38 4.43
N ASP B 1 9.61 -17.46 29.95
CA ASP B 1 10.92 -18.06 29.59
C ASP B 1 11.46 -17.41 28.33
N GLU B 2 12.78 -17.28 28.25
CA GLU B 2 13.45 -16.57 27.18
C GLU B 2 12.93 -16.92 25.79
N ALA B 3 12.96 -18.19 25.46
CA ALA B 3 12.59 -18.60 24.11
C ALA B 3 11.09 -18.56 23.93
N ALA B 4 10.35 -18.56 25.03
CA ALA B 4 8.90 -18.54 24.97
C ALA B 4 8.44 -17.17 24.50
N GLU B 5 9.15 -16.16 24.96
CA GLU B 5 8.89 -14.80 24.49
C GLU B 5 9.41 -14.65 23.07
N LEU B 6 10.60 -15.17 22.81
CA LEU B 6 11.20 -15.09 21.48
C LEU B 6 10.32 -15.75 20.44
N MET B 7 9.75 -16.90 20.76
CA MET B 7 8.92 -17.62 19.81
C MET B 7 7.56 -16.98 19.72
N GLN B 8 7.16 -16.30 20.78
CA GLN B 8 5.92 -15.55 20.72
C GLN B 8 6.14 -14.31 19.89
N GLN B 9 7.35 -13.78 19.94
CA GLN B 9 7.68 -12.64 19.12
C GLN B 9 7.46 -13.01 17.68
N VAL B 10 7.95 -14.16 17.27
CA VAL B 10 7.75 -14.57 15.90
C VAL B 10 6.27 -14.77 15.63
N LYS B 11 5.51 -15.12 16.67
CA LYS B 11 4.06 -15.18 16.58
C LYS B 11 3.50 -13.80 16.28
N VAL B 12 3.84 -12.84 17.14
CA VAL B 12 3.37 -11.47 17.02
C VAL B 12 3.85 -10.87 15.69
N LEU B 13 5.07 -11.20 15.30
CA LEU B 13 5.59 -10.75 14.04
C LEU B 13 4.98 -11.53 12.90
N LYS B 14 4.65 -12.78 13.14
CA LYS B 14 4.02 -13.60 12.10
C LYS B 14 2.69 -12.95 11.76
N LEU B 15 2.00 -12.58 12.81
CA LEU B 15 0.75 -11.85 12.73
C LEU B 15 0.99 -10.50 12.07
N THR B 16 2.02 -9.77 12.51
CA THR B 16 2.25 -8.46 11.94
C THR B 16 2.74 -8.59 10.51
N VAL B 17 3.51 -9.61 10.24
CA VAL B 17 4.01 -9.87 8.90
C VAL B 17 2.87 -10.27 7.98
N GLU B 18 1.90 -11.02 8.48
CA GLU B 18 0.79 -11.45 7.64
C GLU B 18 -0.20 -10.31 7.48
N ASP B 19 -0.37 -9.56 8.55
CA ASP B 19 -1.26 -8.40 8.53
C ASP B 19 -0.68 -7.35 7.59
N LEU B 20 0.64 -7.25 7.60
CA LEU B 20 1.35 -6.31 6.75
C LEU B 20 1.49 -6.83 5.32
N GLU B 21 1.82 -8.10 5.16
CA GLU B 21 1.98 -8.68 3.83
C GLU B 21 0.69 -8.55 3.02
N LYS B 22 -0.41 -8.88 3.65
CA LYS B 22 -1.70 -8.87 2.97
C LYS B 22 -2.07 -7.45 2.54
N GLU B 23 -1.62 -6.46 3.30
CA GLU B 23 -1.84 -5.07 2.94
C GLU B 23 -0.78 -4.60 1.94
N ARG B 24 0.46 -5.02 2.15
CA ARG B 24 1.55 -4.67 1.25
C ARG B 24 1.21 -5.15 -0.15
N ASP B 25 0.68 -6.36 -0.24
CA ASP B 25 0.31 -6.94 -1.54
C ASP B 25 -0.96 -6.28 -2.09
N PHE B 26 -1.99 -6.16 -1.25
CA PHE B 26 -3.27 -5.61 -1.68
C PHE B 26 -3.14 -4.15 -2.09
N TYR B 27 -2.51 -3.34 -1.24
CA TYR B 27 -2.35 -1.92 -1.53
C TYR B 27 -1.51 -1.72 -2.78
N PHE B 28 -0.54 -2.61 -3.00
CA PHE B 28 0.34 -2.52 -4.14
C PHE B 28 -0.37 -3.02 -5.41
N GLY B 29 -1.20 -4.04 -5.24
CA GLY B 29 -2.01 -4.52 -6.34
C GLY B 29 -2.97 -3.46 -6.82
N LYS B 30 -3.42 -2.63 -5.88
CA LYS B 30 -4.25 -1.50 -6.21
C LYS B 30 -3.42 -0.42 -6.89
N LEU B 31 -2.25 -0.18 -6.31
CA LEU B 31 -1.33 0.86 -6.78
C LEU B 31 -0.85 0.58 -8.20
N ARG B 32 -0.70 -0.70 -8.57
CA ARG B 32 -0.25 -1.05 -9.91
C ARG B 32 -1.33 -0.80 -10.94
N ASN B 33 -2.59 -0.88 -10.50
CA ASN B 33 -3.72 -0.74 -11.42
C ASN B 33 -3.96 0.73 -11.74
N ILE B 34 -3.43 1.62 -10.91
CA ILE B 34 -3.56 3.04 -11.18
C ILE B 34 -2.54 3.50 -12.20
N GLU B 35 -1.41 2.81 -12.23
CA GLU B 35 -0.32 3.17 -13.13
C GLU B 35 -0.73 2.99 -14.58
N LEU B 36 -1.27 1.82 -14.90
CA LEU B 36 -1.65 1.57 -16.27
C LEU B 36 -2.93 2.33 -16.64
N ILE B 37 -3.65 2.84 -15.63
CA ILE B 37 -4.82 3.68 -15.89
C ILE B 37 -4.40 5.10 -16.22
N CYS B 38 -3.33 5.57 -15.59
CA CYS B 38 -2.70 6.80 -16.01
C CYS B 38 -2.14 6.59 -17.41
N GLN B 39 -1.62 5.39 -17.60
CA GLN B 39 -1.13 4.93 -18.88
C GLN B 39 -2.29 4.85 -19.90
N GLU B 40 -3.51 4.75 -19.38
CA GLU B 40 -4.71 4.67 -20.20
C GLU B 40 -5.17 6.06 -20.63
N ASN B 41 -5.17 6.98 -19.68
CA ASN B 41 -5.86 8.25 -19.87
C ASN B 41 -5.00 9.45 -19.48
N GLU B 42 -3.68 9.37 -19.61
CA GLU B 42 -2.89 10.54 -19.23
C GLU B 42 -3.18 11.69 -20.19
N GLY B 43 -2.74 11.57 -21.45
CA GLY B 43 -3.29 12.27 -22.65
C GLY B 43 -4.06 13.58 -22.45
N GLU B 44 -4.99 13.57 -21.53
CA GLU B 44 -5.88 14.68 -21.26
C GLU B 44 -5.48 15.36 -19.95
N ASN B 45 -4.19 15.17 -19.63
CA ASN B 45 -3.56 15.35 -18.30
C ASN B 45 -4.31 16.27 -17.31
N ASP B 46 -5.55 15.88 -17.01
CA ASP B 46 -6.41 16.60 -16.07
C ASP B 46 -5.83 16.66 -14.66
N PRO B 47 -6.22 17.68 -13.88
CA PRO B 47 -5.67 17.95 -12.54
C PRO B 47 -5.55 16.72 -11.66
N VAL B 48 -6.65 15.98 -11.47
CA VAL B 48 -6.64 14.77 -10.65
C VAL B 48 -5.51 13.84 -11.09
N LEU B 49 -5.36 13.70 -12.38
CA LEU B 49 -4.39 12.76 -12.92
C LEU B 49 -3.00 13.32 -12.80
N GLN B 50 -2.92 14.62 -12.52
CA GLN B 50 -1.64 15.26 -12.25
C GLN B 50 -1.26 15.09 -10.80
N ARG B 51 -2.26 15.16 -9.93
CA ARG B 51 -2.04 15.06 -8.51
C ARG B 51 -1.96 13.61 -8.04
N ILE B 52 -2.56 12.70 -8.79
CA ILE B 52 -2.46 11.28 -8.43
C ILE B 52 -1.21 10.65 -9.03
N VAL B 53 -0.70 11.17 -10.14
CA VAL B 53 0.60 10.73 -10.62
C VAL B 53 1.67 11.23 -9.68
N ASP B 54 1.44 12.41 -9.10
CA ASP B 54 2.28 12.91 -8.03
C ASP B 54 2.20 11.97 -6.85
N ILE B 55 1.01 11.42 -6.64
CA ILE B 55 0.79 10.38 -5.65
C ILE B 55 1.65 9.16 -5.95
N LEU B 56 1.46 8.59 -7.14
CA LEU B 56 2.18 7.39 -7.53
C LEU B 56 3.70 7.64 -7.47
N TYR B 57 4.10 8.87 -7.79
CA TYR B 57 5.52 9.26 -7.84
C TYR B 57 5.93 10.05 -6.59
N ALA B 58 5.18 9.89 -5.51
CA ALA B 58 5.40 10.63 -4.25
C ALA B 58 6.75 10.36 -3.57
N THR B 59 7.73 9.88 -4.32
CA THR B 59 9.05 9.61 -3.78
C THR B 59 9.73 10.90 -3.28
N ASP B 60 10.77 10.71 -2.49
CA ASP B 60 11.53 11.83 -1.94
C ASP B 60 12.97 11.38 -1.70
N GLU B 61 13.80 12.29 -1.21
CA GLU B 61 15.21 11.99 -1.00
C GLU B 61 15.40 10.90 0.06
N GLY B 62 16.24 9.94 -0.25
CA GLY B 62 16.48 8.84 0.67
C GLY B 62 15.61 7.64 0.36
N PHE B 63 14.59 7.86 -0.44
CA PHE B 63 13.71 6.80 -0.87
C PHE B 63 14.15 6.29 -2.24
N VAL B 64 14.00 5.00 -2.47
CA VAL B 64 14.50 4.40 -3.69
C VAL B 64 13.43 4.36 -4.78
N ILE B 65 13.75 4.95 -5.91
CA ILE B 65 12.95 4.75 -7.10
C ILE B 65 13.62 3.67 -7.95
N PRO B 66 12.88 2.60 -8.26
CA PRO B 66 13.35 1.57 -9.16
C PRO B 66 13.53 2.10 -10.58
N ASP B 67 14.53 1.58 -11.27
CA ASP B 67 14.85 2.04 -12.61
C ASP B 67 15.19 3.52 -12.60
N GLU B 68 16.10 3.87 -11.71
CA GLU B 68 16.47 5.26 -11.50
C GLU B 68 17.41 5.74 -12.61
N GLY B 69 16.85 6.45 -13.58
CA GLY B 69 17.62 6.93 -14.69
C GLY B 69 16.82 6.94 -15.98
N GLY B 70 15.76 7.73 -15.99
CA GLY B 70 14.89 7.78 -17.15
C GLY B 70 13.97 6.58 -17.21
N LYS C 1 -12.09 13.89 4.61
CA LYS C 1 -11.42 12.67 4.12
C LYS C 1 -11.91 11.48 4.88
N PRO C 2 -12.47 10.50 4.16
CA PRO C 2 -13.22 9.45 4.77
C PRO C 2 -12.43 8.17 5.00
N SER C 3 -13.02 7.23 5.73
CA SER C 3 -12.35 5.99 6.05
C SER C 3 -13.22 4.78 5.70
N LYS C 4 -13.70 4.76 4.46
CA LYS C 4 -14.47 3.63 3.96
C LYS C 4 -13.59 2.70 3.14
N ILE C 5 -12.39 3.15 2.80
CA ILE C 5 -11.52 2.37 1.93
C ILE C 5 -11.08 1.12 2.66
N PRO C 6 -11.11 -0.02 1.97
CA PRO C 6 -11.01 -1.35 2.57
C PRO C 6 -9.76 -1.61 3.39
N THR C 7 -9.90 -2.59 4.26
CA THR C 7 -8.92 -2.90 5.27
C THR C 7 -8.83 -4.36 5.52
N PRO C 8 -7.84 -4.75 6.33
CA PRO C 8 -8.10 -5.85 7.24
C PRO C 8 -9.21 -5.46 8.24
N GLN C 9 -9.04 -5.81 9.50
CA GLN C 9 -10.03 -5.44 10.49
C GLN C 9 -9.50 -4.39 11.44
N ARG C 10 -8.34 -4.65 12.01
CA ARG C 10 -7.79 -3.78 13.04
C ARG C 10 -7.30 -2.46 12.45
N LYS C 11 -6.82 -1.57 13.31
CA LYS C 11 -6.30 -0.26 12.91
C LYS C 11 -7.43 0.60 12.34
N LYS D 1 3.10 -2.07 -18.59
CA LYS D 1 3.01 -1.62 -17.18
C LYS D 1 4.39 -1.57 -16.58
N PRO D 2 4.77 -0.38 -16.11
CA PRO D 2 6.13 -0.11 -15.76
C PRO D 2 6.45 -0.27 -14.28
N SER D 3 7.72 -0.23 -13.94
CA SER D 3 8.14 -0.40 -12.56
C SER D 3 9.06 0.74 -12.11
N LYS D 4 8.60 1.97 -12.31
CA LYS D 4 9.32 3.15 -11.85
C LYS D 4 8.76 3.64 -10.52
N ILE D 5 7.60 3.14 -10.14
CA ILE D 5 6.93 3.64 -8.95
C ILE D 5 7.75 3.25 -7.72
N PRO D 6 7.92 4.20 -6.81
CA PRO D 6 8.90 4.12 -5.72
C PRO D 6 8.78 2.93 -4.81
N THR D 7 9.90 2.65 -4.16
CA THR D 7 10.08 1.46 -3.38
C THR D 7 10.93 1.69 -2.20
N PRO D 8 11.03 0.69 -1.32
CA PRO D 8 12.29 0.48 -0.67
C PRO D 8 13.39 0.14 -1.69
N GLN D 9 14.24 -0.82 -1.38
CA GLN D 9 15.26 -1.21 -2.34
C GLN D 9 14.99 -2.59 -2.91
N ARG D 10 14.77 -3.55 -2.03
CA ARG D 10 14.64 -4.94 -2.45
C ARG D 10 13.31 -5.17 -3.16
N LYS D 11 13.10 -6.40 -3.63
CA LYS D 11 11.88 -6.80 -4.33
C LYS D 11 11.77 -6.07 -5.67
N ASP A 1 22.21 -21.86 19.07
CA ASP A 1 21.29 -22.34 20.12
C ASP A 1 19.84 -22.03 19.74
N GLU A 2 18.90 -22.71 20.38
CA GLU A 2 17.48 -22.57 20.04
C GLU A 2 17.02 -21.13 20.06
N ALA A 3 17.27 -20.43 21.15
CA ALA A 3 16.78 -19.08 21.28
C ALA A 3 17.56 -18.12 20.41
N ALA A 4 18.73 -18.53 19.95
CA ALA A 4 19.57 -17.65 19.16
C ALA A 4 18.97 -17.50 17.80
N GLU A 5 18.60 -18.63 17.23
CA GLU A 5 17.92 -18.66 15.96
C GLU A 5 16.52 -18.09 16.12
N LEU A 6 15.95 -18.34 17.28
CA LEU A 6 14.66 -17.82 17.63
C LEU A 6 14.66 -16.30 17.75
N MET A 7 15.75 -15.75 18.23
CA MET A 7 15.83 -14.30 18.38
C MET A 7 16.18 -13.69 17.04
N GLN A 8 16.76 -14.50 16.16
CA GLN A 8 16.95 -14.09 14.77
C GLN A 8 15.61 -13.88 14.16
N GLN A 9 14.72 -14.82 14.41
CA GLN A 9 13.38 -14.75 13.87
C GLN A 9 12.78 -13.38 14.14
N VAL A 10 12.97 -12.88 15.34
CA VAL A 10 12.43 -11.58 15.65
C VAL A 10 13.20 -10.51 14.89
N LYS A 11 14.50 -10.72 14.75
CA LYS A 11 15.34 -9.83 13.97
C LYS A 11 14.87 -9.77 12.52
N VAL A 12 14.64 -10.95 11.96
CA VAL A 12 14.33 -11.11 10.56
C VAL A 12 12.91 -10.66 10.28
N LEU A 13 12.01 -10.89 11.22
CA LEU A 13 10.65 -10.41 11.05
C LEU A 13 10.57 -8.95 11.43
N LYS A 14 11.40 -8.50 12.35
CA LYS A 14 11.50 -7.07 12.61
C LYS A 14 11.92 -6.40 11.33
N LEU A 15 12.99 -6.94 10.75
CA LEU A 15 13.50 -6.49 9.48
C LEU A 15 12.42 -6.59 8.42
N THR A 16 11.69 -7.68 8.39
CA THR A 16 10.64 -7.81 7.40
C THR A 16 9.56 -6.78 7.69
N VAL A 17 9.12 -6.73 8.93
CA VAL A 17 8.09 -5.81 9.36
C VAL A 17 8.46 -4.39 8.99
N GLU A 18 9.72 -4.04 9.15
CA GLU A 18 10.14 -2.67 8.92
C GLU A 18 10.35 -2.43 7.45
N ASP A 19 10.90 -3.42 6.77
CA ASP A 19 11.18 -3.33 5.36
C ASP A 19 9.89 -3.17 4.60
N LEU A 20 8.95 -4.03 4.91
CA LEU A 20 7.68 -4.01 4.23
C LEU A 20 6.72 -2.97 4.79
N GLU A 21 6.94 -2.50 6.03
CA GLU A 21 6.15 -1.39 6.55
C GLU A 21 6.46 -0.12 5.80
N LYS A 22 7.69 0.00 5.34
CA LYS A 22 8.07 1.12 4.48
C LYS A 22 7.14 1.18 3.28
N GLU A 23 6.88 0.01 2.71
CA GLU A 23 5.90 -0.13 1.65
C GLU A 23 4.49 0.15 2.18
N ARG A 24 4.11 -0.63 3.19
CA ARG A 24 2.76 -0.60 3.76
C ARG A 24 2.32 0.81 4.14
N ASP A 25 3.21 1.55 4.80
CA ASP A 25 2.90 2.90 5.26
C ASP A 25 2.84 3.88 4.12
N PHE A 26 3.87 3.86 3.27
CA PHE A 26 4.00 4.81 2.19
C PHE A 26 2.92 4.58 1.15
N TYR A 27 2.66 3.33 0.82
CA TYR A 27 1.63 2.97 -0.16
C TYR A 27 0.26 3.41 0.32
N PHE A 28 0.04 3.32 1.63
CA PHE A 28 -1.22 3.73 2.22
C PHE A 28 -1.32 5.25 2.27
N GLY A 29 -0.20 5.89 2.52
CA GLY A 29 -0.14 7.34 2.49
C GLY A 29 -0.47 7.87 1.11
N LYS A 30 -0.09 7.11 0.10
CA LYS A 30 -0.41 7.46 -1.28
C LYS A 30 -1.89 7.22 -1.53
N LEU A 31 -2.37 6.09 -1.02
CA LEU A 31 -3.74 5.65 -1.21
C LEU A 31 -4.74 6.62 -0.58
N ARG A 32 -4.37 7.23 0.54
CA ARG A 32 -5.26 8.14 1.24
C ARG A 32 -5.43 9.45 0.46
N ASN A 33 -4.40 9.83 -0.28
CA ASN A 33 -4.41 11.10 -1.01
C ASN A 33 -5.23 10.99 -2.31
N ILE A 34 -5.47 9.77 -2.77
CA ILE A 34 -6.28 9.59 -3.97
C ILE A 34 -7.76 9.68 -3.64
N GLU A 35 -8.12 9.25 -2.44
CA GLU A 35 -9.51 9.26 -1.99
C GLU A 35 -10.09 10.65 -2.09
N LEU A 36 -9.48 11.62 -1.42
CA LEU A 36 -10.00 12.97 -1.45
C LEU A 36 -9.93 13.55 -2.85
N ILE A 37 -8.99 13.07 -3.65
CA ILE A 37 -8.84 13.56 -5.01
C ILE A 37 -9.95 13.10 -5.93
N CYS A 38 -10.38 11.86 -5.75
CA CYS A 38 -11.46 11.31 -6.55
C CYS A 38 -12.76 12.02 -6.19
N GLN A 39 -12.90 12.38 -4.93
CA GLN A 39 -14.08 13.10 -4.47
C GLN A 39 -13.94 14.59 -4.77
N GLU A 40 -12.71 15.05 -5.02
CA GLU A 40 -12.45 16.43 -5.40
C GLU A 40 -12.99 16.67 -6.79
N ASN A 41 -12.88 15.63 -7.61
CA ASN A 41 -13.19 15.75 -9.02
C ASN A 41 -14.18 14.70 -9.47
N GLU A 42 -15.07 14.27 -8.57
CA GLU A 42 -16.06 13.30 -8.97
C GLU A 42 -17.06 13.96 -9.89
N GLY A 43 -17.78 14.99 -9.45
CA GLY A 43 -18.19 16.12 -10.31
C GLY A 43 -18.00 15.96 -11.84
N GLU A 44 -16.80 15.52 -12.21
CA GLU A 44 -16.34 15.45 -13.59
C GLU A 44 -15.96 14.02 -13.96
N ASN A 45 -16.64 13.10 -13.29
CA ASN A 45 -16.44 11.63 -13.26
C ASN A 45 -15.85 10.94 -14.51
N ASP A 46 -14.73 11.44 -14.99
CA ASP A 46 -14.02 10.87 -16.12
C ASP A 46 -13.71 9.39 -15.93
N PRO A 47 -13.67 8.62 -17.03
CA PRO A 47 -13.53 7.16 -17.00
C PRO A 47 -12.42 6.66 -16.08
N VAL A 48 -11.23 7.25 -16.21
CA VAL A 48 -10.09 6.85 -15.40
C VAL A 48 -10.44 6.86 -13.92
N LEU A 49 -11.16 7.89 -13.50
CA LEU A 49 -11.49 8.04 -12.10
C LEU A 49 -12.50 6.98 -11.71
N GLN A 50 -13.31 6.58 -12.68
CA GLN A 50 -14.32 5.56 -12.45
C GLN A 50 -13.66 4.21 -12.20
N ARG A 51 -12.52 4.00 -12.84
CA ARG A 51 -11.80 2.75 -12.70
C ARG A 51 -10.77 2.82 -11.56
N ILE A 52 -10.42 4.02 -11.10
CA ILE A 52 -9.55 4.12 -9.93
C ILE A 52 -10.37 4.18 -8.65
N VAL A 53 -11.60 4.69 -8.70
CA VAL A 53 -12.48 4.57 -7.55
C VAL A 53 -12.85 3.11 -7.38
N ASP A 54 -12.87 2.41 -8.50
CA ASP A 54 -13.00 0.96 -8.49
C ASP A 54 -11.78 0.35 -7.80
N ILE A 55 -10.63 0.94 -8.10
CA ILE A 55 -9.37 0.62 -7.45
C ILE A 55 -9.46 0.85 -5.94
N LEU A 56 -9.78 2.08 -5.55
CA LEU A 56 -9.85 2.45 -4.15
C LEU A 56 -10.84 1.53 -3.39
N TYR A 57 -11.91 1.14 -4.08
CA TYR A 57 -12.99 0.33 -3.49
C TYR A 57 -12.88 -1.15 -3.89
N ALA A 58 -11.70 -1.55 -4.37
CA ALA A 58 -11.43 -2.91 -4.90
C ALA A 58 -11.63 -4.06 -3.90
N THR A 59 -12.33 -3.80 -2.81
CA THR A 59 -12.52 -4.79 -1.75
C THR A 59 -13.22 -6.07 -2.24
N ASP A 60 -13.05 -7.13 -1.46
CA ASP A 60 -13.66 -8.42 -1.74
C ASP A 60 -13.70 -9.21 -0.44
N GLU A 61 -14.14 -10.46 -0.48
CA GLU A 61 -14.28 -11.27 0.71
C GLU A 61 -12.93 -11.45 1.41
N GLY A 62 -12.94 -11.41 2.74
CA GLY A 62 -11.71 -11.55 3.51
C GLY A 62 -11.08 -10.21 3.84
N PHE A 63 -11.42 -9.20 3.06
CA PHE A 63 -10.90 -7.86 3.26
C PHE A 63 -12.00 -6.97 3.84
N VAL A 64 -11.66 -6.18 4.83
CA VAL A 64 -12.67 -5.44 5.59
C VAL A 64 -12.92 -4.06 5.00
N ILE A 65 -14.17 -3.73 4.82
CA ILE A 65 -14.54 -2.37 4.55
C ILE A 65 -15.07 -1.73 5.81
N PRO A 66 -14.45 -0.62 6.25
CA PRO A 66 -14.92 0.15 7.37
C PRO A 66 -16.23 0.85 7.04
N ASP A 67 -17.02 1.08 8.06
CA ASP A 67 -18.30 1.73 7.91
C ASP A 67 -19.21 0.90 6.99
N GLU A 68 -19.15 -0.39 7.19
CA GLU A 68 -19.88 -1.32 6.36
C GLU A 68 -21.26 -1.57 6.96
N GLY A 69 -22.29 -1.01 6.32
CA GLY A 69 -23.62 -1.13 6.84
C GLY A 69 -23.93 -0.07 7.87
N GLY A 70 -23.23 1.05 7.77
CA GLY A 70 -23.43 2.15 8.68
C GLY A 70 -22.74 3.40 8.19
N ASP B 1 9.42 -19.11 29.72
CA ASP B 1 10.87 -19.30 29.47
C ASP B 1 11.35 -18.37 28.37
N GLU B 2 12.66 -18.15 28.30
CA GLU B 2 13.24 -17.20 27.35
C GLU B 2 12.79 -17.48 25.92
N ALA B 3 12.95 -18.70 25.46
CA ALA B 3 12.64 -19.01 24.08
C ALA B 3 11.14 -19.05 23.84
N ALA B 4 10.37 -19.15 24.91
CA ALA B 4 8.93 -19.26 24.78
C ALA B 4 8.37 -17.91 24.38
N GLU B 5 8.82 -16.89 25.08
CA GLU B 5 8.46 -15.52 24.76
C GLU B 5 9.12 -15.14 23.44
N LEU B 6 10.31 -15.67 23.23
CA LEU B 6 11.05 -15.46 22.01
C LEU B 6 10.34 -16.07 20.81
N MET B 7 9.69 -17.20 21.00
CA MET B 7 9.00 -17.83 19.89
C MET B 7 7.64 -17.18 19.69
N GLN B 8 7.17 -16.51 20.74
CA GLN B 8 6.01 -15.64 20.62
C GLN B 8 6.33 -14.53 19.67
N GLN B 9 7.51 -13.96 19.84
CA GLN B 9 7.94 -12.87 19.01
C GLN B 9 7.77 -13.24 17.55
N VAL B 10 8.14 -14.46 17.20
CA VAL B 10 7.99 -14.87 15.82
C VAL B 10 6.52 -15.02 15.49
N LYS B 11 5.74 -15.50 16.45
CA LYS B 11 4.30 -15.62 16.30
C LYS B 11 3.67 -14.25 16.07
N VAL B 12 4.07 -13.30 16.90
CA VAL B 12 3.48 -11.98 16.91
C VAL B 12 3.94 -11.18 15.70
N LEU B 13 5.18 -11.38 15.29
CA LEU B 13 5.65 -10.71 14.09
C LEU B 13 5.19 -11.46 12.86
N LYS B 14 5.02 -12.77 12.95
CA LYS B 14 4.39 -13.51 11.88
C LYS B 14 3.00 -12.95 11.67
N LEU B 15 2.28 -12.86 12.78
CA LEU B 15 0.96 -12.26 12.83
C LEU B 15 1.02 -10.83 12.30
N THR B 16 2.00 -10.06 12.73
CA THR B 16 2.11 -8.71 12.24
C THR B 16 2.40 -8.72 10.76
N VAL B 17 3.40 -9.49 10.38
CA VAL B 17 3.81 -9.62 8.99
C VAL B 17 2.64 -9.99 8.11
N GLU B 18 1.79 -10.89 8.60
CA GLU B 18 0.70 -11.39 7.78
C GLU B 18 -0.46 -10.41 7.81
N ASP B 19 -0.69 -9.83 8.97
CA ASP B 19 -1.77 -8.89 9.15
C ASP B 19 -1.54 -7.67 8.29
N LEU B 20 -0.33 -7.14 8.36
CA LEU B 20 -0.02 -5.95 7.62
C LEU B 20 0.39 -6.25 6.17
N GLU B 21 0.78 -7.51 5.87
CA GLU B 21 1.01 -7.89 4.47
C GLU B 21 -0.29 -7.89 3.70
N LYS B 22 -1.38 -8.20 4.37
CA LYS B 22 -2.70 -8.10 3.77
C LYS B 22 -2.91 -6.69 3.24
N GLU B 23 -2.49 -5.70 4.04
CA GLU B 23 -2.48 -4.32 3.61
C GLU B 23 -1.46 -4.12 2.51
N ARG B 24 -0.21 -4.46 2.82
CA ARG B 24 0.94 -4.23 1.95
C ARG B 24 0.71 -4.77 0.54
N ASP B 25 0.21 -6.00 0.47
CA ASP B 25 0.00 -6.65 -0.82
C ASP B 25 -1.18 -6.05 -1.56
N PHE B 26 -2.30 -5.92 -0.86
CA PHE B 26 -3.54 -5.44 -1.48
C PHE B 26 -3.40 -3.98 -1.90
N TYR B 27 -2.80 -3.18 -1.04
CA TYR B 27 -2.60 -1.75 -1.34
C TYR B 27 -1.70 -1.58 -2.55
N PHE B 28 -0.71 -2.46 -2.68
CA PHE B 28 0.21 -2.42 -3.81
C PHE B 28 -0.50 -2.92 -5.07
N GLY B 29 -1.35 -3.92 -4.91
CA GLY B 29 -2.15 -4.41 -6.02
C GLY B 29 -3.06 -3.33 -6.56
N LYS B 30 -3.52 -2.47 -5.67
CA LYS B 30 -4.34 -1.34 -6.06
C LYS B 30 -3.48 -0.31 -6.75
N LEU B 31 -2.30 -0.07 -6.18
CA LEU B 31 -1.37 0.93 -6.65
C LEU B 31 -0.88 0.62 -8.07
N ARG B 32 -0.73 -0.65 -8.39
CA ARG B 32 -0.22 -1.04 -9.70
C ARG B 32 -1.26 -0.79 -10.79
N ASN B 33 -2.54 -0.86 -10.42
CA ASN B 33 -3.62 -0.72 -11.38
C ASN B 33 -3.87 0.76 -11.72
N ILE B 34 -3.38 1.65 -10.89
CA ILE B 34 -3.54 3.08 -11.17
C ILE B 34 -2.49 3.56 -12.16
N GLU B 35 -1.32 2.94 -12.10
CA GLU B 35 -0.21 3.30 -12.98
C GLU B 35 -0.63 3.21 -14.43
N LEU B 36 -1.08 2.03 -14.87
CA LEU B 36 -1.45 1.86 -16.26
C LEU B 36 -2.66 2.74 -16.59
N ILE B 37 -3.47 3.06 -15.58
CA ILE B 37 -4.66 3.87 -15.81
C ILE B 37 -4.31 5.33 -16.05
N CYS B 38 -3.31 5.83 -15.35
CA CYS B 38 -2.86 7.20 -15.53
C CYS B 38 -2.22 7.36 -16.89
N GLN B 39 -1.55 6.30 -17.34
CA GLN B 39 -0.92 6.31 -18.65
C GLN B 39 -1.95 5.96 -19.74
N GLU B 40 -3.07 5.37 -19.33
CA GLU B 40 -4.17 5.08 -20.24
C GLU B 40 -4.83 6.38 -20.67
N ASN B 41 -4.86 7.31 -19.75
CA ASN B 41 -5.60 8.55 -19.95
C ASN B 41 -4.73 9.77 -19.69
N GLU B 42 -3.43 9.66 -19.95
CA GLU B 42 -2.56 10.82 -19.75
C GLU B 42 -2.83 11.85 -20.86
N GLY B 43 -2.77 11.42 -22.11
CA GLY B 43 -3.54 12.02 -23.22
C GLY B 43 -4.52 13.15 -22.85
N GLU B 44 -5.28 12.95 -21.77
CA GLU B 44 -6.34 13.88 -21.36
C GLU B 44 -6.07 14.42 -19.97
N ASN B 45 -4.77 14.58 -19.70
CA ASN B 45 -4.13 14.93 -18.41
C ASN B 45 -4.91 15.88 -17.48
N ASP B 46 -6.11 15.47 -17.10
CA ASP B 46 -6.95 16.21 -16.17
C ASP B 46 -6.27 16.40 -14.82
N PRO B 47 -6.57 17.52 -14.13
CA PRO B 47 -5.89 17.92 -12.89
C PRO B 47 -5.75 16.79 -11.88
N VAL B 48 -6.85 16.07 -11.62
CA VAL B 48 -6.84 14.98 -10.64
C VAL B 48 -5.72 13.99 -10.96
N LEU B 49 -5.56 13.68 -12.23
CA LEU B 49 -4.57 12.70 -12.63
C LEU B 49 -3.19 13.26 -12.44
N GLN B 50 -3.08 14.59 -12.55
CA GLN B 50 -1.81 15.27 -12.37
C GLN B 50 -1.37 15.19 -10.92
N ARG B 51 -2.34 15.18 -10.02
CA ARG B 51 -2.05 15.11 -8.61
C ARG B 51 -2.02 13.67 -8.10
N ILE B 52 -2.56 12.71 -8.86
CA ILE B 52 -2.42 11.32 -8.47
C ILE B 52 -1.17 10.69 -9.10
N VAL B 53 -0.72 11.20 -10.25
CA VAL B 53 0.58 10.79 -10.76
C VAL B 53 1.65 11.34 -9.84
N ASP B 54 1.35 12.48 -9.23
CA ASP B 54 2.17 13.02 -8.16
C ASP B 54 2.16 12.06 -6.98
N ILE B 55 0.98 11.51 -6.73
CA ILE B 55 0.78 10.45 -5.75
C ILE B 55 1.64 9.23 -6.07
N LEU B 56 1.45 8.67 -7.26
CA LEU B 56 2.17 7.47 -7.68
C LEU B 56 3.68 7.70 -7.62
N TYR B 57 4.12 8.92 -7.90
CA TYR B 57 5.53 9.28 -7.95
C TYR B 57 5.97 10.06 -6.70
N ALA B 58 5.19 9.94 -5.63
CA ALA B 58 5.39 10.69 -4.36
C ALA B 58 6.71 10.38 -3.63
N THR B 59 7.68 9.81 -4.33
CA THR B 59 8.94 9.39 -3.72
C THR B 59 9.71 10.57 -3.11
N ASP B 60 10.62 10.24 -2.21
CA ASP B 60 11.48 11.20 -1.55
C ASP B 60 12.71 10.46 -1.01
N GLU B 61 13.58 11.16 -0.30
CA GLU B 61 14.82 10.55 0.19
C GLU B 61 14.52 9.37 1.12
N GLY B 62 15.30 8.31 1.00
CA GLY B 62 15.11 7.12 1.81
C GLY B 62 14.25 6.08 1.12
N PHE B 63 13.46 6.53 0.15
CA PHE B 63 12.59 5.65 -0.60
C PHE B 63 13.15 5.46 -2.00
N VAL B 64 13.16 4.23 -2.48
CA VAL B 64 13.84 3.91 -3.73
C VAL B 64 12.93 4.03 -4.92
N ILE B 65 13.41 4.71 -5.95
CA ILE B 65 12.76 4.66 -7.25
C ILE B 65 13.54 3.71 -8.14
N PRO B 66 12.85 2.68 -8.66
CA PRO B 66 13.44 1.77 -9.63
C PRO B 66 13.67 2.47 -10.96
N ASP B 67 14.66 1.98 -11.69
CA ASP B 67 15.01 2.56 -12.98
C ASP B 67 15.42 4.02 -12.81
N GLU B 68 16.16 4.28 -11.76
CA GLU B 68 16.58 5.61 -11.42
C GLU B 68 17.90 5.93 -12.11
N GLY B 69 17.84 6.77 -13.13
CA GLY B 69 19.03 7.11 -13.88
C GLY B 69 19.30 6.09 -14.96
N GLY B 70 18.25 5.43 -15.42
CA GLY B 70 18.37 4.44 -16.46
C GLY B 70 17.01 4.05 -17.01
N LYS C 1 -10.87 13.90 4.93
CA LYS C 1 -10.67 12.61 4.22
C LYS C 1 -11.38 11.52 4.93
N PRO C 2 -12.36 10.97 4.24
CA PRO C 2 -13.29 10.04 4.80
C PRO C 2 -12.77 8.61 4.87
N SER C 3 -13.58 7.72 5.41
CA SER C 3 -13.19 6.33 5.53
C SER C 3 -13.84 5.48 4.44
N LYS C 4 -14.51 4.39 4.84
CA LYS C 4 -15.09 3.42 3.91
C LYS C 4 -14.03 2.62 3.14
N ILE C 5 -12.84 3.20 2.90
CA ILE C 5 -11.82 2.49 2.13
C ILE C 5 -11.38 1.27 2.89
N PRO C 6 -11.26 0.15 2.19
CA PRO C 6 -10.99 -1.14 2.79
C PRO C 6 -9.73 -1.16 3.65
N THR C 7 -9.86 -1.88 4.75
CA THR C 7 -8.96 -1.84 5.88
C THR C 7 -8.77 -3.16 6.46
N PRO C 8 -7.78 -3.29 7.31
CA PRO C 8 -7.80 -4.40 8.20
C PRO C 8 -8.84 -4.18 9.28
N GLN C 9 -9.09 -5.18 10.10
CA GLN C 9 -10.16 -5.10 11.06
C GLN C 9 -9.78 -4.28 12.26
N ARG C 10 -10.27 -3.06 12.31
CA ARG C 10 -10.05 -2.20 13.45
C ARG C 10 -11.35 -1.50 13.85
N LYS C 11 -12.22 -1.30 12.87
CA LYS C 11 -13.51 -0.62 13.07
C LYS C 11 -13.27 0.83 13.47
N LYS D 1 2.49 -3.03 -17.88
CA LYS D 1 2.59 -2.14 -16.71
C LYS D 1 4.01 -1.97 -16.31
N PRO D 2 4.45 -0.73 -16.44
CA PRO D 2 5.84 -0.37 -16.30
C PRO D 2 6.30 -0.23 -14.85
N SER D 3 7.57 0.07 -14.68
CA SER D 3 8.13 0.24 -13.35
C SER D 3 8.27 1.73 -13.00
N LYS D 4 9.47 2.13 -12.58
CA LYS D 4 9.76 3.49 -12.11
C LYS D 4 9.05 3.81 -10.78
N ILE D 5 7.90 3.21 -10.51
CA ILE D 5 7.17 3.53 -9.28
C ILE D 5 7.99 3.11 -8.09
N PRO D 6 8.06 3.98 -7.10
CA PRO D 6 8.93 3.80 -5.94
C PRO D 6 8.71 2.48 -5.21
N THR D 7 9.82 1.93 -4.78
CA THR D 7 9.95 0.55 -4.34
C THR D 7 10.86 0.45 -3.21
N PRO D 8 10.85 -0.69 -2.55
CA PRO D 8 11.97 -1.01 -1.74
C PRO D 8 13.16 -1.39 -2.62
N GLN D 9 14.31 -1.58 -2.01
CA GLN D 9 15.51 -1.80 -2.79
C GLN D 9 15.59 -3.24 -3.27
N ARG D 10 15.29 -3.43 -4.54
CA ARG D 10 15.43 -4.73 -5.15
C ARG D 10 16.10 -4.62 -6.51
N LYS D 11 15.92 -3.45 -7.16
CA LYS D 11 16.48 -3.19 -8.48
C LYS D 11 15.84 -4.12 -9.52
N ASP A 1 21.18 -23.08 18.10
CA ASP A 1 20.49 -23.13 19.41
C ASP A 1 19.05 -22.67 19.25
N GLU A 2 18.16 -23.21 20.06
CA GLU A 2 16.72 -22.96 19.92
C GLU A 2 16.39 -21.48 19.86
N ALA A 3 16.84 -20.72 20.83
CA ALA A 3 16.49 -19.31 20.89
C ALA A 3 17.26 -18.50 19.88
N ALA A 4 18.34 -19.05 19.38
CA ALA A 4 19.17 -18.33 18.44
C ALA A 4 18.41 -18.17 17.15
N GLU A 5 17.77 -19.24 16.76
CA GLU A 5 16.94 -19.24 15.58
C GLU A 5 15.67 -18.44 15.83
N LEU A 6 15.12 -18.59 17.02
CA LEU A 6 13.95 -17.82 17.42
C LEU A 6 14.21 -16.32 17.36
N MET A 7 15.40 -15.92 17.78
CA MET A 7 15.75 -14.51 17.77
C MET A 7 16.09 -14.07 16.36
N GLN A 8 16.52 -15.02 15.51
CA GLN A 8 16.65 -14.74 14.08
C GLN A 8 15.31 -14.42 13.54
N GLN A 9 14.36 -15.25 13.89
CA GLN A 9 12.99 -15.06 13.46
C GLN A 9 12.57 -13.64 13.73
N VAL A 10 12.88 -13.13 14.90
CA VAL A 10 12.49 -11.77 15.18
C VAL A 10 13.31 -10.80 14.35
N LYS A 11 14.56 -11.15 14.08
CA LYS A 11 15.41 -10.37 13.17
C LYS A 11 14.80 -10.31 11.79
N VAL A 12 14.46 -11.48 11.27
CA VAL A 12 13.98 -11.65 9.92
C VAL A 12 12.59 -11.08 9.78
N LEU A 13 11.77 -11.24 10.80
CA LEU A 13 10.45 -10.66 10.76
C LEU A 13 10.51 -9.18 11.07
N LYS A 14 11.46 -8.75 11.89
CA LYS A 14 11.70 -7.33 12.10
C LYS A 14 12.00 -6.70 10.76
N LEU A 15 12.88 -7.36 10.04
CA LEU A 15 13.27 -6.96 8.71
C LEU A 15 12.06 -6.97 7.77
N THR A 16 11.23 -7.99 7.85
CA THR A 16 10.06 -8.01 7.00
C THR A 16 9.04 -6.98 7.47
N VAL A 17 8.98 -6.77 8.76
CA VAL A 17 8.10 -5.77 9.35
C VAL A 17 8.54 -4.39 8.94
N GLU A 18 9.83 -4.14 8.92
CA GLU A 18 10.34 -2.82 8.59
C GLU A 18 10.19 -2.56 7.11
N ASP A 19 10.38 -3.61 6.32
CA ASP A 19 10.20 -3.53 4.89
C ASP A 19 8.73 -3.29 4.61
N LEU A 20 7.90 -4.08 5.26
CA LEU A 20 6.46 -4.01 5.09
C LEU A 20 5.86 -2.73 5.66
N GLU A 21 6.42 -2.23 6.76
CA GLU A 21 5.96 -0.97 7.33
C GLU A 21 6.15 0.16 6.35
N LYS A 22 7.28 0.17 5.67
CA LYS A 22 7.56 1.18 4.65
C LYS A 22 6.49 1.14 3.57
N GLU A 23 6.08 -0.07 3.24
CA GLU A 23 4.99 -0.29 2.29
C GLU A 23 3.68 0.23 2.87
N ARG A 24 3.36 -0.21 4.08
CA ARG A 24 2.08 0.11 4.71
C ARG A 24 1.98 1.61 5.00
N ASP A 25 3.11 2.25 5.29
CA ASP A 25 3.11 3.68 5.58
C ASP A 25 3.04 4.50 4.29
N PHE A 26 3.99 4.29 3.39
CA PHE A 26 4.12 5.11 2.19
C PHE A 26 2.96 4.85 1.22
N TYR A 27 2.68 3.58 0.95
CA TYR A 27 1.67 3.21 -0.02
C TYR A 27 0.28 3.61 0.47
N PHE A 28 0.00 3.38 1.74
CA PHE A 28 -1.32 3.69 2.28
C PHE A 28 -1.48 5.19 2.51
N GLY A 29 -0.39 5.86 2.86
CA GLY A 29 -0.42 7.30 2.98
C GLY A 29 -0.77 7.94 1.65
N LYS A 30 -0.36 7.30 0.58
CA LYS A 30 -0.70 7.75 -0.75
C LYS A 30 -2.16 7.45 -1.07
N LEU A 31 -2.65 6.33 -0.54
CA LEU A 31 -4.03 5.93 -0.78
C LEU A 31 -5.03 6.90 -0.16
N ARG A 32 -4.70 7.46 1.00
CA ARG A 32 -5.58 8.45 1.61
C ARG A 32 -5.60 9.73 0.78
N ASN A 33 -4.57 9.94 -0.01
CA ASN A 33 -4.49 11.13 -0.85
C ASN A 33 -5.26 10.92 -2.15
N ILE A 34 -5.49 9.68 -2.56
CA ILE A 34 -6.30 9.43 -3.75
C ILE A 34 -7.78 9.44 -3.39
N GLU A 35 -8.06 9.24 -2.10
CA GLU A 35 -9.42 9.14 -1.62
C GLU A 35 -10.08 10.51 -1.68
N LEU A 36 -9.45 11.51 -1.07
CA LEU A 36 -10.01 12.85 -1.07
C LEU A 36 -9.95 13.44 -2.48
N ILE A 37 -9.10 12.88 -3.33
CA ILE A 37 -8.96 13.36 -4.69
C ILE A 37 -10.11 12.92 -5.58
N CYS A 38 -10.55 11.68 -5.39
CA CYS A 38 -11.76 11.21 -6.06
C CYS A 38 -12.93 12.00 -5.50
N GLN A 39 -12.84 12.26 -4.22
CA GLN A 39 -13.80 13.08 -3.50
C GLN A 39 -13.73 14.53 -3.97
N GLU A 40 -12.62 14.90 -4.62
CA GLU A 40 -12.41 16.25 -5.12
C GLU A 40 -13.00 16.40 -6.52
N ASN A 41 -12.80 15.39 -7.35
CA ASN A 41 -13.08 15.51 -8.76
C ASN A 41 -13.89 14.37 -9.31
N GLU A 42 -14.76 13.75 -8.50
CA GLU A 42 -15.56 12.69 -9.06
C GLU A 42 -16.50 13.25 -10.11
N GLY A 43 -17.53 14.03 -9.70
CA GLY A 43 -18.20 15.11 -10.49
C GLY A 43 -18.24 14.99 -12.02
N GLU A 44 -17.10 14.71 -12.59
CA GLU A 44 -16.88 14.65 -14.01
C GLU A 44 -16.70 13.21 -14.45
N ASN A 45 -17.25 12.33 -13.61
CA ASN A 45 -16.93 10.90 -13.46
C ASN A 45 -16.24 10.21 -14.65
N ASP A 46 -15.12 10.79 -15.06
CA ASP A 46 -14.31 10.31 -16.17
C ASP A 46 -13.81 8.88 -15.98
N PRO A 47 -13.60 8.15 -17.09
CA PRO A 47 -13.28 6.72 -17.10
C PRO A 47 -12.17 6.32 -16.14
N VAL A 48 -11.00 6.95 -16.25
CA VAL A 48 -9.87 6.60 -15.39
C VAL A 48 -10.27 6.67 -13.93
N LEU A 49 -11.02 7.69 -13.57
CA LEU A 49 -11.42 7.88 -12.20
C LEU A 49 -12.38 6.79 -11.79
N GLN A 50 -13.18 6.33 -12.76
CA GLN A 50 -14.14 5.26 -12.50
C GLN A 50 -13.41 3.96 -12.20
N ARG A 51 -12.26 3.78 -12.82
CA ARG A 51 -11.50 2.55 -12.66
C ARG A 51 -10.49 2.64 -11.52
N ILE A 52 -10.18 3.85 -11.06
CA ILE A 52 -9.33 4.01 -9.89
C ILE A 52 -10.17 4.07 -8.62
N VAL A 53 -11.39 4.61 -8.70
CA VAL A 53 -12.32 4.50 -7.58
C VAL A 53 -12.73 3.05 -7.45
N ASP A 54 -12.66 2.34 -8.57
CA ASP A 54 -12.83 0.90 -8.57
C ASP A 54 -11.66 0.26 -7.85
N ILE A 55 -10.49 0.82 -8.07
CA ILE A 55 -9.27 0.43 -7.37
C ILE A 55 -9.42 0.59 -5.86
N LEU A 56 -9.65 1.83 -5.42
CA LEU A 56 -9.74 2.13 -3.99
C LEU A 56 -10.89 1.36 -3.33
N TYR A 57 -11.98 1.17 -4.08
CA TYR A 57 -13.21 0.54 -3.55
C TYR A 57 -13.36 -0.91 -3.99
N ALA A 58 -12.27 -1.53 -4.42
CA ALA A 58 -12.27 -2.91 -4.96
C ALA A 58 -12.69 -3.97 -3.93
N THR A 59 -13.35 -3.57 -2.87
CA THR A 59 -13.76 -4.50 -1.83
C THR A 59 -14.75 -5.55 -2.36
N ASP A 60 -14.86 -6.63 -1.61
CA ASP A 60 -15.75 -7.72 -1.94
C ASP A 60 -16.02 -8.50 -0.66
N GLU A 61 -16.73 -9.61 -0.73
CA GLU A 61 -17.07 -10.37 0.46
C GLU A 61 -15.81 -10.97 1.07
N GLY A 62 -15.67 -10.85 2.38
CA GLY A 62 -14.51 -11.36 3.06
C GLY A 62 -13.41 -10.32 3.21
N PHE A 63 -13.79 -9.06 3.12
CA PHE A 63 -12.84 -7.96 3.27
C PHE A 63 -13.52 -6.84 4.06
N VAL A 64 -12.77 -6.15 4.90
CA VAL A 64 -13.36 -5.19 5.83
C VAL A 64 -13.45 -3.80 5.23
N ILE A 65 -14.67 -3.30 5.13
CA ILE A 65 -14.86 -1.89 4.88
C ILE A 65 -15.23 -1.19 6.18
N PRO A 66 -14.42 -0.21 6.60
CA PRO A 66 -14.72 0.62 7.76
C PRO A 66 -15.94 1.49 7.51
N ASP A 67 -16.62 1.83 8.59
CA ASP A 67 -17.80 2.66 8.50
C ASP A 67 -18.85 1.99 7.64
N GLU A 68 -19.11 0.74 7.94
CA GLU A 68 -20.03 -0.06 7.15
C GLU A 68 -21.47 0.35 7.41
N GLY A 69 -22.03 1.12 6.48
CA GLY A 69 -23.40 1.55 6.58
C GLY A 69 -24.08 1.57 5.23
N GLY A 70 -23.56 0.77 4.31
CA GLY A 70 -24.11 0.69 2.98
C GLY A 70 -23.53 -0.47 2.22
N ASP B 1 10.10 -17.39 30.10
CA ASP B 1 11.35 -18.05 29.64
C ASP B 1 11.88 -17.35 28.41
N GLU B 2 13.19 -17.34 28.25
CA GLU B 2 13.84 -16.59 27.19
C GLU B 2 13.24 -16.86 25.81
N ALA B 3 13.18 -18.12 25.43
CA ALA B 3 12.72 -18.45 24.10
C ALA B 3 11.21 -18.34 23.99
N ALA B 4 10.53 -18.32 25.11
CA ALA B 4 9.09 -18.24 25.11
C ALA B 4 8.68 -16.87 24.60
N GLU B 5 9.37 -15.86 25.07
CA GLU B 5 9.15 -14.51 24.63
C GLU B 5 9.66 -14.33 23.21
N LEU B 6 10.80 -14.94 22.91
CA LEU B 6 11.36 -14.92 21.57
C LEU B 6 10.40 -15.51 20.56
N MET B 7 9.73 -16.59 20.94
CA MET B 7 8.79 -17.23 20.04
C MET B 7 7.49 -16.43 19.98
N GLN B 8 7.21 -15.68 21.04
CA GLN B 8 6.12 -14.70 20.99
C GLN B 8 6.43 -13.70 19.95
N GLN B 9 7.64 -13.20 20.00
CA GLN B 9 8.11 -12.24 19.04
C GLN B 9 7.79 -12.71 17.64
N VAL B 10 8.07 -13.97 17.35
CA VAL B 10 7.78 -14.46 16.02
C VAL B 10 6.27 -14.54 15.81
N LYS B 11 5.53 -14.84 16.87
CA LYS B 11 4.06 -14.83 16.83
C LYS B 11 3.56 -13.44 16.48
N VAL B 12 4.05 -12.47 17.25
CA VAL B 12 3.60 -11.10 17.16
C VAL B 12 4.05 -10.46 15.86
N LEU B 13 5.25 -10.79 15.43
CA LEU B 13 5.73 -10.29 14.16
C LEU B 13 5.13 -11.06 13.01
N LYS B 14 4.85 -12.34 13.21
CA LYS B 14 4.10 -13.11 12.22
C LYS B 14 2.77 -12.42 11.98
N LEU B 15 2.14 -12.08 13.09
CA LEU B 15 0.88 -11.36 13.09
C LEU B 15 1.04 -9.99 12.41
N THR B 16 2.11 -9.28 12.71
CA THR B 16 2.31 -8.00 12.06
C THR B 16 2.68 -8.20 10.60
N VAL B 17 3.41 -9.27 10.33
CA VAL B 17 3.79 -9.62 8.96
C VAL B 17 2.56 -9.99 8.15
N GLU B 18 1.65 -10.73 8.75
CA GLU B 18 0.46 -11.17 8.03
C GLU B 18 -0.48 -10.01 7.83
N ASP B 19 -0.55 -9.13 8.82
CA ASP B 19 -1.36 -7.93 8.72
C ASP B 19 -0.77 -7.02 7.65
N LEU B 20 0.55 -6.86 7.73
CA LEU B 20 1.27 -5.99 6.81
C LEU B 20 1.33 -6.58 5.41
N GLU B 21 1.41 -7.90 5.28
CA GLU B 21 1.40 -8.55 3.97
C GLU B 21 0.09 -8.25 3.24
N LYS B 22 -1.01 -8.31 3.98
CA LYS B 22 -2.32 -7.98 3.41
C LYS B 22 -2.31 -6.56 2.86
N GLU B 23 -1.64 -5.67 3.58
CA GLU B 23 -1.46 -4.30 3.15
C GLU B 23 -0.58 -4.26 1.90
N ARG B 24 0.59 -4.90 1.99
CA ARG B 24 1.57 -4.86 0.92
C ARG B 24 1.04 -5.53 -0.35
N ASP B 25 0.22 -6.55 -0.18
CA ASP B 25 -0.35 -7.26 -1.33
C ASP B 25 -1.51 -6.49 -1.95
N PHE B 26 -2.53 -6.20 -1.15
CA PHE B 26 -3.75 -5.59 -1.64
C PHE B 26 -3.52 -4.15 -2.09
N TYR B 27 -2.87 -3.38 -1.24
CA TYR B 27 -2.66 -1.96 -1.51
C TYR B 27 -1.72 -1.76 -2.71
N PHE B 28 -0.66 -2.54 -2.77
CA PHE B 28 0.32 -2.40 -3.85
C PHE B 28 -0.21 -3.00 -5.14
N GLY B 29 -1.00 -4.07 -5.02
CA GLY B 29 -1.65 -4.63 -6.19
C GLY B 29 -2.58 -3.62 -6.83
N LYS B 30 -3.14 -2.77 -6.01
CA LYS B 30 -3.99 -1.70 -6.50
C LYS B 30 -3.15 -0.60 -7.13
N LEU B 31 -1.96 -0.38 -6.58
CA LEU B 31 -1.07 0.65 -7.09
C LEU B 31 -0.58 0.35 -8.50
N ARG B 32 -0.36 -0.92 -8.82
CA ARG B 32 0.05 -1.28 -10.17
C ARG B 32 -1.09 -1.06 -11.15
N ASN B 33 -2.32 -1.02 -10.63
CA ASN B 33 -3.49 -0.81 -11.46
C ASN B 33 -3.73 0.68 -11.71
N ILE B 34 -3.20 1.53 -10.84
CA ILE B 34 -3.31 2.97 -11.07
C ILE B 34 -2.19 3.44 -11.99
N GLU B 35 -1.15 2.64 -12.09
CA GLU B 35 0.02 2.99 -12.87
C GLU B 35 -0.31 2.93 -14.34
N LEU B 36 -0.83 1.77 -14.78
CA LEU B 36 -1.17 1.61 -16.19
C LEU B 36 -2.37 2.48 -16.54
N ILE B 37 -3.13 2.91 -15.53
CA ILE B 37 -4.29 3.76 -15.74
C ILE B 37 -3.90 5.20 -16.04
N CYS B 38 -2.90 5.70 -15.34
CA CYS B 38 -2.33 7.00 -15.67
C CYS B 38 -1.69 6.89 -17.03
N GLN B 39 -1.09 5.75 -17.27
CA GLN B 39 -0.49 5.39 -18.54
C GLN B 39 -1.57 5.23 -19.62
N GLU B 40 -2.82 5.06 -19.19
CA GLU B 40 -3.94 4.89 -20.11
C GLU B 40 -4.53 6.25 -20.49
N ASN B 41 -4.62 7.14 -19.52
CA ASN B 41 -5.39 8.36 -19.72
C ASN B 41 -4.65 9.60 -19.27
N GLU B 42 -3.32 9.62 -19.35
CA GLU B 42 -2.62 10.83 -18.98
C GLU B 42 -2.99 11.94 -19.94
N GLY B 43 -2.53 11.85 -21.21
CA GLY B 43 -3.14 12.49 -22.41
C GLY B 43 -3.98 13.76 -22.23
N GLU B 44 -4.91 13.70 -21.32
CA GLU B 44 -5.87 14.76 -21.06
C GLU B 44 -5.50 15.48 -19.78
N ASN B 45 -4.20 15.37 -19.46
CA ASN B 45 -3.58 15.60 -18.14
C ASN B 45 -4.39 16.44 -17.15
N ASP B 46 -5.59 15.95 -16.84
CA ASP B 46 -6.51 16.59 -15.91
C ASP B 46 -5.97 16.67 -14.49
N PRO B 47 -6.41 17.69 -13.73
CA PRO B 47 -5.87 18.02 -12.40
C PRO B 47 -5.74 16.82 -11.47
N VAL B 48 -6.84 16.10 -11.25
CA VAL B 48 -6.82 14.96 -10.35
C VAL B 48 -5.72 13.98 -10.72
N LEU B 49 -5.57 13.74 -12.01
CA LEU B 49 -4.59 12.80 -12.47
C LEU B 49 -3.20 13.33 -12.22
N GLN B 50 -3.07 14.65 -12.29
CA GLN B 50 -1.79 15.32 -12.04
C GLN B 50 -1.38 15.15 -10.59
N ARG B 51 -2.36 15.10 -9.70
CA ARG B 51 -2.09 15.00 -8.28
C ARG B 51 -2.06 13.56 -7.81
N ILE B 52 -2.58 12.62 -8.60
CA ILE B 52 -2.45 11.21 -8.27
C ILE B 52 -1.21 10.61 -8.91
N VAL B 53 -0.80 11.13 -10.08
CA VAL B 53 0.51 10.76 -10.62
C VAL B 53 1.58 11.36 -9.73
N ASP B 54 1.22 12.43 -9.06
CA ASP B 54 2.06 13.02 -8.03
C ASP B 54 2.12 12.07 -6.85
N ILE B 55 0.99 11.44 -6.58
CA ILE B 55 0.88 10.41 -5.56
C ILE B 55 1.81 9.23 -5.86
N LEU B 56 1.60 8.59 -7.01
CA LEU B 56 2.36 7.40 -7.38
C LEU B 56 3.85 7.73 -7.52
N TYR B 57 4.15 8.95 -7.98
CA TYR B 57 5.53 9.36 -8.26
C TYR B 57 6.08 10.31 -7.20
N ALA B 58 5.50 10.26 -5.99
CA ALA B 58 5.88 11.16 -4.90
C ALA B 58 7.29 10.91 -4.35
N THR B 59 8.15 10.30 -5.15
CA THR B 59 9.50 10.00 -4.73
C THR B 59 10.30 11.27 -4.46
N ASP B 60 11.37 11.10 -3.72
CA ASP B 60 12.27 12.19 -3.38
C ASP B 60 13.63 11.58 -3.01
N GLU B 61 14.56 12.38 -2.56
CA GLU B 61 15.89 11.86 -2.24
C GLU B 61 15.81 10.93 -1.03
N GLY B 62 16.48 9.80 -1.13
CA GLY B 62 16.45 8.83 -0.04
C GLY B 62 15.35 7.80 -0.21
N PHE B 63 14.87 7.64 -1.43
CA PHE B 63 13.83 6.67 -1.73
C PHE B 63 14.14 6.01 -3.08
N VAL B 64 13.86 4.73 -3.21
CA VAL B 64 14.29 3.97 -4.38
C VAL B 64 13.27 4.02 -5.51
N ILE B 65 13.69 4.56 -6.64
CA ILE B 65 12.93 4.38 -7.86
C ILE B 65 13.59 3.30 -8.71
N PRO B 66 12.85 2.24 -9.02
CA PRO B 66 13.31 1.19 -9.92
C PRO B 66 13.45 1.71 -11.33
N ASP B 67 14.35 1.10 -12.10
CA ASP B 67 14.59 1.49 -13.47
C ASP B 67 15.04 2.94 -13.53
N GLU B 68 16.02 3.27 -12.70
CA GLU B 68 16.49 4.63 -12.59
C GLU B 68 17.32 5.03 -13.80
N GLY B 69 16.69 5.79 -14.69
CA GLY B 69 17.37 6.27 -15.88
C GLY B 69 16.94 7.67 -16.23
N GLY B 70 16.47 8.39 -15.22
CA GLY B 70 16.03 9.75 -15.42
C GLY B 70 15.82 10.46 -14.10
N LYS C 1 -10.46 14.28 6.43
CA LYS C 1 -10.36 13.30 5.33
C LYS C 1 -11.11 12.06 5.69
N PRO C 2 -12.10 11.81 4.84
CA PRO C 2 -13.03 10.69 4.95
C PRO C 2 -12.42 9.31 5.28
N SER C 3 -13.28 8.33 5.44
CA SER C 3 -12.84 6.96 5.65
C SER C 3 -13.50 6.05 4.61
N LYS C 4 -13.98 4.89 5.05
CA LYS C 4 -14.78 3.98 4.22
C LYS C 4 -13.97 3.16 3.23
N ILE C 5 -12.70 3.48 3.00
CA ILE C 5 -11.92 2.63 2.10
C ILE C 5 -11.63 1.34 2.83
N PRO C 6 -11.71 0.22 2.13
CA PRO C 6 -11.46 -1.11 2.68
C PRO C 6 -10.14 -1.23 3.43
N THR C 7 -10.21 -2.07 4.44
CA THR C 7 -9.16 -2.25 5.42
C THR C 7 -9.06 -3.65 5.85
N PRO C 8 -8.01 -3.97 6.58
CA PRO C 8 -8.09 -5.05 7.48
C PRO C 8 -8.65 -4.56 8.80
N GLN C 9 -8.84 -5.45 9.75
CA GLN C 9 -9.37 -5.04 11.01
C GLN C 9 -8.27 -4.68 11.98
N ARG C 10 -8.65 -4.04 13.08
CA ARG C 10 -7.73 -3.56 14.10
C ARG C 10 -6.92 -2.36 13.58
N LYS C 11 -7.10 -1.22 14.23
CA LYS C 11 -6.38 -0.01 13.83
C LYS C 11 -4.96 -0.05 14.37
N LYS D 1 2.93 -4.56 -18.04
CA LYS D 1 2.72 -3.42 -17.12
C LYS D 1 4.02 -2.90 -16.64
N PRO D 2 4.23 -1.62 -16.99
CA PRO D 2 5.44 -0.85 -16.68
C PRO D 2 5.96 -0.96 -15.24
N SER D 3 7.09 -0.32 -15.00
CA SER D 3 7.66 -0.26 -13.66
C SER D 3 7.87 1.21 -13.28
N LYS D 4 9.03 1.50 -12.68
CA LYS D 4 9.48 2.87 -12.41
C LYS D 4 8.80 3.52 -11.21
N ILE D 5 7.72 2.95 -10.67
CA ILE D 5 7.15 3.54 -9.47
C ILE D 5 8.08 3.25 -8.31
N PRO D 6 8.27 4.23 -7.44
CA PRO D 6 9.13 4.11 -6.26
C PRO D 6 8.86 2.89 -5.41
N THR D 7 9.94 2.41 -4.84
CA THR D 7 10.00 1.15 -4.14
C THR D 7 10.92 1.24 -2.98
N PRO D 8 10.89 0.24 -2.13
CA PRO D 8 12.06 -0.07 -1.38
C PRO D 8 12.95 -0.99 -2.18
N GLN D 9 14.09 -1.33 -1.65
CA GLN D 9 14.98 -2.21 -2.39
C GLN D 9 14.72 -3.66 -2.04
N ARG D 10 15.30 -4.55 -2.85
CA ARG D 10 15.11 -5.99 -2.72
C ARG D 10 13.70 -6.39 -3.15
N LYS D 11 13.61 -7.20 -4.20
CA LYS D 11 12.32 -7.67 -4.69
C LYS D 11 11.81 -8.80 -3.82
N ASP A 1 21.03 -23.12 18.48
CA ASP A 1 20.20 -23.36 19.68
C ASP A 1 18.78 -22.89 19.44
N GLU A 2 17.85 -23.39 20.24
CA GLU A 2 16.43 -23.08 20.05
C GLU A 2 16.16 -21.59 19.97
N ALA A 3 16.66 -20.84 20.92
CA ALA A 3 16.38 -19.41 20.96
C ALA A 3 17.15 -18.68 19.86
N ALA A 4 18.18 -19.33 19.34
CA ALA A 4 19.00 -18.70 18.31
C ALA A 4 18.21 -18.62 17.02
N GLU A 5 17.42 -19.65 16.77
CA GLU A 5 16.54 -19.66 15.62
C GLU A 5 15.40 -18.69 15.87
N LEU A 6 14.86 -18.71 17.07
CA LEU A 6 13.76 -17.84 17.44
C LEU A 6 14.14 -16.36 17.36
N MET A 7 15.35 -16.04 17.78
CA MET A 7 15.79 -14.66 17.78
C MET A 7 16.18 -14.25 16.37
N GLN A 8 16.53 -15.22 15.55
CA GLN A 8 16.78 -14.94 14.17
C GLN A 8 15.46 -14.75 13.47
N GLN A 9 14.45 -15.46 13.93
CA GLN A 9 13.11 -15.28 13.41
C GLN A 9 12.71 -13.85 13.56
N VAL A 10 12.91 -13.31 14.74
CA VAL A 10 12.57 -11.92 14.95
C VAL A 10 13.44 -11.03 14.08
N LYS A 11 14.64 -11.49 13.75
CA LYS A 11 15.47 -10.80 12.77
C LYS A 11 14.80 -10.79 11.41
N VAL A 12 14.43 -11.97 10.94
CA VAL A 12 13.80 -12.14 9.65
C VAL A 12 12.46 -11.42 9.61
N LEU A 13 11.74 -11.44 10.71
CA LEU A 13 10.50 -10.69 10.81
C LEU A 13 10.77 -9.24 11.01
N LYS A 14 11.86 -8.91 11.65
CA LYS A 14 12.20 -7.51 11.85
C LYS A 14 12.41 -6.90 10.49
N LEU A 15 13.17 -7.64 9.70
CA LEU A 15 13.44 -7.31 8.33
C LEU A 15 12.13 -7.27 7.54
N THR A 16 11.29 -8.27 7.72
CA THR A 16 10.07 -8.30 6.95
C THR A 16 9.11 -7.23 7.44
N VAL A 17 9.07 -7.02 8.74
CA VAL A 17 8.25 -5.98 9.33
C VAL A 17 8.70 -4.61 8.84
N GLU A 18 10.00 -4.42 8.75
CA GLU A 18 10.53 -3.11 8.38
C GLU A 18 10.36 -2.89 6.89
N ASP A 19 10.55 -3.96 6.12
CA ASP A 19 10.39 -3.90 4.69
C ASP A 19 8.92 -3.72 4.35
N LEU A 20 8.09 -4.38 5.14
CA LEU A 20 6.64 -4.30 4.98
C LEU A 20 6.11 -2.95 5.46
N GLU A 21 6.61 -2.47 6.61
CA GLU A 21 6.21 -1.16 7.14
C GLU A 21 6.45 -0.06 6.11
N LYS A 22 7.62 -0.11 5.47
CA LYS A 22 7.99 0.89 4.48
C LYS A 22 6.93 1.03 3.41
N GLU A 23 6.54 -0.10 2.84
CA GLU A 23 5.51 -0.12 1.83
C GLU A 23 4.13 0.14 2.43
N ARG A 24 3.83 -0.54 3.53
CA ARG A 24 2.50 -0.47 4.12
C ARG A 24 2.13 0.97 4.46
N ASP A 25 2.94 1.62 5.29
CA ASP A 25 2.61 2.97 5.75
C ASP A 25 2.61 3.97 4.61
N PHE A 26 3.63 3.90 3.76
CA PHE A 26 3.80 4.87 2.69
C PHE A 26 2.70 4.71 1.63
N TYR A 27 2.46 3.47 1.21
CA TYR A 27 1.46 3.20 0.16
C TYR A 27 0.06 3.49 0.67
N PHE A 28 -0.17 3.20 1.95
CA PHE A 28 -1.47 3.45 2.56
C PHE A 28 -1.72 4.95 2.67
N GLY A 29 -0.67 5.69 2.99
CA GLY A 29 -0.77 7.14 3.03
C GLY A 29 -1.08 7.71 1.66
N LYS A 30 -0.53 7.08 0.63
CA LYS A 30 -0.78 7.49 -0.74
C LYS A 30 -2.25 7.31 -1.08
N LEU A 31 -2.82 6.20 -0.60
CA LEU A 31 -4.21 5.86 -0.87
C LEU A 31 -5.17 6.85 -0.22
N ARG A 32 -4.72 7.49 0.85
CA ARG A 32 -5.52 8.48 1.54
C ARG A 32 -5.76 9.68 0.61
N ASN A 33 -4.74 10.06 -0.13
CA ASN A 33 -4.80 11.25 -0.95
C ASN A 33 -5.55 11.01 -2.26
N ILE A 34 -5.68 9.75 -2.67
CA ILE A 34 -6.44 9.46 -3.88
C ILE A 34 -7.93 9.47 -3.62
N GLU A 35 -8.32 8.94 -2.46
CA GLU A 35 -9.72 8.85 -2.09
C GLU A 35 -10.39 10.23 -2.12
N LEU A 36 -9.83 11.17 -1.38
CA LEU A 36 -10.44 12.49 -1.30
C LEU A 36 -10.28 13.26 -2.61
N ILE A 37 -9.33 12.84 -3.45
CA ILE A 37 -9.14 13.49 -4.75
C ILE A 37 -10.25 13.10 -5.72
N CYS A 38 -10.75 11.88 -5.56
CA CYS A 38 -11.90 11.43 -6.32
C CYS A 38 -13.12 12.20 -5.87
N GLN A 39 -13.08 12.62 -4.61
CA GLN A 39 -14.11 13.44 -4.02
C GLN A 39 -13.96 14.90 -4.45
N GLU A 40 -12.73 15.28 -4.79
CA GLU A 40 -12.41 16.63 -5.18
C GLU A 40 -12.83 16.90 -6.61
N ASN A 41 -12.80 15.86 -7.43
CA ASN A 41 -13.00 16.02 -8.85
C ASN A 41 -14.02 15.03 -9.39
N GLU A 42 -15.00 14.63 -8.58
CA GLU A 42 -15.94 13.65 -9.08
C GLU A 42 -16.73 14.22 -10.25
N GLY A 43 -17.60 15.22 -10.00
CA GLY A 43 -17.98 16.29 -10.94
C GLY A 43 -17.77 16.08 -12.44
N GLU A 44 -16.59 15.60 -12.80
CA GLU A 44 -16.14 15.51 -14.18
C GLU A 44 -15.77 14.08 -14.53
N ASN A 45 -16.41 13.18 -13.80
CA ASN A 45 -16.16 11.73 -13.71
C ASN A 45 -15.49 11.05 -14.92
N ASP A 46 -14.31 11.53 -15.28
CA ASP A 46 -13.48 10.88 -16.30
C ASP A 46 -13.22 9.42 -15.96
N PRO A 47 -13.20 8.57 -17.00
CA PRO A 47 -13.20 7.10 -16.87
C PRO A 47 -12.06 6.56 -16.01
N VAL A 48 -10.90 7.20 -16.05
CA VAL A 48 -9.77 6.77 -15.23
C VAL A 48 -10.19 6.72 -13.77
N LEU A 49 -11.01 7.67 -13.39
CA LEU A 49 -11.40 7.80 -12.01
C LEU A 49 -12.33 6.67 -11.63
N GLN A 50 -13.15 6.22 -12.58
CA GLN A 50 -14.06 5.11 -12.35
C GLN A 50 -13.31 3.82 -12.14
N ARG A 51 -12.22 3.70 -12.87
CA ARG A 51 -11.40 2.51 -12.77
C ARG A 51 -10.41 2.59 -11.60
N ILE A 52 -10.09 3.80 -11.13
CA ILE A 52 -9.25 3.93 -9.94
C ILE A 52 -10.07 3.98 -8.67
N VAL A 53 -11.31 4.48 -8.75
CA VAL A 53 -12.21 4.37 -7.60
C VAL A 53 -12.57 2.90 -7.42
N ASP A 54 -12.61 2.20 -8.55
CA ASP A 54 -12.72 0.76 -8.54
C ASP A 54 -11.49 0.13 -7.88
N ILE A 55 -10.36 0.75 -8.16
CA ILE A 55 -9.10 0.43 -7.51
C ILE A 55 -9.21 0.64 -6.00
N LEU A 56 -9.53 1.87 -5.60
CA LEU A 56 -9.65 2.21 -4.19
C LEU A 56 -10.64 1.28 -3.49
N TYR A 57 -11.71 0.92 -4.19
CA TYR A 57 -12.78 0.08 -3.65
C TYR A 57 -12.66 -1.38 -4.11
N ALA A 58 -11.46 -1.77 -4.53
CA ALA A 58 -11.15 -3.12 -5.05
C ALA A 58 -11.44 -4.27 -4.06
N THR A 59 -12.29 -4.03 -3.08
CA THR A 59 -12.65 -5.03 -2.09
C THR A 59 -13.16 -6.32 -2.72
N ASP A 60 -13.08 -7.39 -1.95
CA ASP A 60 -13.61 -8.68 -2.36
C ASP A 60 -13.95 -9.51 -1.12
N GLU A 61 -14.38 -10.75 -1.33
CA GLU A 61 -14.74 -11.63 -0.23
C GLU A 61 -13.53 -11.89 0.67
N GLY A 62 -13.75 -11.80 1.98
CA GLY A 62 -12.68 -12.05 2.93
C GLY A 62 -11.88 -10.80 3.24
N PHE A 63 -12.21 -9.72 2.53
CA PHE A 63 -11.54 -8.45 2.73
C PHE A 63 -12.47 -7.51 3.48
N VAL A 64 -11.95 -6.84 4.50
CA VAL A 64 -12.80 -6.08 5.40
C VAL A 64 -12.99 -4.66 4.92
N ILE A 65 -14.23 -4.25 4.79
CA ILE A 65 -14.53 -2.85 4.63
C ILE A 65 -15.02 -2.27 5.94
N PRO A 66 -14.35 -1.23 6.42
CA PRO A 66 -14.75 -0.51 7.61
C PRO A 66 -16.02 0.29 7.39
N ASP A 67 -16.71 0.57 8.47
CA ASP A 67 -17.94 1.33 8.44
C ASP A 67 -18.95 0.68 7.52
N GLU A 68 -19.05 -0.62 7.64
CA GLU A 68 -19.93 -1.41 6.78
C GLU A 68 -21.36 -1.27 7.27
N GLY A 69 -22.15 -0.51 6.53
CA GLY A 69 -23.50 -0.22 6.95
C GLY A 69 -23.62 1.17 7.50
N GLY A 70 -22.52 1.92 7.39
CA GLY A 70 -22.50 3.29 7.85
C GLY A 70 -22.84 4.25 6.76
N ASP B 1 10.40 -17.58 30.04
CA ASP B 1 11.76 -18.02 29.66
C ASP B 1 12.24 -17.25 28.44
N GLU B 2 13.54 -17.24 28.21
CA GLU B 2 14.13 -16.47 27.11
C GLU B 2 13.47 -16.78 25.78
N ALA B 3 13.38 -18.04 25.43
CA ALA B 3 12.84 -18.40 24.14
C ALA B 3 11.33 -18.17 24.09
N ALA B 4 10.72 -18.09 25.25
CA ALA B 4 9.27 -17.89 25.32
C ALA B 4 8.92 -16.50 24.85
N GLU B 5 9.77 -15.54 25.20
CA GLU B 5 9.61 -14.19 24.73
C GLU B 5 9.95 -14.12 23.26
N LEU B 6 11.02 -14.80 22.87
CA LEU B 6 11.47 -14.81 21.49
C LEU B 6 10.44 -15.44 20.57
N MET B 7 9.80 -16.51 21.01
CA MET B 7 8.82 -17.19 20.19
C MET B 7 7.53 -16.42 20.18
N GLN B 8 7.31 -15.63 21.22
CA GLN B 8 6.16 -14.75 21.23
C GLN B 8 6.44 -13.59 20.32
N GLN B 9 7.70 -13.19 20.23
CA GLN B 9 8.08 -12.15 19.32
C GLN B 9 7.69 -12.56 17.93
N VAL B 10 8.02 -13.78 17.55
CA VAL B 10 7.66 -14.24 16.23
C VAL B 10 6.15 -14.29 16.10
N LYS B 11 5.44 -14.49 17.21
CA LYS B 11 3.99 -14.38 17.24
C LYS B 11 3.56 -12.97 16.90
N VAL B 12 4.10 -12.00 17.65
CA VAL B 12 3.77 -10.60 17.47
C VAL B 12 4.18 -10.12 16.09
N LEU B 13 5.31 -10.62 15.59
CA LEU B 13 5.74 -10.31 14.25
C LEU B 13 4.95 -11.09 13.24
N LYS B 14 4.53 -12.29 13.61
CA LYS B 14 3.72 -13.09 12.69
C LYS B 14 2.45 -12.32 12.43
N LEU B 15 1.88 -11.85 13.52
CA LEU B 15 0.71 -11.01 13.50
C LEU B 15 1.00 -9.72 12.73
N THR B 16 2.12 -9.09 13.00
CA THR B 16 2.42 -7.85 12.32
C THR B 16 2.75 -8.11 10.85
N VAL B 17 3.46 -9.18 10.59
CA VAL B 17 3.78 -9.58 9.23
C VAL B 17 2.52 -9.89 8.45
N GLU B 18 1.58 -10.56 9.09
CA GLU B 18 0.37 -10.97 8.40
C GLU B 18 -0.56 -9.79 8.22
N ASP B 19 -0.60 -8.91 9.22
CA ASP B 19 -1.42 -7.72 9.15
C ASP B 19 -0.81 -6.75 8.14
N LEU B 20 0.51 -6.72 8.10
CA LEU B 20 1.24 -5.89 7.16
C LEU B 20 1.16 -6.45 5.75
N GLU B 21 1.31 -7.78 5.62
CA GLU B 21 1.22 -8.43 4.30
C GLU B 21 -0.12 -8.11 3.63
N LYS B 22 -1.19 -8.20 4.42
CA LYS B 22 -2.53 -7.94 3.92
C LYS B 22 -2.61 -6.60 3.22
N GLU B 23 -2.14 -5.57 3.91
CA GLU B 23 -2.14 -4.23 3.37
C GLU B 23 -1.07 -4.09 2.29
N ARG B 24 0.13 -4.57 2.57
CA ARG B 24 1.26 -4.38 1.67
C ARG B 24 0.96 -4.94 0.29
N ASP B 25 0.64 -6.23 0.22
CA ASP B 25 0.44 -6.88 -1.07
C ASP B 25 -0.77 -6.32 -1.80
N PHE B 26 -1.88 -6.14 -1.07
CA PHE B 26 -3.12 -5.72 -1.68
C PHE B 26 -3.02 -4.26 -2.16
N TYR B 27 -2.50 -3.39 -1.30
CA TYR B 27 -2.41 -1.96 -1.63
C TYR B 27 -1.40 -1.74 -2.74
N PHE B 28 -0.32 -2.52 -2.73
CA PHE B 28 0.71 -2.43 -3.76
C PHE B 28 0.16 -2.90 -5.10
N GLY B 29 -0.66 -3.94 -5.06
CA GLY B 29 -1.32 -4.41 -6.27
C GLY B 29 -2.25 -3.36 -6.83
N LYS B 30 -2.90 -2.61 -5.94
CA LYS B 30 -3.79 -1.55 -6.34
C LYS B 30 -3.02 -0.46 -7.07
N LEU B 31 -1.82 -0.17 -6.57
CA LEU B 31 -0.97 0.88 -7.12
C LEU B 31 -0.49 0.52 -8.53
N ARG B 32 -0.44 -0.77 -8.82
CA ARG B 32 -0.04 -1.24 -10.15
C ARG B 32 -1.06 -0.79 -11.18
N ASN B 33 -2.33 -0.86 -10.80
CA ASN B 33 -3.42 -0.59 -11.74
C ASN B 33 -3.65 0.92 -11.92
N ILE B 34 -3.16 1.73 -11.01
CA ILE B 34 -3.31 3.18 -11.16
C ILE B 34 -2.24 3.74 -12.08
N GLU B 35 -1.04 3.20 -11.98
CA GLU B 35 0.09 3.65 -12.78
C GLU B 35 -0.23 3.56 -14.26
N LEU B 36 -0.60 2.37 -14.72
CA LEU B 36 -0.84 2.18 -16.14
C LEU B 36 -2.14 2.86 -16.58
N ILE B 37 -3.01 3.18 -15.63
CA ILE B 37 -4.25 3.88 -15.94
C ILE B 37 -3.97 5.35 -16.24
N CYS B 38 -2.96 5.90 -15.60
CA CYS B 38 -2.49 7.24 -15.90
C CYS B 38 -1.87 7.25 -17.28
N GLN B 39 -1.35 6.10 -17.65
CA GLN B 39 -0.77 5.89 -18.97
C GLN B 39 -1.88 5.66 -20.00
N GLU B 40 -3.01 5.16 -19.53
CA GLU B 40 -4.15 4.85 -20.40
C GLU B 40 -4.90 6.10 -20.78
N ASN B 41 -4.90 7.08 -19.89
CA ASN B 41 -5.73 8.26 -20.05
C ASN B 41 -4.93 9.54 -19.84
N GLU B 42 -3.65 9.55 -20.18
CA GLU B 42 -2.86 10.75 -19.97
C GLU B 42 -3.38 11.90 -20.83
N GLY B 43 -3.25 11.75 -22.16
CA GLY B 43 -4.11 12.38 -23.19
C GLY B 43 -5.04 13.52 -22.76
N GLU B 44 -5.78 13.33 -21.69
CA GLU B 44 -6.82 14.25 -21.27
C GLU B 44 -6.53 14.80 -19.88
N ASN B 45 -5.23 14.87 -19.60
CA ASN B 45 -4.60 15.16 -18.30
C ASN B 45 -5.42 16.02 -17.34
N ASP B 46 -6.56 15.50 -16.90
CA ASP B 46 -7.36 16.11 -15.84
C ASP B 46 -6.58 16.20 -14.55
N PRO B 47 -6.78 17.30 -13.80
CA PRO B 47 -5.96 17.69 -12.65
C PRO B 47 -5.83 16.62 -11.58
N VAL B 48 -6.90 15.83 -11.38
CA VAL B 48 -6.87 14.74 -10.40
C VAL B 48 -5.69 13.83 -10.69
N LEU B 49 -5.43 13.63 -11.97
CA LEU B 49 -4.43 12.69 -12.39
C LEU B 49 -3.05 13.26 -12.08
N GLN B 50 -2.91 14.57 -12.17
CA GLN B 50 -1.65 15.24 -11.87
C GLN B 50 -1.33 15.13 -10.40
N ARG B 51 -2.35 15.18 -9.58
CA ARG B 51 -2.19 15.08 -8.16
C ARG B 51 -2.12 13.63 -7.69
N ILE B 52 -2.63 12.69 -8.49
CA ILE B 52 -2.48 11.27 -8.14
C ILE B 52 -1.23 10.67 -8.77
N VAL B 53 -0.78 11.19 -9.90
CA VAL B 53 0.52 10.79 -10.42
C VAL B 53 1.60 11.33 -9.50
N ASP B 54 1.29 12.48 -8.90
CA ASP B 54 2.10 13.03 -7.82
C ASP B 54 2.06 12.08 -6.63
N ILE B 55 0.90 11.51 -6.40
CA ILE B 55 0.70 10.46 -5.43
C ILE B 55 1.58 9.25 -5.74
N LEU B 56 1.39 8.69 -6.94
CA LEU B 56 2.15 7.52 -7.37
C LEU B 56 3.65 7.78 -7.27
N TYR B 57 4.06 9.01 -7.59
CA TYR B 57 5.47 9.41 -7.61
C TYR B 57 5.84 10.23 -6.37
N ALA B 58 5.07 10.04 -5.29
CA ALA B 58 5.26 10.76 -4.02
C ALA B 58 6.62 10.50 -3.33
N THR B 59 7.61 10.11 -4.10
CA THR B 59 8.94 9.84 -3.58
C THR B 59 9.53 11.04 -2.83
N ASP B 60 10.50 10.76 -1.98
CA ASP B 60 11.23 11.78 -1.25
C ASP B 60 12.61 11.27 -0.88
N GLU B 61 13.37 12.06 -0.16
CA GLU B 61 14.72 11.67 0.26
C GLU B 61 14.67 10.42 1.15
N GLY B 62 15.55 9.48 0.87
CA GLY B 62 15.61 8.27 1.66
C GLY B 62 14.68 7.19 1.13
N PHE B 63 13.90 7.55 0.13
CA PHE B 63 12.97 6.63 -0.49
C PHE B 63 13.52 6.19 -1.84
N VAL B 64 13.49 4.90 -2.11
CA VAL B 64 14.16 4.36 -3.28
C VAL B 64 13.24 4.36 -4.49
N ILE B 65 13.71 4.96 -5.56
CA ILE B 65 13.08 4.77 -6.85
C ILE B 65 13.88 3.79 -7.67
N PRO B 66 13.22 2.72 -8.12
CA PRO B 66 13.84 1.73 -9.01
C PRO B 66 14.06 2.29 -10.41
N ASP B 67 15.01 1.70 -11.11
CA ASP B 67 15.34 2.10 -12.47
C ASP B 67 15.72 3.57 -12.51
N GLU B 68 16.52 3.97 -11.53
CA GLU B 68 16.92 5.36 -11.40
C GLU B 68 18.02 5.67 -12.40
N GLY B 69 17.66 6.39 -13.44
CA GLY B 69 18.59 6.67 -14.52
C GLY B 69 18.27 5.81 -15.73
N GLY B 70 17.17 5.09 -15.65
CA GLY B 70 16.75 4.25 -16.74
C GLY B 70 15.77 4.96 -17.65
N LYS C 1 -12.41 12.43 6.31
CA LYS C 1 -12.35 11.60 5.10
C LYS C 1 -12.92 10.25 5.33
N PRO C 2 -13.88 9.94 4.47
CA PRO C 2 -14.58 8.68 4.45
C PRO C 2 -13.75 7.47 4.86
N SER C 3 -14.07 6.90 6.02
CA SER C 3 -13.34 5.76 6.54
C SER C 3 -13.96 4.46 6.04
N LYS C 4 -14.30 4.42 4.75
CA LYS C 4 -14.93 3.26 4.15
C LYS C 4 -13.95 2.44 3.33
N ILE C 5 -12.75 2.93 3.10
CA ILE C 5 -11.82 2.19 2.26
C ILE C 5 -11.49 0.87 2.91
N PRO C 6 -11.59 -0.21 2.14
CA PRO C 6 -11.27 -1.54 2.61
C PRO C 6 -9.92 -1.65 3.31
N THR C 7 -9.92 -2.51 4.29
CA THR C 7 -8.87 -2.65 5.26
C THR C 7 -8.58 -4.09 5.51
N PRO C 8 -7.55 -4.39 6.30
CA PRO C 8 -7.68 -5.57 7.13
C PRO C 8 -8.79 -5.37 8.16
N GLN C 9 -8.67 -6.00 9.31
CA GLN C 9 -9.60 -5.73 10.38
C GLN C 9 -9.02 -4.70 11.33
N ARG C 10 -9.51 -4.68 12.56
CA ARG C 10 -9.08 -3.66 13.50
C ARG C 10 -7.74 -4.03 14.12
N LYS C 11 -7.66 -5.24 14.65
CA LYS C 11 -6.42 -5.74 15.23
C LYS C 11 -6.46 -7.26 15.39
N LYS D 1 5.03 -2.79 -17.74
CA LYS D 1 4.68 -1.58 -16.98
C LYS D 1 5.85 -1.03 -16.27
N PRO D 2 6.06 0.25 -16.55
CA PRO D 2 7.12 1.05 -15.99
C PRO D 2 7.49 0.71 -14.55
N SER D 3 8.67 0.15 -14.36
CA SER D 3 9.13 -0.24 -13.04
C SER D 3 9.86 0.91 -12.35
N LYS D 4 9.30 2.10 -12.46
CA LYS D 4 9.91 3.30 -11.89
C LYS D 4 9.24 3.73 -10.60
N ILE D 5 8.12 3.11 -10.24
CA ILE D 5 7.43 3.55 -9.05
C ILE D 5 8.29 3.31 -7.84
N PRO D 6 8.43 4.33 -7.00
CA PRO D 6 9.21 4.24 -5.78
C PRO D 6 8.87 3.05 -4.91
N THR D 7 9.92 2.56 -4.28
CA THR D 7 9.94 1.30 -3.59
C THR D 7 10.65 1.44 -2.29
N PRO D 8 10.67 0.40 -1.47
CA PRO D 8 11.86 0.21 -0.66
C PRO D 8 13.05 -0.12 -1.56
N GLN D 9 14.01 -0.87 -1.05
CA GLN D 9 15.09 -1.32 -1.90
C GLN D 9 14.80 -2.72 -2.41
N ARG D 10 15.83 -3.45 -2.80
CA ARG D 10 15.63 -4.75 -3.40
C ARG D 10 15.39 -5.81 -2.34
N LYS D 11 16.28 -5.85 -1.35
CA LYS D 11 16.14 -6.78 -0.24
C LYS D 11 17.04 -6.37 0.93
N ASP A 1 23.09 -21.50 21.01
CA ASP A 1 21.87 -21.62 21.84
C ASP A 1 20.63 -21.60 20.97
N GLU A 2 19.62 -22.33 21.41
CA GLU A 2 18.34 -22.42 20.71
C GLU A 2 17.62 -21.08 20.70
N ALA A 3 17.72 -20.36 21.80
CA ALA A 3 17.05 -19.08 21.89
C ALA A 3 17.77 -18.03 21.07
N ALA A 4 19.02 -18.31 20.74
CA ALA A 4 19.83 -17.37 20.00
C ALA A 4 19.28 -17.23 18.60
N GLU A 5 18.87 -18.35 18.04
CA GLU A 5 18.22 -18.35 16.75
C GLU A 5 16.86 -17.69 16.85
N LEU A 6 16.11 -18.09 17.86
CA LEU A 6 14.76 -17.57 18.08
C LEU A 6 14.75 -16.06 18.29
N MET A 7 15.74 -15.53 19.00
CA MET A 7 15.78 -14.11 19.29
C MET A 7 16.27 -13.37 18.07
N GLN A 8 17.06 -14.06 17.27
CA GLN A 8 17.50 -13.48 16.03
C GLN A 8 16.34 -13.48 15.06
N GLN A 9 15.46 -14.45 15.19
CA GLN A 9 14.27 -14.50 14.36
C GLN A 9 13.46 -13.26 14.58
N VAL A 10 13.24 -12.92 15.85
CA VAL A 10 12.49 -11.72 16.15
C VAL A 10 13.25 -10.51 15.64
N LYS A 11 14.57 -10.62 15.59
CA LYS A 11 15.40 -9.59 14.98
C LYS A 11 15.04 -9.43 13.51
N VAL A 12 15.01 -10.55 12.79
CA VAL A 12 14.74 -10.56 11.37
C VAL A 12 13.30 -10.18 11.10
N LEU A 13 12.41 -10.62 11.97
CA LEU A 13 11.02 -10.28 11.84
C LEU A 13 10.78 -8.85 12.26
N LYS A 14 11.52 -8.39 13.26
CA LYS A 14 11.46 -6.99 13.65
C LYS A 14 11.89 -6.16 12.47
N LEU A 15 13.02 -6.57 11.92
CA LEU A 15 13.59 -5.96 10.72
C LEU A 15 12.57 -6.00 9.59
N THR A 16 11.92 -7.13 9.39
CA THR A 16 10.95 -7.22 8.33
C THR A 16 9.75 -6.34 8.65
N VAL A 17 9.25 -6.45 9.86
CA VAL A 17 8.09 -5.69 10.30
C VAL A 17 8.37 -4.20 10.24
N GLU A 18 9.63 -3.82 10.41
CA GLU A 18 9.97 -2.41 10.33
C GLU A 18 10.24 -2.01 8.89
N ASP A 19 10.98 -2.86 8.19
CA ASP A 19 11.41 -2.58 6.84
C ASP A 19 10.22 -2.51 5.92
N LEU A 20 9.36 -3.51 6.02
CA LEU A 20 8.24 -3.58 5.13
C LEU A 20 7.16 -2.58 5.51
N GLU A 21 6.99 -2.30 6.82
CA GLU A 21 5.97 -1.32 7.23
C GLU A 21 6.23 0.04 6.60
N LYS A 22 7.51 0.39 6.48
CA LYS A 22 7.91 1.64 5.83
C LYS A 22 7.39 1.69 4.39
N GLU A 23 7.45 0.56 3.71
CA GLU A 23 6.94 0.43 2.36
C GLU A 23 5.43 0.65 2.34
N ARG A 24 4.79 0.26 3.42
CA ARG A 24 3.34 0.21 3.48
C ARG A 24 2.76 1.57 3.79
N ASP A 25 3.33 2.23 4.78
CA ASP A 25 2.87 3.54 5.18
C ASP A 25 3.01 4.51 4.03
N PHE A 26 4.00 4.27 3.18
CA PHE A 26 4.21 5.09 2.01
C PHE A 26 3.06 4.91 1.02
N TYR A 27 2.59 3.66 0.84
CA TYR A 27 1.45 3.41 -0.04
C TYR A 27 0.24 4.19 0.47
N PHE A 28 0.02 4.12 1.77
CA PHE A 28 -1.21 4.60 2.36
C PHE A 28 -1.30 6.11 2.35
N GLY A 29 -0.16 6.78 2.59
CA GLY A 29 -0.13 8.23 2.46
C GLY A 29 -0.51 8.65 1.06
N LYS A 30 -0.14 7.82 0.09
CA LYS A 30 -0.47 8.06 -1.30
C LYS A 30 -1.96 7.83 -1.53
N LEU A 31 -2.49 6.76 -0.93
CA LEU A 31 -3.89 6.41 -1.08
C LEU A 31 -4.82 7.44 -0.46
N ARG A 32 -4.34 8.10 0.58
CA ARG A 32 -5.11 9.14 1.24
C ARG A 32 -5.31 10.35 0.35
N ASN A 33 -4.39 10.56 -0.58
CA ASN A 33 -4.49 11.71 -1.46
C ASN A 33 -5.36 11.41 -2.69
N ILE A 34 -5.56 10.13 -3.00
CA ILE A 34 -6.39 9.80 -4.17
C ILE A 34 -7.88 9.88 -3.82
N GLU A 35 -8.22 9.49 -2.60
CA GLU A 35 -9.62 9.49 -2.15
C GLU A 35 -10.23 10.88 -2.23
N LEU A 36 -9.59 11.88 -1.61
CA LEU A 36 -10.16 13.22 -1.60
C LEU A 36 -10.03 13.88 -2.97
N ILE A 37 -9.15 13.35 -3.81
CA ILE A 37 -9.00 13.85 -5.18
C ILE A 37 -10.18 13.44 -6.03
N CYS A 38 -10.84 12.36 -5.65
CA CYS A 38 -12.04 11.92 -6.33
C CYS A 38 -13.18 12.88 -6.06
N GLN A 39 -13.22 13.41 -4.84
CA GLN A 39 -14.22 14.40 -4.50
C GLN A 39 -13.78 15.80 -4.97
N GLU A 40 -12.51 15.92 -5.35
CA GLU A 40 -12.02 17.13 -5.98
C GLU A 40 -12.43 17.14 -7.45
N ASN A 41 -12.79 15.97 -7.94
CA ASN A 41 -13.17 15.79 -9.34
C ASN A 41 -14.51 15.05 -9.46
N GLU A 42 -15.36 15.32 -8.50
CA GLU A 42 -16.67 14.70 -8.32
C GLU A 42 -17.72 15.05 -9.39
N GLY A 43 -17.34 15.08 -10.64
CA GLY A 43 -18.21 15.62 -11.67
C GLY A 43 -17.41 16.27 -12.77
N GLU A 44 -16.12 16.19 -12.60
CA GLU A 44 -15.19 16.18 -13.71
C GLU A 44 -14.60 14.78 -13.76
N ASN A 45 -15.44 13.89 -13.24
CA ASN A 45 -15.16 12.50 -12.97
C ASN A 45 -14.80 11.66 -14.20
N ASP A 46 -13.81 12.11 -14.95
CA ASP A 46 -13.32 11.39 -16.14
C ASP A 46 -13.22 9.87 -15.94
N PRO A 47 -13.27 9.08 -17.02
CA PRO A 47 -13.30 7.61 -16.96
C PRO A 47 -12.25 7.02 -16.02
N VAL A 48 -11.04 7.58 -16.06
CA VAL A 48 -9.96 7.18 -15.15
C VAL A 48 -10.48 7.07 -13.72
N LEU A 49 -11.29 8.03 -13.36
CA LEU A 49 -11.74 8.14 -12.00
C LEU A 49 -12.71 7.04 -11.67
N GLN A 50 -13.49 6.61 -12.66
CA GLN A 50 -14.43 5.51 -12.47
C GLN A 50 -13.71 4.23 -12.21
N ARG A 51 -12.63 4.07 -12.92
CA ARG A 51 -11.82 2.87 -12.82
C ARG A 51 -10.83 2.94 -11.65
N ILE A 52 -10.50 4.14 -11.16
CA ILE A 52 -9.66 4.24 -9.97
C ILE A 52 -10.50 4.33 -8.70
N VAL A 53 -11.72 4.85 -8.78
CA VAL A 53 -12.63 4.76 -7.65
C VAL A 53 -13.00 3.31 -7.46
N ASP A 54 -13.03 2.59 -8.58
CA ASP A 54 -13.14 1.15 -8.57
C ASP A 54 -11.95 0.54 -7.85
N ILE A 55 -10.78 1.08 -8.19
CA ILE A 55 -9.53 0.76 -7.53
C ILE A 55 -9.62 0.98 -6.02
N LEU A 56 -9.87 2.22 -5.62
CA LEU A 56 -9.93 2.59 -4.21
C LEU A 56 -10.97 1.74 -3.46
N TYR A 57 -12.08 1.44 -4.15
CA TYR A 57 -13.21 0.73 -3.55
C TYR A 57 -13.22 -0.76 -3.91
N ALA A 58 -12.08 -1.26 -4.38
CA ALA A 58 -11.94 -2.65 -4.84
C ALA A 58 -12.14 -3.69 -3.72
N THR A 59 -12.71 -3.29 -2.62
CA THR A 59 -12.88 -4.16 -1.47
C THR A 59 -14.28 -4.77 -1.39
N ASP A 60 -14.33 -5.95 -0.79
CA ASP A 60 -15.55 -6.72 -0.63
C ASP A 60 -15.46 -7.50 0.68
N GLU A 61 -16.42 -8.39 0.93
CA GLU A 61 -16.46 -9.18 2.15
C GLU A 61 -15.11 -9.86 2.43
N GLY A 62 -14.82 -10.07 3.70
CA GLY A 62 -13.54 -10.61 4.11
C GLY A 62 -12.54 -9.52 4.43
N PHE A 63 -12.74 -8.36 3.83
CA PHE A 63 -11.92 -7.19 4.09
C PHE A 63 -12.77 -6.19 4.85
N VAL A 64 -12.15 -5.30 5.59
CA VAL A 64 -12.89 -4.36 6.42
C VAL A 64 -13.01 -3.00 5.76
N ILE A 65 -14.23 -2.54 5.56
CA ILE A 65 -14.45 -1.17 5.16
C ILE A 65 -15.05 -0.36 6.32
N PRO A 66 -14.41 0.76 6.65
CA PRO A 66 -14.90 1.68 7.66
C PRO A 66 -16.13 2.44 7.19
N ASP A 67 -16.86 2.97 8.15
CA ASP A 67 -18.02 3.79 7.87
C ASP A 67 -19.05 3.05 7.04
N GLU A 68 -19.30 1.83 7.45
CA GLU A 68 -20.19 0.96 6.73
C GLU A 68 -21.65 1.31 7.07
N GLY A 69 -22.29 2.06 6.19
CA GLY A 69 -23.66 2.43 6.41
C GLY A 69 -24.62 1.33 6.00
N GLY A 70 -24.15 0.42 5.17
CA GLY A 70 -24.97 -0.68 4.71
C GLY A 70 -24.35 -1.40 3.53
N ASP B 1 9.91 -21.22 29.81
CA ASP B 1 11.22 -21.21 29.10
C ASP B 1 11.42 -19.89 28.39
N GLU B 2 12.68 -19.48 28.32
CA GLU B 2 13.07 -18.25 27.66
C GLU B 2 12.82 -18.32 26.16
N ALA B 3 13.04 -19.48 25.58
CA ALA B 3 12.86 -19.65 24.16
C ALA B 3 11.38 -19.72 23.82
N ALA B 4 10.57 -20.02 24.83
CA ALA B 4 9.14 -20.14 24.62
C ALA B 4 8.55 -18.80 24.25
N GLU B 5 9.03 -17.77 24.92
CA GLU B 5 8.63 -16.42 24.61
C GLU B 5 9.18 -16.04 23.24
N LEU B 6 10.46 -16.31 23.04
CA LEU B 6 11.12 -15.98 21.78
C LEU B 6 10.49 -16.65 20.57
N MET B 7 10.06 -17.89 20.73
CA MET B 7 9.48 -18.62 19.60
C MET B 7 8.07 -18.16 19.40
N GLN B 8 7.45 -17.69 20.47
CA GLN B 8 6.14 -17.13 20.36
C GLN B 8 6.24 -15.78 19.72
N GLN B 9 7.35 -15.09 19.93
CA GLN B 9 7.59 -13.82 19.30
C GLN B 9 7.58 -14.01 17.80
N VAL B 10 8.31 -15.01 17.32
CA VAL B 10 8.34 -15.26 15.90
C VAL B 10 6.94 -15.66 15.43
N LYS B 11 6.16 -16.25 16.33
CA LYS B 11 4.76 -16.54 16.06
C LYS B 11 4.00 -15.24 15.81
N VAL B 12 4.15 -14.30 16.72
CA VAL B 12 3.45 -13.02 16.65
C VAL B 12 3.96 -12.20 15.48
N LEU B 13 5.25 -12.28 15.23
CA LEU B 13 5.84 -11.58 14.11
C LEU B 13 5.51 -12.28 12.82
N LYS B 14 5.45 -13.60 12.85
CA LYS B 14 4.99 -14.35 11.68
C LYS B 14 3.58 -13.92 11.37
N LEU B 15 2.77 -13.92 12.41
CA LEU B 15 1.40 -13.48 12.35
C LEU B 15 1.33 -12.04 11.83
N THR B 16 2.19 -11.18 12.34
CA THR B 16 2.18 -9.80 11.88
C THR B 16 2.63 -9.74 10.43
N VAL B 17 3.74 -10.41 10.14
CA VAL B 17 4.32 -10.42 8.80
C VAL B 17 3.35 -11.02 7.80
N GLU B 18 2.49 -11.92 8.24
CA GLU B 18 1.51 -12.51 7.35
C GLU B 18 0.26 -11.66 7.29
N ASP B 19 -0.17 -11.20 8.46
CA ASP B 19 -1.40 -10.43 8.58
C ASP B 19 -1.28 -9.11 7.85
N LEU B 20 -0.18 -8.42 8.11
CA LEU B 20 -0.03 -7.11 7.53
C LEU B 20 0.36 -7.20 6.05
N GLU B 21 1.10 -8.24 5.65
CA GLU B 21 1.48 -8.37 4.24
C GLU B 21 0.24 -8.48 3.35
N LYS B 22 -0.79 -9.15 3.87
CA LYS B 22 -2.07 -9.25 3.16
C LYS B 22 -2.65 -7.88 2.89
N GLU B 23 -2.51 -6.99 3.86
CA GLU B 23 -2.97 -5.61 3.74
C GLU B 23 -2.19 -4.90 2.65
N ARG B 24 -0.94 -5.30 2.49
CA ARG B 24 0.00 -4.58 1.64
C ARG B 24 -0.16 -4.99 0.19
N ASP B 25 -0.24 -6.30 -0.03
CA ASP B 25 -0.39 -6.81 -1.38
C ASP B 25 -1.68 -6.31 -1.99
N PHE B 26 -2.67 -6.06 -1.14
CA PHE B 26 -3.93 -5.52 -1.59
C PHE B 26 -3.74 -4.08 -2.09
N TYR B 27 -2.94 -3.29 -1.38
CA TYR B 27 -2.66 -1.92 -1.83
C TYR B 27 -2.01 -1.96 -3.21
N PHE B 28 -1.05 -2.86 -3.37
CA PHE B 28 -0.19 -2.85 -4.55
C PHE B 28 -0.93 -3.32 -5.79
N GLY B 29 -1.81 -4.29 -5.64
CA GLY B 29 -2.65 -4.71 -6.74
C GLY B 29 -3.49 -3.55 -7.23
N LYS B 30 -3.88 -2.70 -6.30
CA LYS B 30 -4.65 -1.51 -6.60
C LYS B 30 -3.77 -0.48 -7.31
N LEU B 31 -2.54 -0.34 -6.83
CA LEU B 31 -1.60 0.63 -7.40
C LEU B 31 -1.19 0.26 -8.81
N ARG B 32 -1.19 -1.03 -9.10
CA ARG B 32 -0.84 -1.51 -10.44
C ARG B 32 -1.90 -1.11 -11.46
N ASN B 33 -3.13 -0.92 -11.01
CA ASN B 33 -4.20 -0.55 -11.92
C ASN B 33 -4.28 0.96 -12.14
N ILE B 34 -3.69 1.75 -11.25
CA ILE B 34 -3.72 3.20 -11.42
C ILE B 34 -2.66 3.66 -12.42
N GLU B 35 -1.50 3.01 -12.39
CA GLU B 35 -0.39 3.37 -13.27
C GLU B 35 -0.78 3.28 -14.74
N LEU B 36 -1.29 2.13 -15.17
CA LEU B 36 -1.63 1.96 -16.57
C LEU B 36 -2.89 2.75 -16.94
N ILE B 37 -3.66 3.14 -15.93
CA ILE B 37 -4.84 3.96 -16.15
C ILE B 37 -4.43 5.39 -16.50
N CYS B 38 -3.26 5.78 -16.07
CA CYS B 38 -2.72 7.09 -16.41
C CYS B 38 -2.36 7.13 -17.89
N GLN B 39 -1.87 6.01 -18.40
CA GLN B 39 -1.56 5.93 -19.82
C GLN B 39 -2.82 5.60 -20.62
N GLU B 40 -3.89 5.20 -19.93
CA GLU B 40 -5.20 5.05 -20.54
C GLU B 40 -5.85 6.41 -20.70
N ASN B 41 -5.33 7.39 -19.97
CA ASN B 41 -5.86 8.73 -19.99
C ASN B 41 -4.74 9.75 -20.21
N GLU B 42 -3.77 9.34 -21.03
CA GLU B 42 -2.56 10.12 -21.29
C GLU B 42 -2.78 11.33 -22.21
N GLY B 43 -3.79 12.12 -21.92
CA GLY B 43 -4.16 13.20 -22.81
C GLY B 43 -5.63 13.49 -22.74
N GLU B 44 -6.28 12.70 -21.91
CA GLU B 44 -7.51 13.11 -21.27
C GLU B 44 -7.16 13.29 -19.81
N ASN B 45 -5.88 13.64 -19.64
CA ASN B 45 -5.19 13.72 -18.37
C ASN B 45 -5.74 14.84 -17.47
N ASP B 46 -7.01 14.73 -17.12
CA ASP B 46 -7.67 15.67 -16.20
C ASP B 46 -6.83 15.98 -14.95
N PRO B 47 -7.06 17.12 -14.29
CA PRO B 47 -6.23 17.59 -13.15
C PRO B 47 -5.99 16.50 -12.11
N VAL B 48 -7.03 15.72 -11.80
CA VAL B 48 -6.92 14.58 -10.88
C VAL B 48 -5.69 13.77 -11.19
N LEU B 49 -5.47 13.57 -12.46
CA LEU B 49 -4.43 12.68 -12.91
C LEU B 49 -3.07 13.30 -12.66
N GLN B 50 -2.98 14.62 -12.74
CA GLN B 50 -1.73 15.32 -12.46
C GLN B 50 -1.36 15.18 -11.01
N ARG B 51 -2.36 15.24 -10.18
CA ARG B 51 -2.16 15.15 -8.75
C ARG B 51 -2.09 13.70 -8.28
N ILE B 52 -2.60 12.75 -9.05
CA ILE B 52 -2.44 11.35 -8.68
C ILE B 52 -1.20 10.74 -9.35
N VAL B 53 -0.78 11.25 -10.50
CA VAL B 53 0.51 10.84 -11.05
C VAL B 53 1.60 11.38 -10.14
N ASP B 54 1.30 12.52 -9.53
CA ASP B 54 2.12 13.06 -8.45
C ASP B 54 2.13 12.08 -7.29
N ILE B 55 0.95 11.58 -6.98
CA ILE B 55 0.76 10.51 -6.00
C ILE B 55 1.63 9.30 -6.32
N LEU B 56 1.39 8.70 -7.49
CA LEU B 56 2.09 7.49 -7.89
C LEU B 56 3.60 7.72 -7.90
N TYR B 57 4.01 8.92 -8.30
CA TYR B 57 5.43 9.26 -8.46
C TYR B 57 5.96 10.07 -7.28
N ALA B 58 5.26 10.00 -6.14
CA ALA B 58 5.61 10.76 -4.94
C ALA B 58 6.93 10.33 -4.30
N THR B 59 7.76 9.64 -5.05
CA THR B 59 9.00 9.10 -4.53
C THR B 59 10.21 9.96 -4.89
N ASP B 60 11.21 9.92 -4.03
CA ASP B 60 12.44 10.67 -4.19
C ASP B 60 13.59 9.85 -3.60
N GLU B 61 14.77 10.46 -3.48
CA GLU B 61 15.95 9.77 -2.96
C GLU B 61 15.65 9.08 -1.62
N GLY B 62 16.36 8.00 -1.36
CA GLY B 62 16.12 7.22 -0.16
C GLY B 62 15.16 6.08 -0.44
N PHE B 63 14.31 6.26 -1.44
CA PHE B 63 13.38 5.25 -1.87
C PHE B 63 13.84 4.74 -3.24
N VAL B 64 13.45 3.53 -3.60
CA VAL B 64 13.92 2.95 -4.84
C VAL B 64 12.89 3.06 -5.95
N ILE B 65 13.27 3.69 -7.05
CA ILE B 65 12.45 3.66 -8.25
C ILE B 65 13.10 2.78 -9.31
N PRO B 66 12.35 1.81 -9.82
CA PRO B 66 12.80 0.95 -10.91
C PRO B 66 12.86 1.70 -12.23
N ASP B 67 13.62 1.13 -13.16
CA ASP B 67 13.72 1.66 -14.51
C ASP B 67 14.22 3.10 -14.49
N GLU B 68 15.25 3.32 -13.70
CA GLU B 68 15.80 4.65 -13.53
C GLU B 68 16.70 5.01 -14.70
N GLY B 69 16.16 5.78 -15.63
CA GLY B 69 16.94 6.18 -16.80
C GLY B 69 17.83 7.37 -16.48
N GLY B 70 17.51 8.09 -15.43
CA GLY B 70 18.30 9.24 -15.03
C GLY B 70 17.56 10.09 -14.01
N LYS C 1 -11.78 13.36 6.59
CA LYS C 1 -12.01 13.10 5.17
C LYS C 1 -12.81 11.84 5.00
N PRO C 2 -13.68 11.84 3.98
CA PRO C 2 -14.71 10.87 3.88
C PRO C 2 -14.25 9.60 3.19
N SER C 3 -13.21 9.00 3.77
CA SER C 3 -12.50 7.88 3.16
C SER C 3 -13.42 6.71 2.80
N LYS C 4 -13.98 6.01 3.80
CA LYS C 4 -14.74 4.80 3.53
C LYS C 4 -13.88 3.78 2.81
N ILE C 5 -12.58 3.83 3.03
CA ILE C 5 -11.71 2.97 2.26
C ILE C 5 -11.38 1.72 3.03
N PRO C 6 -11.35 0.59 2.32
CA PRO C 6 -10.79 -0.67 2.79
C PRO C 6 -9.67 -0.51 3.82
N THR C 7 -9.94 -1.07 4.97
CA THR C 7 -9.03 -1.09 6.08
C THR C 7 -8.82 -2.46 6.58
N PRO C 8 -7.80 -2.63 7.37
CA PRO C 8 -7.65 -3.79 8.15
C PRO C 8 -7.94 -3.51 9.62
N GLN C 9 -8.61 -4.44 10.26
CA GLN C 9 -9.11 -4.22 11.61
C GLN C 9 -8.00 -4.28 12.65
N ARG C 10 -8.43 -4.32 13.91
CA ARG C 10 -7.53 -4.46 15.04
C ARG C 10 -6.59 -3.26 15.16
N LYS C 11 -7.15 -2.12 15.49
CA LYS C 11 -6.37 -0.91 15.66
C LYS C 11 -6.06 -0.68 17.13
N LYS D 1 4.27 -3.75 -18.16
CA LYS D 1 3.68 -2.40 -18.02
C LYS D 1 4.70 -1.44 -17.50
N PRO D 2 4.61 -0.19 -17.97
CA PRO D 2 5.66 0.75 -17.82
C PRO D 2 5.62 1.48 -16.49
N SER D 3 5.66 0.71 -15.43
CA SER D 3 5.43 1.19 -14.08
C SER D 3 6.36 2.34 -13.70
N LYS D 4 7.66 2.07 -13.55
CA LYS D 4 8.58 3.10 -13.03
C LYS D 4 8.15 3.56 -11.66
N ILE D 5 7.47 2.70 -10.92
CA ILE D 5 6.91 3.15 -9.66
C ILE D 5 7.83 2.79 -8.52
N PRO D 6 7.96 3.72 -7.56
CA PRO D 6 8.55 3.49 -6.25
C PRO D 6 8.42 2.05 -5.75
N THR D 7 9.57 1.47 -5.54
CA THR D 7 9.70 0.13 -5.05
C THR D 7 10.60 0.09 -3.87
N PRO D 8 10.54 -1.00 -3.15
CA PRO D 8 11.53 -1.30 -2.19
C PRO D 8 12.45 -2.41 -2.68
N GLN D 9 13.73 -2.26 -2.40
CA GLN D 9 14.74 -3.14 -2.95
C GLN D 9 14.74 -4.51 -2.29
N ARG D 10 15.78 -5.28 -2.59
CA ARG D 10 16.01 -6.58 -2.00
C ARG D 10 14.91 -7.55 -2.37
N LYS D 11 14.86 -7.92 -3.64
CA LYS D 11 13.86 -8.86 -4.12
C LYS D 11 14.45 -10.26 -4.21
N ASP A 1 21.17 -22.97 18.37
CA ASP A 1 20.36 -23.04 19.60
C ASP A 1 18.91 -22.68 19.30
N GLU A 2 17.98 -23.19 20.10
CA GLU A 2 16.56 -22.94 19.89
C GLU A 2 16.25 -21.45 19.85
N ALA A 3 16.70 -20.72 20.84
CA ALA A 3 16.40 -19.31 20.90
C ALA A 3 17.18 -18.53 19.87
N ALA A 4 18.25 -19.13 19.36
CA ALA A 4 19.08 -18.47 18.38
C ALA A 4 18.36 -18.38 17.06
N GLU A 5 17.61 -19.43 16.76
CA GLU A 5 16.74 -19.40 15.60
C GLU A 5 15.58 -18.48 15.84
N LEU A 6 15.01 -18.55 17.04
CA LEU A 6 13.87 -17.73 17.40
C LEU A 6 14.20 -16.24 17.37
N MET A 7 15.40 -15.88 17.79
CA MET A 7 15.79 -14.48 17.81
C MET A 7 16.16 -14.04 16.43
N GLN A 8 16.63 -14.97 15.62
CA GLN A 8 16.91 -14.65 14.25
C GLN A 8 15.58 -14.44 13.56
N GLN A 9 14.58 -15.20 13.97
CA GLN A 9 13.25 -15.06 13.40
C GLN A 9 12.75 -13.66 13.61
N VAL A 10 12.82 -13.18 14.84
CA VAL A 10 12.34 -11.84 15.12
C VAL A 10 13.15 -10.84 14.32
N LYS A 11 14.37 -11.23 14.05
CA LYS A 11 15.31 -10.45 13.28
C LYS A 11 14.91 -10.42 11.81
N VAL A 12 14.44 -11.55 11.30
CA VAL A 12 13.99 -11.65 9.94
C VAL A 12 12.62 -11.01 9.80
N LEU A 13 11.81 -11.16 10.83
CA LEU A 13 10.50 -10.56 10.87
C LEU A 13 10.61 -9.08 11.12
N LYS A 14 11.60 -8.69 11.89
CA LYS A 14 11.86 -7.27 12.14
C LYS A 14 12.11 -6.61 10.82
N LEU A 15 12.93 -7.28 10.05
CA LEU A 15 13.30 -6.85 8.72
C LEU A 15 12.08 -6.85 7.81
N THR A 16 11.28 -7.91 7.85
CA THR A 16 10.11 -7.95 7.00
C THR A 16 9.07 -6.95 7.48
N VAL A 17 8.94 -6.84 8.79
CA VAL A 17 8.04 -5.89 9.40
C VAL A 17 8.42 -4.48 9.04
N GLU A 18 9.71 -4.20 9.03
CA GLU A 18 10.16 -2.86 8.75
C GLU A 18 10.01 -2.58 7.27
N ASP A 19 10.35 -3.58 6.45
CA ASP A 19 10.20 -3.45 5.00
C ASP A 19 8.75 -3.20 4.67
N LEU A 20 7.90 -4.02 5.27
CA LEU A 20 6.46 -3.92 5.09
C LEU A 20 5.93 -2.59 5.63
N GLU A 21 6.42 -2.18 6.81
CA GLU A 21 5.99 -0.93 7.45
C GLU A 21 6.41 0.29 6.64
N LYS A 22 7.63 0.25 6.07
CA LYS A 22 8.10 1.33 5.21
C LYS A 22 7.11 1.54 4.08
N GLU A 23 6.68 0.44 3.50
CA GLU A 23 5.71 0.46 2.42
C GLU A 23 4.33 0.83 2.95
N ARG A 24 4.01 0.36 4.16
CA ARG A 24 2.69 0.62 4.74
C ARG A 24 2.45 2.12 4.83
N ASP A 25 3.25 2.81 5.65
CA ASP A 25 3.01 4.23 5.90
C ASP A 25 3.04 5.05 4.61
N PHE A 26 4.03 4.79 3.76
CA PHE A 26 4.18 5.56 2.53
C PHE A 26 3.01 5.29 1.57
N TYR A 27 2.81 4.03 1.20
CA TYR A 27 1.80 3.66 0.21
C TYR A 27 0.40 4.06 0.69
N PHE A 28 0.15 3.96 1.99
CA PHE A 28 -1.19 4.20 2.52
C PHE A 28 -1.44 5.69 2.68
N GLY A 29 -0.38 6.43 3.00
CA GLY A 29 -0.49 7.87 3.04
C GLY A 29 -0.87 8.43 1.69
N LYS A 30 -0.43 7.74 0.65
CA LYS A 30 -0.75 8.15 -0.70
C LYS A 30 -2.14 7.67 -1.08
N LEU A 31 -2.52 6.50 -0.59
CA LEU A 31 -3.86 5.97 -0.79
C LEU A 31 -4.91 6.89 -0.18
N ARG A 32 -4.54 7.50 0.94
CA ARG A 32 -5.39 8.49 1.59
C ARG A 32 -5.59 9.67 0.64
N ASN A 33 -4.55 9.98 -0.12
CA ASN A 33 -4.55 11.14 -0.98
C ASN A 33 -5.33 10.90 -2.27
N ILE A 34 -5.55 9.65 -2.64
CA ILE A 34 -6.34 9.36 -3.83
C ILE A 34 -7.83 9.44 -3.51
N GLU A 35 -8.18 9.07 -2.29
CA GLU A 35 -9.56 9.09 -1.83
C GLU A 35 -10.16 10.49 -1.95
N LEU A 36 -9.59 11.47 -1.26
CA LEU A 36 -10.14 12.82 -1.28
C LEU A 36 -10.06 13.42 -2.68
N ILE A 37 -9.14 12.90 -3.49
CA ILE A 37 -8.98 13.38 -4.84
C ILE A 37 -10.14 12.95 -5.73
N CYS A 38 -10.75 11.83 -5.37
CA CYS A 38 -11.92 11.35 -6.08
C CYS A 38 -13.11 12.24 -5.77
N GLN A 39 -13.19 12.71 -4.53
CA GLN A 39 -14.27 13.58 -4.13
C GLN A 39 -13.99 15.02 -4.58
N GLU A 40 -12.74 15.28 -4.97
CA GLU A 40 -12.35 16.59 -5.49
C GLU A 40 -12.82 16.73 -6.92
N ASN A 41 -12.88 15.61 -7.62
CA ASN A 41 -13.17 15.63 -9.03
C ASN A 41 -14.25 14.61 -9.38
N GLU A 42 -15.17 14.33 -8.47
CA GLU A 42 -16.20 13.37 -8.77
C GLU A 42 -17.12 13.91 -9.85
N GLY A 43 -17.87 14.98 -9.57
CA GLY A 43 -18.26 16.01 -10.54
C GLY A 43 -18.14 15.71 -12.04
N GLU A 44 -16.99 15.18 -12.41
CA GLU A 44 -16.60 15.00 -13.81
C GLU A 44 -16.32 13.55 -14.12
N ASN A 45 -16.90 12.69 -13.28
CA ASN A 45 -16.63 11.25 -13.09
C ASN A 45 -15.96 10.51 -14.27
N ASP A 46 -14.82 11.03 -14.71
CA ASP A 46 -14.07 10.52 -15.85
C ASP A 46 -13.64 9.06 -15.69
N PRO A 47 -13.49 8.35 -16.82
CA PRO A 47 -13.20 6.92 -16.88
C PRO A 47 -12.09 6.47 -15.92
N VAL A 48 -10.93 7.10 -16.01
CA VAL A 48 -9.79 6.75 -15.14
C VAL A 48 -10.23 6.70 -13.69
N LEU A 49 -11.02 7.69 -13.29
CA LEU A 49 -11.42 7.82 -11.92
C LEU A 49 -12.40 6.73 -11.58
N GLN A 50 -13.15 6.28 -12.57
CA GLN A 50 -14.10 5.18 -12.39
C GLN A 50 -13.38 3.87 -12.12
N ARG A 51 -12.22 3.73 -12.74
CA ARG A 51 -11.44 2.51 -12.61
C ARG A 51 -10.45 2.59 -11.45
N ILE A 52 -10.16 3.80 -10.95
CA ILE A 52 -9.33 3.91 -9.74
C ILE A 52 -10.20 3.94 -8.50
N VAL A 53 -11.44 4.40 -8.60
CA VAL A 53 -12.38 4.23 -7.49
C VAL A 53 -12.73 2.76 -7.38
N ASP A 54 -12.57 2.05 -8.48
CA ASP A 54 -12.63 0.61 -8.48
C ASP A 54 -11.42 0.06 -7.71
N ILE A 55 -10.29 0.68 -7.98
CA ILE A 55 -9.04 0.42 -7.27
C ILE A 55 -9.21 0.59 -5.77
N LEU A 56 -9.64 1.78 -5.35
CA LEU A 56 -9.78 2.11 -3.94
C LEU A 56 -10.86 1.25 -3.27
N TYR A 57 -11.92 0.94 -4.03
CA TYR A 57 -13.08 0.21 -3.50
C TYR A 57 -13.09 -1.27 -3.92
N ALA A 58 -11.93 -1.80 -4.31
CA ALA A 58 -11.79 -3.17 -4.83
C ALA A 58 -12.15 -4.27 -3.81
N THR A 59 -12.89 -3.91 -2.79
CA THR A 59 -13.32 -4.84 -1.75
C THR A 59 -14.00 -6.09 -2.31
N ASP A 60 -14.02 -7.14 -1.51
CA ASP A 60 -14.70 -8.37 -1.86
C ASP A 60 -15.03 -9.14 -0.58
N GLU A 61 -15.67 -10.29 -0.71
CA GLU A 61 -16.08 -11.06 0.45
C GLU A 61 -14.88 -11.53 1.24
N GLY A 62 -14.92 -11.31 2.54
CA GLY A 62 -13.80 -11.67 3.40
C GLY A 62 -12.86 -10.50 3.64
N PHE A 63 -13.08 -9.42 2.91
CA PHE A 63 -12.29 -8.22 3.07
C PHE A 63 -13.07 -7.21 3.91
N VAL A 64 -12.40 -6.55 4.82
CA VAL A 64 -13.06 -5.68 5.78
C VAL A 64 -13.20 -4.27 5.27
N ILE A 65 -14.40 -3.75 5.31
CA ILE A 65 -14.63 -2.35 5.08
C ILE A 65 -15.03 -1.66 6.38
N PRO A 66 -14.26 -0.65 6.77
CA PRO A 66 -14.57 0.18 7.92
C PRO A 66 -15.74 1.11 7.66
N ASP A 67 -16.39 1.51 8.73
CA ASP A 67 -17.50 2.42 8.67
C ASP A 67 -18.59 1.91 7.74
N GLU A 68 -18.88 0.64 7.87
CA GLU A 68 -19.85 0.01 7.01
C GLU A 68 -21.26 0.21 7.55
N GLY A 69 -21.95 1.20 6.99
CA GLY A 69 -23.30 1.48 7.43
C GLY A 69 -24.29 1.43 6.29
N GLY A 70 -23.92 2.04 5.17
CA GLY A 70 -24.79 2.07 4.02
C GLY A 70 -24.64 3.34 3.23
N ASP B 1 10.18 -17.64 30.00
CA ASP B 1 11.47 -18.17 29.48
C ASP B 1 11.97 -17.31 28.33
N GLU B 2 13.28 -17.31 28.13
CA GLU B 2 13.89 -16.49 27.08
C GLU B 2 13.29 -16.80 25.71
N ALA B 3 13.25 -18.06 25.35
CA ALA B 3 12.75 -18.43 24.05
C ALA B 3 11.25 -18.28 23.97
N ALA B 4 10.60 -18.22 25.12
CA ALA B 4 9.15 -18.10 25.17
C ALA B 4 8.74 -16.71 24.73
N GLU B 5 9.55 -15.73 25.12
CA GLU B 5 9.34 -14.37 24.65
C GLU B 5 9.73 -14.29 23.17
N LEU B 6 10.85 -14.92 22.83
CA LEU B 6 11.33 -14.90 21.46
C LEU B 6 10.34 -15.54 20.49
N MET B 7 9.70 -16.62 20.90
CA MET B 7 8.75 -17.31 20.04
C MET B 7 7.46 -16.55 19.99
N GLN B 8 7.15 -15.85 21.07
CA GLN B 8 5.98 -15.00 21.06
C GLN B 8 6.26 -13.85 20.14
N GLN B 9 7.51 -13.40 20.09
CA GLN B 9 7.89 -12.32 19.21
C GLN B 9 7.61 -12.71 17.78
N VAL B 10 8.08 -13.87 17.36
CA VAL B 10 7.86 -14.30 15.99
C VAL B 10 6.36 -14.41 15.76
N LYS B 11 5.66 -14.70 16.82
CA LYS B 11 4.23 -14.84 16.83
C LYS B 11 3.55 -13.48 16.65
N VAL B 12 4.10 -12.45 17.28
CA VAL B 12 3.58 -11.11 17.17
C VAL B 12 4.00 -10.52 15.83
N LEU B 13 5.21 -10.87 15.40
CA LEU B 13 5.71 -10.43 14.12
C LEU B 13 5.03 -11.18 13.00
N LYS B 14 4.72 -12.44 13.24
CA LYS B 14 3.99 -13.23 12.27
C LYS B 14 2.68 -12.54 11.99
N LEU B 15 2.05 -12.14 13.06
CA LEU B 15 0.80 -11.42 13.02
C LEU B 15 0.98 -10.06 12.33
N THR B 16 2.03 -9.34 12.67
CA THR B 16 2.24 -8.05 12.05
C THR B 16 2.66 -8.23 10.59
N VAL B 17 3.48 -9.24 10.35
CA VAL B 17 3.92 -9.58 9.00
C VAL B 17 2.74 -9.96 8.15
N GLU B 18 1.81 -10.72 8.71
CA GLU B 18 0.67 -11.18 7.94
C GLU B 18 -0.28 -10.02 7.73
N ASP B 19 -0.48 -9.22 8.76
CA ASP B 19 -1.34 -8.04 8.66
C ASP B 19 -0.79 -7.11 7.60
N LEU B 20 0.51 -6.87 7.68
CA LEU B 20 1.22 -6.03 6.74
C LEU B 20 1.20 -6.64 5.33
N GLU B 21 1.40 -7.95 5.24
CA GLU B 21 1.42 -8.65 3.96
C GLU B 21 0.04 -8.64 3.29
N LYS B 22 -1.01 -8.81 4.10
CA LYS B 22 -2.38 -8.74 3.58
C LYS B 22 -2.58 -7.41 2.87
N GLU B 23 -2.11 -6.35 3.53
CA GLU B 23 -2.19 -5.02 2.98
C GLU B 23 -1.23 -4.84 1.82
N ARG B 24 -0.06 -5.48 1.93
CA ARG B 24 0.97 -5.36 0.89
C ARG B 24 0.39 -5.81 -0.46
N ASP B 25 0.06 -7.09 -0.57
CA ASP B 25 -0.37 -7.65 -1.84
C ASP B 25 -1.59 -6.92 -2.40
N PHE B 26 -2.58 -6.66 -1.55
CA PHE B 26 -3.81 -6.04 -1.99
C PHE B 26 -3.56 -4.59 -2.43
N TYR B 27 -3.01 -3.77 -1.53
CA TYR B 27 -2.82 -2.35 -1.81
C TYR B 27 -1.89 -2.14 -3.00
N PHE B 28 -0.88 -3.00 -3.14
CA PHE B 28 0.12 -2.81 -4.18
C PHE B 28 -0.39 -3.32 -5.52
N GLY B 29 -1.21 -4.36 -5.49
CA GLY B 29 -1.85 -4.83 -6.70
C GLY B 29 -2.73 -3.75 -7.29
N LYS B 30 -3.30 -2.92 -6.42
CA LYS B 30 -4.13 -1.82 -6.86
C LYS B 30 -3.27 -0.65 -7.30
N LEU B 31 -2.15 -0.46 -6.63
CA LEU B 31 -1.19 0.58 -7.02
C LEU B 31 -0.65 0.31 -8.41
N ARG B 32 -0.49 -0.96 -8.74
CA ARG B 32 -0.10 -1.38 -10.08
C ARG B 32 -1.16 -0.92 -11.08
N ASN B 33 -2.41 -0.95 -10.65
CA ASN B 33 -3.54 -0.68 -11.51
C ASN B 33 -3.73 0.83 -11.72
N ILE B 34 -3.18 1.66 -10.84
CA ILE B 34 -3.28 3.10 -11.03
C ILE B 34 -2.22 3.58 -12.02
N GLU B 35 -1.07 2.92 -12.01
CA GLU B 35 0.03 3.26 -12.90
C GLU B 35 -0.39 3.20 -14.37
N LEU B 36 -0.84 2.02 -14.83
CA LEU B 36 -1.19 1.87 -16.23
C LEU B 36 -2.41 2.73 -16.57
N ILE B 37 -3.19 3.07 -15.57
CA ILE B 37 -4.37 3.90 -15.75
C ILE B 37 -3.98 5.34 -16.07
N CYS B 38 -2.82 5.75 -15.58
CA CYS B 38 -2.31 7.07 -15.87
C CYS B 38 -1.84 7.14 -17.32
N GLN B 39 -1.28 6.04 -17.81
CA GLN B 39 -0.83 5.99 -19.19
C GLN B 39 -2.00 5.70 -20.13
N GLU B 40 -3.13 5.28 -19.55
CA GLU B 40 -4.35 5.06 -20.31
C GLU B 40 -5.02 6.38 -20.63
N ASN B 41 -4.84 7.34 -19.74
CA ASN B 41 -5.53 8.61 -19.85
C ASN B 41 -4.58 9.78 -19.67
N GLU B 42 -3.33 9.62 -20.07
CA GLU B 42 -2.38 10.72 -19.92
C GLU B 42 -2.75 11.87 -20.86
N GLY B 43 -2.74 11.59 -22.17
CA GLY B 43 -3.56 12.28 -23.18
C GLY B 43 -4.40 13.49 -22.74
N GLU B 44 -5.09 13.35 -21.62
CA GLU B 44 -6.07 14.35 -21.17
C GLU B 44 -5.67 14.93 -19.83
N ASN B 45 -4.37 14.83 -19.55
CA ASN B 45 -3.70 15.04 -18.25
C ASN B 45 -4.46 15.91 -17.23
N ASP B 46 -5.65 15.45 -16.87
CA ASP B 46 -6.55 16.15 -15.95
C ASP B 46 -5.96 16.31 -14.55
N PRO B 47 -6.40 17.37 -13.83
CA PRO B 47 -5.85 17.74 -12.51
C PRO B 47 -5.72 16.57 -11.54
N VAL B 48 -6.81 15.83 -11.33
CA VAL B 48 -6.79 14.68 -10.42
C VAL B 48 -5.60 13.78 -10.73
N LEU B 49 -5.38 13.54 -12.00
CA LEU B 49 -4.37 12.61 -12.43
C LEU B 49 -3.00 13.22 -12.19
N GLN B 50 -2.92 14.54 -12.23
CA GLN B 50 -1.68 15.25 -11.96
C GLN B 50 -1.29 15.11 -10.49
N ARG B 51 -2.30 15.04 -9.65
CA ARG B 51 -2.06 14.95 -8.22
C ARG B 51 -2.01 13.50 -7.74
N ILE B 52 -2.49 12.55 -8.55
CA ILE B 52 -2.31 11.14 -8.20
C ILE B 52 -1.03 10.59 -8.83
N VAL B 53 -0.57 11.16 -9.94
CA VAL B 53 0.76 10.82 -10.45
C VAL B 53 1.79 11.40 -9.51
N ASP B 54 1.38 12.43 -8.78
CA ASP B 54 2.15 12.95 -7.67
C ASP B 54 2.17 11.92 -6.55
N ILE B 55 1.00 11.32 -6.34
CA ILE B 55 0.81 10.22 -5.41
C ILE B 55 1.76 9.05 -5.73
N LEU B 56 1.66 8.55 -6.96
CA LEU B 56 2.44 7.40 -7.39
C LEU B 56 3.94 7.72 -7.41
N TYR B 57 4.27 8.96 -7.76
CA TYR B 57 5.67 9.37 -7.91
C TYR B 57 6.15 10.24 -6.75
N ALA B 58 5.52 10.09 -5.59
CA ALA B 58 5.81 10.91 -4.40
C ALA B 58 7.20 10.65 -3.80
N THR B 59 8.10 10.12 -4.60
CA THR B 59 9.48 9.83 -4.18
C THR B 59 10.17 11.05 -3.58
N ASP B 60 11.20 10.78 -2.80
CA ASP B 60 12.04 11.81 -2.22
C ASP B 60 13.41 11.23 -1.89
N GLU B 61 14.30 12.05 -1.37
CA GLU B 61 15.65 11.61 -1.08
C GLU B 61 15.66 10.52 -0.01
N GLY B 62 16.37 9.44 -0.29
CA GLY B 62 16.39 8.31 0.63
C GLY B 62 15.38 7.25 0.26
N PHE B 63 14.51 7.57 -0.69
CA PHE B 63 13.52 6.63 -1.16
C PHE B 63 13.98 6.04 -2.49
N VAL B 64 13.81 4.74 -2.65
CA VAL B 64 14.34 4.03 -3.79
C VAL B 64 13.39 4.02 -4.97
N ILE B 65 13.88 4.44 -6.11
CA ILE B 65 13.16 4.26 -7.36
C ILE B 65 13.84 3.22 -8.21
N PRO B 66 13.09 2.17 -8.56
CA PRO B 66 13.56 1.14 -9.47
C PRO B 66 13.64 1.63 -10.90
N ASP B 67 14.49 0.99 -11.68
CA ASP B 67 14.65 1.29 -13.10
C ASP B 67 15.00 2.76 -13.29
N GLU B 68 15.91 3.24 -12.47
CA GLU B 68 16.28 4.63 -12.49
C GLU B 68 17.37 4.87 -13.55
N GLY B 69 16.94 5.31 -14.73
CA GLY B 69 17.88 5.57 -15.80
C GLY B 69 17.80 6.99 -16.29
N GLY B 70 16.58 7.48 -16.49
CA GLY B 70 16.40 8.83 -16.98
C GLY B 70 15.17 8.95 -17.85
N LYS C 1 -12.78 14.63 4.75
CA LYS C 1 -12.00 13.46 4.26
C LYS C 1 -12.58 12.21 4.82
N PRO C 2 -13.06 11.39 3.90
CA PRO C 2 -13.77 10.20 4.22
C PRO C 2 -12.86 8.99 4.46
N SER C 3 -13.37 8.02 5.21
CA SER C 3 -12.65 6.77 5.43
C SER C 3 -13.26 5.67 4.55
N LYS C 4 -13.91 4.69 5.18
CA LYS C 4 -14.61 3.62 4.46
C LYS C 4 -13.70 2.67 3.68
N ILE C 5 -12.52 3.11 3.27
CA ILE C 5 -11.70 2.28 2.40
C ILE C 5 -11.37 0.98 3.11
N PRO C 6 -11.57 -0.12 2.41
CA PRO C 6 -11.34 -1.45 2.94
C PRO C 6 -9.98 -1.65 3.59
N THR C 7 -10.02 -2.48 4.62
CA THR C 7 -8.96 -2.64 5.59
C THR C 7 -8.83 -4.05 6.00
N PRO C 8 -7.77 -4.36 6.74
CA PRO C 8 -7.80 -5.53 7.53
C PRO C 8 -8.39 -5.26 8.92
N GLN C 9 -8.59 -6.31 9.69
CA GLN C 9 -9.17 -6.14 11.01
C GLN C 9 -8.11 -6.17 12.10
N ARG C 10 -8.58 -6.03 13.33
CA ARG C 10 -7.74 -5.92 14.52
C ARG C 10 -6.70 -4.82 14.35
N LYS C 11 -7.16 -3.65 13.91
CA LYS C 11 -6.26 -2.55 13.65
C LYS C 11 -6.33 -1.50 14.77
N LYS D 1 3.16 -2.14 -19.62
CA LYS D 1 2.99 -1.77 -18.20
C LYS D 1 4.32 -1.49 -17.60
N PRO D 2 4.46 -0.25 -17.19
CA PRO D 2 5.70 0.27 -16.69
C PRO D 2 5.92 0.03 -15.20
N SER D 3 7.17 0.02 -14.79
CA SER D 3 7.51 -0.09 -13.38
C SER D 3 7.91 1.28 -12.83
N LYS D 4 9.19 1.45 -12.48
CA LYS D 4 9.73 2.74 -12.01
C LYS D 4 9.18 3.20 -10.68
N ILE D 5 7.98 2.77 -10.28
CA ILE D 5 7.39 3.32 -9.06
C ILE D 5 8.28 3.02 -7.87
N PRO D 6 8.54 4.06 -7.09
CA PRO D 6 9.41 3.98 -5.93
C PRO D 6 9.09 2.82 -4.98
N THR D 7 10.16 2.31 -4.41
CA THR D 7 10.18 1.06 -3.69
C THR D 7 11.08 1.14 -2.52
N PRO D 8 11.06 0.11 -1.68
CA PRO D 8 12.16 -0.11 -0.81
C PRO D 8 13.21 -0.98 -1.47
N GLN D 9 14.35 -1.14 -0.81
CA GLN D 9 15.42 -1.94 -1.37
C GLN D 9 15.46 -3.33 -0.76
N ARG D 10 16.42 -4.11 -1.24
CA ARG D 10 16.58 -5.52 -0.87
C ARG D 10 15.29 -6.28 -1.11
N LYS D 11 14.70 -6.10 -2.28
CA LYS D 11 13.43 -6.73 -2.59
C LYS D 11 13.62 -7.92 -3.52
N ASP A 1 22.35 -21.79 19.20
CA ASP A 1 21.44 -22.13 20.32
C ASP A 1 20.01 -21.79 19.95
N GLU A 2 19.05 -22.49 20.53
CA GLU A 2 17.65 -22.36 20.17
C GLU A 2 17.17 -20.91 20.20
N ALA A 3 17.32 -20.25 21.33
CA ALA A 3 16.80 -18.91 21.47
C ALA A 3 17.62 -17.90 20.69
N ALA A 4 18.82 -18.28 20.29
CA ALA A 4 19.69 -17.37 19.60
C ALA A 4 19.19 -17.18 18.19
N GLU A 5 18.86 -18.30 17.58
CA GLU A 5 18.28 -18.29 16.27
C GLU A 5 16.85 -17.81 16.35
N LEU A 6 16.20 -18.13 17.45
CA LEU A 6 14.86 -17.69 17.73
C LEU A 6 14.78 -16.18 17.88
N MET A 7 15.82 -15.59 18.45
CA MET A 7 15.84 -14.15 18.61
C MET A 7 16.27 -13.49 17.33
N GLN A 8 16.94 -14.25 16.47
CA GLN A 8 17.21 -13.82 15.12
C GLN A 8 15.92 -13.63 14.42
N GLN A 9 15.06 -14.60 14.58
CA GLN A 9 13.76 -14.56 13.96
C GLN A 9 13.10 -13.23 14.26
N VAL A 10 13.13 -12.81 15.49
CA VAL A 10 12.47 -11.55 15.81
C VAL A 10 13.26 -10.41 15.20
N LYS A 11 14.58 -10.55 15.12
CA LYS A 11 15.42 -9.59 14.42
C LYS A 11 14.99 -9.47 12.96
N VAL A 12 14.84 -10.63 12.33
CA VAL A 12 14.54 -10.72 10.92
C VAL A 12 13.11 -10.32 10.63
N LEU A 13 12.21 -10.64 11.56
CA LEU A 13 10.83 -10.21 11.42
C LEU A 13 10.69 -8.77 11.82
N LYS A 14 11.49 -8.32 12.76
CA LYS A 14 11.50 -6.90 13.10
C LYS A 14 11.89 -6.15 11.86
N LEU A 15 12.98 -6.63 11.28
CA LEU A 15 13.50 -6.10 10.03
C LEU A 15 12.44 -6.22 8.94
N THR A 16 11.80 -7.37 8.82
CA THR A 16 10.79 -7.51 7.80
C THR A 16 9.62 -6.58 8.09
N VAL A 17 9.14 -6.64 9.32
CA VAL A 17 8.03 -5.81 9.75
C VAL A 17 8.31 -4.35 9.48
N GLU A 18 9.55 -3.94 9.70
CA GLU A 18 9.90 -2.53 9.55
C GLU A 18 10.13 -2.20 8.09
N ASP A 19 10.79 -3.13 7.40
CA ASP A 19 11.15 -2.93 6.01
C ASP A 19 9.91 -2.85 5.16
N LEU A 20 9.02 -3.80 5.36
CA LEU A 20 7.84 -3.87 4.54
C LEU A 20 6.74 -2.94 5.04
N GLU A 21 6.81 -2.52 6.32
CA GLU A 21 5.90 -1.47 6.80
C GLU A 21 6.13 -0.19 6.02
N LYS A 22 7.39 0.07 5.71
CA LYS A 22 7.76 1.19 4.88
C LYS A 22 7.01 1.12 3.55
N GLU A 23 6.93 -0.07 2.98
CA GLU A 23 6.13 -0.30 1.78
C GLU A 23 4.67 0.02 2.07
N ARG A 24 4.14 -0.64 3.09
CA ARG A 24 2.73 -0.56 3.43
C ARG A 24 2.26 0.88 3.64
N ASP A 25 3.01 1.64 4.43
CA ASP A 25 2.61 3.01 4.76
C ASP A 25 2.92 3.99 3.64
N PHE A 26 4.00 3.76 2.91
CA PHE A 26 4.36 4.62 1.78
C PHE A 26 3.30 4.48 0.69
N TYR A 27 2.72 3.30 0.60
CA TYR A 27 1.64 3.04 -0.36
C TYR A 27 0.32 3.59 0.18
N PHE A 28 0.08 3.38 1.47
CA PHE A 28 -1.16 3.79 2.09
C PHE A 28 -1.27 5.31 2.19
N GLY A 29 -0.14 5.97 2.45
CA GLY A 29 -0.10 7.42 2.46
C GLY A 29 -0.56 7.99 1.13
N LYS A 30 -0.23 7.28 0.06
CA LYS A 30 -0.69 7.65 -1.27
C LYS A 30 -2.20 7.52 -1.36
N LEU A 31 -2.71 6.38 -0.91
CA LEU A 31 -4.14 6.05 -1.01
C LEU A 31 -5.00 7.10 -0.32
N ARG A 32 -4.45 7.72 0.71
CA ARG A 32 -5.13 8.79 1.41
C ARG A 32 -5.39 9.95 0.46
N ASN A 33 -4.37 10.31 -0.31
CA ASN A 33 -4.43 11.48 -1.18
C ASN A 33 -5.23 11.19 -2.46
N ILE A 34 -5.42 9.92 -2.79
CA ILE A 34 -6.16 9.61 -4.01
C ILE A 34 -7.65 9.74 -3.80
N GLU A 35 -8.14 9.25 -2.65
CA GLU A 35 -9.57 9.22 -2.40
C GLU A 35 -10.17 10.62 -2.38
N LEU A 36 -9.54 11.53 -1.63
CA LEU A 36 -10.09 12.88 -1.55
C LEU A 36 -9.91 13.60 -2.89
N ILE A 37 -8.99 13.12 -3.72
CA ILE A 37 -8.81 13.66 -5.06
C ILE A 37 -9.94 13.21 -5.98
N CYS A 38 -10.43 12.01 -5.73
CA CYS A 38 -11.54 11.47 -6.49
C CYS A 38 -12.78 12.28 -6.21
N GLN A 39 -12.95 12.70 -4.95
CA GLN A 39 -14.09 13.52 -4.59
C GLN A 39 -13.83 14.98 -4.96
N GLU A 40 -12.58 15.31 -5.27
CA GLU A 40 -12.23 16.64 -5.74
C GLU A 40 -12.69 16.81 -7.18
N ASN A 41 -12.75 15.69 -7.90
CA ASN A 41 -13.08 15.72 -9.31
C ASN A 41 -14.09 14.64 -9.69
N GLU A 42 -14.97 14.22 -8.78
CA GLU A 42 -15.85 13.11 -9.12
C GLU A 42 -16.87 13.54 -10.16
N GLY A 43 -17.85 14.38 -9.78
CA GLY A 43 -18.53 15.38 -10.65
C GLY A 43 -18.57 15.15 -12.15
N GLU A 44 -17.43 14.79 -12.70
CA GLU A 44 -17.19 14.69 -14.13
C GLU A 44 -16.96 13.26 -14.52
N ASN A 45 -17.49 12.38 -13.70
CA ASN A 45 -17.15 10.94 -13.58
C ASN A 45 -16.39 10.29 -14.74
N ASP A 46 -15.26 10.90 -15.10
CA ASP A 46 -14.39 10.42 -16.15
C ASP A 46 -13.87 9.01 -15.85
N PRO A 47 -13.63 8.21 -16.91
CA PRO A 47 -13.26 6.80 -16.80
C PRO A 47 -12.19 6.51 -15.77
N VAL A 48 -11.02 7.16 -15.89
CA VAL A 48 -9.91 6.94 -14.96
C VAL A 48 -10.39 6.95 -13.52
N LEU A 49 -11.20 7.93 -13.21
CA LEU A 49 -11.62 8.14 -11.85
C LEU A 49 -12.63 7.09 -11.47
N GLN A 50 -13.40 6.63 -12.44
CA GLN A 50 -14.38 5.58 -12.21
C GLN A 50 -13.69 4.25 -11.97
N ARG A 51 -12.59 4.03 -12.66
CA ARG A 51 -11.86 2.79 -12.55
C ARG A 51 -10.86 2.82 -11.39
N ILE A 52 -10.44 4.00 -10.96
CA ILE A 52 -9.57 4.08 -9.79
C ILE A 52 -10.37 4.15 -8.51
N VAL A 53 -11.61 4.66 -8.57
CA VAL A 53 -12.49 4.55 -7.41
C VAL A 53 -12.87 3.09 -7.23
N ASP A 54 -12.97 2.36 -8.33
CA ASP A 54 -13.12 0.92 -8.26
C ASP A 54 -11.89 0.31 -7.61
N ILE A 55 -10.74 0.89 -7.95
CA ILE A 55 -9.48 0.56 -7.34
C ILE A 55 -9.54 0.74 -5.82
N LEU A 56 -9.78 1.98 -5.37
CA LEU A 56 -9.75 2.30 -3.94
C LEU A 56 -10.88 1.56 -3.20
N TYR A 57 -12.02 1.43 -3.87
CA TYR A 57 -13.24 0.89 -3.27
C TYR A 57 -13.45 -0.59 -3.59
N ALA A 58 -12.38 -1.27 -3.99
CA ALA A 58 -12.40 -2.69 -4.35
C ALA A 58 -12.87 -3.63 -3.22
N THR A 59 -13.56 -3.09 -2.22
CA THR A 59 -14.10 -3.86 -1.12
C THR A 59 -14.94 -5.05 -1.58
N ASP A 60 -15.11 -6.01 -0.70
CA ASP A 60 -15.95 -7.17 -0.96
C ASP A 60 -16.34 -7.83 0.36
N GLU A 61 -17.01 -8.97 0.30
CA GLU A 61 -17.49 -9.64 1.50
C GLU A 61 -16.31 -10.01 2.42
N GLY A 62 -16.56 -9.95 3.73
CA GLY A 62 -15.54 -10.32 4.69
C GLY A 62 -14.58 -9.20 5.01
N PHE A 63 -14.52 -8.21 4.13
CA PHE A 63 -13.64 -7.06 4.32
C PHE A 63 -14.28 -6.04 5.25
N VAL A 64 -13.44 -5.19 5.83
CA VAL A 64 -13.91 -4.14 6.71
C VAL A 64 -13.81 -2.79 6.04
N ILE A 65 -14.93 -2.12 5.90
CA ILE A 65 -14.90 -0.72 5.55
C ILE A 65 -15.13 0.11 6.79
N PRO A 66 -14.20 1.03 7.07
CA PRO A 66 -14.32 1.96 8.18
C PRO A 66 -15.52 2.87 8.01
N ASP A 67 -16.22 3.09 9.11
CA ASP A 67 -17.43 3.90 9.13
C ASP A 67 -18.45 3.31 8.20
N GLU A 68 -18.70 2.03 8.36
CA GLU A 68 -19.56 1.31 7.46
C GLU A 68 -21.02 1.55 7.81
N GLY A 69 -21.65 2.46 7.07
CA GLY A 69 -23.05 2.75 7.29
C GLY A 69 -23.30 3.63 8.51
N GLY A 70 -22.89 3.13 9.66
CA GLY A 70 -23.08 3.85 10.89
C GLY A 70 -21.85 3.83 11.77
N ASP B 1 9.41 -19.30 29.73
CA ASP B 1 10.82 -19.60 29.37
C ASP B 1 11.28 -18.70 28.25
N GLU B 2 12.58 -18.42 28.19
CA GLU B 2 13.14 -17.46 27.24
C GLU B 2 12.70 -17.73 25.82
N ALA B 3 12.96 -18.92 25.31
CA ALA B 3 12.68 -19.21 23.93
C ALA B 3 11.19 -19.36 23.68
N ALA B 4 10.42 -19.54 24.74
CA ALA B 4 9.00 -19.75 24.59
C ALA B 4 8.35 -18.45 24.22
N GLU B 5 8.74 -17.41 24.94
CA GLU B 5 8.27 -16.07 24.65
C GLU B 5 8.94 -15.57 23.38
N LEU B 6 10.17 -16.01 23.20
CA LEU B 6 10.92 -15.68 22.01
C LEU B 6 10.30 -16.27 20.76
N MET B 7 9.72 -17.46 20.88
CA MET B 7 9.08 -18.08 19.74
C MET B 7 7.68 -17.51 19.56
N GLN B 8 7.16 -16.93 20.64
CA GLN B 8 5.94 -16.14 20.53
C GLN B 8 6.19 -14.98 19.64
N GLN B 9 7.31 -14.33 19.87
CA GLN B 9 7.69 -13.20 19.07
C GLN B 9 7.59 -13.54 17.61
N VAL B 10 8.13 -14.68 17.22
CA VAL B 10 8.06 -15.02 15.80
C VAL B 10 6.62 -15.33 15.42
N LYS B 11 5.85 -15.90 16.34
CA LYS B 11 4.42 -16.10 16.13
C LYS B 11 3.73 -14.76 15.86
N VAL B 12 4.03 -13.80 16.73
CA VAL B 12 3.39 -12.51 16.70
C VAL B 12 3.89 -11.67 15.53
N LEU B 13 5.15 -11.83 15.18
CA LEU B 13 5.67 -11.16 14.00
C LEU B 13 5.27 -11.89 12.74
N LYS B 14 5.14 -13.20 12.83
CA LYS B 14 4.62 -13.95 11.70
C LYS B 14 3.22 -13.44 11.42
N LEU B 15 2.45 -13.36 12.49
CA LEU B 15 1.11 -12.83 12.47
C LEU B 15 1.14 -11.38 11.98
N THR B 16 2.05 -10.57 12.49
CA THR B 16 2.11 -9.19 12.06
C THR B 16 2.51 -9.13 10.60
N VAL B 17 3.58 -9.85 10.27
CA VAL B 17 4.09 -9.89 8.92
C VAL B 17 3.02 -10.33 7.95
N GLU B 18 2.18 -11.28 8.36
CA GLU B 18 1.17 -11.80 7.46
C GLU B 18 -0.04 -10.89 7.45
N ASP B 19 -0.39 -10.37 8.62
CA ASP B 19 -1.56 -9.52 8.76
C ASP B 19 -1.36 -8.23 8.00
N LEU B 20 -0.22 -7.62 8.19
CA LEU B 20 0.03 -6.34 7.57
C LEU B 20 0.53 -6.49 6.12
N GLU B 21 1.04 -7.67 5.76
CA GLU B 21 1.36 -7.94 4.35
C GLU B 21 0.09 -7.89 3.53
N LYS B 22 -1.00 -8.36 4.11
CA LYS B 22 -2.30 -8.27 3.50
C LYS B 22 -2.64 -6.82 3.17
N GLU B 23 -2.31 -5.93 4.11
CA GLU B 23 -2.46 -4.50 3.87
C GLU B 23 -1.56 -4.07 2.71
N ARG B 24 -0.27 -4.40 2.84
CA ARG B 24 0.75 -3.96 1.90
C ARG B 24 0.42 -4.37 0.47
N ASP B 25 0.06 -5.64 0.28
CA ASP B 25 -0.19 -6.16 -1.07
C ASP B 25 -1.58 -5.77 -1.59
N PHE B 26 -2.56 -5.67 -0.70
CA PHE B 26 -3.90 -5.25 -1.09
C PHE B 26 -3.86 -3.80 -1.56
N TYR B 27 -2.95 -3.02 -0.99
CA TYR B 27 -2.76 -1.64 -1.39
C TYR B 27 -1.92 -1.56 -2.65
N PHE B 28 -0.88 -2.40 -2.71
CA PHE B 28 0.04 -2.39 -3.83
C PHE B 28 -0.61 -2.92 -5.10
N GLY B 29 -1.47 -3.93 -4.94
CA GLY B 29 -2.22 -4.44 -6.07
C GLY B 29 -3.05 -3.36 -6.72
N LYS B 30 -3.54 -2.44 -5.90
CA LYS B 30 -4.26 -1.29 -6.39
C LYS B 30 -3.34 -0.40 -7.21
N LEU B 31 -2.18 -0.09 -6.64
CA LEU B 31 -1.21 0.82 -7.24
C LEU B 31 -0.81 0.37 -8.64
N ARG B 32 -0.82 -0.93 -8.85
CA ARG B 32 -0.54 -1.50 -10.16
C ARG B 32 -1.56 -1.01 -11.18
N ASN B 33 -2.83 -1.04 -10.79
CA ASN B 33 -3.92 -0.73 -11.70
C ASN B 33 -4.07 0.79 -11.88
N ILE B 34 -3.51 1.58 -10.99
CA ILE B 34 -3.66 3.03 -11.12
C ILE B 34 -2.68 3.58 -12.15
N GLU B 35 -1.44 3.10 -12.12
CA GLU B 35 -0.41 3.64 -12.99
C GLU B 35 -0.76 3.46 -14.46
N LEU B 36 -1.14 2.25 -14.84
CA LEU B 36 -1.45 2.00 -16.25
C LEU B 36 -2.74 2.73 -16.63
N ILE B 37 -3.56 3.06 -15.64
CA ILE B 37 -4.76 3.86 -15.88
C ILE B 37 -4.41 5.31 -16.15
N CYS B 38 -3.35 5.76 -15.52
CA CYS B 38 -2.87 7.12 -15.73
C CYS B 38 -2.36 7.25 -17.15
N GLN B 39 -1.71 6.22 -17.65
CA GLN B 39 -1.22 6.23 -19.02
C GLN B 39 -2.35 5.90 -19.99
N GLU B 40 -3.46 5.39 -19.46
CA GLU B 40 -4.65 5.13 -20.27
C GLU B 40 -5.33 6.45 -20.60
N ASN B 41 -5.16 7.43 -19.72
CA ASN B 41 -5.84 8.71 -19.86
C ASN B 41 -4.92 9.89 -19.58
N GLU B 42 -3.62 9.76 -19.86
CA GLU B 42 -2.71 10.86 -19.51
C GLU B 42 -2.95 12.07 -20.40
N GLY B 43 -2.59 11.93 -21.70
CA GLY B 43 -3.17 12.68 -22.84
C GLY B 43 -3.96 13.97 -22.56
N GLU B 44 -4.85 13.91 -21.59
CA GLU B 44 -5.79 14.97 -21.30
C GLU B 44 -5.43 15.65 -19.99
N ASN B 45 -4.15 15.53 -19.65
CA ASN B 45 -3.55 15.76 -18.32
C ASN B 45 -4.41 16.54 -17.30
N ASP B 46 -5.59 15.99 -17.02
CA ASP B 46 -6.52 16.55 -16.06
C ASP B 46 -5.93 16.54 -14.65
N PRO B 47 -6.31 17.52 -13.82
CA PRO B 47 -5.75 17.72 -12.48
C PRO B 47 -5.62 16.45 -11.66
N VAL B 48 -6.73 15.72 -11.46
CA VAL B 48 -6.72 14.49 -10.66
C VAL B 48 -5.55 13.61 -11.04
N LEU B 49 -5.38 13.43 -12.33
CA LEU B 49 -4.40 12.51 -12.83
C LEU B 49 -3.01 13.09 -12.64
N GLN B 50 -2.91 14.41 -12.70
CA GLN B 50 -1.64 15.07 -12.48
C GLN B 50 -1.23 14.99 -11.02
N ARG B 51 -2.21 15.04 -10.14
CA ARG B 51 -1.94 15.00 -8.70
C ARG B 51 -1.85 13.56 -8.19
N ILE B 52 -2.45 12.60 -8.90
CA ILE B 52 -2.30 11.21 -8.48
C ILE B 52 -1.06 10.59 -9.12
N VAL B 53 -0.61 11.11 -10.27
CA VAL B 53 0.68 10.67 -10.78
C VAL B 53 1.77 11.22 -9.88
N ASP B 54 1.53 12.39 -9.29
CA ASP B 54 2.41 12.90 -8.25
C ASP B 54 2.35 11.96 -7.06
N ILE B 55 1.17 11.45 -6.80
CA ILE B 55 0.95 10.42 -5.81
C ILE B 55 1.82 9.18 -6.08
N LEU B 56 1.60 8.54 -7.21
CA LEU B 56 2.30 7.30 -7.55
C LEU B 56 3.81 7.54 -7.70
N TYR B 57 4.16 8.70 -8.25
CA TYR B 57 5.54 9.01 -8.59
C TYR B 57 6.20 9.92 -7.54
N ALA B 58 5.69 9.86 -6.32
CA ALA B 58 6.21 10.66 -5.19
C ALA B 58 7.66 10.31 -4.79
N THR B 59 8.41 9.72 -5.71
CA THR B 59 9.81 9.37 -5.50
C THR B 59 10.64 10.57 -5.05
N ASP B 60 11.77 10.29 -4.43
CA ASP B 60 12.70 11.32 -4.02
C ASP B 60 14.08 10.70 -3.82
N GLU B 61 15.03 11.47 -3.32
CA GLU B 61 16.40 11.00 -3.15
C GLU B 61 16.45 9.79 -2.20
N GLY B 62 17.36 8.87 -2.48
CA GLY B 62 17.53 7.71 -1.61
C GLY B 62 16.57 6.59 -1.94
N PHE B 63 15.49 6.92 -2.63
CA PHE B 63 14.49 5.94 -3.01
C PHE B 63 14.91 5.18 -4.26
N VAL B 64 14.35 4.00 -4.45
CA VAL B 64 14.63 3.20 -5.62
C VAL B 64 13.45 3.22 -6.58
N ILE B 65 13.70 3.67 -7.78
CA ILE B 65 12.76 3.47 -8.84
C ILE B 65 13.23 2.32 -9.72
N PRO B 66 12.37 1.31 -9.89
CA PRO B 66 12.64 0.18 -10.77
C PRO B 66 12.80 0.62 -12.21
N ASP B 67 13.79 0.05 -12.88
CA ASP B 67 14.11 0.37 -14.26
C ASP B 67 14.45 1.84 -14.37
N GLU B 68 15.36 2.27 -13.52
CA GLU B 68 15.70 3.67 -13.42
C GLU B 68 16.67 4.06 -14.52
N GLY B 69 16.13 4.66 -15.58
CA GLY B 69 16.96 5.11 -16.68
C GLY B 69 17.40 3.97 -17.58
N GLY B 70 18.11 3.02 -17.02
CA GLY B 70 18.63 1.90 -17.79
C GLY B 70 18.42 0.58 -17.06
N LYS C 1 -8.55 12.99 6.36
CA LYS C 1 -9.45 12.51 5.29
C LYS C 1 -10.35 11.45 5.81
N PRO C 2 -11.63 11.73 5.65
CA PRO C 2 -12.72 10.83 5.95
C PRO C 2 -12.47 9.40 5.45
N SER C 3 -11.94 8.55 6.32
CA SER C 3 -11.56 7.21 5.93
C SER C 3 -12.78 6.32 5.71
N LYS C 4 -13.06 5.99 4.46
CA LYS C 4 -14.14 5.06 4.13
C LYS C 4 -13.62 3.93 3.25
N ILE C 5 -12.34 3.98 2.90
CA ILE C 5 -11.75 2.95 2.06
C ILE C 5 -11.54 1.70 2.90
N PRO C 6 -11.79 0.53 2.32
CA PRO C 6 -11.69 -0.74 3.03
C PRO C 6 -10.35 -1.01 3.69
N THR C 7 -10.47 -1.69 4.81
CA THR C 7 -9.37 -1.96 5.71
C THR C 7 -9.40 -3.38 6.14
N PRO C 8 -8.32 -3.86 6.74
CA PRO C 8 -8.34 -5.16 7.26
C PRO C 8 -8.46 -5.20 8.78
N GLN C 9 -9.34 -6.10 9.21
CA GLN C 9 -9.76 -6.25 10.60
C GLN C 9 -11.02 -7.13 10.58
N ARG C 10 -11.41 -7.67 11.72
CA ARG C 10 -12.61 -8.48 11.77
C ARG C 10 -13.17 -8.50 13.19
N LYS C 11 -12.38 -9.00 14.12
CA LYS C 11 -12.79 -9.07 15.52
C LYS C 11 -11.61 -8.74 16.42
N LYS D 1 2.41 -5.08 -15.86
CA LYS D 1 2.54 -3.60 -15.96
C LYS D 1 3.94 -3.19 -15.71
N PRO D 2 4.47 -2.50 -16.71
CA PRO D 2 5.77 -1.88 -16.67
C PRO D 2 6.05 -1.13 -15.37
N SER D 3 6.70 -1.79 -14.42
CA SER D 3 6.92 -1.22 -13.10
C SER D 3 7.98 -0.13 -13.13
N LYS D 4 7.55 1.11 -12.97
CA LYS D 4 8.47 2.24 -12.88
C LYS D 4 8.20 3.05 -11.61
N ILE D 5 7.19 2.65 -10.85
CA ILE D 5 6.84 3.36 -9.63
C ILE D 5 7.87 3.01 -8.56
N PRO D 6 8.27 3.99 -7.75
CA PRO D 6 9.30 3.81 -6.75
C PRO D 6 9.02 2.70 -5.74
N THR D 7 10.12 2.10 -5.35
CA THR D 7 10.16 0.92 -4.52
C THR D 7 11.16 1.07 -3.43
N PRO D 8 11.12 0.20 -2.43
CA PRO D 8 12.12 0.25 -1.45
C PRO D 8 13.15 -0.88 -1.58
N GLN D 9 14.39 -0.46 -1.44
CA GLN D 9 15.57 -1.29 -1.65
C GLN D 9 16.77 -0.34 -1.72
N ARG D 10 17.98 -0.84 -1.59
CA ARG D 10 19.16 0.01 -1.70
C ARG D 10 20.37 -0.82 -2.11
N LYS D 11 20.72 -1.80 -1.28
CA LYS D 11 21.85 -2.66 -1.55
C LYS D 11 21.53 -4.09 -1.15
#